data_2WPD
#
_entry.id   2WPD
#
_cell.length_a   134.990
_cell.length_b   173.944
_cell.length_c   137.016
_cell.angle_alpha   90.00
_cell.angle_beta   92.69
_cell.angle_gamma   90.00
#
_symmetry.space_group_name_H-M   'P 1 21 1'
#
loop_
_entity.id
_entity.type
_entity.pdbx_description
1 polymer 'ATP SYNTHASE SUBUNIT ALPHA, MITOCHONDRIAL'
2 polymer 'ATP SYNTHASE SUBUNIT BETA, MITOCHONDRIAL'
3 polymer 'ATP SYNTHASE SUBUNIT GAMMA, MITOCHONDRIAL'
4 polymer 'ATP SYNTHASE SUBUNIT DELTA, MITOCHONDRIAL'
5 polymer 'ATP SYNTHASE SUBUNIT EPSILON, MITOCHONDRIAL'
6 polymer 'ATP SYNTHASE SUBUNIT 9, MITOCHONDRIAL'
7 non-polymer "ADENOSINE-5'-TRIPHOSPHATE"
8 non-polymer 'MAGNESIUM ION'
9 non-polymer "ADENOSINE-5'-DIPHOSPHATE"
#
loop_
_entity_poly.entity_id
_entity_poly.type
_entity_poly.pdbx_seq_one_letter_code
_entity_poly.pdbx_strand_id
1 'polypeptide(L)'
;ASTKAQPTEVSSILEERIKGVSDEANLNETGRVLAVGDGIARVFGLNNIQAEELVEFSSGVKGMALNLEPGQVGIVLFGS
DRLVKEGELVKRTGNIVDVPVGPGLLGRVVDALGNPIDGKGPIDAAGRSRAQVKAPGILPRRSVHEPVQTGLKAVDALVP
IGRGQRELIIGDRQTGKTAVALDTILNQKRWNNGSDESKKLYCVYVAVGQKRSTVAQLVQTLEQHDAMKYSIIVAATASE
AAPLQYLAPFTAASIGEWFRDNGKHALIVYDDLSKQAVAYRQLSLLLRRPPGREAYPGDVFYLHSRLLERAAKLSEKEGS
GSLTALPVIETQGGDVSAYIPTNVISITDGQIFLEAELFYKGIRPAINVGLSVSRVGSAAQVKALKQVAGSLKLFLAQYR
EVAAFAQFGSDLDASTKQTLVRGERLTQLLKQNQYSPLATEEQVPLIYAGVNGHLDGIELSRIGEFESSFLSYLKSNHNE
LLTEIREKGELSKELLASLKSATESFVATF
;
A,B,C
2 'polypeptide(L)'
;ASAAQSTPITGKVTAVIGAIVDVHFEQSELPAILNALEIKTPQGKLVLEVAQHLGENTVRTIAMDGTEGLVRGEKVLDTG
GPISVPVGRETLGRIINVIGEPIDERGPIKSKLRKPIHADPPSFAEQSTSAEILETGIKVVDLLAPYARGGKIGLFGGAG
VGKTVFIQELINNIAKAHGGFSVFTGVGERTREGNDLYREMKETGVINLEGESKVALVFGQMNEPPGARARVALTGLTIA
EYFRDEEGQDVLLFIDNIFRFTQAGSEVSALLGRIPSAVGYQPTLATDMGLLQERITTTKKGSVTSVQAVYVPADDLTDP
APATTFAHLDATTVLSRGISELGIYPAVDPLDSKSRLLDAAVVGQEHYDVASKVQETLQTYKSLQDIIAILGMDELSEQD
KLTVERARKIQRFLSQPFAVAEVFTGIPGKLVRLKDTVASFKAVLEGKYDNIPEHAFYMVGGIEDVVAKAEKLAAEAN
;
D,E,F
3 'polypeptide(L)'
;ATLKEVEMRLKSIKNIEKITKTMKIVASTRLSKAEKAKISAKKMDEAEQLFYKNAETKNLDVEATETGAPKELIVAITSD
KGLCGSIHSQLAKAVRRHLNDQPNADIVTIGDKIKMQLLRTHPNNIKLSINGIGKDAPTFQESALIADKLLSVMKAGTYP
KISIFYNDPVSSLSFEPSEKPIFNAKTIEQSPSFGKFEIDTDANVPRDLFEYTLANQMLTAMAQGYAAEISARRNAMDNA
SKNAGDMINRYSILYNRTRQAVITNELVDIITGASSLG
;
G
4 'polypeptide(L)'
;AEAAAASSGLKLQFALPHETLYSGSEVTQVNLPAKSGRIGVLANHVPTVEQLLPGVVEVMEGSNSKKFFISGGFATVQPD
SQLCVTAIEAFPLESFSQENIKNLLAEAKKNVSSSDAREAAEAAIQVEVLENLQSVLK
;
H
5 'polypeptide(L)' SAWRKAGISYAAYLNVAAQAIRSSLKTELQTASVLNRSQTDAFYTQYKNGTAASEPTPITK I
6 'polypeptide(L)' MQLVLAAKYIGAGISTIGLLGAGIGIAIVFAALINGVSRNPSIKDTVFPMAILGFALSEATGLFCLMVSFLLLFGV J,K,L,M,N,O,P,Q,R,S
#
# COMPACT_ATOMS: atom_id res chain seq x y z
N ASN A 26 17.39 38.36 66.97
CA ASN A 26 17.98 39.36 66.06
C ASN A 26 17.01 39.79 64.95
N LEU A 27 16.44 38.83 64.24
CA LEU A 27 15.48 39.05 63.15
C LEU A 27 16.11 39.44 61.81
N ASN A 28 17.38 39.82 61.84
CA ASN A 28 18.07 40.29 60.64
C ASN A 28 19.04 39.25 60.13
N GLU A 29 19.58 38.47 61.06
CA GLU A 29 20.51 37.41 60.70
C GLU A 29 19.87 36.08 61.04
N THR A 30 18.70 36.15 61.69
CA THR A 30 17.99 34.95 62.07
C THR A 30 16.52 35.02 61.68
N GLY A 31 15.84 33.89 61.76
CA GLY A 31 14.45 33.79 61.37
C GLY A 31 13.74 32.60 61.99
N ARG A 32 12.42 32.66 62.00
CA ARG A 32 11.60 31.60 62.58
C ARG A 32 10.80 30.89 61.50
N VAL A 33 10.76 29.58 61.57
CA VAL A 33 10.02 28.81 60.59
C VAL A 33 8.53 29.00 60.78
N LEU A 34 7.90 29.55 59.76
CA LEU A 34 6.46 29.82 59.81
C LEU A 34 5.68 28.58 59.34
N ALA A 35 6.17 27.94 58.28
CA ALA A 35 5.53 26.75 57.71
C ALA A 35 6.53 25.85 56.98
N VAL A 36 6.39 24.54 57.13
CA VAL A 36 7.30 23.61 56.47
C VAL A 36 6.53 22.49 55.78
N GLY A 37 7.08 22.00 54.67
CA GLY A 37 6.45 20.92 53.93
C GLY A 37 6.96 20.77 52.51
N ASP A 38 6.73 19.60 51.92
CA ASP A 38 7.15 19.35 50.55
C ASP A 38 8.61 19.74 50.35
N GLY A 39 9.42 19.53 51.38
CA GLY A 39 10.84 19.82 51.29
C GLY A 39 11.12 21.30 51.11
N ILE A 40 10.10 22.12 51.35
CA ILE A 40 10.23 23.56 51.32
C ILE A 40 9.59 24.21 52.53
N ALA A 41 10.40 24.95 53.28
CA ALA A 41 9.91 25.67 54.45
C ALA A 41 10.04 27.18 54.26
N ARG A 42 8.98 27.90 54.60
CA ARG A 42 8.94 29.35 54.50
C ARG A 42 9.29 29.98 55.84
N VAL A 43 10.38 30.72 55.88
CA VAL A 43 10.83 31.33 57.13
C VAL A 43 10.55 32.83 57.15
N PHE A 44 10.45 33.38 58.35
CA PHE A 44 10.22 34.81 58.57
C PHE A 44 11.40 35.48 59.25
N GLY A 45 11.89 36.57 58.66
CA GLY A 45 13.05 37.27 59.16
C GLY A 45 14.14 37.40 58.10
N LEU A 46 15.40 37.28 58.53
CA LEU A 46 16.54 37.37 57.62
C LEU A 46 16.48 38.55 56.66
N ASN A 47 16.13 39.72 57.18
CA ASN A 47 15.91 40.90 56.33
C ASN A 47 17.14 41.36 55.57
N ASN A 48 18.26 40.68 55.77
CA ASN A 48 19.51 41.03 55.11
C ASN A 48 20.08 39.87 54.32
N ILE A 49 19.32 38.79 54.22
CA ILE A 49 19.77 37.60 53.49
C ILE A 49 19.86 37.87 51.99
N GLN A 50 20.86 37.26 51.34
CA GLN A 50 21.08 37.44 49.91
C GLN A 50 20.24 36.48 49.08
N ALA A 51 20.24 36.67 47.77
CA ALA A 51 19.52 35.82 46.85
C ALA A 51 20.24 34.49 46.62
N GLU A 52 19.50 33.39 46.74
CA GLU A 52 20.05 32.05 46.51
C GLU A 52 21.16 31.73 47.52
N GLU A 53 21.11 32.41 48.66
CA GLU A 53 22.11 32.22 49.71
C GLU A 53 21.78 31.00 50.57
N LEU A 54 22.81 30.33 51.08
CA LEU A 54 22.60 29.18 51.96
C LEU A 54 22.19 29.61 53.36
N VAL A 55 21.53 28.71 54.09
CA VAL A 55 21.12 28.95 55.47
C VAL A 55 21.16 27.65 56.28
N GLU A 56 21.23 27.77 57.60
CA GLU A 56 21.36 26.58 58.46
C GLU A 56 20.31 26.54 59.58
N PHE A 57 19.59 25.42 59.64
CA PHE A 57 18.51 25.23 60.61
C PHE A 57 19.03 24.66 61.93
N SER A 58 18.23 24.81 62.96
CA SER A 58 18.57 24.33 64.30
C SER A 58 18.98 22.86 64.27
N SER A 59 18.31 22.07 63.44
CA SER A 59 18.56 20.63 63.38
C SER A 59 19.92 20.30 62.77
N GLY A 60 20.31 21.03 61.73
CA GLY A 60 21.57 20.80 61.05
C GLY A 60 21.45 20.78 59.54
N VAL A 61 20.28 20.39 59.04
CA VAL A 61 20.01 20.41 57.61
C VAL A 61 20.11 21.83 57.08
N LYS A 62 20.66 22.00 55.89
CA LYS A 62 20.83 23.32 55.32
C LYS A 62 19.88 23.52 54.14
N GLY A 63 19.68 24.76 53.72
CA GLY A 63 18.86 25.05 52.55
C GLY A 63 19.27 26.35 51.91
N MET A 64 18.71 26.66 50.75
CA MET A 64 18.95 27.96 50.15
C MET A 64 17.66 28.66 49.72
N ALA A 65 17.57 29.94 50.04
CA ALA A 65 16.40 30.74 49.73
C ALA A 65 16.42 31.18 48.27
N LEU A 66 15.45 30.70 47.49
CA LEU A 66 15.33 31.09 46.09
C LEU A 66 14.31 32.21 45.91
N ASN A 67 13.30 32.24 46.77
CA ASN A 67 12.26 33.25 46.72
C ASN A 67 12.41 34.23 47.88
N LEU A 68 12.46 35.52 47.57
CA LEU A 68 12.62 36.55 48.61
C LEU A 68 11.41 37.48 48.65
N GLU A 69 10.42 37.11 49.45
CA GLU A 69 9.19 37.89 49.54
C GLU A 69 9.24 38.94 50.65
N PRO A 70 8.47 40.02 50.51
CA PRO A 70 8.45 41.15 51.46
C PRO A 70 8.11 40.71 52.88
N GLY A 71 7.25 39.70 53.00
CA GLY A 71 6.86 39.22 54.32
C GLY A 71 7.73 38.08 54.80
N GLN A 72 7.85 37.04 53.97
CA GLN A 72 8.56 35.83 54.35
C GLN A 72 9.62 35.49 53.30
N VAL A 73 10.38 34.43 53.56
CA VAL A 73 11.41 33.99 52.63
C VAL A 73 11.29 32.48 52.39
N GLY A 74 11.08 32.09 51.13
CA GLY A 74 10.98 30.69 50.78
C GLY A 74 12.33 30.02 50.63
N ILE A 75 12.52 28.92 51.34
CA ILE A 75 13.81 28.23 51.34
C ILE A 75 13.68 26.72 51.11
N VAL A 76 14.36 26.23 50.08
CA VAL A 76 14.37 24.80 49.76
C VAL A 76 15.27 24.04 50.73
N LEU A 77 15.05 22.73 50.85
CA LEU A 77 15.84 21.91 51.76
C LEU A 77 16.77 20.95 51.04
N PHE A 78 17.94 20.69 51.62
CA PHE A 78 18.84 19.69 51.07
C PHE A 78 18.65 18.33 51.76
N GLY A 79 17.78 18.28 52.77
CA GLY A 79 17.51 17.05 53.50
C GLY A 79 16.05 16.86 53.80
N SER A 80 15.70 15.76 54.47
CA SER A 80 14.32 15.47 54.83
C SER A 80 13.70 16.66 55.55
N ASP A 81 12.42 16.88 55.29
CA ASP A 81 11.68 17.95 55.96
C ASP A 81 11.18 17.46 57.32
N ARG A 82 11.61 16.28 57.72
CA ARG A 82 11.24 15.75 59.03
C ARG A 82 12.04 16.43 60.14
N LEU A 83 13.22 16.93 59.78
CA LEU A 83 14.09 17.61 60.74
C LEU A 83 13.58 19.01 61.06
N VAL A 84 13.00 19.66 60.07
CA VAL A 84 12.51 21.03 60.23
C VAL A 84 11.11 21.08 60.84
N LYS A 85 10.97 21.86 61.90
CA LYS A 85 9.68 22.02 62.56
C LYS A 85 9.23 23.47 62.51
N GLU A 86 8.06 23.75 63.07
CA GLU A 86 7.52 25.09 63.10
C GLU A 86 8.13 25.90 64.24
N GLY A 87 8.43 27.17 63.97
CA GLY A 87 9.00 28.06 64.96
C GLY A 87 10.48 27.85 65.15
N GLU A 88 11.01 26.79 64.55
CA GLU A 88 12.43 26.48 64.66
C GLU A 88 13.27 27.66 64.20
N LEU A 89 14.46 27.80 64.79
CA LEU A 89 15.35 28.91 64.47
C LEU A 89 16.25 28.59 63.28
N VAL A 90 16.54 29.61 62.48
CA VAL A 90 17.40 29.45 61.30
C VAL A 90 18.34 30.65 61.17
N LYS A 91 19.60 30.38 60.85
CA LYS A 91 20.60 31.45 60.76
C LYS A 91 21.30 31.48 59.41
N ARG A 92 21.77 32.67 59.02
CA ARG A 92 22.45 32.84 57.74
C ARG A 92 23.80 32.14 57.65
N THR A 93 24.34 32.08 56.43
CA THR A 93 25.65 31.53 56.18
C THR A 93 26.52 32.55 55.45
N GLY A 94 25.89 33.61 54.96
CA GLY A 94 26.60 34.67 54.26
C GLY A 94 27.43 34.21 53.07
N ASN A 95 27.11 33.02 52.57
CA ASN A 95 27.81 32.48 51.40
C ASN A 95 26.86 31.86 50.39
N ILE A 96 27.08 32.16 49.12
CA ILE A 96 26.29 31.55 48.06
C ILE A 96 26.81 30.14 47.81
N VAL A 97 25.97 29.31 47.18
CA VAL A 97 26.35 27.95 46.83
C VAL A 97 27.75 27.92 46.23
N ASP A 98 28.70 27.36 46.96
CA ASP A 98 30.09 27.27 46.50
C ASP A 98 30.61 25.84 46.59
N VAL A 99 31.47 25.49 45.65
CA VAL A 99 32.06 24.16 45.64
C VAL A 99 33.57 24.26 45.41
N PRO A 100 34.34 23.42 46.13
CA PRO A 100 35.81 23.40 46.06
C PRO A 100 36.27 22.77 44.76
N VAL A 101 37.19 23.43 44.07
CA VAL A 101 37.67 22.95 42.78
C VAL A 101 39.17 22.73 42.82
N GLY A 102 39.71 22.15 41.76
CA GLY A 102 41.13 21.87 41.71
C GLY A 102 41.39 20.41 41.44
N PRO A 103 42.68 20.06 41.27
CA PRO A 103 43.12 18.75 40.80
C PRO A 103 43.04 17.68 41.86
N GLY A 104 42.66 18.05 43.08
CA GLY A 104 42.54 17.09 44.15
C GLY A 104 41.33 16.19 44.00
N LEU A 105 40.32 16.66 43.27
CA LEU A 105 39.08 15.91 43.11
C LEU A 105 39.29 14.66 42.26
N LEU A 106 40.27 14.72 41.36
CA LEU A 106 40.56 13.63 40.45
C LEU A 106 40.72 12.30 41.17
N GLY A 107 39.83 11.35 40.87
CA GLY A 107 39.91 10.02 41.44
C GLY A 107 39.01 9.85 42.63
N ARG A 108 38.19 10.87 42.88
CA ARG A 108 37.28 10.89 44.01
C ARG A 108 35.84 10.82 43.52
N VAL A 109 34.91 10.81 44.47
CA VAL A 109 33.49 10.80 44.18
C VAL A 109 32.76 11.70 45.16
N VAL A 110 32.26 12.83 44.67
CA VAL A 110 31.65 13.84 45.53
C VAL A 110 30.19 14.08 45.18
N ASP A 111 29.45 14.65 46.12
CA ASP A 111 28.05 15.02 45.89
C ASP A 111 27.91 16.47 45.43
N ALA A 112 26.68 16.88 45.17
CA ALA A 112 26.41 18.19 44.59
C ALA A 112 27.17 19.29 45.32
N LEU A 113 27.23 19.18 46.64
CA LEU A 113 27.90 20.18 47.47
C LEU A 113 29.42 20.11 47.32
N GLY A 114 29.95 18.90 47.19
CA GLY A 114 31.38 18.71 47.03
C GLY A 114 32.05 17.99 48.19
N ASN A 115 31.24 17.25 48.95
CA ASN A 115 31.76 16.44 50.04
C ASN A 115 32.08 15.03 49.55
N PRO A 116 33.00 14.35 50.24
CA PRO A 116 33.39 12.97 49.88
C PRO A 116 32.32 11.95 50.24
N ILE A 117 32.11 10.96 49.37
CA ILE A 117 31.14 9.90 49.63
C ILE A 117 31.76 8.53 49.37
N ASP A 118 33.00 8.52 48.89
CA ASP A 118 33.71 7.27 48.61
C ASP A 118 34.45 6.74 49.83
N GLY A 119 34.75 7.62 50.79
CA GLY A 119 35.44 7.24 52.01
C GLY A 119 36.95 7.12 51.84
N LYS A 120 37.54 8.13 51.19
CA LYS A 120 38.98 8.15 50.92
C LYS A 120 39.63 9.29 51.67
N GLY A 121 38.90 9.88 52.61
CA GLY A 121 39.40 10.99 53.39
C GLY A 121 38.92 12.34 52.90
N PRO A 122 39.36 13.41 53.59
CA PRO A 122 39.01 14.78 53.20
C PRO A 122 39.64 15.17 51.87
N ILE A 123 38.97 16.04 51.13
CA ILE A 123 39.42 16.46 49.82
C ILE A 123 40.48 17.54 49.90
N ASP A 124 41.37 17.62 48.91
CA ASP A 124 42.36 18.69 48.89
C ASP A 124 42.17 19.64 47.73
N ALA A 125 41.34 20.66 47.92
CA ALA A 125 41.08 21.59 46.83
C ALA A 125 42.04 22.77 46.83
N ALA A 126 42.18 23.40 45.68
CA ALA A 126 43.09 24.52 45.50
C ALA A 126 42.33 25.84 45.52
N GLY A 127 41.09 25.78 46.02
CA GLY A 127 40.24 26.94 46.04
C GLY A 127 38.79 26.56 45.81
N ARG A 128 37.92 27.56 45.85
CA ARG A 128 36.50 27.32 45.64
C ARG A 128 36.03 28.16 44.48
N SER A 129 34.89 27.78 43.91
CA SER A 129 34.26 28.59 42.89
C SER A 129 32.74 28.56 43.07
N ARG A 130 32.11 29.70 42.79
CA ARG A 130 30.67 29.81 42.94
C ARG A 130 29.94 28.89 41.97
N ALA A 131 28.87 28.27 42.45
CA ALA A 131 28.05 27.41 41.61
C ALA A 131 27.65 28.17 40.35
N GLN A 132 27.40 29.46 40.51
CA GLN A 132 26.96 30.26 39.38
C GLN A 132 28.09 31.13 38.84
N VAL A 133 28.60 30.76 37.67
CA VAL A 133 29.67 31.50 37.04
C VAL A 133 29.21 31.97 35.67
N LYS A 134 29.60 33.19 35.31
CA LYS A 134 29.24 33.75 34.00
C LYS A 134 30.11 33.16 32.88
N ALA A 135 29.47 32.80 31.77
CA ALA A 135 30.16 32.22 30.63
C ALA A 135 31.16 33.22 30.06
N PRO A 136 32.22 32.72 29.43
CA PRO A 136 33.20 33.57 28.74
C PRO A 136 32.54 34.45 27.68
N GLY A 137 32.99 35.71 27.64
CA GLY A 137 32.43 36.69 26.72
C GLY A 137 32.69 36.39 25.26
N ILE A 138 32.17 37.24 24.39
CA ILE A 138 32.32 37.05 22.96
C ILE A 138 33.80 37.04 22.56
N LEU A 139 34.60 37.94 23.14
CA LEU A 139 35.98 38.11 22.70
C LEU A 139 36.99 37.02 23.13
N PRO A 140 36.95 36.60 24.41
CA PRO A 140 37.89 35.59 24.94
C PRO A 140 37.64 34.13 24.50
N ARG A 141 37.55 33.88 23.19
CA ARG A 141 37.29 32.54 22.66
C ARG A 141 38.03 32.26 21.33
N ARG A 142 38.06 30.99 20.93
CA ARG A 142 38.65 30.60 19.64
C ARG A 142 37.81 29.53 18.94
N SER A 143 37.77 29.60 17.61
CA SER A 143 37.13 28.56 16.81
C SER A 143 37.71 27.21 17.20
N VAL A 144 36.86 26.29 17.62
CA VAL A 144 37.33 24.97 18.01
C VAL A 144 38.20 24.35 16.92
N HIS A 145 39.34 23.79 17.29
CA HIS A 145 40.25 23.19 16.33
C HIS A 145 40.99 21.98 16.88
N GLU A 146 40.76 21.65 18.14
CA GLU A 146 41.42 20.52 18.78
C GLU A 146 40.47 19.33 18.90
N PRO A 147 40.72 18.26 18.11
CA PRO A 147 39.80 17.12 18.08
C PRO A 147 39.70 16.41 19.44
N VAL A 148 38.55 15.81 19.71
CA VAL A 148 38.32 15.05 20.94
C VAL A 148 38.06 13.59 20.58
N GLN A 149 39.13 12.82 20.41
CA GLN A 149 38.97 11.44 19.97
C GLN A 149 38.20 10.61 20.98
N THR A 150 37.03 10.15 20.54
CA THR A 150 36.16 9.38 21.39
C THR A 150 36.51 7.90 21.35
N GLY A 151 37.23 7.50 20.30
CA GLY A 151 37.57 6.11 20.13
C GLY A 151 36.44 5.33 19.49
N LEU A 152 35.38 6.04 19.11
CA LEU A 152 34.27 5.44 18.38
C LEU A 152 34.39 5.73 16.88
N LYS A 153 34.47 4.67 16.08
CA LYS A 153 34.67 4.80 14.65
C LYS A 153 33.54 5.57 14.00
N ALA A 154 32.31 5.24 14.40
CA ALA A 154 31.11 5.84 13.86
C ALA A 154 31.01 7.30 14.28
N VAL A 155 31.80 7.69 15.27
CA VAL A 155 31.77 9.05 15.76
C VAL A 155 32.90 9.89 15.19
N ASP A 156 34.13 9.49 15.48
CA ASP A 156 35.30 10.23 15.04
C ASP A 156 35.38 10.30 13.51
N ALA A 157 34.68 9.41 12.83
CA ALA A 157 34.66 9.40 11.38
C ALA A 157 33.51 10.24 10.85
N LEU A 158 32.33 10.06 11.44
CA LEU A 158 31.11 10.70 10.98
C LEU A 158 30.81 12.03 11.68
N VAL A 159 30.62 11.99 13.00
CA VAL A 159 30.36 13.18 13.78
C VAL A 159 31.53 13.51 14.70
N PRO A 160 32.50 14.29 14.21
CA PRO A 160 33.71 14.63 14.98
C PRO A 160 33.38 15.60 16.11
N ILE A 161 33.98 15.41 17.27
CA ILE A 161 33.76 16.30 18.39
C ILE A 161 35.00 17.14 18.67
N GLY A 162 34.78 18.39 19.09
CA GLY A 162 35.88 19.32 19.31
C GLY A 162 35.99 19.87 20.71
N ARG A 163 37.23 20.10 21.15
CA ARG A 163 37.48 20.65 22.47
C ARG A 163 36.84 22.02 22.59
N GLY A 164 35.75 22.08 23.35
CA GLY A 164 35.00 23.31 23.54
C GLY A 164 33.62 23.24 22.90
N GLN A 165 33.38 22.18 22.14
CA GLN A 165 32.10 22.04 21.46
C GLN A 165 31.06 21.55 22.45
N ARG A 166 29.79 21.68 22.07
CA ARG A 166 28.71 21.12 22.87
C ARG A 166 27.93 20.13 22.02
N GLU A 167 28.35 18.86 22.07
CA GLU A 167 27.70 17.81 21.34
C GLU A 167 26.68 17.10 22.21
N LEU A 168 25.46 16.97 21.71
CA LEU A 168 24.37 16.42 22.51
C LEU A 168 24.13 14.94 22.24
N ILE A 169 24.05 14.15 23.30
CA ILE A 169 23.74 12.74 23.17
C ILE A 169 22.27 12.51 23.48
N ILE A 170 21.43 12.69 22.47
CA ILE A 170 19.99 12.51 22.62
C ILE A 170 19.57 11.12 22.17
N GLY A 171 18.66 10.49 22.91
CA GLY A 171 18.13 9.19 22.53
C GLY A 171 17.20 8.56 23.53
N ASP A 172 16.33 7.66 23.05
CA ASP A 172 15.39 6.94 23.91
C ASP A 172 16.09 6.12 24.97
N ARG A 173 15.32 5.54 25.87
CA ARG A 173 15.89 4.77 26.96
C ARG A 173 16.55 3.50 26.45
N GLN A 174 17.69 3.17 27.05
CA GLN A 174 18.39 1.93 26.73
C GLN A 174 18.77 1.88 25.26
N THR A 175 19.48 2.90 24.81
CA THR A 175 19.87 3.00 23.41
C THR A 175 21.39 2.97 23.20
N GLY A 176 22.12 3.44 24.19
CA GLY A 176 23.57 3.43 24.13
C GLY A 176 24.17 4.82 24.29
N LYS A 177 23.45 5.68 25.03
CA LYS A 177 23.84 7.07 25.20
C LYS A 177 25.07 7.20 26.09
N THR A 178 25.05 6.45 27.18
CA THR A 178 26.15 6.43 28.14
C THR A 178 27.38 5.75 27.55
N ALA A 179 27.14 4.71 26.76
CA ALA A 179 28.19 3.99 26.04
C ALA A 179 29.08 4.93 25.26
N VAL A 180 28.47 5.87 24.54
CA VAL A 180 29.19 6.86 23.78
C VAL A 180 30.16 7.62 24.67
N ALA A 181 29.63 8.27 25.70
CA ALA A 181 30.45 9.05 26.62
C ALA A 181 31.46 8.16 27.33
N LEU A 182 30.95 7.10 27.96
CA LEU A 182 31.78 6.17 28.71
C LEU A 182 33.01 5.68 27.93
N ASP A 183 32.82 5.25 26.69
CA ASP A 183 33.95 4.83 25.88
C ASP A 183 34.90 6.01 25.67
N THR A 184 34.33 7.21 25.52
CA THR A 184 35.15 8.40 25.28
C THR A 184 36.18 8.56 26.38
N ILE A 185 35.70 8.51 27.62
CA ILE A 185 36.56 8.63 28.78
C ILE A 185 37.66 7.58 28.75
N LEU A 186 37.27 6.32 28.56
CA LEU A 186 38.24 5.23 28.52
C LEU A 186 39.28 5.45 27.43
N ASN A 187 38.85 6.03 26.31
CA ASN A 187 39.76 6.26 25.20
C ASN A 187 40.78 7.36 25.48
N GLN A 188 40.79 7.85 26.70
CA GLN A 188 41.69 8.94 27.05
C GLN A 188 42.99 8.47 27.70
N LYS A 189 43.08 7.17 28.00
CA LYS A 189 44.32 6.63 28.57
C LYS A 189 45.45 6.75 27.57
N ARG A 190 45.11 7.16 26.36
CA ARG A 190 46.10 7.23 25.30
C ARG A 190 46.94 8.50 25.44
N TRP A 191 46.44 9.46 26.21
CA TRP A 191 47.13 10.74 26.33
C TRP A 191 47.33 11.21 27.77
N ASN A 192 46.40 10.86 28.65
CA ASN A 192 46.48 11.29 30.04
C ASN A 192 47.67 10.69 30.81
N ASN A 193 48.06 9.46 30.46
CA ASN A 193 49.26 8.84 31.04
C ASN A 193 50.54 9.28 30.35
N GLY A 194 50.42 10.21 29.41
CA GLY A 194 51.58 10.77 28.73
C GLY A 194 52.21 11.90 29.53
N SER A 195 53.08 12.68 28.89
CA SER A 195 53.82 13.75 29.57
C SER A 195 53.28 15.16 29.28
N ASP A 196 52.93 15.39 28.01
CA ASP A 196 52.37 16.66 27.54
C ASP A 196 50.98 16.94 28.15
N GLU A 197 50.74 18.19 28.55
CA GLU A 197 49.49 18.55 29.19
C GLU A 197 48.44 19.03 28.20
N SER A 198 48.87 19.82 27.22
CA SER A 198 47.96 20.38 26.22
C SER A 198 47.37 19.28 25.34
N LYS A 199 47.67 18.03 25.69
CA LYS A 199 47.18 16.87 24.96
C LYS A 199 46.22 16.03 25.80
N LYS A 200 46.38 16.07 27.12
CA LYS A 200 45.54 15.29 28.02
C LYS A 200 44.10 15.78 28.01
N LEU A 201 43.23 15.06 28.72
CA LEU A 201 41.84 15.45 28.84
C LEU A 201 41.17 14.84 30.08
N TYR A 202 40.99 15.66 31.10
CA TYR A 202 40.38 15.23 32.36
C TYR A 202 38.86 15.14 32.21
N CYS A 203 38.29 14.03 32.70
CA CYS A 203 36.88 13.73 32.51
C CYS A 203 36.04 13.93 33.76
N VAL A 204 34.95 14.68 33.62
CA VAL A 204 34.05 14.96 34.74
C VAL A 204 32.62 14.49 34.47
N TYR A 205 32.25 13.37 35.09
CA TYR A 205 30.93 12.77 34.92
C TYR A 205 29.96 13.25 36.01
N VAL A 206 28.74 13.61 35.60
CA VAL A 206 27.76 14.19 36.48
C VAL A 206 26.53 13.31 36.59
N ALA A 207 26.50 12.45 37.61
CA ALA A 207 25.38 11.53 37.77
C ALA A 207 24.18 12.24 38.36
N VAL A 208 23.12 12.39 37.57
CA VAL A 208 21.91 13.01 38.10
C VAL A 208 20.74 12.05 38.04
N GLY A 209 20.07 11.87 39.17
CA GLY A 209 18.84 11.07 39.19
C GLY A 209 19.04 9.59 39.04
N GLN A 210 20.29 9.14 39.13
CA GLN A 210 20.60 7.72 39.02
C GLN A 210 20.72 7.06 40.39
N LYS A 211 20.18 5.85 40.52
CA LYS A 211 20.25 5.13 41.79
C LYS A 211 21.71 4.90 42.17
N ARG A 212 21.96 4.73 43.46
CA ARG A 212 23.33 4.50 43.91
C ARG A 212 23.93 3.25 43.26
N SER A 213 23.18 2.17 43.23
CA SER A 213 23.70 0.93 42.64
C SER A 213 24.35 1.21 41.28
N THR A 214 23.74 2.06 40.47
CA THR A 214 24.25 2.37 39.14
C THR A 214 25.58 3.10 39.17
N VAL A 215 25.66 4.14 40.00
CA VAL A 215 26.89 4.91 40.17
C VAL A 215 28.02 3.99 40.65
N ALA A 216 27.76 3.24 41.72
CA ALA A 216 28.75 2.31 42.26
C ALA A 216 29.30 1.36 41.20
N GLN A 217 28.45 0.99 40.24
CA GLN A 217 28.88 0.16 39.12
C GLN A 217 29.65 0.98 38.08
N LEU A 218 29.07 2.11 37.68
CA LEU A 218 29.73 3.00 36.72
C LEU A 218 31.14 3.33 37.16
N VAL A 219 31.30 3.63 38.44
CA VAL A 219 32.62 3.88 38.99
C VAL A 219 33.46 2.62 38.88
N GLN A 220 32.91 1.49 39.30
CA GLN A 220 33.63 0.23 39.28
C GLN A 220 34.08 -0.20 37.88
N THR A 221 33.46 0.35 36.85
CA THR A 221 33.86 0.02 35.49
C THR A 221 35.09 0.83 35.10
N LEU A 222 35.08 2.11 35.43
CA LEU A 222 36.21 2.98 35.11
C LEU A 222 37.49 2.52 35.80
N GLU A 223 37.35 1.92 36.99
CA GLU A 223 38.50 1.44 37.73
C GLU A 223 39.12 0.20 37.08
N GLN A 224 38.28 -0.75 36.70
CA GLN A 224 38.78 -1.98 36.08
C GLN A 224 39.47 -1.68 34.76
N HIS A 225 39.37 -0.42 34.33
CA HIS A 225 40.01 0.01 33.09
C HIS A 225 41.09 1.05 33.37
N ASP A 226 41.30 1.36 34.65
CA ASP A 226 42.23 2.42 35.06
C ASP A 226 41.85 3.75 34.42
N ALA A 227 40.65 4.24 34.74
CA ALA A 227 40.22 5.52 34.20
C ALA A 227 39.93 6.54 35.31
N MET A 228 39.74 6.06 36.52
CA MET A 228 39.48 6.93 37.65
C MET A 228 40.66 7.85 37.94
N LYS A 229 41.82 7.45 37.47
CA LYS A 229 43.03 8.23 37.64
C LYS A 229 42.86 9.68 37.14
N TYR A 230 41.91 9.92 36.24
CA TYR A 230 41.68 11.26 35.68
C TYR A 230 40.21 11.61 35.50
N SER A 231 39.35 10.97 36.29
CA SER A 231 37.90 11.17 36.20
C SER A 231 37.35 11.71 37.52
N ILE A 232 36.39 12.62 37.43
CA ILE A 232 35.74 13.18 38.60
C ILE A 232 34.24 12.87 38.60
N ILE A 233 33.76 12.19 39.64
CA ILE A 233 32.36 11.79 39.72
C ILE A 233 31.55 12.68 40.67
N VAL A 234 30.58 13.40 40.12
CA VAL A 234 29.68 14.20 40.92
C VAL A 234 28.32 13.51 41.01
N ALA A 235 28.20 12.62 42.00
CA ALA A 235 26.99 11.80 42.19
C ALA A 235 25.84 12.59 42.80
N ALA A 236 24.65 12.43 42.21
CA ALA A 236 23.44 13.10 42.69
C ALA A 236 22.25 12.15 42.63
N THR A 237 22.34 11.09 43.44
CA THR A 237 21.34 10.02 43.45
C THR A 237 19.89 10.54 43.55
N ALA A 238 18.93 9.70 43.14
CA ALA A 238 17.54 10.11 43.07
C ALA A 238 16.91 10.32 44.44
N SER A 239 17.38 9.56 45.42
CA SER A 239 16.90 9.71 46.79
C SER A 239 17.27 11.06 47.42
N GLU A 240 18.32 11.72 46.91
CA GLU A 240 18.75 13.01 47.46
C GLU A 240 17.73 14.12 47.15
N ALA A 241 17.71 15.16 47.98
CA ALA A 241 16.78 16.27 47.78
C ALA A 241 16.90 16.87 46.38
N ALA A 242 15.80 17.46 45.92
CA ALA A 242 15.70 18.01 44.56
C ALA A 242 16.80 19.01 44.26
N PRO A 243 17.00 19.98 45.15
CA PRO A 243 17.99 21.04 44.90
C PRO A 243 19.37 20.45 44.64
N LEU A 244 19.72 19.35 45.30
CA LEU A 244 21.00 18.72 45.07
C LEU A 244 21.12 18.38 43.59
N GLN A 245 20.06 17.80 43.05
CA GLN A 245 20.01 17.41 41.65
C GLN A 245 19.92 18.64 40.76
N TYR A 246 19.68 19.79 41.38
CA TYR A 246 19.63 21.06 40.66
C TYR A 246 21.02 21.67 40.52
N LEU A 247 21.80 21.59 41.61
CA LEU A 247 23.12 22.20 41.69
C LEU A 247 24.23 21.32 41.13
N ALA A 248 23.97 20.01 41.06
CA ALA A 248 24.95 19.06 40.55
C ALA A 248 25.62 19.53 39.25
N PRO A 249 24.82 19.78 38.21
CA PRO A 249 25.46 20.18 36.95
C PRO A 249 26.34 21.43 37.08
N PHE A 250 25.88 22.44 37.82
CA PHE A 250 26.67 23.66 37.96
C PHE A 250 27.91 23.43 38.79
N THR A 251 27.74 22.71 39.89
CA THR A 251 28.87 22.34 40.74
C THR A 251 29.97 21.74 39.88
N ALA A 252 29.66 20.66 39.19
CA ALA A 252 30.61 19.98 38.32
C ALA A 252 31.13 20.92 37.24
N ALA A 253 30.28 21.84 36.80
CA ALA A 253 30.66 22.80 35.77
C ALA A 253 31.90 23.57 36.20
N SER A 254 31.82 24.16 37.38
CA SER A 254 32.95 24.91 37.91
C SER A 254 34.20 24.04 37.96
N ILE A 255 34.05 22.85 38.56
CA ILE A 255 35.18 21.96 38.73
C ILE A 255 36.01 21.83 37.45
N GLY A 256 35.33 21.73 36.32
CA GLY A 256 36.00 21.54 35.05
C GLY A 256 36.55 22.84 34.49
N GLU A 257 35.84 23.92 34.76
CA GLU A 257 36.27 25.25 34.32
C GLU A 257 37.66 25.53 34.86
N TRP A 258 37.91 25.07 36.08
CA TRP A 258 39.22 25.19 36.69
C TRP A 258 40.29 24.83 35.68
N PHE A 259 40.18 23.61 35.16
CA PHE A 259 41.09 23.12 34.15
C PHE A 259 41.11 24.06 32.94
N ARG A 260 39.94 24.54 32.57
CA ARG A 260 39.80 25.41 31.41
C ARG A 260 40.52 26.74 31.61
N ASP A 261 40.31 27.34 32.77
CA ASP A 261 40.88 28.63 33.09
C ASP A 261 42.41 28.54 33.15
N ASN A 262 42.92 27.52 33.83
CA ASN A 262 44.36 27.32 34.01
C ASN A 262 45.11 26.92 32.74
N GLY A 263 44.41 26.84 31.62
CA GLY A 263 45.02 26.44 30.37
C GLY A 263 45.21 24.94 30.24
N LYS A 264 44.10 24.21 30.23
CA LYS A 264 44.12 22.76 30.00
C LYS A 264 42.90 22.30 29.20
N HIS A 265 42.52 21.04 29.39
CA HIS A 265 41.38 20.47 28.69
C HIS A 265 40.55 19.57 29.59
N ALA A 266 39.25 19.82 29.64
CA ALA A 266 38.36 19.05 30.51
C ALA A 266 37.07 18.68 29.79
N LEU A 267 36.68 17.42 29.94
CA LEU A 267 35.48 16.91 29.31
C LEU A 267 34.44 16.62 30.39
N ILE A 268 33.28 17.26 30.27
CA ILE A 268 32.20 17.03 31.23
C ILE A 268 30.93 16.52 30.56
N VAL A 269 30.39 15.44 31.11
CA VAL A 269 29.22 14.80 30.54
C VAL A 269 28.04 14.88 31.50
N TYR A 270 27.01 15.61 31.10
CA TYR A 270 25.82 15.74 31.92
C TYR A 270 24.83 14.61 31.60
N ASP A 271 24.72 13.65 32.52
CA ASP A 271 23.89 12.48 32.30
C ASP A 271 22.96 12.29 33.50
N ASP A 272 21.75 12.82 33.42
CA ASP A 272 21.27 13.52 32.22
C ASP A 272 20.53 14.81 32.56
N LEU A 273 20.52 15.75 31.63
CA LEU A 273 19.82 17.02 31.82
C LEU A 273 18.32 16.84 32.00
N SER A 274 17.78 15.78 31.41
CA SER A 274 16.34 15.52 31.53
C SER A 274 15.95 15.41 33.00
N LYS A 275 16.72 14.64 33.77
CA LYS A 275 16.42 14.46 35.18
C LYS A 275 16.57 15.78 35.92
N GLN A 276 17.55 16.59 35.51
CA GLN A 276 17.77 17.86 36.19
C GLN A 276 16.53 18.75 36.11
N ALA A 277 15.99 18.88 34.90
CA ALA A 277 14.81 19.71 34.68
C ALA A 277 13.65 19.25 35.56
N VAL A 278 13.43 17.95 35.63
CA VAL A 278 12.38 17.40 36.49
C VAL A 278 12.57 17.86 37.93
N ALA A 279 13.79 17.74 38.44
CA ALA A 279 14.07 18.19 39.80
C ALA A 279 13.69 19.65 39.95
N TYR A 280 14.24 20.49 39.07
CA TYR A 280 14.00 21.93 39.11
C TYR A 280 12.52 22.28 39.01
N ARG A 281 11.80 21.54 38.17
CA ARG A 281 10.36 21.72 38.02
C ARG A 281 9.66 21.53 39.36
N GLN A 282 10.10 20.49 40.08
CA GLN A 282 9.55 20.18 41.39
C GLN A 282 9.68 21.34 42.36
N LEU A 283 10.87 21.90 42.47
CA LEU A 283 11.09 23.04 43.35
C LEU A 283 10.21 24.21 42.93
N SER A 284 10.21 24.49 41.64
CA SER A 284 9.49 25.64 41.11
C SER A 284 7.99 25.56 41.39
N LEU A 285 7.41 24.39 41.17
CA LEU A 285 5.99 24.18 41.44
C LEU A 285 5.66 24.30 42.93
N LEU A 286 6.41 23.59 43.77
CA LEU A 286 6.20 23.68 45.21
C LEU A 286 6.28 25.11 45.74
N LEU A 287 7.14 25.92 45.13
CA LEU A 287 7.29 27.33 45.50
C LEU A 287 6.19 28.19 44.89
N ARG A 288 5.25 27.55 44.20
CA ARG A 288 4.12 28.23 43.59
C ARG A 288 4.50 29.25 42.52
N ARG A 289 5.53 28.96 41.75
CA ARG A 289 5.88 29.79 40.60
C ARG A 289 5.08 29.36 39.37
N PRO A 290 4.77 30.34 38.50
CA PRO A 290 3.99 30.12 37.28
C PRO A 290 4.44 28.86 36.52
N PRO A 291 3.48 27.98 36.17
CA PRO A 291 3.76 26.76 35.41
C PRO A 291 3.60 26.98 33.91
N GLY A 292 4.58 26.53 33.13
CA GLY A 292 4.52 26.65 31.69
C GLY A 292 4.27 25.33 31.01
N ARG A 293 4.59 25.27 29.72
CA ARG A 293 4.42 24.04 28.95
C ARG A 293 4.90 22.84 29.76
N GLU A 294 4.05 21.84 29.90
CA GLU A 294 4.45 20.61 30.58
C GLU A 294 4.86 20.86 32.04
N ALA A 295 4.36 21.94 32.63
CA ALA A 295 4.68 22.26 34.03
C ALA A 295 6.12 22.72 34.28
N TYR A 296 6.76 23.27 33.25
CA TYR A 296 8.09 23.87 33.40
C TYR A 296 8.04 25.40 33.38
N PRO A 297 8.56 26.04 34.43
CA PRO A 297 8.66 27.50 34.57
C PRO A 297 9.43 28.13 33.40
N GLY A 298 9.19 29.40 33.12
CA GLY A 298 9.82 30.06 31.99
C GLY A 298 11.34 30.11 32.01
N ASP A 299 11.93 30.01 33.21
CA ASP A 299 13.38 30.12 33.35
C ASP A 299 14.12 28.79 33.15
N VAL A 300 13.39 27.77 32.73
CA VAL A 300 13.97 26.44 32.51
C VAL A 300 14.98 26.43 31.37
N PHE A 301 14.71 27.23 30.35
CA PHE A 301 15.62 27.36 29.23
C PHE A 301 16.84 28.17 29.65
N TYR A 302 16.60 29.24 30.41
CA TYR A 302 17.68 30.05 30.97
C TYR A 302 18.60 29.20 31.83
N LEU A 303 18.08 28.07 32.30
CA LEU A 303 18.86 27.17 33.12
C LEU A 303 19.95 26.50 32.30
N HIS A 304 19.54 25.73 31.29
CA HIS A 304 20.48 24.99 30.46
C HIS A 304 21.35 25.91 29.61
N SER A 305 20.79 27.01 29.11
CA SER A 305 21.56 27.93 28.29
C SER A 305 22.69 28.55 29.12
N ARG A 306 22.41 28.79 30.39
CA ARG A 306 23.41 29.36 31.30
C ARG A 306 24.38 28.28 31.82
N LEU A 307 24.17 27.05 31.39
CA LEU A 307 25.06 25.95 31.77
C LEU A 307 25.97 25.54 30.63
N LEU A 308 25.38 25.25 29.47
CA LEU A 308 26.15 24.83 28.31
C LEU A 308 27.08 25.92 27.80
N GLU A 309 26.64 27.18 27.86
CA GLU A 309 27.45 28.28 27.35
C GLU A 309 28.74 28.46 28.19
N ARG A 310 28.81 27.79 29.34
CA ARG A 310 29.98 27.86 30.21
C ARG A 310 31.18 27.13 29.63
N ALA A 311 30.91 26.11 28.82
CA ALA A 311 31.95 25.35 28.15
C ALA A 311 32.29 26.01 26.82
N ALA A 312 33.58 26.16 26.52
CA ALA A 312 34.00 26.76 25.27
C ALA A 312 35.48 26.54 25.00
N LYS A 313 36.03 27.34 24.09
CA LYS A 313 37.45 27.29 23.77
C LYS A 313 38.08 28.66 23.97
N LEU A 314 38.76 28.82 25.10
CA LEU A 314 39.45 30.06 25.42
C LEU A 314 40.53 30.39 24.39
N SER A 315 40.71 31.67 24.11
CA SER A 315 41.74 32.10 23.15
C SER A 315 43.15 31.94 23.69
N GLU A 316 44.15 32.27 22.87
CA GLU A 316 45.56 32.09 23.26
C GLU A 316 45.90 33.00 24.45
N LYS A 317 45.31 34.19 24.46
CA LYS A 317 45.55 35.18 25.51
C LYS A 317 44.95 34.77 26.85
N GLU A 318 43.80 34.10 26.78
CA GLU A 318 43.07 33.67 27.97
C GLU A 318 43.71 32.43 28.62
N GLY A 319 44.48 31.69 27.82
CA GLY A 319 45.12 30.47 28.30
C GLY A 319 44.93 29.28 27.38
N SER A 320 44.21 29.48 26.27
CA SER A 320 43.98 28.42 25.30
C SER A 320 43.28 27.21 25.92
N GLY A 321 42.80 27.38 27.15
CA GLY A 321 42.09 26.32 27.84
C GLY A 321 40.74 26.05 27.20
N SER A 322 40.12 24.94 27.58
CA SER A 322 38.92 24.48 26.88
C SER A 322 38.08 23.55 27.73
N LEU A 323 36.77 23.64 27.56
CA LEU A 323 35.84 22.80 28.28
C LEU A 323 34.78 22.23 27.34
N THR A 324 34.81 20.92 27.15
CA THR A 324 33.86 20.26 26.27
C THR A 324 32.66 19.77 27.08
N ALA A 325 31.48 19.82 26.46
CA ALA A 325 30.25 19.37 27.10
C ALA A 325 29.52 18.32 26.27
N LEU A 326 29.18 17.21 26.91
CA LEU A 326 28.35 16.18 26.31
C LEU A 326 27.12 15.94 27.18
N PRO A 327 26.08 16.75 26.97
CA PRO A 327 24.80 16.65 27.69
C PRO A 327 23.95 15.50 27.18
N VAL A 328 23.26 14.82 28.08
CA VAL A 328 22.46 13.66 27.71
C VAL A 328 20.98 13.94 27.90
N ILE A 329 20.19 13.71 26.86
CA ILE A 329 18.74 13.93 26.92
C ILE A 329 17.98 12.67 26.56
N GLU A 330 16.99 12.33 27.37
CA GLU A 330 16.20 11.13 27.15
C GLU A 330 14.83 11.45 26.59
N THR A 331 14.59 11.07 25.34
CA THR A 331 13.31 11.36 24.69
C THR A 331 12.29 10.28 25.00
N GLN A 332 11.03 10.60 24.76
CA GLN A 332 9.96 9.66 25.03
C GLN A 332 9.31 9.16 23.75
N GLY A 333 9.91 8.12 23.17
CA GLY A 333 9.42 7.54 21.94
C GLY A 333 9.85 8.30 20.71
N GLY A 334 11.09 8.78 20.72
CA GLY A 334 11.65 9.51 19.60
C GLY A 334 11.18 10.95 19.49
N ASP A 335 10.32 11.37 20.42
CA ASP A 335 9.75 12.72 20.39
C ASP A 335 10.78 13.79 20.72
N VAL A 336 11.48 14.23 19.69
CA VAL A 336 12.46 15.29 19.81
C VAL A 336 11.76 16.65 19.80
N SER A 337 10.45 16.63 19.64
CA SER A 337 9.66 17.84 19.54
C SER A 337 9.21 18.32 20.91
N ALA A 338 9.48 17.50 21.93
CA ALA A 338 9.08 17.82 23.30
C ALA A 338 9.67 19.16 23.73
N TYR A 339 9.25 19.66 24.89
CA TYR A 339 9.75 20.94 25.36
C TYR A 339 11.23 20.84 25.68
N ILE A 340 11.57 20.11 26.73
CA ILE A 340 12.95 20.04 27.19
C ILE A 340 13.95 19.77 26.05
N PRO A 341 13.76 18.68 25.30
CA PRO A 341 14.67 18.38 24.19
C PRO A 341 14.84 19.54 23.23
N THR A 342 13.76 20.19 22.85
CA THR A 342 13.82 21.32 21.91
C THR A 342 14.74 22.42 22.44
N ASN A 343 14.67 22.66 23.74
CA ASN A 343 15.53 23.65 24.38
C ASN A 343 16.99 23.25 24.23
N VAL A 344 17.31 22.03 24.65
CA VAL A 344 18.68 21.55 24.64
C VAL A 344 19.24 21.49 23.23
N ILE A 345 18.51 20.84 22.33
CA ILE A 345 18.92 20.70 20.94
C ILE A 345 19.19 22.05 20.29
N SER A 346 18.45 23.08 20.72
CA SER A 346 18.63 24.42 20.18
C SER A 346 19.93 25.05 20.66
N ILE A 347 20.38 24.69 21.86
CA ILE A 347 21.58 25.29 22.43
C ILE A 347 22.87 24.59 22.02
N THR A 348 22.89 23.27 22.12
CA THR A 348 24.06 22.49 21.73
C THR A 348 24.50 22.81 20.30
N ASP A 349 25.53 22.10 19.85
CA ASP A 349 26.12 22.32 18.53
C ASP A 349 26.17 21.01 17.75
N GLY A 350 25.15 20.18 17.93
CA GLY A 350 25.11 18.89 17.26
C GLY A 350 24.55 17.80 18.15
N GLN A 351 24.02 16.75 17.53
CA GLN A 351 23.40 15.65 18.26
C GLN A 351 23.96 14.28 17.82
N ILE A 352 23.96 13.32 18.73
CA ILE A 352 24.33 11.94 18.42
C ILE A 352 23.11 11.05 18.63
N PHE A 353 22.04 11.37 17.93
CA PHE A 353 20.76 10.67 18.01
C PHE A 353 20.94 9.16 18.00
N LEU A 354 20.29 8.47 18.95
CA LEU A 354 20.37 7.02 19.00
C LEU A 354 18.98 6.41 18.98
N GLU A 355 18.82 5.31 18.24
CA GLU A 355 17.52 4.66 18.13
C GLU A 355 17.60 3.23 18.60
N ALA A 356 16.62 2.81 19.39
CA ALA A 356 16.57 1.44 19.86
C ALA A 356 16.52 0.46 18.69
N GLU A 357 15.72 0.79 17.68
CA GLU A 357 15.57 -0.08 16.52
C GLU A 357 16.93 -0.46 15.92
N LEU A 358 17.73 0.55 15.62
CA LEU A 358 19.05 0.31 15.04
C LEU A 358 19.85 -0.59 15.96
N PHE A 359 19.55 -0.50 17.26
CA PHE A 359 20.25 -1.32 18.24
C PHE A 359 19.90 -2.80 18.06
N TYR A 360 18.64 -3.08 17.81
CA TYR A 360 18.17 -4.46 17.72
C TYR A 360 18.78 -5.19 16.53
N LYS A 361 18.91 -4.48 15.42
CA LYS A 361 19.47 -5.05 14.19
C LYS A 361 20.88 -5.58 14.41
N GLY A 362 21.60 -4.94 15.32
CA GLY A 362 22.96 -5.32 15.63
C GLY A 362 23.88 -4.12 15.60
N ILE A 363 23.53 -3.13 14.79
CA ILE A 363 24.31 -1.90 14.68
C ILE A 363 24.54 -1.27 16.04
N ARG A 364 25.67 -1.59 16.67
CA ARG A 364 26.00 -1.04 17.99
C ARG A 364 27.38 -0.40 17.96
N PRO A 365 27.47 0.87 18.38
CA PRO A 365 26.39 1.72 18.92
C PRO A 365 25.45 2.16 17.82
N ALA A 366 24.16 2.20 18.12
CA ALA A 366 23.15 2.57 17.12
C ALA A 366 23.10 4.07 16.88
N ILE A 367 24.11 4.60 16.19
CA ILE A 367 24.15 6.03 15.92
C ILE A 367 23.57 6.37 14.56
N ASN A 368 22.33 6.86 14.56
CA ASN A 368 21.66 7.22 13.32
C ASN A 368 22.43 8.26 12.51
N VAL A 369 23.24 7.80 11.56
CA VAL A 369 24.03 8.70 10.73
C VAL A 369 23.17 9.79 10.10
N GLY A 370 21.95 9.42 9.73
CA GLY A 370 21.05 10.35 9.07
C GLY A 370 20.77 11.60 9.89
N LEU A 371 20.52 11.39 11.18
CA LEU A 371 20.20 12.52 12.05
C LEU A 371 21.43 13.10 12.73
N SER A 372 22.27 12.24 13.29
CA SER A 372 23.48 12.69 13.96
C SER A 372 24.20 13.70 13.09
N VAL A 373 24.49 14.87 13.65
CA VAL A 373 25.20 15.91 12.91
C VAL A 373 26.15 16.68 13.84
N SER A 374 27.06 17.43 13.23
CA SER A 374 28.03 18.22 13.98
C SER A 374 28.34 19.52 13.23
N ARG A 375 28.05 20.66 13.85
CA ARG A 375 28.18 21.94 13.16
C ARG A 375 29.65 22.33 12.93
N VAL A 376 30.52 21.86 13.82
CA VAL A 376 31.95 22.11 13.72
C VAL A 376 32.60 21.23 12.67
N GLY A 377 32.21 19.95 12.67
CA GLY A 377 32.69 19.00 11.69
C GLY A 377 34.20 18.88 11.59
N SER A 378 34.69 18.86 10.35
CA SER A 378 36.10 18.62 10.08
C SER A 378 36.99 19.57 10.85
N ALA A 379 36.47 20.73 11.23
CA ALA A 379 37.27 21.70 11.97
C ALA A 379 37.98 21.04 13.16
N ALA A 380 37.41 19.96 13.68
CA ALA A 380 37.93 19.31 14.88
C ALA A 380 38.17 17.82 14.69
N GLN A 381 38.57 17.44 13.48
CA GLN A 381 38.78 16.04 13.14
C GLN A 381 40.18 15.87 12.54
N VAL A 382 40.84 14.77 12.89
CA VAL A 382 42.19 14.51 12.41
C VAL A 382 42.23 14.38 10.88
N LYS A 383 43.13 15.12 10.24
CA LYS A 383 43.23 15.08 8.78
C LYS A 383 43.55 13.67 8.28
N ALA A 384 44.18 12.86 9.12
CA ALA A 384 44.49 11.48 8.77
C ALA A 384 43.23 10.70 8.49
N LEU A 385 42.15 11.06 9.19
CA LEU A 385 40.87 10.39 9.05
C LEU A 385 39.94 11.17 8.13
N LYS A 386 40.13 12.48 8.07
CA LYS A 386 39.33 13.36 7.22
C LYS A 386 39.49 13.00 5.75
N GLN A 387 40.69 12.56 5.39
CA GLN A 387 41.00 12.21 4.00
C GLN A 387 40.30 10.93 3.55
N VAL A 388 39.76 10.17 4.50
CA VAL A 388 39.08 8.93 4.16
C VAL A 388 37.63 8.95 4.62
N ALA A 389 37.24 10.04 5.27
CA ALA A 389 35.91 10.16 5.83
C ALA A 389 35.04 11.08 4.99
N GLY A 390 35.67 11.94 4.20
CA GLY A 390 34.94 12.87 3.36
C GLY A 390 34.01 12.14 2.42
N SER A 391 34.42 10.94 2.01
CA SER A 391 33.65 10.15 1.07
C SER A 391 32.70 9.19 1.77
N LEU A 392 33.03 8.80 2.99
CA LEU A 392 32.25 7.82 3.74
C LEU A 392 30.85 8.31 4.09
N LYS A 393 30.70 9.63 4.17
CA LYS A 393 29.40 10.23 4.42
C LYS A 393 28.55 10.17 3.16
N LEU A 394 29.22 10.14 2.00
CA LEU A 394 28.55 10.07 0.71
C LEU A 394 27.88 8.72 0.49
N PHE A 395 28.68 7.66 0.43
CA PHE A 395 28.16 6.32 0.21
C PHE A 395 27.01 6.00 1.16
N LEU A 396 27.22 6.24 2.45
CA LEU A 396 26.18 5.96 3.43
C LEU A 396 24.91 6.74 3.12
N ALA A 397 25.07 7.96 2.63
CA ALA A 397 23.96 8.82 2.27
C ALA A 397 23.10 8.21 1.17
N GLN A 398 23.74 7.72 0.12
CA GLN A 398 23.03 7.10 -0.99
C GLN A 398 22.50 5.72 -0.61
N TYR A 399 23.09 5.13 0.42
CA TYR A 399 22.69 3.80 0.88
C TYR A 399 21.32 3.85 1.56
N ARG A 400 21.09 4.89 2.34
CA ARG A 400 19.82 5.04 3.04
C ARG A 400 18.68 5.27 2.04
N GLU A 401 19.01 5.80 0.87
CA GLU A 401 18.01 6.08 -0.16
C GLU A 401 17.63 4.83 -0.95
N VAL A 402 18.61 3.95 -1.15
CA VAL A 402 18.41 2.74 -1.92
C VAL A 402 18.34 1.52 -1.00
N ALA A 403 17.84 1.73 0.21
CA ALA A 403 17.80 0.67 1.20
C ALA A 403 16.57 -0.20 1.02
N ALA A 404 15.55 0.35 0.39
CA ALA A 404 14.32 -0.39 0.15
C ALA A 404 14.54 -1.45 -0.94
N PHE A 405 15.44 -1.16 -1.88
CA PHE A 405 15.71 -2.05 -3.00
C PHE A 405 16.31 -3.37 -2.53
N ALA A 406 17.09 -3.32 -1.46
CA ALA A 406 17.72 -4.51 -0.89
C ALA A 406 16.71 -5.60 -0.54
N GLN A 407 15.44 -5.23 -0.41
CA GLN A 407 14.38 -6.16 0.00
C GLN A 407 13.78 -6.91 -1.19
N PHE A 408 14.06 -6.39 -2.39
CA PHE A 408 13.53 -6.95 -3.65
C PHE A 408 14.48 -7.97 -4.28
N GLY A 409 14.00 -8.70 -5.29
CA GLY A 409 14.79 -9.69 -5.98
C GLY A 409 16.04 -9.14 -6.65
N SER A 410 16.80 -10.02 -7.30
CA SER A 410 18.05 -9.62 -7.95
C SER A 410 17.81 -8.74 -9.17
N ASP A 411 16.53 -8.46 -9.46
CA ASP A 411 16.13 -7.69 -10.63
C ASP A 411 16.69 -6.26 -10.60
N LEU A 412 17.37 -5.93 -9.52
CA LEU A 412 18.01 -4.63 -9.40
C LEU A 412 19.17 -4.51 -10.37
N ASP A 413 19.26 -3.36 -11.04
CA ASP A 413 20.36 -3.09 -11.95
C ASP A 413 21.69 -3.14 -11.19
N ALA A 414 22.80 -3.14 -11.92
CA ALA A 414 24.12 -3.24 -11.30
C ALA A 414 24.53 -1.95 -10.58
N SER A 415 24.14 -0.81 -11.14
CA SER A 415 24.48 0.49 -10.55
C SER A 415 24.05 0.58 -9.09
N THR A 416 22.75 0.48 -8.84
CA THR A 416 22.24 0.52 -7.48
C THR A 416 22.79 -0.63 -6.64
N LYS A 417 22.89 -1.82 -7.23
CA LYS A 417 23.40 -2.98 -6.50
C LYS A 417 24.75 -2.70 -5.85
N GLN A 418 25.59 -1.94 -6.55
CA GLN A 418 26.92 -1.64 -6.04
C GLN A 418 26.85 -0.90 -4.72
N THR A 419 25.90 0.02 -4.64
CA THR A 419 25.69 0.77 -3.41
C THR A 419 25.39 -0.19 -2.26
N LEU A 420 24.50 -1.15 -2.51
CA LEU A 420 24.13 -2.10 -1.46
C LEU A 420 25.32 -2.90 -0.99
N VAL A 421 26.20 -3.26 -1.91
CA VAL A 421 27.38 -4.01 -1.56
C VAL A 421 28.22 -3.25 -0.53
N ARG A 422 28.43 -1.95 -0.78
CA ARG A 422 29.21 -1.09 0.11
C ARG A 422 28.51 -0.88 1.45
N GLY A 423 27.31 -0.30 1.39
CA GLY A 423 26.52 -0.01 2.58
C GLY A 423 26.47 -1.13 3.60
N GLU A 424 26.12 -2.33 3.13
CA GLU A 424 26.07 -3.50 4.02
C GLU A 424 27.40 -3.63 4.77
N ARG A 425 28.50 -3.47 4.04
CA ARG A 425 29.83 -3.65 4.61
C ARG A 425 30.31 -2.43 5.41
N LEU A 426 30.08 -1.24 4.87
CA LEU A 426 30.43 -0.02 5.58
C LEU A 426 29.66 0.09 6.89
N THR A 427 28.42 -0.36 6.89
CA THR A 427 27.60 -0.32 8.11
C THR A 427 28.09 -1.40 9.07
N GLN A 428 28.57 -2.50 8.53
CA GLN A 428 29.06 -3.59 9.36
C GLN A 428 30.37 -3.23 10.07
N LEU A 429 31.14 -2.33 9.46
CA LEU A 429 32.43 -1.90 10.03
C LEU A 429 32.24 -0.99 11.24
N LEU A 430 31.26 -0.10 11.15
CA LEU A 430 30.97 0.83 12.25
C LEU A 430 30.57 0.11 13.53
N LYS A 431 30.05 -1.11 13.39
CA LYS A 431 29.69 -1.90 14.57
C LYS A 431 30.93 -2.12 15.42
N GLN A 432 30.93 -1.54 16.61
CA GLN A 432 32.09 -1.63 17.47
C GLN A 432 31.65 -2.09 18.86
N ASN A 433 32.31 -3.11 19.38
CA ASN A 433 31.98 -3.63 20.70
C ASN A 433 32.23 -2.60 21.77
N GLN A 434 31.53 -2.73 22.88
CA GLN A 434 31.64 -1.77 23.97
C GLN A 434 32.94 -1.95 24.74
N TYR A 435 33.44 -0.85 25.29
CA TYR A 435 34.65 -0.89 26.10
C TYR A 435 35.84 -1.24 25.23
N SER A 436 35.78 -0.90 23.96
CA SER A 436 36.84 -1.26 23.03
C SER A 436 37.17 -0.15 22.04
N PRO A 437 37.60 1.01 22.56
CA PRO A 437 37.98 2.17 21.75
C PRO A 437 39.25 1.91 20.93
N LEU A 438 39.31 2.49 19.74
CA LEU A 438 40.46 2.32 18.87
C LEU A 438 41.09 3.67 18.55
N ALA A 439 42.42 3.73 18.51
CA ALA A 439 43.10 4.97 18.18
C ALA A 439 42.97 5.28 16.69
N THR A 440 43.26 6.53 16.32
CA THR A 440 43.14 6.96 14.93
C THR A 440 44.02 6.12 14.02
N GLU A 441 45.19 5.74 14.53
CA GLU A 441 46.14 4.93 13.78
C GLU A 441 45.52 3.60 13.37
N GLU A 442 44.48 3.18 14.07
CA GLU A 442 43.80 1.90 13.79
C GLU A 442 42.48 2.10 13.05
N GLN A 443 42.00 3.34 13.03
CA GLN A 443 40.75 3.65 12.36
C GLN A 443 40.98 3.87 10.87
N VAL A 444 41.97 4.68 10.54
CA VAL A 444 42.29 5.01 9.15
C VAL A 444 42.42 3.77 8.27
N PRO A 445 43.24 2.79 8.69
CA PRO A 445 43.40 1.56 7.89
C PRO A 445 42.07 0.85 7.61
N LEU A 446 41.14 0.90 8.54
CA LEU A 446 39.85 0.22 8.38
C LEU A 446 38.91 0.99 7.47
N ILE A 447 38.94 2.32 7.60
CA ILE A 447 38.12 3.18 6.75
C ILE A 447 38.64 3.19 5.31
N TYR A 448 39.95 3.25 5.15
CA TYR A 448 40.57 3.28 3.82
C TYR A 448 40.25 2.03 3.01
N ALA A 449 40.29 0.87 3.67
CA ALA A 449 39.97 -0.39 3.01
C ALA A 449 38.48 -0.49 2.69
N GLY A 450 37.66 0.15 3.51
CA GLY A 450 36.22 0.16 3.31
C GLY A 450 35.78 1.06 2.17
N VAL A 451 36.25 2.30 2.18
CA VAL A 451 35.87 3.27 1.16
C VAL A 451 36.20 2.80 -0.27
N ASN A 452 37.48 2.46 -0.50
CA ASN A 452 37.91 1.99 -1.82
C ASN A 452 37.14 0.76 -2.29
N GLY A 453 36.84 -0.14 -1.35
CA GLY A 453 36.02 -1.30 -1.65
C GLY A 453 36.80 -2.60 -1.71
N HIS A 454 37.73 -2.78 -0.78
CA HIS A 454 38.55 -3.99 -0.76
C HIS A 454 37.89 -5.06 0.07
N LEU A 455 36.67 -4.78 0.54
CA LEU A 455 35.95 -5.72 1.38
C LEU A 455 34.76 -6.27 0.63
N ASP A 456 34.40 -5.61 -0.46
CA ASP A 456 33.28 -6.01 -1.30
C ASP A 456 33.37 -7.48 -1.71
N GLY A 457 34.58 -7.98 -1.87
CA GLY A 457 34.79 -9.37 -2.27
C GLY A 457 34.68 -10.31 -1.09
N ILE A 458 34.86 -9.76 0.09
CA ILE A 458 34.78 -10.54 1.32
C ILE A 458 33.33 -10.71 1.75
N GLU A 459 33.02 -11.86 2.35
CA GLU A 459 31.67 -12.14 2.82
C GLU A 459 31.24 -11.15 3.92
N LEU A 460 29.95 -10.81 3.93
CA LEU A 460 29.41 -9.89 4.92
C LEU A 460 29.30 -10.52 6.31
N SER A 461 29.71 -11.79 6.42
CA SER A 461 29.67 -12.48 7.70
C SER A 461 31.04 -12.47 8.39
N ARG A 462 32.09 -12.28 7.60
CA ARG A 462 33.45 -12.33 8.12
C ARG A 462 34.03 -10.92 8.36
N ILE A 463 33.19 -9.90 8.23
CA ILE A 463 33.66 -8.52 8.36
C ILE A 463 34.23 -8.25 9.76
N GLY A 464 33.68 -8.95 10.75
CA GLY A 464 34.07 -8.75 12.12
C GLY A 464 35.50 -9.21 12.37
N GLU A 465 35.76 -10.48 12.05
CA GLU A 465 37.09 -11.04 12.22
C GLU A 465 38.10 -10.36 11.30
N PHE A 466 37.60 -9.66 10.29
CA PHE A 466 38.46 -8.98 9.34
C PHE A 466 39.27 -7.88 10.03
N GLU A 467 38.59 -7.12 10.88
CA GLU A 467 39.21 -6.06 11.65
C GLU A 467 40.32 -6.61 12.54
N SER A 468 40.04 -7.72 13.23
CA SER A 468 41.01 -8.33 14.14
C SER A 468 42.30 -8.70 13.41
N SER A 469 42.18 -9.63 12.47
CA SER A 469 43.32 -10.16 11.74
C SER A 469 44.06 -9.11 10.92
N PHE A 470 43.36 -8.07 10.50
CA PHE A 470 43.96 -7.00 9.72
C PHE A 470 44.85 -6.11 10.58
N LEU A 471 44.35 -5.69 11.74
CA LEU A 471 45.12 -4.84 12.64
C LEU A 471 46.39 -5.57 13.10
N SER A 472 46.24 -6.80 13.55
CA SER A 472 47.38 -7.60 13.99
C SER A 472 48.43 -7.73 12.89
N TYR A 473 47.97 -7.78 11.64
CA TYR A 473 48.89 -7.85 10.50
C TYR A 473 49.78 -6.62 10.44
N LEU A 474 49.15 -5.45 10.40
CA LEU A 474 49.90 -4.20 10.28
C LEU A 474 50.90 -4.04 11.42
N LYS A 475 50.48 -4.40 12.64
CA LYS A 475 51.31 -4.20 13.81
C LYS A 475 52.51 -5.15 13.87
N SER A 476 52.74 -5.87 12.78
CA SER A 476 53.83 -6.85 12.73
C SER A 476 54.63 -6.77 11.44
N ASN A 477 54.02 -6.19 10.41
CA ASN A 477 54.65 -6.08 9.10
C ASN A 477 54.70 -4.65 8.58
N HIS A 478 53.74 -3.84 9.00
CA HIS A 478 53.67 -2.46 8.53
C HIS A 478 53.55 -1.49 9.70
N ASN A 479 54.18 -1.86 10.82
CA ASN A 479 54.13 -1.06 12.03
C ASN A 479 54.65 0.35 11.81
N GLU A 480 55.59 0.47 10.86
CA GLU A 480 56.21 1.77 10.55
C GLU A 480 55.19 2.73 9.93
N LEU A 481 54.20 2.18 9.23
CA LEU A 481 53.18 3.00 8.61
C LEU A 481 52.22 3.56 9.66
N LEU A 482 51.78 2.70 10.57
CA LEU A 482 50.84 3.09 11.62
C LEU A 482 51.41 4.22 12.47
N THR A 483 52.68 4.08 12.84
CA THR A 483 53.34 5.01 13.73
C THR A 483 53.58 6.38 13.08
N GLU A 484 53.67 6.38 11.76
CA GLU A 484 53.86 7.62 11.02
C GLU A 484 52.56 8.41 10.94
N ILE A 485 51.44 7.69 10.96
CA ILE A 485 50.12 8.29 10.92
C ILE A 485 49.74 8.86 12.28
N ARG A 486 50.21 8.19 13.33
CA ARG A 486 49.96 8.61 14.69
C ARG A 486 50.70 9.91 15.03
N GLU A 487 51.91 10.06 14.48
CA GLU A 487 52.74 11.23 14.77
C GLU A 487 52.46 12.40 13.84
N LYS A 488 52.42 12.13 12.54
CA LYS A 488 52.17 13.17 11.55
C LYS A 488 50.71 13.61 11.60
N GLY A 489 49.81 12.63 11.72
CA GLY A 489 48.38 12.90 11.73
C GLY A 489 47.82 13.13 10.33
N GLU A 490 48.66 12.93 9.32
CA GLU A 490 48.25 13.13 7.93
C GLU A 490 48.67 11.96 7.05
N LEU A 491 48.13 11.92 5.83
CA LEU A 491 48.48 10.87 4.87
C LEU A 491 49.03 11.43 3.55
N SER A 492 50.36 11.35 3.42
CA SER A 492 51.06 11.82 2.21
C SER A 492 50.87 10.84 1.05
N LYS A 493 51.08 11.32 -0.17
CA LYS A 493 50.91 10.49 -1.37
C LYS A 493 51.69 9.19 -1.26
N GLU A 494 52.79 9.23 -0.51
CA GLU A 494 53.62 8.05 -0.29
C GLU A 494 52.89 7.04 0.60
N LEU A 495 52.31 7.52 1.70
CA LEU A 495 51.55 6.67 2.60
C LEU A 495 50.30 6.10 1.94
N LEU A 496 49.57 6.95 1.21
CA LEU A 496 48.36 6.53 0.52
C LEU A 496 48.64 5.34 -0.39
N ALA A 497 49.84 5.32 -0.97
CA ALA A 497 50.24 4.23 -1.85
C ALA A 497 50.74 3.04 -1.05
N SER A 498 51.44 3.32 0.04
CA SER A 498 51.99 2.27 0.90
C SER A 498 50.89 1.56 1.65
N LEU A 499 49.89 2.32 2.09
CA LEU A 499 48.74 1.76 2.78
C LEU A 499 47.92 0.90 1.83
N LYS A 500 47.72 1.38 0.60
CA LYS A 500 46.94 0.64 -0.39
C LYS A 500 47.62 -0.70 -0.73
N SER A 501 48.94 -0.67 -0.89
CA SER A 501 49.69 -1.87 -1.23
C SER A 501 49.63 -2.92 -0.12
N ALA A 502 49.65 -2.46 1.12
CA ALA A 502 49.63 -3.35 2.27
C ALA A 502 48.26 -3.97 2.44
N THR A 503 47.23 -3.21 2.06
CA THR A 503 45.85 -3.69 2.15
C THR A 503 45.59 -4.76 1.11
N GLU A 504 45.85 -4.42 -0.15
CA GLU A 504 45.61 -5.32 -1.27
C GLU A 504 46.37 -6.63 -1.07
N SER A 505 47.47 -6.56 -0.33
CA SER A 505 48.29 -7.73 -0.04
C SER A 505 47.59 -8.64 0.96
N PHE A 506 47.01 -8.05 2.00
CA PHE A 506 46.30 -8.83 3.01
C PHE A 506 44.98 -9.39 2.48
N VAL A 507 44.27 -8.57 1.71
CA VAL A 507 43.01 -8.99 1.09
C VAL A 507 43.26 -10.15 0.13
N ALA A 508 44.41 -10.10 -0.54
CA ALA A 508 44.79 -11.16 -1.46
C ALA A 508 45.04 -12.47 -0.72
N THR A 509 45.89 -12.42 0.30
CA THR A 509 46.24 -13.61 1.07
C THR A 509 45.06 -14.13 1.89
N PHE A 510 44.01 -13.32 1.98
CA PHE A 510 42.82 -13.70 2.73
C PHE A 510 41.90 -14.55 1.86
N ALA B 25 -10.95 66.34 44.81
CA ALA B 25 -11.11 64.95 45.23
C ALA B 25 -12.58 64.54 45.31
N ASN B 26 -13.27 64.64 44.17
CA ASN B 26 -14.66 64.20 44.07
C ASN B 26 -14.79 62.73 43.67
N LEU B 27 -14.98 61.86 44.65
CA LEU B 27 -15.09 60.42 44.41
C LEU B 27 -16.44 60.06 43.82
N ASN B 28 -16.86 60.82 42.82
CA ASN B 28 -18.16 60.62 42.17
C ASN B 28 -18.06 60.76 40.67
N GLU B 29 -17.00 61.41 40.20
CA GLU B 29 -16.80 61.60 38.77
C GLU B 29 -15.33 61.46 38.43
N THR B 30 -14.52 61.32 39.47
CA THR B 30 -13.08 61.16 39.30
C THR B 30 -12.50 60.31 40.42
N GLY B 31 -11.43 59.58 40.10
CA GLY B 31 -10.77 58.73 41.07
C GLY B 31 -9.28 58.64 40.83
N ARG B 32 -8.61 57.84 41.66
CA ARG B 32 -7.16 57.67 41.58
C ARG B 32 -6.79 56.25 41.14
N VAL B 33 -5.69 56.13 40.39
CA VAL B 33 -5.22 54.83 39.93
C VAL B 33 -4.55 54.06 41.07
N LEU B 34 -5.08 52.87 41.36
CA LEU B 34 -4.55 52.01 42.41
C LEU B 34 -3.40 51.14 41.90
N ALA B 35 -3.58 50.58 40.70
CA ALA B 35 -2.56 49.73 40.09
C ALA B 35 -2.74 49.65 38.59
N VAL B 36 -1.68 49.28 37.88
CA VAL B 36 -1.73 49.16 36.43
C VAL B 36 -0.81 48.07 35.93
N GLY B 37 -1.25 47.35 34.89
CA GLY B 37 -0.46 46.30 34.29
C GLY B 37 -1.29 45.37 33.43
N ASP B 38 -0.64 44.64 32.54
CA ASP B 38 -1.32 43.68 31.68
C ASP B 38 -2.41 44.33 30.83
N GLY B 39 -2.39 45.65 30.74
CA GLY B 39 -3.36 46.37 29.93
C GLY B 39 -4.67 46.64 30.66
N ILE B 40 -4.68 46.38 31.96
CA ILE B 40 -5.84 46.66 32.79
C ILE B 40 -5.46 47.67 33.86
N ALA B 41 -6.45 48.43 34.33
CA ALA B 41 -6.21 49.40 35.39
C ALA B 41 -7.32 49.42 36.43
N ARG B 42 -6.94 49.36 37.70
CA ARG B 42 -7.89 49.38 38.80
C ARG B 42 -7.93 50.74 39.46
N VAL B 43 -8.91 51.55 39.09
CA VAL B 43 -9.08 52.89 39.65
C VAL B 43 -10.02 52.87 40.86
N PHE B 44 -9.76 53.76 41.81
CA PHE B 44 -10.58 53.89 43.02
C PHE B 44 -11.43 55.15 42.95
N GLY B 45 -12.75 54.97 42.93
CA GLY B 45 -13.67 56.11 42.85
C GLY B 45 -14.75 55.89 41.81
N LEU B 46 -15.11 56.96 41.11
CA LEU B 46 -16.10 56.88 40.04
C LEU B 46 -17.36 56.11 40.48
N ASN B 47 -18.08 56.66 41.45
CA ASN B 47 -19.28 56.01 41.98
C ASN B 47 -20.52 56.24 41.10
N ASN B 48 -20.43 57.23 40.22
CA ASN B 48 -21.53 57.54 39.31
C ASN B 48 -21.21 57.19 37.86
N ILE B 49 -20.35 56.20 37.66
CA ILE B 49 -19.97 55.79 36.30
C ILE B 49 -20.88 54.66 35.78
N GLN B 50 -21.14 54.69 34.48
CA GLN B 50 -21.96 53.67 33.85
C GLN B 50 -21.10 52.48 33.42
N ALA B 51 -21.73 51.31 33.30
CA ALA B 51 -21.04 50.14 32.78
C ALA B 51 -20.57 50.43 31.35
N GLU B 52 -19.33 50.04 31.05
CA GLU B 52 -18.76 50.24 29.73
C GLU B 52 -18.83 51.71 29.30
N GLU B 53 -18.44 52.62 30.20
CA GLU B 53 -18.42 54.05 29.89
C GLU B 53 -17.00 54.53 29.57
N LEU B 54 -16.88 55.32 28.51
CA LEU B 54 -15.59 55.88 28.12
C LEU B 54 -15.00 56.72 29.26
N VAL B 55 -13.68 56.71 29.40
CA VAL B 55 -12.99 57.54 30.39
C VAL B 55 -11.66 58.08 29.86
N GLU B 56 -11.06 59.01 30.61
CA GLU B 56 -9.79 59.59 30.21
C GLU B 56 -8.87 59.79 31.42
N PHE B 57 -7.57 59.59 31.21
CA PHE B 57 -6.60 59.74 32.28
C PHE B 57 -5.81 61.04 32.15
N SER B 58 -5.03 61.36 33.17
CA SER B 58 -4.22 62.57 33.17
C SER B 58 -3.34 62.64 31.91
N SER B 59 -2.90 61.50 31.43
CA SER B 59 -2.05 61.45 30.23
C SER B 59 -2.85 61.71 28.97
N GLY B 60 -4.17 61.51 29.04
CA GLY B 60 -5.05 61.76 27.91
C GLY B 60 -5.50 60.48 27.22
N VAL B 61 -5.14 59.34 27.82
CA VAL B 61 -5.48 58.03 27.26
C VAL B 61 -6.93 57.66 27.59
N LYS B 62 -7.64 57.16 26.58
CA LYS B 62 -9.04 56.79 26.78
C LYS B 62 -9.15 55.34 27.26
N GLY B 63 -10.02 55.12 28.24
CA GLY B 63 -10.26 53.78 28.75
C GLY B 63 -11.73 53.40 28.69
N MET B 64 -12.12 52.33 29.37
CA MET B 64 -13.51 51.90 29.40
C MET B 64 -13.78 51.00 30.61
N ALA B 65 -14.77 51.39 31.42
CA ALA B 65 -15.11 50.63 32.62
C ALA B 65 -15.78 49.32 32.26
N LEU B 66 -14.98 48.31 31.94
CA LEU B 66 -15.54 47.02 31.52
C LEU B 66 -16.22 46.27 32.67
N ASN B 67 -15.84 46.58 33.90
CA ASN B 67 -16.46 45.94 35.05
C ASN B 67 -16.48 46.86 36.27
N LEU B 68 -17.50 46.69 37.11
CA LEU B 68 -17.65 47.52 38.30
C LEU B 68 -17.72 46.66 39.56
N GLU B 69 -16.83 46.94 40.52
CA GLU B 69 -16.78 46.20 41.76
C GLU B 69 -16.95 47.19 42.92
N PRO B 70 -17.33 46.68 44.10
CA PRO B 70 -17.46 47.58 45.26
C PRO B 70 -16.09 47.96 45.78
N GLY B 71 -15.71 49.23 45.63
CA GLY B 71 -14.44 49.68 46.14
C GLY B 71 -13.36 49.85 45.09
N GLN B 72 -13.66 49.47 43.86
CA GLN B 72 -12.72 49.60 42.75
C GLN B 72 -13.40 49.35 41.41
N VAL B 73 -12.73 49.73 40.32
CA VAL B 73 -13.32 49.54 39.00
C VAL B 73 -12.28 49.13 37.95
N GLY B 74 -12.67 48.21 37.06
CA GLY B 74 -11.77 47.74 36.03
C GLY B 74 -11.86 48.55 34.76
N ILE B 75 -10.73 49.05 34.30
CA ILE B 75 -10.69 49.84 33.07
C ILE B 75 -9.70 49.25 32.05
N VAL B 76 -10.14 49.07 30.82
CA VAL B 76 -9.26 48.61 29.75
C VAL B 76 -8.48 49.79 29.18
N LEU B 77 -7.25 49.55 28.75
CA LEU B 77 -6.42 50.62 28.20
C LEU B 77 -6.42 50.57 26.68
N PHE B 78 -6.76 51.68 26.05
CA PHE B 78 -6.76 51.77 24.59
C PHE B 78 -5.40 52.22 24.07
N GLY B 79 -4.49 52.51 24.99
CA GLY B 79 -3.15 52.91 24.63
C GLY B 79 -2.11 52.12 25.40
N SER B 80 -0.84 52.44 25.20
CA SER B 80 0.22 51.75 25.94
C SER B 80 0.17 52.09 27.43
N ASP B 81 0.38 51.06 28.25
CA ASP B 81 0.34 51.20 29.71
C ASP B 81 1.50 52.07 30.22
N ARG B 82 2.47 52.32 29.36
CA ARG B 82 3.58 53.19 29.71
C ARG B 82 3.07 54.55 30.15
N LEU B 83 2.07 55.06 29.43
CA LEU B 83 1.50 56.38 29.69
C LEU B 83 0.64 56.42 30.94
N VAL B 84 0.22 55.24 31.40
CA VAL B 84 -0.55 55.15 32.63
C VAL B 84 0.36 54.88 33.82
N LYS B 85 0.43 55.86 34.71
CA LYS B 85 1.25 55.75 35.90
C LYS B 85 0.34 55.54 37.11
N GLU B 86 0.87 54.91 38.17
CA GLU B 86 0.10 54.65 39.37
C GLU B 86 0.00 55.90 40.25
N GLY B 87 -1.23 56.35 40.52
CA GLY B 87 -1.44 57.49 41.38
C GLY B 87 -1.82 58.76 40.62
N GLU B 88 -2.17 58.60 39.35
CA GLU B 88 -2.52 59.73 38.51
C GLU B 88 -3.97 60.15 38.73
N LEU B 89 -4.44 61.09 37.92
CA LEU B 89 -5.81 61.56 37.99
C LEU B 89 -6.64 60.90 36.89
N VAL B 90 -7.90 60.55 37.21
CA VAL B 90 -8.80 59.90 36.25
C VAL B 90 -10.17 60.56 36.15
N LYS B 91 -10.43 61.24 35.02
CA LYS B 91 -11.72 61.88 34.79
C LYS B 91 -12.62 61.01 33.91
N ARG B 92 -13.94 61.13 34.05
CA ARG B 92 -14.87 60.37 33.22
C ARG B 92 -15.44 61.20 32.09
N THR B 93 -15.87 60.56 31.01
CA THR B 93 -16.44 61.25 29.85
C THR B 93 -17.91 61.54 30.07
N GLY B 94 -18.60 60.62 30.71
CA GLY B 94 -20.02 60.76 30.96
C GLY B 94 -20.86 60.17 29.84
N ASN B 95 -20.19 59.71 28.78
CA ASN B 95 -20.87 59.03 27.67
C ASN B 95 -20.14 57.75 27.26
N ILE B 96 -20.90 56.71 26.95
CA ILE B 96 -20.34 55.45 26.47
C ILE B 96 -19.52 55.69 25.19
N VAL B 97 -18.53 54.83 24.94
CA VAL B 97 -17.68 54.96 23.77
C VAL B 97 -18.50 55.03 22.47
N ASP B 98 -18.31 56.11 21.73
CA ASP B 98 -19.06 56.33 20.49
C ASP B 98 -18.14 56.85 19.39
N VAL B 99 -18.61 56.75 18.15
CA VAL B 99 -17.82 57.19 17.01
C VAL B 99 -18.65 58.05 16.04
N PRO B 100 -18.03 59.09 15.49
CA PRO B 100 -18.69 60.00 14.54
C PRO B 100 -19.29 59.24 13.36
N VAL B 101 -20.57 59.47 13.07
CA VAL B 101 -21.24 58.82 11.95
C VAL B 101 -21.93 59.83 11.02
N GLY B 102 -21.79 59.63 9.71
CA GLY B 102 -22.38 60.53 8.73
C GLY B 102 -21.81 60.33 7.34
N PRO B 103 -22.26 61.16 6.39
CA PRO B 103 -21.84 61.06 4.99
C PRO B 103 -20.45 61.67 4.78
N GLY B 104 -20.00 62.46 5.75
CA GLY B 104 -18.73 63.15 5.65
C GLY B 104 -17.52 62.26 5.84
N LEU B 105 -17.78 61.01 6.20
CA LEU B 105 -16.71 60.04 6.43
C LEU B 105 -16.26 59.46 5.09
N LEU B 106 -17.11 59.59 4.08
CA LEU B 106 -16.80 59.10 2.75
C LEU B 106 -15.47 59.67 2.25
N GLY B 107 -14.60 58.80 1.75
CA GLY B 107 -13.31 59.20 1.22
C GLY B 107 -12.28 59.50 2.29
N ARG B 108 -12.66 59.26 3.55
CA ARG B 108 -11.80 59.58 4.69
C ARG B 108 -11.41 58.34 5.48
N VAL B 109 -10.15 58.29 5.92
CA VAL B 109 -9.61 57.17 6.67
C VAL B 109 -9.46 57.48 8.16
N VAL B 110 -10.19 56.75 9.00
CA VAL B 110 -10.16 56.95 10.45
C VAL B 110 -9.72 55.70 11.19
N ASP B 111 -9.60 55.81 12.51
CA ASP B 111 -9.23 54.67 13.35
C ASP B 111 -10.43 54.12 14.09
N ALA B 112 -10.17 53.45 15.21
CA ALA B 112 -11.23 52.84 16.02
C ALA B 112 -12.06 53.87 16.77
N LEU B 113 -11.47 55.03 17.05
CA LEU B 113 -12.15 56.10 17.77
C LEU B 113 -12.96 57.00 16.83
N GLY B 114 -12.61 56.97 15.55
CA GLY B 114 -13.30 57.80 14.57
C GLY B 114 -12.53 59.05 14.20
N ASN B 115 -11.33 59.18 14.77
CA ASN B 115 -10.46 60.31 14.45
C ASN B 115 -9.73 60.10 13.12
N PRO B 116 -9.48 61.19 12.39
CA PRO B 116 -8.82 61.10 11.08
C PRO B 116 -7.38 60.67 11.26
N ILE B 117 -6.89 59.85 10.35
CA ILE B 117 -5.50 59.41 10.42
C ILE B 117 -4.81 59.68 9.09
N ASP B 118 -5.56 60.24 8.15
CA ASP B 118 -5.06 60.53 6.80
C ASP B 118 -4.49 61.94 6.69
N GLY B 119 -5.01 62.85 7.51
CA GLY B 119 -4.54 64.22 7.52
C GLY B 119 -5.19 65.12 6.48
N LYS B 120 -6.50 64.94 6.29
CA LYS B 120 -7.27 65.77 5.38
C LYS B 120 -8.24 66.65 6.16
N GLY B 121 -7.92 66.89 7.42
CA GLY B 121 -8.75 67.72 8.28
C GLY B 121 -9.84 66.91 8.97
N PRO B 122 -10.37 67.45 10.09
CA PRO B 122 -11.39 66.77 10.90
C PRO B 122 -12.59 66.24 10.11
N ILE B 123 -13.23 65.20 10.66
CA ILE B 123 -14.36 64.53 10.02
C ILE B 123 -15.68 65.27 10.22
N ASP B 124 -16.44 65.43 9.14
CA ASP B 124 -17.76 66.06 9.19
C ASP B 124 -18.85 65.03 9.53
N ALA B 125 -19.10 64.86 10.83
CA ALA B 125 -20.09 63.89 11.27
C ALA B 125 -21.44 64.55 11.52
N ALA B 126 -22.51 63.83 11.17
CA ALA B 126 -23.87 64.32 11.37
C ALA B 126 -24.35 64.00 12.77
N GLY B 127 -23.79 62.95 13.36
CA GLY B 127 -24.16 62.55 14.71
C GLY B 127 -23.19 61.58 15.34
N ARG B 128 -23.49 61.16 16.56
CA ARG B 128 -22.66 60.20 17.29
C ARG B 128 -23.51 59.01 17.74
N SER B 129 -23.01 57.80 17.50
CA SER B 129 -23.73 56.58 17.86
C SER B 129 -22.90 55.70 18.82
N ARG B 130 -23.58 54.99 19.72
CA ARG B 130 -22.92 54.08 20.65
C ARG B 130 -22.02 53.11 19.92
N ALA B 131 -20.96 52.65 20.57
CA ALA B 131 -20.10 51.66 19.95
C ALA B 131 -20.74 50.28 20.00
N GLN B 132 -21.64 50.08 20.96
CA GLN B 132 -22.29 48.80 21.15
C GLN B 132 -23.81 48.90 20.94
N VAL B 133 -24.25 48.66 19.71
CA VAL B 133 -25.67 48.74 19.40
C VAL B 133 -26.31 47.36 19.37
N LYS B 134 -27.59 47.29 19.73
CA LYS B 134 -28.32 46.03 19.65
C LYS B 134 -28.96 45.84 18.27
N ALA B 135 -28.94 44.60 17.80
CA ALA B 135 -29.48 44.27 16.49
C ALA B 135 -30.97 44.57 16.43
N PRO B 136 -31.47 44.94 15.23
CA PRO B 136 -32.90 45.19 15.07
C PRO B 136 -33.73 43.98 15.46
N GLY B 137 -34.91 44.24 16.04
CA GLY B 137 -35.81 43.19 16.45
C GLY B 137 -36.24 42.31 15.30
N ILE B 138 -37.07 41.32 15.59
CA ILE B 138 -37.50 40.37 14.58
C ILE B 138 -38.59 40.95 13.70
N LEU B 139 -39.40 41.83 14.26
CA LEU B 139 -40.52 42.40 13.53
C LEU B 139 -40.11 43.44 12.48
N PRO B 140 -39.18 44.33 12.84
CA PRO B 140 -38.68 45.35 11.91
C PRO B 140 -37.67 44.80 10.91
N ARG B 141 -37.99 43.68 10.26
CA ARG B 141 -37.09 43.06 9.28
C ARG B 141 -37.84 42.46 8.11
N ARG B 142 -37.11 42.21 7.03
CA ARG B 142 -37.67 41.57 5.84
C ARG B 142 -36.62 40.69 5.18
N SER B 143 -37.05 39.61 4.55
CA SER B 143 -36.14 38.74 3.82
C SER B 143 -35.42 39.49 2.70
N VAL B 144 -34.14 39.18 2.50
CA VAL B 144 -33.37 39.83 1.45
C VAL B 144 -33.90 39.43 0.08
N HIS B 145 -33.84 40.36 -0.87
CA HIS B 145 -34.35 40.11 -2.20
C HIS B 145 -33.68 41.03 -3.21
N GLU B 146 -32.65 41.73 -2.76
CA GLU B 146 -31.95 42.67 -3.64
C GLU B 146 -30.56 42.16 -3.99
N PRO B 147 -30.39 41.72 -5.24
CA PRO B 147 -29.09 41.21 -5.72
C PRO B 147 -27.96 42.22 -5.55
N VAL B 148 -26.75 41.72 -5.27
CA VAL B 148 -25.58 42.56 -5.09
C VAL B 148 -24.42 42.09 -5.97
N GLN B 149 -24.42 42.53 -7.24
CA GLN B 149 -23.40 42.09 -8.19
C GLN B 149 -21.98 42.31 -7.68
N THR B 150 -21.24 41.21 -7.55
CA THR B 150 -19.87 41.27 -7.07
C THR B 150 -18.88 41.41 -8.21
N GLY B 151 -19.35 41.21 -9.43
CA GLY B 151 -18.50 41.28 -10.60
C GLY B 151 -17.92 39.91 -10.95
N LEU B 152 -17.92 39.01 -9.97
CA LEU B 152 -17.39 37.67 -10.17
C LEU B 152 -18.46 36.70 -10.68
N LYS B 153 -18.16 35.97 -11.74
CA LYS B 153 -19.13 35.07 -12.34
C LYS B 153 -19.39 33.86 -11.44
N ALA B 154 -18.31 33.17 -11.08
CA ALA B 154 -18.42 31.99 -10.23
C ALA B 154 -19.13 32.29 -8.92
N VAL B 155 -19.10 33.55 -8.50
CA VAL B 155 -19.74 33.97 -7.26
C VAL B 155 -21.24 34.21 -7.42
N ASP B 156 -21.59 35.16 -8.28
CA ASP B 156 -22.98 35.56 -8.49
C ASP B 156 -23.77 34.52 -9.27
N ALA B 157 -23.25 33.30 -9.30
CA ALA B 157 -23.88 32.18 -9.98
C ALA B 157 -24.15 31.04 -9.00
N LEU B 158 -23.14 30.75 -8.18
CA LEU B 158 -23.23 29.67 -7.20
C LEU B 158 -23.69 30.17 -5.84
N VAL B 159 -23.07 31.24 -5.35
CA VAL B 159 -23.40 31.79 -4.05
C VAL B 159 -23.52 33.31 -4.08
N PRO B 160 -24.61 33.80 -4.67
CA PRO B 160 -24.81 35.25 -4.82
C PRO B 160 -25.06 35.93 -3.49
N ILE B 161 -24.77 37.22 -3.43
CA ILE B 161 -24.98 37.99 -2.21
C ILE B 161 -26.06 39.04 -2.43
N GLY B 162 -26.93 39.20 -1.43
CA GLY B 162 -28.00 40.18 -1.51
C GLY B 162 -27.92 41.24 -0.42
N ARG B 163 -28.61 42.36 -0.65
CA ARG B 163 -28.63 43.45 0.31
C ARG B 163 -29.24 42.99 1.64
N GLY B 164 -28.40 42.81 2.63
CA GLY B 164 -28.84 42.37 3.95
C GLY B 164 -28.35 40.97 4.29
N GLN B 165 -27.57 40.37 3.40
CA GLN B 165 -27.05 39.03 3.61
C GLN B 165 -25.71 39.11 4.32
N ARG B 166 -25.28 38.01 4.94
CA ARG B 166 -24.00 37.97 5.62
C ARG B 166 -23.13 36.85 5.06
N GLU B 167 -22.42 37.15 3.98
CA GLU B 167 -21.62 36.15 3.29
C GLU B 167 -20.21 36.08 3.84
N LEU B 168 -19.82 34.91 4.33
CA LEU B 168 -18.50 34.69 4.90
C LEU B 168 -17.47 34.44 3.81
N ILE B 169 -16.24 34.90 4.04
CA ILE B 169 -15.16 34.66 3.11
C ILE B 169 -14.02 33.90 3.81
N ILE B 170 -14.17 32.59 3.93
CA ILE B 170 -13.19 31.75 4.61
C ILE B 170 -12.15 31.20 3.63
N GLY B 171 -10.91 31.11 4.08
CA GLY B 171 -9.83 30.59 3.25
C GLY B 171 -8.48 30.74 3.93
N ASP B 172 -7.47 30.05 3.41
CA ASP B 172 -6.14 30.09 4.01
C ASP B 172 -5.35 31.31 3.56
N ARG B 173 -4.12 31.40 4.04
CA ARG B 173 -3.28 32.55 3.71
C ARG B 173 -3.10 32.66 2.21
N GLN B 174 -3.18 33.89 1.70
CA GLN B 174 -2.99 34.13 0.27
C GLN B 174 -3.83 33.18 -0.58
N THR B 175 -5.15 33.31 -0.50
CA THR B 175 -6.05 32.47 -1.28
C THR B 175 -7.02 33.31 -2.11
N GLY B 176 -7.05 34.61 -1.85
CA GLY B 176 -7.94 35.52 -2.55
C GLY B 176 -9.22 35.79 -1.80
N LYS B 177 -9.09 36.04 -0.49
CA LYS B 177 -10.24 36.29 0.37
C LYS B 177 -10.74 37.71 0.23
N THR B 178 -9.79 38.63 0.16
CA THR B 178 -10.09 40.05 0.02
C THR B 178 -10.28 40.39 -1.44
N ALA B 179 -9.68 39.57 -2.31
CA ALA B 179 -9.77 39.76 -3.75
C ALA B 179 -11.21 39.66 -4.24
N VAL B 180 -12.04 38.95 -3.49
CA VAL B 180 -13.46 38.83 -3.80
C VAL B 180 -14.24 40.02 -3.22
N ALA B 181 -13.82 40.51 -2.06
CA ALA B 181 -14.47 41.65 -1.45
C ALA B 181 -14.06 42.96 -2.13
N LEU B 182 -12.79 43.06 -2.49
CA LEU B 182 -12.25 44.24 -3.15
C LEU B 182 -12.87 44.52 -4.53
N ASP B 183 -12.96 43.49 -5.37
CA ASP B 183 -13.57 43.61 -6.69
C ASP B 183 -15.05 44.03 -6.60
N THR B 184 -15.71 43.63 -5.51
CA THR B 184 -17.12 43.96 -5.28
C THR B 184 -17.28 45.46 -5.16
N ILE B 185 -16.35 46.08 -4.44
CA ILE B 185 -16.38 47.51 -4.22
C ILE B 185 -16.20 48.27 -5.53
N LEU B 186 -15.27 47.80 -6.35
CA LEU B 186 -14.96 48.47 -7.61
C LEU B 186 -16.09 48.33 -8.64
N ASN B 187 -16.88 47.28 -8.49
CA ASN B 187 -18.00 47.01 -9.38
C ASN B 187 -19.23 47.86 -9.04
N GLN B 188 -19.26 48.36 -7.80
CA GLN B 188 -20.37 49.20 -7.34
C GLN B 188 -20.33 50.58 -8.00
N LYS B 189 -19.17 50.96 -8.49
CA LYS B 189 -18.97 52.24 -9.17
C LYS B 189 -19.98 52.43 -10.32
N ARG B 190 -20.45 51.31 -10.88
CA ARG B 190 -21.42 51.34 -11.98
C ARG B 190 -22.77 51.92 -11.57
N TRP B 191 -23.06 51.94 -10.26
CA TRP B 191 -24.33 52.47 -9.77
C TRP B 191 -24.15 53.65 -8.83
N ASN B 192 -22.96 53.79 -8.25
CA ASN B 192 -22.69 54.90 -7.36
C ASN B 192 -22.62 56.23 -8.11
N ASN B 193 -22.25 56.16 -9.39
CA ASN B 193 -22.16 57.34 -10.24
C ASN B 193 -23.48 57.69 -10.93
N GLY B 194 -24.50 56.87 -10.69
CA GLY B 194 -25.82 57.11 -11.22
C GLY B 194 -26.60 58.16 -10.44
N SER B 195 -27.78 58.50 -10.94
CA SER B 195 -28.65 59.50 -10.33
C SER B 195 -29.48 58.88 -9.21
N ASP B 196 -29.96 57.66 -9.44
CA ASP B 196 -30.81 56.99 -8.47
C ASP B 196 -30.05 56.58 -7.20
N GLU B 197 -30.76 56.51 -6.09
CA GLU B 197 -30.15 56.24 -4.79
C GLU B 197 -30.25 54.76 -4.40
N SER B 198 -31.44 54.20 -4.51
CA SER B 198 -31.65 52.80 -4.17
C SER B 198 -30.71 51.85 -4.93
N LYS B 199 -30.09 52.34 -6.01
CA LYS B 199 -29.15 51.53 -6.80
C LYS B 199 -27.72 51.62 -6.25
N LYS B 200 -27.37 52.77 -5.66
CA LYS B 200 -26.04 52.96 -5.10
C LYS B 200 -25.86 52.10 -3.85
N LEU B 201 -24.62 51.65 -3.63
CA LEU B 201 -24.30 50.81 -2.48
C LEU B 201 -22.98 51.24 -1.85
N TYR B 202 -23.08 51.99 -0.75
CA TYR B 202 -21.90 52.49 -0.06
C TYR B 202 -21.05 51.35 0.47
N CYS B 203 -19.76 51.62 0.65
CA CYS B 203 -18.84 50.60 1.09
C CYS B 203 -18.08 51.04 2.33
N VAL B 204 -17.89 50.12 3.28
CA VAL B 204 -17.10 50.41 4.48
C VAL B 204 -16.13 49.28 4.83
N TYR B 205 -14.88 49.43 4.41
CA TYR B 205 -13.85 48.44 4.66
C TYR B 205 -13.30 48.54 6.08
N VAL B 206 -13.08 47.40 6.70
CA VAL B 206 -12.52 47.33 8.05
C VAL B 206 -11.23 46.52 8.06
N ALA B 207 -10.14 47.16 8.44
CA ALA B 207 -8.85 46.50 8.52
C ALA B 207 -8.41 46.39 9.96
N VAL B 208 -8.24 45.16 10.44
CA VAL B 208 -7.83 44.92 11.82
C VAL B 208 -6.69 43.90 11.89
N GLY B 209 -5.64 44.24 12.62
CA GLY B 209 -4.50 43.36 12.76
C GLY B 209 -3.61 43.30 11.52
N GLN B 210 -3.79 44.26 10.61
CA GLN B 210 -3.03 44.29 9.37
C GLN B 210 -1.86 45.26 9.46
N LYS B 211 -1.03 45.25 8.42
CA LYS B 211 0.14 46.13 8.38
C LYS B 211 -0.21 47.53 7.90
N ARG B 212 0.65 48.48 8.21
CA ARG B 212 0.48 49.86 7.77
C ARG B 212 0.54 49.94 6.25
N SER B 213 1.61 49.39 5.68
CA SER B 213 1.79 49.38 4.24
C SER B 213 0.64 48.67 3.53
N THR B 214 0.23 47.52 4.08
CA THR B 214 -0.84 46.71 3.50
C THR B 214 -2.14 47.48 3.30
N VAL B 215 -2.45 48.35 4.26
CA VAL B 215 -3.66 49.18 4.19
C VAL B 215 -3.43 50.40 3.29
N ALA B 216 -2.26 51.02 3.44
CA ALA B 216 -1.93 52.21 2.65
C ALA B 216 -1.98 51.92 1.15
N GLN B 217 -1.35 50.82 0.74
CA GLN B 217 -1.37 50.40 -0.66
C GLN B 217 -2.78 50.00 -1.09
N LEU B 218 -3.56 49.48 -0.15
CA LEU B 218 -4.95 49.08 -0.41
C LEU B 218 -5.79 50.32 -0.73
N VAL B 219 -5.54 51.38 0.01
CA VAL B 219 -6.23 52.65 -0.22
C VAL B 219 -5.87 53.24 -1.59
N GLN B 220 -4.58 53.22 -1.91
CA GLN B 220 -4.07 53.72 -3.19
C GLN B 220 -4.77 53.09 -4.40
N THR B 221 -5.01 51.78 -4.34
CA THR B 221 -5.69 51.06 -5.42
C THR B 221 -7.11 51.57 -5.60
N LEU B 222 -7.73 51.94 -4.47
CA LEU B 222 -9.09 52.49 -4.48
C LEU B 222 -9.14 53.85 -5.18
N GLU B 223 -8.13 54.67 -4.93
CA GLU B 223 -8.01 55.98 -5.57
C GLU B 223 -7.74 55.89 -7.07
N GLN B 224 -6.93 54.91 -7.47
CA GLN B 224 -6.65 54.67 -8.88
C GLN B 224 -7.94 54.28 -9.62
N HIS B 225 -8.77 53.48 -8.98
CA HIS B 225 -10.03 53.06 -9.58
C HIS B 225 -11.16 54.03 -9.25
N ASP B 226 -10.82 55.09 -8.53
CA ASP B 226 -11.78 56.12 -8.15
C ASP B 226 -12.98 55.48 -7.44
N ALA B 227 -12.70 54.75 -6.38
CA ALA B 227 -13.73 54.05 -5.63
C ALA B 227 -13.72 54.51 -4.18
N MET B 228 -12.74 55.33 -3.84
CA MET B 228 -12.59 55.85 -2.49
C MET B 228 -13.64 56.91 -2.17
N LYS B 229 -14.18 57.54 -3.22
CA LYS B 229 -15.21 58.55 -3.06
C LYS B 229 -16.43 58.00 -2.32
N TYR B 230 -16.76 56.74 -2.54
CA TYR B 230 -17.93 56.13 -1.91
C TYR B 230 -17.56 55.04 -0.90
N SER B 231 -16.39 55.18 -0.29
CA SER B 231 -15.91 54.18 0.64
C SER B 231 -15.31 54.80 1.90
N ILE B 232 -15.55 54.15 3.04
CA ILE B 232 -15.01 54.61 4.32
C ILE B 232 -14.03 53.59 4.88
N ILE B 233 -12.91 54.08 5.39
CA ILE B 233 -11.87 53.19 5.90
C ILE B 233 -11.67 53.35 7.40
N VAL B 234 -11.72 52.22 8.11
CA VAL B 234 -11.49 52.21 9.55
C VAL B 234 -10.26 51.38 9.88
N ALA B 235 -9.34 51.95 10.65
CA ALA B 235 -8.05 51.32 10.89
C ALA B 235 -7.86 50.77 12.30
N ALA B 236 -7.27 49.59 12.38
CA ALA B 236 -6.92 48.97 13.64
C ALA B 236 -5.65 48.15 13.47
N THR B 237 -4.56 48.81 13.12
CA THR B 237 -3.28 48.15 12.86
C THR B 237 -2.85 47.26 14.02
N ALA B 238 -1.93 46.33 13.75
CA ALA B 238 -1.43 45.42 14.77
C ALA B 238 -0.63 46.16 15.84
N SER B 239 0.11 47.18 15.41
CA SER B 239 0.87 48.02 16.33
C SER B 239 -0.04 48.64 17.40
N GLU B 240 -1.23 49.05 17.00
CA GLU B 240 -2.22 49.58 17.91
C GLU B 240 -2.59 48.56 18.98
N ALA B 241 -2.97 49.03 20.16
CA ALA B 241 -3.32 48.14 21.27
C ALA B 241 -4.45 47.20 20.90
N ALA B 242 -4.44 46.02 21.50
CA ALA B 242 -5.42 44.98 21.21
C ALA B 242 -6.87 45.48 21.22
N PRO B 243 -7.26 46.16 22.30
CA PRO B 243 -8.63 46.66 22.44
C PRO B 243 -9.10 47.48 21.24
N LEU B 244 -8.21 48.28 20.67
CA LEU B 244 -8.56 49.05 19.48
C LEU B 244 -9.07 48.09 18.40
N GLN B 245 -8.33 47.01 18.21
CA GLN B 245 -8.71 45.99 17.23
C GLN B 245 -10.01 45.31 17.64
N TYR B 246 -10.33 45.39 18.93
CA TYR B 246 -11.53 44.77 19.47
C TYR B 246 -12.75 45.64 19.21
N LEU B 247 -12.57 46.95 19.37
CA LEU B 247 -13.67 47.90 19.20
C LEU B 247 -13.81 48.39 17.76
N ALA B 248 -12.79 48.16 16.95
CA ALA B 248 -12.78 48.60 15.56
C ALA B 248 -13.96 48.07 14.75
N PRO B 249 -14.27 46.77 14.89
CA PRO B 249 -15.37 46.21 14.10
C PRO B 249 -16.71 46.81 14.52
N PHE B 250 -16.92 46.94 15.83
CA PHE B 250 -18.19 47.44 16.35
C PHE B 250 -18.48 48.87 15.94
N THR B 251 -17.50 49.75 16.13
CA THR B 251 -17.62 51.14 15.73
C THR B 251 -17.82 51.27 14.21
N ALA B 252 -16.93 50.65 13.45
CA ALA B 252 -17.04 50.66 11.98
C ALA B 252 -18.44 50.22 11.55
N ALA B 253 -19.04 49.33 12.33
CA ALA B 253 -20.39 48.87 12.04
C ALA B 253 -21.39 50.01 12.13
N SER B 254 -21.28 50.81 13.19
CA SER B 254 -22.22 51.90 13.39
C SER B 254 -22.11 52.95 12.29
N ILE B 255 -20.94 53.05 11.68
CA ILE B 255 -20.73 53.98 10.58
C ILE B 255 -21.64 53.65 9.40
N GLY B 256 -21.83 52.37 9.14
CA GLY B 256 -22.64 51.93 8.02
C GLY B 256 -24.11 51.77 8.36
N GLU B 257 -24.40 51.60 9.65
CA GLU B 257 -25.78 51.46 10.11
C GLU B 257 -26.57 52.72 9.82
N TRP B 258 -25.85 53.83 9.78
CA TRP B 258 -26.45 55.11 9.48
C TRP B 258 -27.16 55.05 8.13
N PHE B 259 -26.44 54.65 7.09
CA PHE B 259 -27.01 54.54 5.75
C PHE B 259 -28.27 53.68 5.72
N ARG B 260 -28.30 52.65 6.56
CA ARG B 260 -29.41 51.69 6.61
C ARG B 260 -30.70 52.37 7.08
N ASP B 261 -30.61 53.09 8.18
CA ASP B 261 -31.76 53.75 8.78
C ASP B 261 -32.30 54.89 7.93
N ASN B 262 -31.43 55.47 7.12
CA ASN B 262 -31.82 56.54 6.19
C ASN B 262 -32.44 56.01 4.90
N GLY B 263 -32.61 54.70 4.83
CA GLY B 263 -33.20 54.08 3.66
C GLY B 263 -32.17 53.77 2.58
N LYS B 264 -30.91 53.97 2.91
CA LYS B 264 -29.82 53.70 1.98
C LYS B 264 -29.24 52.30 2.23
N HIS B 265 -28.38 51.86 1.32
CA HIS B 265 -27.76 50.56 1.43
C HIS B 265 -26.26 50.71 1.63
N ALA B 266 -25.71 49.94 2.57
CA ALA B 266 -24.29 49.99 2.88
C ALA B 266 -23.69 48.59 2.81
N LEU B 267 -22.37 48.53 2.75
CA LEU B 267 -21.67 47.25 2.63
C LEU B 267 -20.38 47.31 3.42
N ILE B 268 -20.32 46.55 4.52
CA ILE B 268 -19.14 46.54 5.37
C ILE B 268 -18.39 45.21 5.29
N VAL B 269 -17.07 45.28 5.23
CA VAL B 269 -16.24 44.08 5.12
C VAL B 269 -15.19 44.01 6.23
N TYR B 270 -15.26 42.96 7.04
CA TYR B 270 -14.28 42.77 8.12
C TYR B 270 -13.10 41.93 7.63
N ASP B 271 -11.90 42.48 7.80
CA ASP B 271 -10.69 41.80 7.37
C ASP B 271 -9.57 42.01 8.38
N ASP B 272 -9.49 41.13 9.37
CA ASP B 272 -10.37 39.98 9.46
C ASP B 272 -10.83 39.74 10.90
N LEU B 273 -11.97 39.07 11.06
CA LEU B 273 -12.52 38.81 12.39
C LEU B 273 -11.72 37.78 13.17
N SER B 274 -11.03 36.89 12.47
CA SER B 274 -10.27 35.85 13.15
C SER B 274 -9.15 36.44 14.01
N LYS B 275 -8.49 37.49 13.53
CA LYS B 275 -7.46 38.17 14.31
C LYS B 275 -8.05 38.85 15.54
N GLN B 276 -9.20 39.52 15.37
CA GLN B 276 -9.89 40.15 16.49
C GLN B 276 -9.99 39.20 17.67
N ALA B 277 -10.65 38.06 17.47
CA ALA B 277 -10.83 37.09 18.55
C ALA B 277 -9.49 36.82 19.24
N VAL B 278 -8.42 36.81 18.47
CA VAL B 278 -7.08 36.61 19.03
C VAL B 278 -6.70 37.79 19.91
N ALA B 279 -6.98 39.00 19.42
CA ALA B 279 -6.72 40.21 20.19
C ALA B 279 -7.59 40.23 21.46
N TYR B 280 -8.82 39.76 21.35
CA TYR B 280 -9.74 39.75 22.48
C TYR B 280 -9.39 38.67 23.50
N ARG B 281 -8.96 37.51 23.00
CA ARG B 281 -8.56 36.43 23.90
C ARG B 281 -7.40 36.92 24.77
N GLN B 282 -6.68 37.92 24.26
CA GLN B 282 -5.58 38.53 25.01
C GLN B 282 -6.12 39.18 26.27
N LEU B 283 -6.94 40.22 26.12
CA LEU B 283 -7.59 40.87 27.24
C LEU B 283 -8.37 39.85 28.05
N SER B 284 -8.87 38.83 27.38
CA SER B 284 -9.63 37.77 28.04
C SER B 284 -8.76 37.00 29.00
N LEU B 285 -7.55 36.64 28.55
CA LEU B 285 -6.62 35.88 29.38
C LEU B 285 -5.94 36.75 30.43
N LEU B 286 -5.66 38.00 30.09
CA LEU B 286 -5.04 38.94 31.01
C LEU B 286 -5.93 39.19 32.22
N LEU B 287 -7.23 39.32 31.98
CA LEU B 287 -8.19 39.53 33.06
C LEU B 287 -8.49 38.24 33.81
N ARG B 288 -7.67 37.22 33.59
CA ARG B 288 -7.85 35.91 34.22
C ARG B 288 -9.23 35.31 34.00
N ARG B 289 -9.43 34.76 32.81
CA ARG B 289 -10.68 34.08 32.47
C ARG B 289 -10.41 32.65 32.02
N PRO B 290 -11.12 31.68 32.62
CA PRO B 290 -10.97 30.26 32.31
C PRO B 290 -10.84 30.01 30.81
N PRO B 291 -9.73 29.41 30.38
CA PRO B 291 -9.49 29.15 28.96
C PRO B 291 -10.48 28.15 28.40
N GLY B 292 -10.85 28.32 27.12
CA GLY B 292 -11.71 27.36 26.45
C GLY B 292 -10.94 26.61 25.38
N ARG B 293 -11.65 26.17 24.34
CA ARG B 293 -11.02 25.51 23.21
C ARG B 293 -10.02 26.46 22.54
N GLU B 294 -8.84 25.95 22.22
CA GLU B 294 -7.80 26.75 21.56
C GLU B 294 -7.50 28.06 22.32
N ALA B 295 -7.72 28.03 23.64
CA ALA B 295 -7.42 29.17 24.52
C ALA B 295 -8.34 30.36 24.30
N TYR B 296 -9.43 30.14 23.59
CA TYR B 296 -10.44 31.17 23.38
C TYR B 296 -11.48 31.05 24.50
N PRO B 297 -11.92 32.20 25.04
CA PRO B 297 -12.93 32.28 26.10
C PRO B 297 -14.30 31.80 25.60
N GLY B 298 -15.15 31.33 26.51
CA GLY B 298 -16.46 30.82 26.14
C GLY B 298 -17.38 31.83 25.50
N ASP B 299 -17.15 33.12 25.78
CA ASP B 299 -17.97 34.19 25.24
C ASP B 299 -17.47 34.71 23.88
N VAL B 300 -16.59 33.94 23.25
CA VAL B 300 -16.04 34.33 21.94
C VAL B 300 -17.14 34.34 20.88
N PHE B 301 -18.15 33.50 21.08
CA PHE B 301 -19.27 33.41 20.16
C PHE B 301 -20.10 34.69 20.17
N TYR B 302 -20.40 35.20 21.36
CA TYR B 302 -21.17 36.42 21.53
C TYR B 302 -20.42 37.61 20.91
N LEU B 303 -19.12 37.45 20.71
CA LEU B 303 -18.34 38.49 20.08
C LEU B 303 -18.84 38.70 18.66
N HIS B 304 -18.54 37.74 17.78
CA HIS B 304 -18.91 37.86 16.38
C HIS B 304 -20.43 37.86 16.19
N SER B 305 -21.14 37.27 17.16
CA SER B 305 -22.59 37.20 17.11
C SER B 305 -23.20 38.59 17.09
N ARG B 306 -22.97 39.32 18.18
CA ARG B 306 -23.49 40.67 18.33
C ARG B 306 -23.12 41.59 17.17
N LEU B 307 -22.03 41.27 16.47
CA LEU B 307 -21.54 42.12 15.39
C LEU B 307 -22.26 41.86 14.07
N LEU B 308 -22.43 40.60 13.74
CA LEU B 308 -23.05 40.22 12.48
C LEU B 308 -24.56 40.48 12.48
N GLU B 309 -25.20 40.23 13.62
CA GLU B 309 -26.65 40.41 13.72
C GLU B 309 -27.06 41.81 13.26
N ARG B 310 -26.17 42.78 13.42
CA ARG B 310 -26.46 44.16 13.06
C ARG B 310 -26.39 44.38 11.55
N ALA B 311 -26.47 43.31 10.79
CA ALA B 311 -26.47 43.40 9.34
C ALA B 311 -27.66 42.64 8.77
N ALA B 312 -28.70 43.37 8.39
CA ALA B 312 -29.87 42.74 7.77
C ALA B 312 -30.66 43.74 6.94
N LYS B 313 -31.82 43.30 6.47
CA LYS B 313 -32.71 44.14 5.68
C LYS B 313 -33.91 44.58 6.53
N LEU B 314 -34.05 45.90 6.72
CA LEU B 314 -35.16 46.44 7.49
C LEU B 314 -36.46 46.39 6.70
N SER B 315 -37.59 46.52 7.38
CA SER B 315 -38.88 46.57 6.72
C SER B 315 -39.05 47.89 5.97
N GLU B 316 -40.15 48.02 5.22
CA GLU B 316 -40.41 49.24 4.48
C GLU B 316 -40.73 50.39 5.41
N LYS B 317 -41.31 50.06 6.57
CA LYS B 317 -41.64 51.09 7.54
C LYS B 317 -40.38 51.74 8.11
N GLU B 318 -39.30 50.97 8.20
CA GLU B 318 -38.05 51.46 8.77
C GLU B 318 -37.33 52.40 7.82
N GLY B 319 -37.43 52.10 6.52
CA GLY B 319 -36.79 52.91 5.50
C GLY B 319 -36.30 52.05 4.36
N SER B 320 -36.57 50.75 4.44
CA SER B 320 -36.18 49.81 3.40
C SER B 320 -34.66 49.82 3.19
N GLY B 321 -33.93 50.18 4.24
CA GLY B 321 -32.48 50.19 4.19
C GLY B 321 -31.89 48.85 4.58
N SER B 322 -30.63 48.63 4.21
CA SER B 322 -29.98 47.37 4.52
C SER B 322 -28.50 47.55 4.83
N LEU B 323 -27.88 46.49 5.36
CA LEU B 323 -26.47 46.49 5.65
C LEU B 323 -25.84 45.13 5.39
N THR B 324 -25.24 44.96 4.22
CA THR B 324 -24.58 43.71 3.86
C THR B 324 -23.20 43.63 4.48
N ALA B 325 -22.89 42.49 5.09
CA ALA B 325 -21.59 42.28 5.75
C ALA B 325 -20.79 41.16 5.10
N LEU B 326 -19.47 41.36 5.00
CA LEU B 326 -18.58 40.35 4.45
C LEU B 326 -17.41 40.09 5.38
N PRO B 327 -17.65 39.29 6.44
CA PRO B 327 -16.62 38.90 7.42
C PRO B 327 -15.58 38.00 6.77
N VAL B 328 -14.34 38.07 7.22
CA VAL B 328 -13.28 37.24 6.66
C VAL B 328 -12.59 36.42 7.73
N ILE B 329 -12.41 35.12 7.45
CA ILE B 329 -11.76 34.23 8.41
C ILE B 329 -10.60 33.49 7.76
N GLU B 330 -9.46 33.49 8.43
CA GLU B 330 -8.28 32.78 7.94
C GLU B 330 -8.06 31.46 8.67
N THR B 331 -8.09 30.35 7.93
CA THR B 331 -7.92 29.02 8.51
C THR B 331 -6.49 28.51 8.32
N GLN B 332 -6.20 27.32 8.87
CA GLN B 332 -4.87 26.73 8.75
C GLN B 332 -4.89 25.34 8.10
N GLY B 333 -4.24 25.23 6.95
CA GLY B 333 -4.14 23.97 6.25
C GLY B 333 -5.47 23.50 5.68
N GLY B 334 -6.34 24.46 5.37
CA GLY B 334 -7.66 24.16 4.84
C GLY B 334 -8.51 23.43 5.87
N ASP B 335 -8.49 23.93 7.11
CA ASP B 335 -9.26 23.34 8.19
C ASP B 335 -10.47 24.21 8.54
N VAL B 336 -11.61 23.86 7.97
CA VAL B 336 -12.86 24.56 8.22
C VAL B 336 -13.53 23.98 9.46
N SER B 337 -12.91 22.94 10.02
CA SER B 337 -13.43 22.28 11.20
C SER B 337 -12.93 22.95 12.47
N ALA B 338 -12.08 23.97 12.32
CA ALA B 338 -11.53 24.70 13.46
C ALA B 338 -12.63 25.34 14.29
N TYR B 339 -12.26 25.93 15.42
CA TYR B 339 -13.23 26.53 16.34
C TYR B 339 -13.77 27.87 15.81
N ILE B 340 -12.90 28.86 15.76
CA ILE B 340 -13.26 30.19 15.25
C ILE B 340 -14.08 30.08 13.96
N PRO B 341 -13.56 29.34 12.96
CA PRO B 341 -14.29 29.21 11.70
C PRO B 341 -15.73 28.73 11.90
N THR B 342 -15.92 27.60 12.57
CA THR B 342 -17.28 27.07 12.74
C THR B 342 -18.20 28.06 13.45
N ASN B 343 -17.67 28.76 14.43
CA ASN B 343 -18.47 29.74 15.15
C ASN B 343 -19.04 30.79 14.21
N VAL B 344 -18.24 31.21 13.22
CA VAL B 344 -18.69 32.20 12.27
C VAL B 344 -19.71 31.62 11.30
N ILE B 345 -19.45 30.40 10.85
CA ILE B 345 -20.33 29.72 9.89
C ILE B 345 -21.73 29.50 10.47
N SER B 346 -21.82 29.44 11.80
CA SER B 346 -23.10 29.23 12.46
C SER B 346 -23.81 30.55 12.68
N ILE B 347 -23.30 31.59 12.03
CA ILE B 347 -23.90 32.91 12.10
C ILE B 347 -24.14 33.48 10.71
N THR B 348 -23.13 33.41 9.85
CA THR B 348 -23.24 33.93 8.49
C THR B 348 -24.24 33.13 7.66
N ASP B 349 -24.71 33.74 6.57
CA ASP B 349 -25.71 33.13 5.70
C ASP B 349 -25.07 32.49 4.46
N GLY B 350 -23.96 31.79 4.66
CA GLY B 350 -23.26 31.13 3.59
C GLY B 350 -21.78 31.45 3.57
N GLN B 351 -20.98 30.52 3.03
CA GLN B 351 -19.53 30.70 2.98
C GLN B 351 -18.97 30.50 1.58
N ILE B 352 -17.80 31.08 1.35
CA ILE B 352 -17.11 30.96 0.08
C ILE B 352 -15.69 30.52 0.36
N PHE B 353 -15.52 29.24 0.67
CA PHE B 353 -14.20 28.69 0.96
C PHE B 353 -13.25 28.86 -0.22
N LEU B 354 -11.98 29.10 0.08
CA LEU B 354 -10.95 29.25 -0.95
C LEU B 354 -9.78 28.31 -0.73
N GLU B 355 -9.87 27.10 -1.27
CA GLU B 355 -8.84 26.09 -1.12
C GLU B 355 -7.55 26.54 -1.78
N ALA B 356 -6.42 26.24 -1.17
CA ALA B 356 -5.13 26.67 -1.73
C ALA B 356 -4.78 25.87 -2.97
N GLU B 357 -5.10 24.58 -2.96
CA GLU B 357 -4.74 23.69 -4.06
C GLU B 357 -5.24 24.25 -5.38
N LEU B 358 -6.53 24.56 -5.43
CA LEU B 358 -7.13 25.10 -6.64
C LEU B 358 -6.50 26.44 -7.01
N PHE B 359 -5.97 27.14 -6.01
CA PHE B 359 -5.37 28.45 -6.24
C PHE B 359 -4.04 28.33 -6.96
N TYR B 360 -3.35 27.21 -6.76
CA TYR B 360 -2.06 27.01 -7.38
C TYR B 360 -2.18 26.42 -8.79
N LYS B 361 -3.26 25.67 -9.02
CA LYS B 361 -3.52 25.08 -10.34
C LYS B 361 -3.97 26.15 -11.34
N GLY B 362 -4.01 27.40 -10.90
CA GLY B 362 -4.44 28.50 -11.75
C GLY B 362 -5.90 28.85 -11.56
N ILE B 363 -6.69 27.86 -11.13
CA ILE B 363 -8.12 28.03 -10.90
C ILE B 363 -8.41 29.18 -9.92
N ARG B 364 -8.51 30.39 -10.46
CA ARG B 364 -8.72 31.58 -9.63
C ARG B 364 -9.92 32.40 -10.13
N PRO B 365 -10.79 32.82 -9.20
CA PRO B 365 -10.73 32.59 -7.76
C PRO B 365 -10.85 31.12 -7.41
N ALA B 366 -10.10 30.69 -6.40
CA ALA B 366 -10.08 29.29 -6.01
C ALA B 366 -11.32 28.89 -5.21
N ILE B 367 -12.49 29.26 -5.70
CA ILE B 367 -13.74 28.93 -5.03
C ILE B 367 -14.01 27.45 -5.05
N ASN B 368 -14.13 26.84 -3.87
CA ASN B 368 -14.44 25.43 -3.78
C ASN B 368 -15.95 25.23 -3.70
N VAL B 369 -16.57 24.90 -4.83
CA VAL B 369 -18.02 24.74 -4.89
C VAL B 369 -18.51 23.74 -3.85
N GLY B 370 -17.65 22.81 -3.45
CA GLY B 370 -17.99 21.80 -2.47
C GLY B 370 -18.42 22.36 -1.12
N LEU B 371 -17.69 23.37 -0.65
CA LEU B 371 -17.92 23.97 0.67
C LEU B 371 -18.61 25.33 0.60
N SER B 372 -18.57 25.95 -0.58
CA SER B 372 -19.27 27.21 -0.83
C SER B 372 -20.76 27.00 -0.59
N VAL B 373 -21.43 28.00 -0.06
CA VAL B 373 -22.86 27.89 0.22
C VAL B 373 -23.51 29.26 0.30
N SER B 374 -24.80 29.30 0.00
CA SER B 374 -25.55 30.55 0.02
C SER B 374 -26.93 30.25 0.59
N ARG B 375 -27.20 30.72 1.80
CA ARG B 375 -28.47 30.39 2.45
C ARG B 375 -29.63 31.23 1.94
N VAL B 376 -29.31 32.35 1.30
CA VAL B 376 -30.33 33.22 0.72
C VAL B 376 -29.83 33.85 -0.58
N GLY B 377 -29.52 33.00 -1.55
CA GLY B 377 -28.98 33.47 -2.80
C GLY B 377 -30.02 33.59 -3.89
N SER B 378 -30.62 32.46 -4.25
CA SER B 378 -31.64 32.44 -5.30
C SER B 378 -32.68 33.50 -5.00
N ALA B 379 -32.99 33.68 -3.72
CA ALA B 379 -33.93 34.70 -3.30
C ALA B 379 -33.45 36.10 -3.69
N ALA B 380 -32.14 36.29 -3.73
CA ALA B 380 -31.58 37.59 -4.08
C ALA B 380 -30.67 37.51 -5.31
N GLN B 381 -31.01 36.62 -6.23
CA GLN B 381 -30.26 36.45 -7.46
C GLN B 381 -31.14 36.81 -8.65
N VAL B 382 -30.53 37.31 -9.72
CA VAL B 382 -31.25 37.65 -10.94
C VAL B 382 -31.89 36.42 -11.57
N LYS B 383 -33.18 36.51 -11.89
CA LYS B 383 -33.91 35.39 -12.49
C LYS B 383 -33.26 34.92 -13.79
N ALA B 384 -32.56 35.82 -14.47
CA ALA B 384 -31.87 35.49 -15.70
C ALA B 384 -30.78 34.45 -15.46
N LEU B 385 -30.23 34.44 -14.24
CA LEU B 385 -29.19 33.49 -13.87
C LEU B 385 -29.79 32.23 -13.25
N LYS B 386 -30.94 32.37 -12.60
CA LYS B 386 -31.63 31.23 -12.00
C LYS B 386 -32.10 30.25 -13.08
N GLN B 387 -32.47 30.78 -14.24
CA GLN B 387 -32.94 29.94 -15.32
C GLN B 387 -31.79 29.21 -16.02
N VAL B 388 -30.80 29.97 -16.47
CA VAL B 388 -29.66 29.40 -17.20
C VAL B 388 -28.80 28.49 -16.33
N ALA B 389 -28.74 28.78 -15.03
CA ALA B 389 -27.97 27.96 -14.10
C ALA B 389 -28.90 27.18 -13.18
N GLY B 390 -29.22 25.95 -13.57
CA GLY B 390 -30.08 25.10 -12.78
C GLY B 390 -29.34 23.87 -12.29
N SER B 391 -29.35 23.66 -10.98
CA SER B 391 -28.68 22.51 -10.39
C SER B 391 -27.19 22.52 -10.73
N LEU B 392 -26.63 23.70 -10.94
CA LEU B 392 -25.22 23.80 -11.31
C LEU B 392 -24.33 23.56 -10.09
N LYS B 393 -24.82 23.99 -8.93
CA LYS B 393 -24.08 23.86 -7.70
C LYS B 393 -23.95 22.40 -7.28
N LEU B 394 -25.08 21.70 -7.22
CA LEU B 394 -25.09 20.29 -6.86
C LEU B 394 -24.28 19.44 -7.83
N PHE B 395 -24.35 19.78 -9.11
CA PHE B 395 -23.63 19.05 -10.15
C PHE B 395 -22.14 19.11 -9.85
N LEU B 396 -21.65 20.31 -9.60
CA LEU B 396 -20.24 20.51 -9.32
C LEU B 396 -19.83 19.76 -8.05
N ALA B 397 -20.74 19.76 -7.07
CA ALA B 397 -20.49 19.05 -5.82
C ALA B 397 -20.22 17.57 -6.11
N GLN B 398 -21.06 16.98 -6.96
CA GLN B 398 -20.92 15.58 -7.33
C GLN B 398 -19.79 15.42 -8.35
N TYR B 399 -19.41 16.51 -8.99
CA TYR B 399 -18.36 16.49 -9.98
C TYR B 399 -17.03 16.09 -9.36
N ARG B 400 -16.65 16.77 -8.28
CA ARG B 400 -15.38 16.49 -7.63
C ARG B 400 -15.30 15.07 -7.08
N GLU B 401 -16.46 14.50 -6.78
CA GLU B 401 -16.52 13.16 -6.21
C GLU B 401 -16.19 12.09 -7.25
N VAL B 402 -16.65 12.32 -8.48
CA VAL B 402 -16.40 11.39 -9.57
C VAL B 402 -15.09 11.72 -10.27
N ALA B 403 -14.71 13.00 -10.22
CA ALA B 403 -13.50 13.45 -10.88
C ALA B 403 -12.27 12.98 -10.10
N ALA B 404 -12.33 13.13 -8.78
CA ALA B 404 -11.25 12.70 -7.90
C ALA B 404 -11.27 11.19 -7.73
N PHE B 405 -12.30 10.55 -8.28
CA PHE B 405 -12.44 9.11 -8.19
C PHE B 405 -12.00 8.43 -9.49
N ALA B 406 -11.83 9.23 -10.54
CA ALA B 406 -11.39 8.72 -11.83
C ALA B 406 -9.98 9.21 -12.17
N GLN B 407 -9.37 9.93 -11.23
CA GLN B 407 -8.04 10.48 -11.41
C GLN B 407 -6.96 9.41 -11.18
N PHE B 408 -7.40 8.20 -10.86
CA PHE B 408 -6.49 7.07 -10.66
C PHE B 408 -5.98 6.55 -12.00
N GLY B 409 -6.79 6.74 -13.05
CA GLY B 409 -6.43 6.30 -14.38
C GLY B 409 -7.32 5.19 -14.89
N SER B 410 -8.11 4.61 -13.99
CA SER B 410 -9.01 3.51 -14.34
C SER B 410 -9.99 3.93 -15.42
N ASP B 411 -10.47 2.96 -16.19
CA ASP B 411 -11.46 3.25 -17.22
C ASP B 411 -12.86 3.26 -16.63
N LEU B 412 -13.68 4.21 -17.09
CA LEU B 412 -15.05 4.32 -16.60
C LEU B 412 -16.06 4.10 -17.73
N ASP B 413 -17.34 4.12 -17.37
CA ASP B 413 -18.41 3.96 -18.35
C ASP B 413 -18.72 5.29 -19.05
N ALA B 414 -19.74 5.27 -19.90
CA ALA B 414 -20.12 6.47 -20.65
C ALA B 414 -20.82 7.49 -19.76
N SER B 415 -21.60 6.99 -18.80
CA SER B 415 -22.35 7.86 -17.90
C SER B 415 -21.43 8.76 -17.07
N THR B 416 -20.45 8.16 -16.40
CA THR B 416 -19.52 8.92 -15.56
C THR B 416 -18.56 9.77 -16.40
N LYS B 417 -18.14 9.22 -17.53
CA LYS B 417 -17.25 9.93 -18.44
C LYS B 417 -17.91 11.16 -19.04
N GLN B 418 -19.20 11.03 -19.40
CA GLN B 418 -19.94 12.14 -19.99
C GLN B 418 -20.04 13.29 -19.01
N THR B 419 -20.29 12.97 -17.74
CA THR B 419 -20.38 13.98 -16.70
C THR B 419 -19.00 14.56 -16.36
N LEU B 420 -17.97 13.77 -16.65
CA LEU B 420 -16.60 14.19 -16.37
C LEU B 420 -16.11 15.21 -17.40
N VAL B 421 -16.60 15.11 -18.64
CA VAL B 421 -16.21 16.02 -19.70
C VAL B 421 -16.88 17.38 -19.52
N ARG B 422 -18.16 17.38 -19.17
CA ARG B 422 -18.91 18.61 -18.98
C ARG B 422 -18.50 19.35 -17.71
N GLY B 423 -18.08 18.60 -16.69
CA GLY B 423 -17.63 19.21 -15.46
C GLY B 423 -16.38 20.06 -15.65
N GLU B 424 -15.42 19.52 -16.40
CA GLU B 424 -14.17 20.21 -16.67
C GLU B 424 -14.39 21.54 -17.39
N ARG B 425 -15.29 21.55 -18.36
CA ARG B 425 -15.59 22.77 -19.11
C ARG B 425 -16.17 23.87 -18.21
N LEU B 426 -17.03 23.47 -17.27
CA LEU B 426 -17.68 24.41 -16.36
C LEU B 426 -16.67 24.96 -15.37
N THR B 427 -15.83 24.08 -14.85
CA THR B 427 -14.77 24.46 -13.92
C THR B 427 -13.87 25.55 -14.51
N GLN B 428 -13.45 25.38 -15.76
CA GLN B 428 -12.61 26.37 -16.42
C GLN B 428 -13.36 27.67 -16.72
N LEU B 429 -14.67 27.54 -16.91
CA LEU B 429 -15.51 28.69 -17.23
C LEU B 429 -15.72 29.57 -16.00
N LEU B 430 -15.66 28.95 -14.82
CA LEU B 430 -15.81 29.68 -13.57
C LEU B 430 -14.62 30.58 -13.32
N LYS B 431 -13.47 30.22 -13.90
CA LYS B 431 -12.23 30.98 -13.71
C LYS B 431 -12.38 32.42 -14.20
N GLN B 432 -11.70 33.34 -13.53
CA GLN B 432 -11.76 34.76 -13.88
C GLN B 432 -10.59 35.53 -13.28
N ASN B 433 -9.99 36.40 -14.08
CA ASN B 433 -8.91 37.26 -13.61
C ASN B 433 -9.41 38.33 -12.65
N GLN B 434 -8.51 38.86 -11.82
CA GLN B 434 -8.86 39.90 -10.86
C GLN B 434 -9.00 41.25 -11.55
N TYR B 435 -9.75 42.16 -10.94
CA TYR B 435 -9.96 43.50 -11.49
C TYR B 435 -10.67 43.46 -12.83
N SER B 436 -11.39 42.37 -13.08
CA SER B 436 -12.15 42.20 -14.32
C SER B 436 -13.61 41.83 -14.05
N PRO B 437 -14.38 42.76 -13.46
CA PRO B 437 -15.80 42.53 -13.15
C PRO B 437 -16.68 42.49 -14.40
N LEU B 438 -17.60 41.51 -14.48
CA LEU B 438 -18.49 41.39 -15.63
C LEU B 438 -19.96 41.62 -15.26
N ALA B 439 -20.68 42.34 -16.11
CA ALA B 439 -22.09 42.63 -15.89
C ALA B 439 -22.91 41.34 -15.87
N THR B 440 -24.01 41.35 -15.10
CA THR B 440 -24.90 40.19 -15.03
C THR B 440 -25.32 39.77 -16.43
N GLU B 441 -25.63 40.76 -17.26
CA GLU B 441 -26.03 40.52 -18.65
C GLU B 441 -24.97 39.72 -19.41
N GLU B 442 -23.71 39.92 -19.04
CA GLU B 442 -22.59 39.25 -19.70
C GLU B 442 -22.36 37.85 -19.12
N GLN B 443 -22.77 37.66 -17.88
CA GLN B 443 -22.61 36.37 -17.19
C GLN B 443 -23.67 35.36 -17.62
N VAL B 444 -24.91 35.82 -17.77
CA VAL B 444 -26.03 34.95 -18.14
C VAL B 444 -25.72 34.06 -19.35
N PRO B 445 -25.23 34.67 -20.44
CA PRO B 445 -24.89 33.92 -21.66
C PRO B 445 -23.90 32.79 -21.42
N LEU B 446 -22.84 33.05 -20.66
CA LEU B 446 -21.79 32.06 -20.43
C LEU B 446 -22.30 30.82 -19.73
N ILE B 447 -23.11 31.02 -18.69
CA ILE B 447 -23.66 29.90 -17.94
C ILE B 447 -24.55 29.01 -18.82
N TYR B 448 -25.40 29.65 -19.63
CA TYR B 448 -26.33 28.93 -20.51
C TYR B 448 -25.58 27.87 -21.33
N ALA B 449 -24.51 28.29 -22.00
CA ALA B 449 -23.74 27.39 -22.86
C ALA B 449 -23.14 26.21 -22.10
N GLY B 450 -22.67 26.46 -20.88
CA GLY B 450 -22.05 25.43 -20.08
C GLY B 450 -22.98 24.25 -19.77
N VAL B 451 -24.18 24.57 -19.30
CA VAL B 451 -25.15 23.54 -18.95
C VAL B 451 -25.62 22.76 -20.18
N ASN B 452 -25.89 23.47 -21.28
CA ASN B 452 -26.38 22.83 -22.50
C ASN B 452 -25.37 21.84 -23.08
N GLY B 453 -24.09 22.19 -23.02
CA GLY B 453 -23.04 21.32 -23.48
C GLY B 453 -22.31 21.80 -24.72
N HIS B 454 -22.72 22.95 -25.25
CA HIS B 454 -22.09 23.50 -26.45
C HIS B 454 -20.58 23.63 -26.28
N LEU B 455 -20.16 23.79 -25.03
CA LEU B 455 -18.75 23.96 -24.72
C LEU B 455 -18.02 22.63 -24.77
N ASP B 456 -18.73 21.55 -24.44
CA ASP B 456 -18.15 20.21 -24.42
C ASP B 456 -17.33 19.92 -25.68
N GLY B 457 -17.92 20.19 -26.84
CA GLY B 457 -17.23 19.96 -28.10
C GLY B 457 -15.99 20.83 -28.20
N ILE B 458 -16.07 22.01 -27.62
CA ILE B 458 -14.96 22.97 -27.65
C ILE B 458 -13.73 22.44 -26.93
N GLU B 459 -12.56 22.74 -27.46
CA GLU B 459 -11.31 22.32 -26.84
C GLU B 459 -11.16 22.97 -25.48
N LEU B 460 -10.41 22.34 -24.60
CA LEU B 460 -10.23 22.82 -23.24
C LEU B 460 -9.36 24.08 -23.18
N SER B 461 -8.38 24.16 -24.07
CA SER B 461 -7.45 25.29 -24.08
C SER B 461 -8.00 26.51 -24.81
N ARG B 462 -9.20 26.36 -25.38
CA ARG B 462 -9.85 27.44 -26.13
C ARG B 462 -11.03 28.03 -25.36
N ILE B 463 -11.25 27.55 -24.14
CA ILE B 463 -12.37 28.01 -23.32
C ILE B 463 -12.20 29.47 -22.91
N GLY B 464 -10.95 29.86 -22.65
CA GLY B 464 -10.65 31.23 -22.25
C GLY B 464 -10.85 32.24 -23.36
N GLU B 465 -10.21 32.00 -24.50
CA GLU B 465 -10.35 32.88 -25.65
C GLU B 465 -11.79 32.93 -26.13
N PHE B 466 -12.50 31.82 -25.94
CA PHE B 466 -13.88 31.69 -26.39
C PHE B 466 -14.79 32.68 -25.66
N GLU B 467 -14.55 32.85 -24.37
CA GLU B 467 -15.38 33.75 -23.57
C GLU B 467 -15.28 35.18 -24.08
N SER B 468 -14.05 35.63 -24.34
CA SER B 468 -13.81 37.00 -24.80
C SER B 468 -14.31 37.20 -26.23
N SER B 469 -14.33 36.11 -27.00
CA SER B 469 -14.78 36.17 -28.39
C SER B 469 -16.30 36.03 -28.51
N PHE B 470 -16.90 35.33 -27.54
CA PHE B 470 -18.34 35.14 -27.54
C PHE B 470 -19.08 36.42 -27.18
N LEU B 471 -18.53 37.18 -26.25
CA LEU B 471 -19.13 38.44 -25.81
C LEU B 471 -19.15 39.45 -26.94
N SER B 472 -18.06 39.50 -27.70
CA SER B 472 -17.96 40.40 -28.83
C SER B 472 -18.97 40.04 -29.93
N TYR B 473 -19.31 38.76 -30.03
CA TYR B 473 -20.26 38.29 -31.04
C TYR B 473 -21.67 38.83 -30.78
N LEU B 474 -22.04 38.91 -29.51
CA LEU B 474 -23.36 39.43 -29.12
C LEU B 474 -23.44 40.94 -29.32
N LYS B 475 -22.41 41.65 -28.86
CA LYS B 475 -22.34 43.10 -29.01
C LYS B 475 -22.35 43.52 -30.48
N SER B 476 -21.60 42.78 -31.30
CA SER B 476 -21.51 43.08 -32.74
C SER B 476 -22.74 42.62 -33.51
N ASN B 477 -23.41 41.59 -33.00
CA ASN B 477 -24.61 41.06 -33.63
C ASN B 477 -25.85 41.18 -32.74
N HIS B 478 -26.11 40.15 -31.95
CA HIS B 478 -27.31 40.10 -31.11
C HIS B 478 -27.22 40.99 -29.88
N ASN B 479 -27.03 42.29 -30.12
CA ASN B 479 -26.96 43.27 -29.04
C ASN B 479 -28.30 43.43 -28.35
N GLU B 480 -29.37 43.24 -29.11
CA GLU B 480 -30.73 43.39 -28.60
C GLU B 480 -30.98 42.48 -27.40
N LEU B 481 -30.41 41.28 -27.42
CA LEU B 481 -30.55 40.33 -26.33
C LEU B 481 -29.92 40.87 -25.05
N LEU B 482 -28.77 41.53 -25.20
CA LEU B 482 -28.05 42.09 -24.05
C LEU B 482 -28.85 43.20 -23.40
N THR B 483 -29.46 44.06 -24.21
CA THR B 483 -30.25 45.16 -23.70
C THR B 483 -31.54 44.68 -23.01
N GLU B 484 -32.06 43.53 -23.44
CA GLU B 484 -33.28 42.97 -22.88
C GLU B 484 -33.04 42.35 -21.50
N ILE B 485 -31.95 41.59 -21.38
CA ILE B 485 -31.60 40.97 -20.10
C ILE B 485 -31.18 42.01 -19.07
N ARG B 486 -30.66 43.13 -19.57
CA ARG B 486 -30.23 44.24 -18.72
C ARG B 486 -31.41 44.85 -17.95
N GLU B 487 -32.39 45.38 -18.69
CA GLU B 487 -33.56 46.01 -18.10
C GLU B 487 -34.48 44.99 -17.44
N LYS B 488 -35.06 44.11 -18.26
CA LYS B 488 -35.99 43.08 -17.78
C LYS B 488 -35.39 42.28 -16.64
N GLY B 489 -34.21 41.70 -16.86
CA GLY B 489 -33.54 40.90 -15.86
C GLY B 489 -34.12 39.50 -15.76
N GLU B 490 -34.90 39.12 -16.77
CA GLU B 490 -35.47 37.77 -16.82
C GLU B 490 -35.55 37.30 -18.26
N LEU B 491 -35.39 36.00 -18.48
CA LEU B 491 -35.44 35.44 -19.82
C LEU B 491 -36.82 34.85 -20.12
N SER B 492 -37.58 35.52 -20.98
CA SER B 492 -38.91 35.04 -21.35
C SER B 492 -38.81 33.76 -22.17
N LYS B 493 -39.96 33.18 -22.49
CA LYS B 493 -39.98 31.95 -23.28
C LYS B 493 -39.58 32.22 -24.74
N GLU B 494 -39.69 33.49 -25.15
CA GLU B 494 -39.33 33.89 -26.51
C GLU B 494 -37.84 34.21 -26.65
N LEU B 495 -37.32 35.01 -25.71
CA LEU B 495 -35.90 35.36 -25.71
C LEU B 495 -35.01 34.13 -25.49
N LEU B 496 -35.58 33.13 -24.82
CA LEU B 496 -34.88 31.87 -24.59
C LEU B 496 -34.55 31.17 -25.90
N ALA B 497 -35.49 31.24 -26.83
CA ALA B 497 -35.32 30.62 -28.15
C ALA B 497 -34.36 31.42 -29.03
N SER B 498 -34.50 32.74 -29.01
CA SER B 498 -33.64 33.63 -29.81
C SER B 498 -32.19 33.49 -29.37
N LEU B 499 -32.01 33.17 -28.10
CA LEU B 499 -30.68 33.00 -27.54
C LEU B 499 -30.06 31.68 -27.98
N LYS B 500 -30.85 30.61 -27.91
CA LYS B 500 -30.36 29.29 -28.28
C LYS B 500 -29.88 29.25 -29.73
N SER B 501 -30.71 29.77 -30.63
CA SER B 501 -30.36 29.78 -32.05
C SER B 501 -29.14 30.65 -32.33
N ALA B 502 -28.85 31.57 -31.41
CA ALA B 502 -27.73 32.50 -31.55
C ALA B 502 -26.40 31.94 -31.05
N THR B 503 -26.46 31.03 -30.09
CA THR B 503 -25.28 30.39 -29.54
C THR B 503 -24.90 29.16 -30.36
N GLU B 504 -25.91 28.35 -30.66
CA GLU B 504 -25.73 27.15 -31.46
C GLU B 504 -25.06 27.50 -32.79
N SER B 505 -25.47 28.62 -33.38
CA SER B 505 -24.92 29.08 -34.65
C SER B 505 -23.45 29.48 -34.52
N PHE B 506 -23.07 29.91 -33.32
CA PHE B 506 -21.69 30.33 -33.06
C PHE B 506 -20.79 29.15 -32.73
N VAL B 507 -21.35 28.16 -32.04
CA VAL B 507 -20.62 26.94 -31.71
C VAL B 507 -20.19 26.21 -32.98
N ALA B 508 -21.05 26.20 -33.99
CA ALA B 508 -20.76 25.53 -35.25
C ALA B 508 -19.57 26.16 -35.98
N THR B 509 -19.53 27.50 -36.00
CA THR B 509 -18.43 28.21 -36.65
C THR B 509 -17.20 28.26 -35.75
N ASN C 26 -25.22 25.82 71.86
CA ASN C 26 -26.37 26.14 71.03
C ASN C 26 -26.17 25.66 69.60
N LEU C 27 -25.06 26.08 68.99
CA LEU C 27 -24.77 25.79 67.60
C LEU C 27 -24.17 24.42 67.38
N ASN C 28 -23.97 23.69 68.47
CA ASN C 28 -23.46 22.32 68.38
C ASN C 28 -24.36 21.39 67.59
N GLU C 29 -25.66 21.57 67.72
CA GLU C 29 -26.59 20.70 67.02
C GLU C 29 -27.36 21.45 65.93
N THR C 30 -27.02 22.71 65.74
CA THR C 30 -27.72 23.51 64.74
C THR C 30 -26.77 24.49 64.11
N GLY C 31 -27.22 25.15 63.05
CA GLY C 31 -26.36 26.10 62.35
C GLY C 31 -27.12 27.00 61.41
N ARG C 32 -26.52 28.13 61.07
CA ARG C 32 -27.13 29.09 60.17
C ARG C 32 -26.41 29.11 58.84
N VAL C 33 -27.17 29.14 57.76
CA VAL C 33 -26.60 29.12 56.42
C VAL C 33 -25.90 30.44 56.08
N LEU C 34 -24.66 30.36 55.61
CA LEU C 34 -23.90 31.55 55.25
C LEU C 34 -24.03 31.89 53.76
N ALA C 35 -23.98 30.86 52.92
CA ALA C 35 -24.17 31.04 51.49
C ALA C 35 -24.83 29.80 50.92
N VAL C 36 -25.41 29.92 49.72
CA VAL C 36 -26.03 28.78 49.08
C VAL C 36 -26.21 29.01 47.57
N GLY C 37 -25.97 27.96 46.80
CA GLY C 37 -26.06 28.02 45.34
C GLY C 37 -25.46 26.82 44.63
N ASP C 38 -26.05 26.44 43.51
CA ASP C 38 -25.52 25.33 42.73
C ASP C 38 -25.56 24.01 43.50
N GLY C 39 -26.48 23.88 44.45
CA GLY C 39 -26.59 22.68 45.25
C GLY C 39 -25.60 22.60 46.41
N ILE C 40 -24.83 23.67 46.58
CA ILE C 40 -23.89 23.78 47.70
C ILE C 40 -24.36 24.78 48.75
N ALA C 41 -24.12 24.46 50.02
CA ALA C 41 -24.54 25.33 51.11
C ALA C 41 -23.51 25.38 52.25
N ARG C 42 -22.88 26.54 52.40
CA ARG C 42 -21.92 26.77 53.48
C ARG C 42 -22.67 27.20 54.72
N VAL C 43 -22.90 26.24 55.61
CA VAL C 43 -23.58 26.52 56.86
C VAL C 43 -22.57 26.78 57.95
N PHE C 44 -22.89 27.71 58.84
CA PHE C 44 -22.03 28.02 59.97
C PHE C 44 -22.53 27.32 61.25
N GLY C 45 -21.60 26.79 62.03
CA GLY C 45 -21.97 26.07 63.24
C GLY C 45 -21.70 24.59 63.08
N LEU C 46 -22.58 23.77 63.64
CA LEU C 46 -22.46 22.32 63.54
C LEU C 46 -21.07 21.82 63.93
N ASN C 47 -20.71 22.00 65.19
CA ASN C 47 -19.39 21.60 65.67
C ASN C 47 -19.38 20.23 66.34
N ASN C 48 -20.41 19.43 66.05
CA ASN C 48 -20.49 18.08 66.57
C ASN C 48 -21.04 17.12 65.51
N ILE C 49 -21.20 17.64 64.30
CA ILE C 49 -21.59 16.82 63.16
C ILE C 49 -20.40 15.97 62.71
N GLN C 50 -20.67 14.77 62.22
CA GLN C 50 -19.62 13.83 61.81
C GLN C 50 -19.25 14.02 60.34
N ALA C 51 -18.30 13.22 59.85
CA ALA C 51 -17.92 13.29 58.44
C ALA C 51 -18.91 12.52 57.57
N GLU C 52 -19.40 13.17 56.51
CA GLU C 52 -20.35 12.54 55.58
C GLU C 52 -21.70 12.26 56.25
N GLU C 53 -22.10 13.14 57.16
CA GLU C 53 -23.32 12.96 57.93
C GLU C 53 -24.50 13.66 57.27
N LEU C 54 -25.66 13.05 57.39
CA LEU C 54 -26.88 13.57 56.80
C LEU C 54 -27.40 14.72 57.65
N VAL C 55 -27.99 15.73 57.00
CA VAL C 55 -28.55 16.87 57.70
C VAL C 55 -29.89 17.29 57.08
N GLU C 56 -30.65 18.11 57.81
CA GLU C 56 -31.95 18.61 57.35
C GLU C 56 -32.11 20.11 57.57
N PHE C 57 -32.51 20.81 56.51
CA PHE C 57 -32.73 22.25 56.58
C PHE C 57 -34.16 22.55 56.99
N SER C 58 -34.46 23.81 57.25
CA SER C 58 -35.79 24.21 57.66
C SER C 58 -36.81 24.01 56.53
N SER C 59 -36.32 24.14 55.29
CA SER C 59 -37.14 24.01 54.10
C SER C 59 -37.75 22.62 53.94
N GLY C 60 -37.08 21.63 54.50
CA GLY C 60 -37.48 20.23 54.34
C GLY C 60 -36.43 19.44 53.58
N VAL C 61 -35.64 20.13 52.76
CA VAL C 61 -34.63 19.48 51.94
C VAL C 61 -33.45 19.00 52.77
N LYS C 62 -33.00 17.78 52.49
CA LYS C 62 -31.88 17.22 53.23
C LYS C 62 -30.57 17.50 52.52
N GLY C 63 -29.45 17.31 53.22
CA GLY C 63 -28.14 17.59 52.65
C GLY C 63 -27.06 16.72 53.25
N MET C 64 -25.87 16.78 52.66
CA MET C 64 -24.75 15.95 53.09
C MET C 64 -23.47 16.74 53.29
N ALA C 65 -22.85 16.58 54.46
CA ALA C 65 -21.63 17.31 54.80
C ALA C 65 -20.37 16.56 54.36
N LEU C 66 -19.60 17.19 53.49
CA LEU C 66 -18.40 16.57 52.92
C LEU C 66 -17.12 17.32 53.29
N ASN C 67 -17.23 18.63 53.43
CA ASN C 67 -16.09 19.45 53.81
C ASN C 67 -16.24 20.03 55.21
N LEU C 68 -15.38 19.62 56.12
CA LEU C 68 -15.40 20.10 57.50
C LEU C 68 -14.32 21.15 57.73
N GLU C 69 -14.74 22.39 57.97
CA GLU C 69 -13.80 23.46 58.23
C GLU C 69 -14.24 24.27 59.45
N PRO C 70 -13.27 24.91 60.13
CA PRO C 70 -13.53 25.73 61.31
C PRO C 70 -14.56 26.82 61.03
N GLY C 71 -14.29 27.65 60.03
CA GLY C 71 -15.22 28.71 59.65
C GLY C 71 -16.63 28.22 59.36
N GLN C 72 -16.74 27.31 58.41
CA GLN C 72 -18.05 26.86 57.95
C GLN C 72 -17.99 25.39 57.57
N VAL C 73 -19.15 24.82 57.26
CA VAL C 73 -19.22 23.44 56.82
C VAL C 73 -19.83 23.41 55.43
N GLY C 74 -19.18 22.68 54.53
CA GLY C 74 -19.68 22.52 53.18
C GLY C 74 -20.67 21.38 53.11
N ILE C 75 -21.87 21.69 52.62
CA ILE C 75 -22.91 20.67 52.50
C ILE C 75 -23.48 20.65 51.09
N VAL C 76 -23.80 19.45 50.61
CA VAL C 76 -24.34 19.29 49.28
C VAL C 76 -25.82 18.97 49.39
N LEU C 77 -26.61 19.54 48.49
CA LEU C 77 -28.06 19.40 48.56
C LEU C 77 -28.55 18.24 47.71
N PHE C 78 -29.54 17.51 48.23
CA PHE C 78 -30.14 16.42 47.47
C PHE C 78 -31.27 16.94 46.57
N GLY C 79 -31.70 18.16 46.82
CA GLY C 79 -32.75 18.76 46.02
C GLY C 79 -32.37 20.14 45.52
N SER C 80 -33.32 20.82 44.88
CA SER C 80 -33.10 22.17 44.40
C SER C 80 -32.64 23.06 45.55
N ASP C 81 -31.97 24.14 45.21
CA ASP C 81 -31.45 25.03 46.23
C ASP C 81 -32.21 26.35 46.29
N ARG C 82 -33.26 26.48 45.49
CA ARG C 82 -34.07 27.71 45.47
C ARG C 82 -34.85 27.88 46.76
N LEU C 83 -34.74 26.88 47.64
CA LEU C 83 -35.48 26.89 48.89
C LEU C 83 -34.61 27.32 50.06
N VAL C 84 -33.32 27.00 50.01
CA VAL C 84 -32.39 27.40 51.06
C VAL C 84 -32.02 28.87 50.88
N LYS C 85 -31.92 29.59 52.00
CA LYS C 85 -31.60 31.00 51.95
C LYS C 85 -30.66 31.31 53.11
N GLU C 86 -29.94 32.42 53.01
CA GLU C 86 -29.00 32.82 54.06
C GLU C 86 -29.69 32.95 55.42
N GLY C 87 -29.05 32.46 56.47
CA GLY C 87 -29.54 32.59 57.84
C GLY C 87 -30.57 31.56 58.25
N GLU C 88 -30.75 30.53 57.41
CA GLU C 88 -31.73 29.50 57.69
C GLU C 88 -31.18 28.57 58.77
N LEU C 89 -32.08 27.89 59.48
CA LEU C 89 -31.68 26.94 60.51
C LEU C 89 -31.23 25.64 59.85
N VAL C 90 -30.28 24.95 60.49
CA VAL C 90 -29.87 23.64 60.01
C VAL C 90 -29.78 22.66 61.18
N LYS C 91 -30.26 21.45 60.96
CA LYS C 91 -30.27 20.42 62.00
C LYS C 91 -29.50 19.20 61.51
N ARG C 92 -29.00 18.39 62.43
CA ARG C 92 -28.27 17.18 62.03
C ARG C 92 -29.06 15.89 62.30
N THR C 93 -28.67 14.84 61.58
CA THR C 93 -29.32 13.53 61.69
C THR C 93 -28.61 12.61 62.70
N GLY C 94 -27.31 12.82 62.88
CA GLY C 94 -26.53 12.03 63.81
C GLY C 94 -26.12 10.67 63.27
N ASN C 95 -26.56 10.37 62.06
CA ASN C 95 -26.31 9.07 61.44
C ASN C 95 -25.76 9.18 60.02
N ILE C 96 -24.87 8.25 59.66
CA ILE C 96 -24.29 8.19 58.33
C ILE C 96 -25.31 7.73 57.28
N VAL C 97 -25.31 8.38 56.12
CA VAL C 97 -26.34 8.15 55.11
C VAL C 97 -26.49 6.68 54.74
N ASP C 98 -27.59 6.08 55.19
CA ASP C 98 -27.85 4.66 54.97
C ASP C 98 -29.12 4.42 54.16
N VAL C 99 -29.30 3.18 53.72
CA VAL C 99 -30.48 2.80 52.93
C VAL C 99 -31.08 1.48 53.40
N PRO C 100 -32.41 1.36 53.30
CA PRO C 100 -33.14 0.16 53.72
C PRO C 100 -32.70 -1.03 52.89
N VAL C 101 -32.61 -2.21 53.49
CA VAL C 101 -32.19 -3.40 52.77
C VAL C 101 -33.01 -4.62 53.16
N GLY C 102 -33.00 -5.62 52.29
CA GLY C 102 -33.76 -6.84 52.52
C GLY C 102 -34.54 -7.26 51.29
N PRO C 103 -35.23 -8.41 51.37
CA PRO C 103 -35.98 -8.98 50.26
C PRO C 103 -37.15 -8.08 49.83
N GLY C 104 -37.75 -7.38 50.78
CA GLY C 104 -38.88 -6.51 50.48
C GLY C 104 -38.73 -5.67 49.22
N LEU C 105 -37.53 -5.13 48.99
CA LEU C 105 -37.27 -4.26 47.84
C LEU C 105 -37.51 -4.97 46.52
N LEU C 106 -37.33 -6.28 46.51
CA LEU C 106 -37.56 -7.07 45.32
C LEU C 106 -38.81 -6.60 44.61
N GLY C 107 -38.64 -6.18 43.36
CA GLY C 107 -39.76 -5.83 42.51
C GLY C 107 -40.16 -4.38 42.66
N ARG C 108 -39.49 -3.69 43.57
CA ARG C 108 -39.78 -2.29 43.83
C ARG C 108 -38.71 -1.44 43.19
N VAL C 109 -39.03 -0.17 42.95
CA VAL C 109 -38.12 0.77 42.33
C VAL C 109 -37.86 1.91 43.30
N VAL C 110 -36.67 1.96 43.88
CA VAL C 110 -36.33 2.99 44.86
C VAL C 110 -35.31 4.01 44.33
N ASP C 111 -35.07 5.09 45.09
CA ASP C 111 -34.09 6.11 44.73
C ASP C 111 -32.84 5.98 45.60
N ALA C 112 -31.84 6.82 45.34
CA ALA C 112 -30.59 6.79 46.10
C ALA C 112 -30.84 6.38 47.56
N LEU C 113 -31.63 7.19 48.26
CA LEU C 113 -31.89 7.00 49.67
C LEU C 113 -32.64 5.71 50.01
N GLY C 114 -33.33 5.13 49.02
CA GLY C 114 -34.03 3.88 49.23
C GLY C 114 -35.54 4.02 49.39
N ASN C 115 -36.03 5.22 49.12
CA ASN C 115 -37.46 5.50 49.15
C ASN C 115 -38.17 5.02 47.89
N PRO C 116 -39.41 4.53 48.03
CA PRO C 116 -40.19 4.06 46.87
C PRO C 116 -40.50 5.19 45.90
N ILE C 117 -40.35 4.94 44.61
CA ILE C 117 -40.67 5.92 43.57
C ILE C 117 -41.60 5.31 42.52
N ASP C 118 -42.06 4.09 42.77
CA ASP C 118 -42.95 3.37 41.87
C ASP C 118 -44.42 3.53 42.28
N GLY C 119 -44.62 3.93 43.53
CA GLY C 119 -45.95 4.18 44.06
C GLY C 119 -46.74 2.93 44.38
N LYS C 120 -46.21 2.10 45.27
CA LYS C 120 -46.81 0.81 45.57
C LYS C 120 -46.64 0.49 47.03
N GLY C 121 -46.63 1.53 47.85
CA GLY C 121 -46.56 1.36 49.28
C GLY C 121 -45.17 1.59 49.85
N PRO C 122 -45.08 1.60 51.18
CA PRO C 122 -43.78 1.79 51.83
C PRO C 122 -42.88 0.59 51.59
N ILE C 123 -41.58 0.83 51.65
CA ILE C 123 -40.57 -0.21 51.51
C ILE C 123 -40.46 -1.01 52.80
N ASP C 124 -40.93 -2.24 52.77
CA ASP C 124 -40.79 -3.11 53.93
C ASP C 124 -39.39 -3.73 54.00
N ALA C 125 -38.46 -3.05 54.67
CA ALA C 125 -37.08 -3.54 54.77
C ALA C 125 -36.85 -4.35 56.05
N ALA C 126 -35.86 -5.23 56.02
CA ALA C 126 -35.52 -6.06 57.18
C ALA C 126 -34.41 -5.45 58.04
N GLY C 127 -33.48 -4.74 57.40
CA GLY C 127 -32.41 -4.05 58.09
C GLY C 127 -31.99 -2.81 57.32
N ARG C 128 -31.10 -2.02 57.89
CA ARG C 128 -30.59 -0.82 57.22
C ARG C 128 -29.07 -0.78 57.26
N SER C 129 -28.45 -0.70 56.09
CA SER C 129 -26.98 -0.69 56.01
C SER C 129 -26.46 0.61 55.40
N ARG C 130 -25.24 0.99 55.78
CA ARG C 130 -24.69 2.26 55.33
C ARG C 130 -24.40 2.28 53.84
N ALA C 131 -24.13 3.46 53.31
CA ALA C 131 -23.78 3.61 51.91
C ALA C 131 -22.37 3.10 51.67
N GLN C 132 -21.43 3.57 52.49
CA GLN C 132 -20.03 3.16 52.37
C GLN C 132 -19.74 1.98 53.29
N VAL C 133 -19.48 0.82 52.69
CA VAL C 133 -19.18 -0.36 53.47
C VAL C 133 -17.82 -0.90 53.08
N LYS C 134 -17.07 -1.37 54.07
CA LYS C 134 -15.75 -1.94 53.84
C LYS C 134 -15.85 -3.19 52.96
N ALA C 135 -14.93 -3.33 52.01
CA ALA C 135 -14.89 -4.52 51.15
C ALA C 135 -14.65 -5.77 52.00
N PRO C 136 -15.18 -6.92 51.55
CA PRO C 136 -15.02 -8.18 52.27
C PRO C 136 -13.54 -8.52 52.52
N GLY C 137 -13.27 -9.26 53.59
CA GLY C 137 -11.89 -9.57 53.97
C GLY C 137 -11.11 -10.47 53.03
N ILE C 138 -9.80 -10.52 53.21
CA ILE C 138 -8.95 -11.41 52.43
C ILE C 138 -9.18 -12.84 52.88
N LEU C 139 -9.41 -13.02 54.17
CA LEU C 139 -9.62 -14.36 54.71
C LEU C 139 -10.96 -14.99 54.24
N PRO C 140 -12.09 -14.26 54.42
CA PRO C 140 -13.41 -14.77 54.02
C PRO C 140 -13.71 -14.76 52.51
N ARG C 141 -12.88 -15.40 51.70
CA ARG C 141 -13.09 -15.42 50.25
C ARG C 141 -13.01 -16.82 49.67
N ARG C 142 -13.58 -16.99 48.47
CA ARG C 142 -13.51 -18.25 47.76
C ARG C 142 -13.22 -17.98 46.30
N SER C 143 -12.42 -18.84 45.68
CA SER C 143 -12.16 -18.72 44.25
C SER C 143 -13.46 -18.96 43.50
N VAL C 144 -13.72 -18.10 42.52
CA VAL C 144 -14.91 -18.18 41.68
C VAL C 144 -14.97 -19.48 40.89
N HIS C 145 -16.05 -20.24 41.07
CA HIS C 145 -16.23 -21.51 40.38
C HIS C 145 -17.65 -21.63 39.84
N GLU C 146 -18.53 -20.76 40.32
CA GLU C 146 -19.93 -20.77 39.93
C GLU C 146 -20.18 -19.90 38.71
N PRO C 147 -20.74 -20.51 37.65
CA PRO C 147 -21.01 -19.84 36.38
C PRO C 147 -22.13 -18.82 36.50
N VAL C 148 -22.24 -17.93 35.52
CA VAL C 148 -23.36 -16.98 35.47
C VAL C 148 -23.98 -16.97 34.07
N GLN C 149 -24.87 -17.92 33.82
CA GLN C 149 -25.52 -18.04 32.52
C GLN C 149 -26.05 -16.71 32.02
N THR C 150 -25.39 -16.14 31.01
CA THR C 150 -25.85 -14.86 30.45
C THR C 150 -26.79 -15.08 29.28
N GLY C 151 -26.96 -16.34 28.89
CA GLY C 151 -27.81 -16.66 27.76
C GLY C 151 -27.22 -16.21 26.44
N LEU C 152 -26.12 -15.47 26.47
CA LEU C 152 -25.48 -15.03 25.24
C LEU C 152 -24.37 -16.00 24.82
N LYS C 153 -24.55 -16.68 23.69
CA LYS C 153 -23.58 -17.67 23.24
C LYS C 153 -22.19 -17.08 23.08
N ALA C 154 -22.13 -15.95 22.40
CA ALA C 154 -20.88 -15.24 22.22
C ALA C 154 -20.16 -15.02 23.55
N VAL C 155 -20.94 -14.89 24.63
CA VAL C 155 -20.38 -14.60 25.95
C VAL C 155 -20.05 -15.87 26.75
N ASP C 156 -21.06 -16.73 26.95
CA ASP C 156 -20.88 -17.90 27.79
C ASP C 156 -19.85 -18.87 27.19
N ALA C 157 -19.54 -18.67 25.91
CA ALA C 157 -18.59 -19.54 25.21
C ALA C 157 -17.18 -18.97 25.23
N LEU C 158 -17.08 -17.66 25.00
CA LEU C 158 -15.79 -16.98 24.97
C LEU C 158 -15.40 -16.39 26.33
N VAL C 159 -16.15 -15.40 26.80
CA VAL C 159 -15.86 -14.73 28.07
C VAL C 159 -16.91 -15.02 29.14
N PRO C 160 -16.80 -16.18 29.80
CA PRO C 160 -17.81 -16.61 30.79
C PRO C 160 -17.81 -15.73 32.04
N ILE C 161 -18.99 -15.59 32.65
CA ILE C 161 -19.12 -14.81 33.88
C ILE C 161 -19.19 -15.74 35.08
N GLY C 162 -18.69 -15.27 36.20
CA GLY C 162 -18.61 -16.09 37.39
C GLY C 162 -19.14 -15.38 38.60
N ARG C 163 -19.91 -16.09 39.41
CA ARG C 163 -20.46 -15.54 40.63
C ARG C 163 -19.36 -15.10 41.58
N GLY C 164 -19.11 -13.78 41.60
CA GLY C 164 -18.15 -13.19 42.49
C GLY C 164 -17.15 -12.29 41.78
N GLN C 165 -17.29 -12.16 40.47
CA GLN C 165 -16.35 -11.35 39.72
C GLN C 165 -17.05 -10.13 39.19
N ARG C 166 -16.28 -9.22 38.64
CA ARG C 166 -16.86 -8.04 38.01
C ARG C 166 -16.41 -7.91 36.56
N GLU C 167 -17.31 -8.27 35.64
CA GLU C 167 -17.06 -8.21 34.20
C GLU C 167 -17.51 -6.90 33.58
N LEU C 168 -16.56 -6.12 33.09
CA LEU C 168 -16.86 -4.82 32.54
C LEU C 168 -17.61 -4.93 31.22
N ILE C 169 -18.39 -3.90 30.90
CA ILE C 169 -19.04 -3.82 29.60
C ILE C 169 -18.76 -2.45 29.00
N ILE C 170 -17.55 -2.29 28.47
CA ILE C 170 -17.11 -1.02 27.92
C ILE C 170 -17.39 -0.94 26.42
N GLY C 171 -17.73 0.26 25.93
CA GLY C 171 -18.02 0.50 24.54
C GLY C 171 -18.55 1.91 24.31
N ASP C 172 -18.67 2.33 23.05
CA ASP C 172 -19.23 3.65 22.72
C ASP C 172 -20.74 3.67 22.88
N ARG C 173 -21.36 4.81 22.61
CA ARG C 173 -22.81 4.95 22.72
C ARG C 173 -23.49 4.17 21.60
N GLN C 174 -24.69 3.66 21.89
CA GLN C 174 -25.48 2.98 20.86
C GLN C 174 -24.75 1.79 20.25
N THR C 175 -24.31 0.87 21.09
CA THR C 175 -23.58 -0.29 20.62
C THR C 175 -24.27 -1.57 21.08
N GLY C 176 -24.61 -1.63 22.36
CA GLY C 176 -25.30 -2.77 22.92
C GLY C 176 -24.80 -3.18 24.29
N LYS C 177 -24.43 -2.20 25.11
CA LYS C 177 -23.82 -2.45 26.41
C LYS C 177 -24.86 -2.96 27.39
N THR C 178 -25.92 -2.17 27.49
CA THR C 178 -27.07 -2.47 28.32
C THR C 178 -27.68 -3.80 27.89
N ALA C 179 -27.74 -4.01 26.59
CA ALA C 179 -28.29 -5.24 26.02
C ALA C 179 -27.72 -6.47 26.71
N VAL C 180 -26.40 -6.56 26.71
CA VAL C 180 -25.72 -7.70 27.28
C VAL C 180 -26.22 -7.92 28.69
N ALA C 181 -26.22 -6.86 29.50
CA ALA C 181 -26.68 -6.96 30.88
C ALA C 181 -28.15 -7.38 30.95
N LEU C 182 -28.99 -6.68 30.21
CA LEU C 182 -30.43 -6.89 30.25
C LEU C 182 -30.81 -8.35 29.99
N ASP C 183 -30.25 -8.90 28.92
CA ASP C 183 -30.56 -10.27 28.54
C ASP C 183 -30.19 -11.23 29.68
N THR C 184 -29.09 -10.93 30.36
CA THR C 184 -28.65 -11.75 31.47
C THR C 184 -29.73 -11.92 32.52
N ILE C 185 -30.29 -10.79 32.96
CA ILE C 185 -31.35 -10.81 33.96
C ILE C 185 -32.52 -11.66 33.47
N LEU C 186 -32.86 -11.51 32.21
CA LEU C 186 -33.97 -12.25 31.63
C LEU C 186 -33.70 -13.76 31.67
N ASN C 187 -32.43 -14.15 31.49
CA ASN C 187 -32.04 -15.55 31.44
C ASN C 187 -32.17 -16.23 32.79
N GLN C 188 -32.13 -15.43 33.86
CA GLN C 188 -32.16 -15.95 35.21
C GLN C 188 -33.50 -16.56 35.58
N LYS C 189 -34.51 -16.28 34.77
CA LYS C 189 -35.85 -16.79 34.99
C LYS C 189 -35.86 -18.30 35.04
N ARG C 190 -34.82 -18.91 34.45
CA ARG C 190 -34.71 -20.36 34.39
C ARG C 190 -34.53 -21.00 35.76
N TRP C 191 -34.10 -20.22 36.76
CA TRP C 191 -33.78 -20.78 38.06
C TRP C 191 -34.44 -20.07 39.23
N ASN C 192 -34.80 -18.81 39.02
CA ASN C 192 -35.42 -18.03 40.08
C ASN C 192 -36.86 -18.49 40.36
N ASN C 193 -37.49 -19.11 39.36
CA ASN C 193 -38.83 -19.66 39.53
C ASN C 193 -38.78 -21.02 40.20
N GLY C 194 -37.57 -21.48 40.50
CA GLY C 194 -37.37 -22.80 41.07
C GLY C 194 -37.53 -22.80 42.58
N SER C 195 -37.20 -23.93 43.18
CA SER C 195 -37.33 -24.10 44.63
C SER C 195 -35.97 -23.93 45.28
N ASP C 196 -34.95 -24.47 44.64
CA ASP C 196 -33.57 -24.36 45.11
C ASP C 196 -33.12 -22.90 45.20
N GLU C 197 -32.47 -22.55 46.31
CA GLU C 197 -31.99 -21.18 46.52
C GLU C 197 -30.58 -20.99 45.99
N SER C 198 -29.68 -21.91 46.33
CA SER C 198 -28.27 -21.79 45.99
C SER C 198 -28.04 -21.70 44.47
N LYS C 199 -29.10 -21.89 43.70
CA LYS C 199 -28.99 -21.87 42.24
C LYS C 199 -29.52 -20.58 41.63
N LYS C 200 -30.46 -19.93 42.32
CA LYS C 200 -31.06 -18.70 41.81
C LYS C 200 -30.04 -17.56 41.76
N LEU C 201 -30.45 -16.42 41.21
CA LEU C 201 -29.57 -15.27 41.11
C LEU C 201 -30.32 -13.94 40.96
N TYR C 202 -30.47 -13.22 42.07
CA TYR C 202 -31.22 -11.95 42.09
C TYR C 202 -30.44 -10.83 41.42
N CYS C 203 -31.17 -9.92 40.77
CA CYS C 203 -30.57 -8.90 39.92
C CYS C 203 -30.83 -7.48 40.40
N VAL C 204 -29.80 -6.64 40.39
CA VAL C 204 -29.93 -5.24 40.79
C VAL C 204 -29.46 -4.28 39.71
N TYR C 205 -30.42 -3.69 38.98
CA TYR C 205 -30.10 -2.69 37.97
C TYR C 205 -29.96 -1.31 38.58
N VAL C 206 -28.87 -0.61 38.26
CA VAL C 206 -28.65 0.73 38.81
C VAL C 206 -28.57 1.81 37.73
N ALA C 207 -29.71 2.41 37.41
CA ALA C 207 -29.76 3.45 36.39
C ALA C 207 -29.17 4.73 36.92
N VAL C 208 -28.13 5.23 36.28
CA VAL C 208 -27.51 6.48 36.68
C VAL C 208 -27.24 7.37 35.48
N GLY C 209 -27.81 8.57 35.47
CA GLY C 209 -27.61 9.51 34.40
C GLY C 209 -28.64 9.40 33.30
N GLN C 210 -29.36 8.29 33.28
CA GLN C 210 -30.42 8.03 32.31
C GLN C 210 -31.64 8.90 32.57
N LYS C 211 -32.47 9.08 31.54
CA LYS C 211 -33.69 9.85 31.70
C LYS C 211 -34.80 8.95 32.22
N ARG C 212 -35.76 9.53 32.93
CA ARG C 212 -36.86 8.76 33.48
C ARG C 212 -37.63 8.01 32.38
N SER C 213 -37.68 8.61 31.18
CA SER C 213 -38.33 7.97 30.04
C SER C 213 -37.78 6.56 29.80
N THR C 214 -36.46 6.45 29.74
CA THR C 214 -35.78 5.19 29.47
C THR C 214 -35.99 4.19 30.59
N VAL C 215 -35.77 4.63 31.82
CA VAL C 215 -35.91 3.75 32.95
C VAL C 215 -37.29 3.13 32.94
N ALA C 216 -38.30 3.95 32.63
CA ALA C 216 -39.68 3.50 32.62
C ALA C 216 -39.89 2.39 31.60
N GLN C 217 -39.23 2.53 30.46
CA GLN C 217 -39.36 1.58 29.38
C GLN C 217 -38.61 0.30 29.72
N LEU C 218 -37.48 0.44 30.41
CA LEU C 218 -36.69 -0.70 30.83
C LEU C 218 -37.48 -1.58 31.80
N VAL C 219 -38.02 -0.95 32.84
CA VAL C 219 -38.83 -1.64 33.84
C VAL C 219 -40.07 -2.24 33.20
N GLN C 220 -40.56 -1.61 32.14
CA GLN C 220 -41.70 -2.15 31.41
C GLN C 220 -41.30 -3.46 30.77
N THR C 221 -40.11 -3.49 30.19
CA THR C 221 -39.63 -4.67 29.47
C THR C 221 -39.38 -5.84 30.43
N LEU C 222 -38.86 -5.55 31.60
CA LEU C 222 -38.63 -6.59 32.61
C LEU C 222 -39.94 -7.27 32.97
N GLU C 223 -40.98 -6.48 33.18
CA GLU C 223 -42.31 -7.02 33.49
C GLU C 223 -42.85 -7.85 32.33
N GLN C 224 -42.59 -7.42 31.11
CA GLN C 224 -43.09 -8.17 29.95
C GLN C 224 -42.48 -9.56 29.89
N HIS C 225 -41.45 -9.78 30.71
CA HIS C 225 -40.80 -11.08 30.77
C HIS C 225 -40.83 -11.68 32.16
N ASP C 226 -41.72 -11.18 33.02
CA ASP C 226 -41.81 -11.66 34.39
C ASP C 226 -40.41 -11.77 34.97
N ALA C 227 -39.65 -10.67 34.86
CA ALA C 227 -38.30 -10.61 35.40
C ALA C 227 -38.21 -9.52 36.43
N MET C 228 -39.33 -8.86 36.70
CA MET C 228 -39.32 -7.80 37.70
C MET C 228 -39.41 -8.36 39.11
N LYS C 229 -39.92 -9.58 39.24
CA LYS C 229 -40.13 -10.17 40.55
C LYS C 229 -38.83 -10.48 41.30
N TYR C 230 -37.76 -10.77 40.56
CA TYR C 230 -36.48 -10.99 41.20
C TYR C 230 -35.50 -9.87 40.91
N SER C 231 -36.04 -8.70 40.57
CA SER C 231 -35.20 -7.58 40.17
C SER C 231 -35.47 -6.33 41.00
N ILE C 232 -34.39 -5.68 41.44
CA ILE C 232 -34.48 -4.42 42.16
C ILE C 232 -33.86 -3.32 41.31
N ILE C 233 -34.52 -2.17 41.26
CA ILE C 233 -34.04 -1.09 40.40
C ILE C 233 -33.79 0.15 41.23
N VAL C 234 -32.65 0.80 41.01
CA VAL C 234 -32.36 2.03 41.72
C VAL C 234 -32.18 3.17 40.74
N ALA C 235 -33.00 4.20 40.88
CA ALA C 235 -33.06 5.25 39.89
C ALA C 235 -32.32 6.49 40.34
N ALA C 236 -31.46 7.00 39.47
CA ALA C 236 -30.75 8.23 39.74
C ALA C 236 -30.67 9.03 38.46
N THR C 237 -31.84 9.39 37.94
CA THR C 237 -31.93 10.09 36.67
C THR C 237 -31.14 11.38 36.66
N ALA C 238 -30.91 11.90 35.47
CA ALA C 238 -30.06 13.07 35.30
C ALA C 238 -30.63 14.28 36.04
N SER C 239 -31.95 14.43 35.98
CA SER C 239 -32.61 15.58 36.60
C SER C 239 -32.33 15.73 38.10
N GLU C 240 -32.24 14.60 38.82
CA GLU C 240 -31.97 14.63 40.26
C GLU C 240 -30.65 15.36 40.56
N ALA C 241 -30.42 15.63 41.85
CA ALA C 241 -29.21 16.35 42.25
C ALA C 241 -27.95 15.50 42.12
N ALA C 242 -26.82 16.16 41.84
CA ALA C 242 -25.56 15.47 41.62
C ALA C 242 -25.18 14.45 42.70
N PRO C 243 -25.38 14.80 43.99
CA PRO C 243 -25.13 13.93 45.13
C PRO C 243 -25.96 12.64 45.14
N LEU C 244 -27.11 12.67 44.49
CA LEU C 244 -27.92 11.46 44.35
C LEU C 244 -27.25 10.50 43.36
N GLN C 245 -26.91 11.02 42.18
CA GLN C 245 -26.22 10.23 41.17
C GLN C 245 -24.91 9.68 41.72
N TYR C 246 -24.28 10.44 42.61
CA TYR C 246 -23.00 10.00 43.19
C TYR C 246 -23.21 8.89 44.21
N LEU C 247 -24.28 9.00 45.00
CA LEU C 247 -24.51 8.06 46.09
C LEU C 247 -25.23 6.81 45.60
N ALA C 248 -25.92 6.94 44.47
CA ALA C 248 -26.79 5.88 43.93
C ALA C 248 -26.15 4.50 43.88
N PRO C 249 -24.96 4.40 43.29
CA PRO C 249 -24.27 3.12 43.15
C PRO C 249 -23.93 2.52 44.50
N PHE C 250 -23.41 3.33 45.42
CA PHE C 250 -22.96 2.83 46.71
C PHE C 250 -24.12 2.25 47.51
N THR C 251 -25.20 3.00 47.62
CA THR C 251 -26.37 2.51 48.33
C THR C 251 -26.88 1.24 47.65
N ALA C 252 -26.97 1.29 46.33
CA ALA C 252 -27.46 0.17 45.55
C ALA C 252 -26.66 -1.11 45.82
N ALA C 253 -25.36 -0.95 46.03
CA ALA C 253 -24.47 -2.07 46.32
C ALA C 253 -24.82 -2.73 47.66
N SER C 254 -25.08 -1.90 48.66
CA SER C 254 -25.47 -2.39 49.97
C SER C 254 -26.72 -3.25 49.87
N ILE C 255 -27.64 -2.84 48.99
CA ILE C 255 -28.87 -3.58 48.76
C ILE C 255 -28.54 -5.01 48.36
N GLY C 256 -27.58 -5.16 47.45
CA GLY C 256 -27.23 -6.45 46.89
C GLY C 256 -26.36 -7.25 47.84
N GLU C 257 -25.46 -6.56 48.52
CA GLU C 257 -24.58 -7.19 49.49
C GLU C 257 -25.39 -8.07 50.44
N TRP C 258 -26.66 -7.69 50.62
CA TRP C 258 -27.53 -8.34 51.59
C TRP C 258 -27.64 -9.84 51.32
N PHE C 259 -27.95 -10.17 50.08
CA PHE C 259 -28.03 -11.56 49.65
C PHE C 259 -26.70 -12.27 49.88
N ARG C 260 -25.61 -11.59 49.50
CA ARG C 260 -24.26 -12.13 49.64
C ARG C 260 -23.98 -12.60 51.06
N ASP C 261 -24.52 -11.89 52.03
CA ASP C 261 -24.27 -12.18 53.43
C ASP C 261 -25.17 -13.29 53.97
N ASN C 262 -26.39 -13.36 53.46
CA ASN C 262 -27.34 -14.38 53.89
C ASN C 262 -27.23 -15.67 53.09
N GLY C 263 -26.09 -15.87 52.43
CA GLY C 263 -25.84 -17.09 51.70
C GLY C 263 -26.66 -17.23 50.42
N LYS C 264 -27.04 -16.09 49.83
CA LYS C 264 -27.70 -16.07 48.53
C LYS C 264 -26.80 -15.37 47.50
N HIS C 265 -27.17 -15.48 46.23
CA HIS C 265 -26.37 -14.92 45.16
C HIS C 265 -27.05 -13.67 44.58
N ALA C 266 -26.24 -12.65 44.28
CA ALA C 266 -26.80 -11.41 43.74
C ALA C 266 -26.03 -10.98 42.50
N LEU C 267 -26.67 -10.18 41.67
CA LEU C 267 -26.07 -9.73 40.42
C LEU C 267 -26.40 -8.26 40.22
N ILE C 268 -25.44 -7.39 40.48
CA ILE C 268 -25.68 -5.96 40.35
C ILE C 268 -25.11 -5.44 39.03
N VAL C 269 -25.82 -4.54 38.39
CA VAL C 269 -25.34 -3.92 37.17
C VAL C 269 -25.29 -2.42 37.34
N TYR C 270 -24.10 -1.85 37.18
CA TYR C 270 -23.98 -0.40 37.21
C TYR C 270 -24.05 0.14 35.78
N ASP C 271 -24.90 1.13 35.55
CA ASP C 271 -25.03 1.74 34.23
C ASP C 271 -25.40 3.20 34.40
N ASP C 272 -24.41 4.08 34.37
CA ASP C 272 -23.01 3.71 34.15
C ASP C 272 -22.08 4.51 35.07
N LEU C 273 -20.91 3.97 35.37
CA LEU C 273 -20.00 4.67 36.27
C LEU C 273 -19.42 5.92 35.62
N SER C 274 -19.49 5.98 34.30
CA SER C 274 -18.96 7.13 33.58
C SER C 274 -19.71 8.41 33.96
N LYS C 275 -21.03 8.29 34.10
CA LYS C 275 -21.85 9.41 34.53
C LYS C 275 -21.61 9.71 36.01
N GLN C 276 -21.53 8.67 36.83
CA GLN C 276 -21.29 8.86 38.26
C GLN C 276 -20.06 9.72 38.53
N ALA C 277 -18.98 9.50 37.78
CA ALA C 277 -17.77 10.29 37.96
C ALA C 277 -18.02 11.74 37.58
N VAL C 278 -18.78 11.96 36.52
CA VAL C 278 -19.14 13.30 36.13
C VAL C 278 -19.89 13.98 37.27
N ALA C 279 -20.83 13.26 37.85
CA ALA C 279 -21.58 13.76 39.01
C ALA C 279 -20.63 14.09 40.16
N TYR C 280 -19.85 13.09 40.57
CA TYR C 280 -18.92 13.29 41.68
C TYR C 280 -17.91 14.37 41.35
N ARG C 281 -17.68 14.60 40.07
CA ARG C 281 -16.77 15.68 39.68
C ARG C 281 -17.42 17.01 40.02
N GLN C 282 -18.74 17.06 39.88
CA GLN C 282 -19.49 18.29 40.10
C GLN C 282 -19.49 18.78 41.55
N LEU C 283 -19.62 17.84 42.50
CA LEU C 283 -19.55 18.19 43.93
C LEU C 283 -18.19 18.75 44.29
N SER C 284 -17.13 18.12 43.77
CA SER C 284 -15.76 18.54 44.03
C SER C 284 -15.51 19.97 43.58
N LEU C 285 -15.67 20.22 42.29
CA LEU C 285 -15.51 21.56 41.75
C LEU C 285 -16.31 22.61 42.52
N LEU C 286 -17.55 22.28 42.87
CA LEU C 286 -18.43 23.23 43.55
C LEU C 286 -18.05 23.45 45.00
N LEU C 287 -17.53 22.41 45.63
CA LEU C 287 -17.02 22.53 46.99
C LEU C 287 -15.65 23.19 46.96
N ARG C 288 -15.26 23.65 45.77
CA ARG C 288 -13.99 24.34 45.58
C ARG C 288 -12.80 23.43 45.86
N ARG C 289 -12.98 22.14 45.56
CA ARG C 289 -11.90 21.17 45.71
C ARG C 289 -11.09 21.09 44.42
N PRO C 290 -9.78 21.33 44.52
CA PRO C 290 -8.89 21.23 43.36
C PRO C 290 -9.10 19.97 42.52
N PRO C 291 -9.24 20.14 41.19
CA PRO C 291 -9.35 19.08 40.19
C PRO C 291 -8.01 18.43 39.83
N GLY C 292 -8.05 17.18 39.38
CA GLY C 292 -6.88 16.49 38.90
C GLY C 292 -6.73 16.62 37.40
N ARG C 293 -7.15 15.58 36.68
CA ARG C 293 -7.10 15.59 35.22
C ARG C 293 -8.49 15.61 34.59
N GLU C 294 -8.72 16.60 33.75
CA GLU C 294 -10.02 16.83 33.14
C GLU C 294 -11.04 17.18 34.20
N ALA C 295 -10.57 17.84 35.26
CA ALA C 295 -11.46 18.35 36.30
C ALA C 295 -11.92 17.30 37.28
N TYR C 296 -11.63 16.03 37.01
CA TYR C 296 -12.04 14.98 37.94
C TYR C 296 -11.23 15.09 39.24
N PRO C 297 -11.85 14.76 40.38
CA PRO C 297 -11.20 14.81 41.69
C PRO C 297 -10.02 13.86 41.75
N GLY C 298 -9.02 14.18 42.56
CA GLY C 298 -7.84 13.33 42.65
C GLY C 298 -8.18 11.88 42.86
N ASP C 299 -9.03 11.61 43.85
CA ASP C 299 -9.36 10.25 44.27
C ASP C 299 -10.43 9.61 43.41
N VAL C 300 -10.52 10.03 42.15
CA VAL C 300 -11.57 9.55 41.28
C VAL C 300 -11.47 8.05 41.09
N PHE C 301 -10.24 7.54 41.13
CA PHE C 301 -9.99 6.10 41.08
C PHE C 301 -10.67 5.44 42.28
N TYR C 302 -10.40 5.99 43.46
CA TYR C 302 -10.94 5.47 44.71
C TYR C 302 -12.46 5.47 44.72
N LEU C 303 -13.05 6.10 43.72
CA LEU C 303 -14.50 6.16 43.60
C LEU C 303 -15.05 4.83 43.11
N HIS C 304 -14.36 4.22 42.16
CA HIS C 304 -14.79 2.95 41.57
C HIS C 304 -14.09 1.76 42.21
N SER C 305 -12.97 2.02 42.85
CA SER C 305 -12.20 0.93 43.45
C SER C 305 -12.92 0.39 44.69
N ARG C 306 -13.37 1.29 45.56
CA ARG C 306 -14.05 0.89 46.78
C ARG C 306 -15.50 0.52 46.51
N LEU C 307 -15.85 0.45 45.24
CA LEU C 307 -17.20 0.09 44.84
C LEU C 307 -17.19 -1.34 44.31
N LEU C 308 -16.32 -1.58 43.34
CA LEU C 308 -16.24 -2.88 42.70
C LEU C 308 -15.68 -3.94 43.65
N GLU C 309 -14.74 -3.57 44.50
CA GLU C 309 -14.14 -4.54 45.41
C GLU C 309 -15.19 -5.11 46.39
N ARG C 310 -16.31 -4.41 46.51
CA ARG C 310 -17.37 -4.78 47.45
C ARG C 310 -18.11 -6.05 47.00
N ALA C 311 -17.89 -6.42 45.75
CA ALA C 311 -18.52 -7.59 45.18
C ALA C 311 -17.48 -8.70 45.05
N ALA C 312 -17.73 -9.84 45.69
CA ALA C 312 -16.83 -10.97 45.59
C ALA C 312 -17.43 -12.21 46.22
N LYS C 313 -16.77 -13.35 46.02
CA LYS C 313 -17.25 -14.61 46.55
C LYS C 313 -16.80 -14.82 47.98
N LEU C 314 -17.76 -15.13 48.86
CA LEU C 314 -17.48 -15.27 50.28
C LEU C 314 -17.09 -16.70 50.65
N SER C 315 -16.41 -16.84 51.78
CA SER C 315 -16.00 -18.13 52.31
C SER C 315 -17.21 -18.98 52.71
N GLU C 316 -17.00 -20.29 52.79
CA GLU C 316 -18.04 -21.20 53.26
C GLU C 316 -18.53 -20.86 54.68
N LYS C 317 -17.62 -20.33 55.50
CA LYS C 317 -17.95 -19.90 56.87
C LYS C 317 -18.91 -18.73 56.84
N GLU C 318 -18.80 -17.90 55.81
CA GLU C 318 -19.55 -16.66 55.74
C GLU C 318 -20.98 -16.90 55.22
N GLY C 319 -21.13 -17.90 54.36
CA GLY C 319 -22.43 -18.30 53.88
C GLY C 319 -22.40 -18.83 52.46
N SER C 320 -21.22 -18.79 51.85
CA SER C 320 -21.05 -19.17 50.46
C SER C 320 -21.79 -18.19 49.57
N GLY C 321 -22.03 -17.00 50.12
CA GLY C 321 -22.75 -15.95 49.42
C GLY C 321 -21.86 -15.25 48.43
N SER C 322 -22.46 -14.50 47.52
CA SER C 322 -21.70 -13.87 46.46
C SER C 322 -22.41 -12.73 45.78
N LEU C 323 -21.61 -11.84 45.20
CA LEU C 323 -22.14 -10.68 44.50
C LEU C 323 -21.33 -10.41 43.24
N THR C 324 -22.00 -10.49 42.11
CA THR C 324 -21.38 -10.29 40.81
C THR C 324 -21.65 -8.90 40.29
N ALA C 325 -20.70 -8.32 39.57
CA ALA C 325 -20.87 -6.94 39.13
C ALA C 325 -20.58 -6.72 37.66
N LEU C 326 -21.49 -6.00 37.01
CA LEU C 326 -21.36 -5.70 35.60
C LEU C 326 -21.38 -4.19 35.38
N PRO C 327 -20.27 -3.53 35.72
CA PRO C 327 -20.01 -2.10 35.50
C PRO C 327 -20.13 -1.73 34.03
N VAL C 328 -20.69 -0.56 33.73
CA VAL C 328 -20.79 -0.11 32.34
C VAL C 328 -20.12 1.23 32.09
N ILE C 329 -19.31 1.32 31.04
CA ILE C 329 -18.60 2.57 30.74
C ILE C 329 -18.88 3.08 29.32
N GLU C 330 -18.81 4.39 29.15
CA GLU C 330 -19.13 5.03 27.87
C GLU C 330 -17.92 5.77 27.29
N THR C 331 -17.29 5.16 26.30
CA THR C 331 -16.12 5.75 25.68
C THR C 331 -16.52 6.77 24.62
N GLN C 332 -15.58 7.63 24.25
CA GLN C 332 -15.79 8.61 23.20
C GLN C 332 -14.91 8.29 21.99
N GLY C 333 -15.55 8.11 20.83
CA GLY C 333 -14.83 7.86 19.59
C GLY C 333 -14.02 6.58 19.61
N GLY C 334 -14.41 5.66 20.49
CA GLY C 334 -13.73 4.38 20.61
C GLY C 334 -12.41 4.46 21.35
N ASP C 335 -12.20 5.57 22.07
CA ASP C 335 -10.95 5.80 22.80
C ASP C 335 -10.97 5.18 24.19
N VAL C 336 -10.42 3.97 24.31
CA VAL C 336 -10.35 3.29 25.59
C VAL C 336 -9.14 3.77 26.40
N SER C 337 -8.32 4.62 25.80
CA SER C 337 -7.13 5.13 26.46
C SER C 337 -7.48 6.29 27.38
N ALA C 338 -8.78 6.52 27.53
CA ALA C 338 -9.30 7.67 28.27
C ALA C 338 -8.99 7.60 29.77
N TYR C 339 -9.36 8.65 30.50
CA TYR C 339 -9.02 8.74 31.91
C TYR C 339 -9.85 7.81 32.79
N ILE C 340 -11.17 7.96 32.77
CA ILE C 340 -12.03 7.10 33.57
C ILE C 340 -11.98 5.62 33.16
N PRO C 341 -12.06 5.32 31.84
CA PRO C 341 -12.10 3.91 31.42
C PRO C 341 -10.89 3.10 31.87
N THR C 342 -9.69 3.64 31.67
CA THR C 342 -8.48 2.98 32.11
C THR C 342 -8.54 2.69 33.61
N ASN C 343 -9.09 3.63 34.37
CA ASN C 343 -9.21 3.49 35.82
C ASN C 343 -10.02 2.24 36.20
N VAL C 344 -10.96 1.88 35.36
CA VAL C 344 -11.88 0.78 35.68
C VAL C 344 -11.44 -0.53 35.06
N ILE C 345 -10.86 -0.45 33.88
CA ILE C 345 -10.29 -1.63 33.22
C ILE C 345 -9.28 -2.30 34.12
N SER C 346 -8.63 -1.51 34.97
CA SER C 346 -7.58 -2.02 35.84
C SER C 346 -8.15 -2.80 37.02
N ILE C 347 -9.42 -2.59 37.32
CA ILE C 347 -10.06 -3.17 38.50
C ILE C 347 -10.90 -4.39 38.16
N THR C 348 -11.59 -4.31 37.04
CA THR C 348 -12.53 -5.32 36.60
C THR C 348 -11.82 -6.59 36.14
N ASP C 349 -12.48 -7.73 36.36
CA ASP C 349 -11.93 -9.04 35.99
C ASP C 349 -12.15 -9.33 34.52
N GLY C 350 -11.80 -8.37 33.67
CA GLY C 350 -11.97 -8.52 32.24
C GLY C 350 -13.04 -7.58 31.71
N GLN C 351 -13.20 -7.54 30.40
CA GLN C 351 -14.12 -6.59 29.80
C GLN C 351 -14.72 -7.12 28.50
N ILE C 352 -15.98 -6.77 28.26
CA ILE C 352 -16.64 -7.17 27.03
C ILE C 352 -16.71 -5.97 26.10
N PHE C 353 -15.62 -5.76 25.37
CA PHE C 353 -15.50 -4.65 24.45
C PHE C 353 -16.58 -4.74 23.37
N LEU C 354 -17.27 -3.64 23.10
CA LEU C 354 -18.27 -3.62 22.03
C LEU C 354 -17.99 -2.53 21.02
N GLU C 355 -17.82 -2.91 19.76
CA GLU C 355 -17.48 -1.94 18.73
C GLU C 355 -18.68 -1.61 17.86
N ALA C 356 -18.85 -0.33 17.59
CA ALA C 356 -19.89 0.14 16.70
C ALA C 356 -19.72 -0.44 15.30
N GLU C 357 -18.48 -0.44 14.82
CA GLU C 357 -18.20 -0.88 13.46
C GLU C 357 -18.64 -2.32 13.20
N LEU C 358 -18.50 -3.19 14.20
CA LEU C 358 -18.88 -4.60 14.04
C LEU C 358 -20.39 -4.76 14.00
N PHE C 359 -21.08 -3.84 14.66
CA PHE C 359 -22.54 -3.83 14.71
C PHE C 359 -23.15 -3.72 13.32
N TYR C 360 -22.65 -2.79 12.51
CA TYR C 360 -23.17 -2.59 11.16
C TYR C 360 -22.81 -3.76 10.27
N LYS C 361 -21.59 -4.27 10.43
CA LYS C 361 -21.13 -5.42 9.66
C LYS C 361 -22.07 -6.60 9.85
N GLY C 362 -22.87 -6.55 10.91
CA GLY C 362 -23.85 -7.59 11.15
C GLY C 362 -23.49 -8.45 12.34
N ILE C 363 -22.37 -8.17 12.97
CA ILE C 363 -22.02 -8.86 14.20
C ILE C 363 -22.78 -8.28 15.38
N ARG C 364 -23.85 -8.97 15.77
CA ARG C 364 -24.71 -8.53 16.87
C ARG C 364 -25.00 -9.68 17.82
N PRO C 365 -24.63 -9.53 19.10
CA PRO C 365 -24.01 -8.32 19.67
C PRO C 365 -22.58 -8.14 19.19
N ALA C 366 -22.16 -6.90 18.95
CA ALA C 366 -20.84 -6.63 18.41
C ALA C 366 -19.73 -6.76 19.45
N ILE C 367 -19.48 -7.99 19.89
CA ILE C 367 -18.44 -8.27 20.85
C ILE C 367 -17.10 -8.51 20.17
N ASN C 368 -16.13 -7.61 20.37
CA ASN C 368 -14.80 -7.83 19.83
C ASN C 368 -13.99 -8.82 20.65
N VAL C 369 -13.89 -10.06 20.17
CA VAL C 369 -13.18 -11.12 20.88
C VAL C 369 -11.71 -10.76 21.07
N GLY C 370 -11.14 -10.10 20.06
CA GLY C 370 -9.77 -9.65 20.12
C GLY C 370 -9.43 -8.89 21.37
N LEU C 371 -10.40 -8.14 21.91
CA LEU C 371 -10.13 -7.28 23.06
C LEU C 371 -10.91 -7.69 24.30
N SER C 372 -11.93 -8.50 24.12
CA SER C 372 -12.73 -8.97 25.24
C SER C 372 -12.13 -10.22 25.83
N VAL C 373 -11.92 -10.20 27.14
CA VAL C 373 -11.31 -11.33 27.84
C VAL C 373 -12.00 -11.54 29.18
N SER C 374 -11.78 -12.68 29.80
CA SER C 374 -12.26 -12.91 31.15
C SER C 374 -11.12 -13.44 31.99
N ARG C 375 -10.84 -12.77 33.09
CA ARG C 375 -9.70 -13.17 33.90
C ARG C 375 -9.99 -14.47 34.66
N VAL C 376 -11.25 -14.71 34.99
CA VAL C 376 -11.56 -15.94 35.71
C VAL C 376 -11.45 -17.11 34.75
N GLY C 377 -11.85 -16.86 33.51
CA GLY C 377 -11.66 -17.82 32.45
C GLY C 377 -12.56 -19.04 32.59
N SER C 378 -12.03 -20.19 32.19
CA SER C 378 -12.81 -21.43 32.16
C SER C 378 -13.29 -21.86 33.54
N ALA C 379 -12.61 -21.39 34.59
CA ALA C 379 -13.02 -21.73 35.94
C ALA C 379 -14.51 -21.43 36.13
N ALA C 380 -14.96 -20.34 35.52
CA ALA C 380 -16.33 -19.87 35.68
C ALA C 380 -17.29 -20.48 34.67
N GLN C 381 -16.78 -20.72 33.47
CA GLN C 381 -17.54 -21.33 32.38
C GLN C 381 -18.12 -22.68 32.79
N VAL C 382 -19.19 -23.11 32.12
CA VAL C 382 -19.77 -24.42 32.37
C VAL C 382 -18.83 -25.52 31.89
N LYS C 383 -18.77 -26.62 32.62
CA LYS C 383 -17.86 -27.71 32.27
C LYS C 383 -18.20 -28.32 30.91
N ALA C 384 -19.49 -28.57 30.69
CA ALA C 384 -19.95 -29.11 29.41
C ALA C 384 -19.49 -28.22 28.25
N LEU C 385 -19.88 -26.95 28.29
CA LEU C 385 -19.53 -26.02 27.22
C LEU C 385 -18.01 -25.85 27.12
N LYS C 386 -17.30 -26.20 28.18
CA LYS C 386 -15.85 -26.04 28.19
C LYS C 386 -15.19 -27.02 27.22
N GLN C 387 -15.78 -28.21 27.11
CA GLN C 387 -15.23 -29.25 26.26
C GLN C 387 -15.41 -28.93 24.78
N VAL C 388 -16.64 -28.66 24.38
CA VAL C 388 -16.95 -28.40 22.98
C VAL C 388 -16.20 -27.20 22.40
N ALA C 389 -15.87 -26.23 23.25
CA ALA C 389 -15.09 -25.09 22.77
C ALA C 389 -13.85 -24.93 23.63
N GLY C 390 -12.72 -25.40 23.11
CA GLY C 390 -11.48 -25.32 23.86
C GLY C 390 -10.57 -24.22 23.35
N SER C 391 -10.16 -24.34 22.09
CA SER C 391 -9.31 -23.34 21.46
C SER C 391 -10.14 -22.47 20.53
N LEU C 392 -11.45 -22.48 20.75
CA LEU C 392 -12.38 -21.71 19.92
C LEU C 392 -11.99 -20.23 19.85
N LYS C 393 -11.74 -19.64 21.01
CA LYS C 393 -11.31 -18.24 21.06
C LYS C 393 -9.99 -18.09 20.31
N LEU C 394 -9.11 -19.07 20.46
CA LEU C 394 -7.83 -19.06 19.77
C LEU C 394 -8.03 -19.20 18.26
N PHE C 395 -9.05 -19.95 17.88
CA PHE C 395 -9.36 -20.21 16.48
C PHE C 395 -9.90 -18.96 15.80
N LEU C 396 -10.76 -18.25 16.52
CA LEU C 396 -11.34 -17.00 16.03
C LEU C 396 -10.25 -15.94 15.89
N ALA C 397 -9.17 -16.12 16.64
CA ALA C 397 -8.02 -15.25 16.53
C ALA C 397 -7.29 -15.55 15.22
N GLN C 398 -7.19 -16.82 14.88
CA GLN C 398 -6.56 -17.24 13.63
C GLN C 398 -7.41 -16.77 12.46
N TYR C 399 -8.72 -16.79 12.63
CA TYR C 399 -9.63 -16.36 11.57
C TYR C 399 -9.37 -14.92 11.15
N ARG C 400 -9.29 -14.02 12.13
CA ARG C 400 -9.03 -12.62 11.85
C ARG C 400 -7.63 -12.46 11.28
N GLU C 401 -6.75 -13.41 11.61
CA GLU C 401 -5.40 -13.42 11.08
C GLU C 401 -5.41 -13.77 9.61
N VAL C 402 -6.25 -14.75 9.25
CA VAL C 402 -6.37 -15.19 7.87
C VAL C 402 -7.27 -14.24 7.08
N ALA C 403 -8.26 -13.66 7.75
CA ALA C 403 -9.21 -12.77 7.09
C ALA C 403 -8.53 -11.50 6.60
N ALA C 404 -7.54 -11.04 7.37
CA ALA C 404 -6.81 -9.83 7.03
C ALA C 404 -5.79 -10.08 5.91
N PHE C 405 -5.25 -11.31 5.88
CA PHE C 405 -4.21 -11.70 4.93
C PHE C 405 -4.76 -12.06 3.54
N ALA C 406 -6.03 -12.46 3.50
CA ALA C 406 -6.73 -12.76 2.24
C ALA C 406 -7.25 -11.47 1.59
N GLN C 407 -7.01 -10.35 2.26
CA GLN C 407 -7.33 -9.02 1.74
C GLN C 407 -6.45 -8.70 0.52
N PHE C 408 -5.23 -9.24 0.51
CA PHE C 408 -4.25 -9.07 -0.56
C PHE C 408 -4.83 -9.37 -1.94
N GLY C 409 -5.80 -10.29 -1.99
CA GLY C 409 -6.42 -10.66 -3.26
C GLY C 409 -5.67 -11.78 -3.92
N SER C 410 -4.96 -12.56 -3.10
CA SER C 410 -4.24 -13.72 -3.61
C SER C 410 -5.03 -14.98 -3.31
N ASP C 411 -4.88 -15.98 -4.18
CA ASP C 411 -5.53 -17.27 -3.99
C ASP C 411 -5.10 -17.90 -2.67
N LEU C 412 -5.97 -18.73 -2.11
CA LEU C 412 -5.67 -19.39 -0.85
C LEU C 412 -5.65 -20.91 -1.03
N ASP C 413 -4.71 -21.56 -0.35
CA ASP C 413 -4.62 -23.01 -0.39
C ASP C 413 -5.74 -23.67 0.40
N ALA C 414 -5.65 -24.98 0.59
CA ALA C 414 -6.68 -25.74 1.30
C ALA C 414 -6.73 -25.37 2.78
N SER C 415 -5.56 -25.17 3.39
CA SER C 415 -5.49 -24.87 4.82
C SER C 415 -6.08 -23.50 5.15
N THR C 416 -5.56 -22.46 4.52
CA THR C 416 -5.97 -21.09 4.80
C THR C 416 -7.41 -20.80 4.41
N LYS C 417 -7.95 -21.60 3.49
CA LYS C 417 -9.34 -21.45 3.06
C LYS C 417 -10.27 -22.30 3.92
N GLN C 418 -9.78 -23.44 4.39
CA GLN C 418 -10.56 -24.32 5.25
C GLN C 418 -10.93 -23.61 6.54
N THR C 419 -9.91 -23.08 7.21
CA THR C 419 -10.10 -22.33 8.44
C THR C 419 -10.88 -21.04 8.16
N LEU C 420 -10.67 -20.47 6.99
CA LEU C 420 -11.41 -19.27 6.58
C LEU C 420 -12.89 -19.57 6.40
N VAL C 421 -13.20 -20.76 5.90
CA VAL C 421 -14.59 -21.16 5.71
C VAL C 421 -15.27 -21.33 7.06
N ARG C 422 -14.61 -22.04 7.97
CA ARG C 422 -15.20 -22.33 9.27
C ARG C 422 -15.23 -21.09 10.15
N GLY C 423 -14.11 -20.35 10.17
CA GLY C 423 -14.00 -19.15 10.96
C GLY C 423 -15.06 -18.12 10.61
N GLU C 424 -15.50 -18.13 9.36
CA GLU C 424 -16.47 -17.15 8.88
C GLU C 424 -17.86 -17.53 9.35
N ARG C 425 -18.07 -18.82 9.56
CA ARG C 425 -19.38 -19.33 9.95
C ARG C 425 -19.54 -19.33 11.45
N LEU C 426 -18.43 -19.55 12.16
CA LEU C 426 -18.47 -19.49 13.61
C LEU C 426 -18.87 -18.08 14.04
N THR C 427 -18.38 -17.08 13.31
CA THR C 427 -18.75 -15.69 13.59
C THR C 427 -20.23 -15.44 13.33
N GLN C 428 -20.80 -16.22 12.41
CA GLN C 428 -22.21 -16.08 12.06
C GLN C 428 -23.09 -16.86 13.04
N LEU C 429 -22.52 -17.87 13.65
CA LEU C 429 -23.24 -18.68 14.63
C LEU C 429 -23.36 -17.93 15.96
N LEU C 430 -22.38 -17.07 16.24
CA LEU C 430 -22.36 -16.31 17.48
C LEU C 430 -23.41 -15.21 17.53
N LYS C 431 -23.88 -14.78 16.35
CA LYS C 431 -24.90 -13.74 16.27
C LYS C 431 -26.21 -14.21 16.87
N GLN C 432 -26.68 -13.49 17.89
CA GLN C 432 -27.91 -13.87 18.56
C GLN C 432 -28.78 -12.64 18.77
N ASN C 433 -30.09 -12.82 18.60
CA ASN C 433 -31.04 -11.72 18.73
C ASN C 433 -31.26 -11.29 20.16
N GLN C 434 -31.55 -10.00 20.36
CA GLN C 434 -31.79 -9.49 21.68
C GLN C 434 -33.05 -10.09 22.28
N TYR C 435 -33.16 -10.05 23.60
CA TYR C 435 -34.35 -10.52 24.28
C TYR C 435 -34.57 -12.00 23.99
N SER C 436 -33.50 -12.71 23.64
CA SER C 436 -33.62 -14.12 23.29
C SER C 436 -32.53 -14.97 23.94
N PRO C 437 -32.56 -15.07 25.27
CA PRO C 437 -31.56 -15.85 26.00
C PRO C 437 -31.69 -17.34 25.69
N LEU C 438 -30.56 -18.00 25.46
CA LEU C 438 -30.55 -19.44 25.15
C LEU C 438 -29.96 -20.26 26.29
N ALA C 439 -30.66 -21.31 26.70
CA ALA C 439 -30.17 -22.17 27.78
C ALA C 439 -28.82 -22.79 27.44
N THR C 440 -28.23 -23.48 28.40
CA THR C 440 -26.95 -24.17 28.21
C THR C 440 -27.10 -25.37 27.29
N GLU C 441 -28.23 -26.05 27.42
CA GLU C 441 -28.53 -27.25 26.64
C GLU C 441 -28.74 -26.93 25.16
N GLU C 442 -28.80 -25.65 24.82
CA GLU C 442 -29.04 -25.23 23.44
C GLU C 442 -27.79 -24.58 22.86
N GLN C 443 -26.86 -24.21 23.72
CA GLN C 443 -25.63 -23.59 23.28
C GLN C 443 -24.61 -24.65 22.92
N VAL C 444 -24.53 -25.68 23.76
CA VAL C 444 -23.55 -26.74 23.57
C VAL C 444 -23.66 -27.38 22.20
N PRO C 445 -24.88 -27.83 21.83
CA PRO C 445 -25.08 -28.46 20.53
C PRO C 445 -24.63 -27.60 19.36
N LEU C 446 -25.00 -26.32 19.36
CA LEU C 446 -24.65 -25.43 18.26
C LEU C 446 -23.13 -25.28 18.14
N ILE C 447 -22.48 -24.94 19.24
CA ILE C 447 -21.03 -24.78 19.25
C ILE C 447 -20.36 -26.08 18.83
N TYR C 448 -20.95 -27.20 19.23
CA TYR C 448 -20.40 -28.50 18.87
C TYR C 448 -20.28 -28.64 17.37
N ALA C 449 -21.38 -28.41 16.68
CA ALA C 449 -21.43 -28.55 15.23
C ALA C 449 -20.56 -27.51 14.53
N GLY C 450 -20.08 -26.52 15.28
CA GLY C 450 -19.27 -25.47 14.69
C GLY C 450 -17.80 -25.77 14.76
N VAL C 451 -17.30 -25.99 15.98
CA VAL C 451 -15.89 -26.22 16.21
C VAL C 451 -15.39 -27.45 15.45
N ASN C 452 -16.29 -28.41 15.23
CA ASN C 452 -15.92 -29.64 14.54
C ASN C 452 -15.79 -29.44 13.03
N GLY C 453 -16.85 -28.98 12.39
CA GLY C 453 -16.76 -28.65 10.97
C GLY C 453 -17.94 -29.14 10.16
N HIS C 454 -19.10 -29.25 10.79
CA HIS C 454 -20.29 -29.74 10.12
C HIS C 454 -21.05 -28.62 9.43
N LEU C 455 -20.65 -27.38 9.68
CA LEU C 455 -21.31 -26.24 9.07
C LEU C 455 -20.54 -25.77 7.84
N ASP C 456 -19.31 -26.25 7.71
CA ASP C 456 -18.46 -25.87 6.60
C ASP C 456 -19.19 -26.12 5.29
N GLY C 457 -19.91 -27.23 5.21
CA GLY C 457 -20.62 -27.61 4.01
C GLY C 457 -22.02 -27.01 3.90
N ILE C 458 -22.21 -25.85 4.52
CA ILE C 458 -23.49 -25.16 4.46
C ILE C 458 -23.27 -23.70 4.09
N GLU C 459 -24.20 -23.13 3.34
CA GLU C 459 -24.08 -21.74 2.92
C GLU C 459 -24.22 -20.81 4.11
N LEU C 460 -23.61 -19.62 4.02
CA LEU C 460 -23.60 -18.67 5.13
C LEU C 460 -25.00 -18.17 5.51
N SER C 461 -25.82 -17.83 4.51
CA SER C 461 -27.16 -17.31 4.77
C SER C 461 -28.11 -18.42 5.26
N ARG C 462 -27.56 -19.61 5.44
CA ARG C 462 -28.32 -20.77 5.90
C ARG C 462 -28.12 -20.98 7.40
N ILE C 463 -26.96 -20.58 7.91
CA ILE C 463 -26.64 -20.75 9.32
C ILE C 463 -27.76 -20.18 10.17
N GLY C 464 -28.40 -19.14 9.65
CA GLY C 464 -29.49 -18.48 10.35
C GLY C 464 -30.58 -19.46 10.76
N GLU C 465 -31.32 -19.96 9.78
CA GLU C 465 -32.44 -20.86 10.07
C GLU C 465 -31.95 -22.21 10.60
N PHE C 466 -30.68 -22.53 10.33
CA PHE C 466 -30.14 -23.81 10.76
C PHE C 466 -30.24 -23.96 12.27
N GLU C 467 -29.89 -22.90 12.97
CA GLU C 467 -29.90 -22.90 14.43
C GLU C 467 -31.28 -23.29 14.94
N SER C 468 -32.30 -22.57 14.51
CA SER C 468 -33.66 -22.83 14.98
C SER C 468 -34.14 -24.22 14.59
N SER C 469 -33.83 -24.64 13.37
CA SER C 469 -34.25 -25.94 12.88
C SER C 469 -33.59 -27.05 13.67
N PHE C 470 -32.29 -26.93 13.91
CA PHE C 470 -31.56 -27.96 14.62
C PHE C 470 -32.09 -28.14 16.04
N LEU C 471 -32.40 -27.02 16.70
CA LEU C 471 -32.94 -27.06 18.06
C LEU C 471 -34.27 -27.79 18.07
N SER C 472 -35.17 -27.41 17.18
CA SER C 472 -36.48 -28.03 17.10
C SER C 472 -36.34 -29.53 16.83
N TYR C 473 -35.25 -29.90 16.17
CA TYR C 473 -34.99 -31.29 15.86
C TYR C 473 -34.72 -32.08 17.12
N LEU C 474 -33.86 -31.56 17.98
CA LEU C 474 -33.49 -32.24 19.22
C LEU C 474 -34.64 -32.27 20.22
N LYS C 475 -35.36 -31.16 20.33
CA LYS C 475 -36.48 -31.06 21.27
C LYS C 475 -37.60 -32.05 20.93
N SER C 476 -37.58 -32.56 19.70
CA SER C 476 -38.60 -33.50 19.20
C SER C 476 -38.13 -34.94 19.25
N ASN C 477 -36.91 -35.17 18.76
CA ASN C 477 -36.35 -36.51 18.69
C ASN C 477 -35.34 -36.77 19.80
N HIS C 478 -34.12 -36.26 19.61
CA HIS C 478 -33.05 -36.45 20.57
C HIS C 478 -33.19 -35.49 21.74
N ASN C 479 -34.24 -35.65 22.52
CA ASN C 479 -34.49 -34.78 23.67
C ASN C 479 -33.85 -35.34 24.93
N GLU C 480 -33.64 -36.65 24.94
CA GLU C 480 -33.03 -37.31 26.08
C GLU C 480 -31.65 -36.73 26.35
N LEU C 481 -30.90 -36.50 25.28
CA LEU C 481 -29.55 -35.95 25.38
C LEU C 481 -29.56 -34.56 26.01
N LEU C 482 -30.44 -33.70 25.53
CA LEU C 482 -30.58 -32.36 26.11
C LEU C 482 -30.81 -32.45 27.62
N THR C 483 -31.52 -33.48 28.05
CA THR C 483 -31.83 -33.65 29.48
C THR C 483 -30.62 -34.10 30.29
N GLU C 484 -29.70 -34.81 29.64
CA GLU C 484 -28.50 -35.29 30.31
C GLU C 484 -27.48 -34.16 30.44
N ILE C 485 -27.27 -33.46 29.34
CA ILE C 485 -26.39 -32.30 29.36
C ILE C 485 -26.84 -31.30 30.42
N ARG C 486 -28.15 -31.08 30.52
CA ARG C 486 -28.69 -30.13 31.48
C ARG C 486 -28.37 -30.50 32.93
N GLU C 487 -28.72 -31.73 33.31
CA GLU C 487 -28.51 -32.20 34.68
C GLU C 487 -27.05 -32.44 35.00
N LYS C 488 -26.42 -33.33 34.23
CA LYS C 488 -25.02 -33.66 34.41
C LYS C 488 -24.15 -32.41 34.30
N GLY C 489 -24.35 -31.65 33.23
CA GLY C 489 -23.57 -30.45 32.99
C GLY C 489 -22.21 -30.77 32.41
N GLU C 490 -22.00 -32.04 32.09
CA GLU C 490 -20.75 -32.51 31.50
C GLU C 490 -21.03 -33.50 30.38
N LEU C 491 -19.97 -33.93 29.71
CA LEU C 491 -20.11 -34.87 28.61
C LEU C 491 -19.35 -36.18 28.87
N SER C 492 -20.10 -37.28 28.96
CA SER C 492 -19.51 -38.60 29.18
C SER C 492 -19.16 -39.26 27.87
N LYS C 493 -18.45 -40.39 27.94
CA LYS C 493 -18.06 -41.12 26.74
C LYS C 493 -19.27 -41.56 25.94
N GLU C 494 -20.36 -41.87 26.65
CA GLU C 494 -21.60 -42.30 26.02
C GLU C 494 -22.37 -41.13 25.40
N LEU C 495 -22.45 -40.02 26.15
CA LEU C 495 -23.18 -38.84 25.72
C LEU C 495 -22.60 -38.24 24.43
N LEU C 496 -21.29 -38.34 24.28
CA LEU C 496 -20.62 -37.86 23.08
C LEU C 496 -21.01 -38.71 21.88
N ALA C 497 -21.10 -40.02 22.11
CA ALA C 497 -21.44 -40.96 21.04
C ALA C 497 -22.80 -40.62 20.45
N SER C 498 -23.81 -40.56 21.31
CA SER C 498 -25.17 -40.24 20.89
C SER C 498 -25.22 -38.84 20.26
N LEU C 499 -24.56 -37.88 20.91
CA LEU C 499 -24.54 -36.51 20.41
C LEU C 499 -23.87 -36.43 19.04
N LYS C 500 -22.84 -37.25 18.86
CA LYS C 500 -22.14 -37.29 17.58
C LYS C 500 -23.09 -37.74 16.48
N SER C 501 -23.78 -38.85 16.73
CA SER C 501 -24.69 -39.44 15.75
C SER C 501 -25.91 -38.56 15.48
N ALA C 502 -26.33 -37.82 16.49
CA ALA C 502 -27.49 -36.95 16.35
C ALA C 502 -27.19 -35.80 15.42
N THR C 503 -25.93 -35.36 15.40
CA THR C 503 -25.51 -34.24 14.56
C THR C 503 -25.44 -34.66 13.10
N GLU C 504 -24.67 -35.71 12.83
CA GLU C 504 -24.49 -36.22 11.48
C GLU C 504 -25.82 -36.61 10.83
N SER C 505 -26.71 -37.20 11.62
CA SER C 505 -28.02 -37.61 11.13
C SER C 505 -28.82 -36.40 10.64
N PHE C 506 -28.70 -35.27 11.34
CA PHE C 506 -29.41 -34.06 10.96
C PHE C 506 -28.82 -33.40 9.71
N VAL C 507 -27.50 -33.42 9.59
CA VAL C 507 -26.84 -32.86 8.42
C VAL C 507 -27.30 -33.56 7.15
N ALA C 508 -27.48 -34.87 7.25
CA ALA C 508 -27.94 -35.67 6.13
C ALA C 508 -29.37 -35.28 5.73
N THR C 509 -30.18 -34.93 6.73
CA THR C 509 -31.56 -34.51 6.48
C THR C 509 -31.57 -33.23 5.66
N PHE C 510 -32.58 -33.10 4.80
CA PHE C 510 -32.67 -31.95 3.89
C PHE C 510 -31.43 -31.91 3.00
N SER D 6 3.38 7.59 81.70
CA SER D 6 3.45 8.09 80.33
C SER D 6 3.16 9.59 80.24
N THR D 7 3.72 10.24 79.21
CA THR D 7 3.50 11.68 78.98
C THR D 7 3.14 11.99 77.52
N PRO D 8 1.91 11.62 77.10
CA PRO D 8 1.48 11.81 75.71
C PRO D 8 1.06 13.26 75.38
N ILE D 9 1.15 13.64 74.11
CA ILE D 9 0.73 14.97 73.68
C ILE D 9 -0.67 14.97 73.07
N THR D 10 -1.61 15.66 73.71
CA THR D 10 -2.98 15.74 73.23
C THR D 10 -3.09 16.69 72.04
N GLY D 11 -4.13 16.50 71.22
CA GLY D 11 -4.39 17.36 70.09
C GLY D 11 -5.87 17.40 69.79
N LYS D 12 -6.26 18.17 68.77
CA LYS D 12 -7.67 18.28 68.40
C LYS D 12 -7.86 18.53 66.91
N VAL D 13 -8.68 17.69 66.27
CA VAL D 13 -8.97 17.86 64.87
C VAL D 13 -9.67 19.18 64.62
N THR D 14 -9.32 19.86 63.52
CA THR D 14 -9.92 21.15 63.21
C THR D 14 -10.52 21.23 61.81
N ALA D 15 -10.12 20.30 60.94
CA ALA D 15 -10.64 20.25 59.57
C ALA D 15 -10.65 18.82 59.05
N VAL D 16 -11.65 18.50 58.22
CA VAL D 16 -11.72 17.18 57.62
C VAL D 16 -12.17 17.27 56.18
N ILE D 17 -11.24 17.00 55.27
CA ILE D 17 -11.54 16.99 53.85
C ILE D 17 -10.96 15.74 53.19
N GLY D 18 -11.85 14.80 52.88
CA GLY D 18 -11.44 13.55 52.25
C GLY D 18 -10.47 12.76 53.09
N ALA D 19 -9.32 12.41 52.51
CA ALA D 19 -8.30 11.68 53.24
C ALA D 19 -7.32 12.62 53.94
N ILE D 20 -7.70 13.90 54.03
CA ILE D 20 -6.83 14.92 54.64
C ILE D 20 -7.42 15.53 55.91
N VAL D 21 -6.74 15.28 57.03
CA VAL D 21 -7.19 15.71 58.35
C VAL D 21 -6.21 16.73 58.91
N ASP D 22 -6.71 17.88 59.36
CA ASP D 22 -5.88 18.91 59.99
C ASP D 22 -6.03 18.89 61.51
N VAL D 23 -4.93 18.71 62.23
CA VAL D 23 -4.96 18.74 63.69
C VAL D 23 -4.32 20.01 64.24
N HIS D 24 -4.91 20.56 65.30
CA HIS D 24 -4.41 21.77 65.94
C HIS D 24 -3.85 21.48 67.33
N PHE D 25 -2.53 21.38 67.43
CA PHE D 25 -1.88 21.14 68.72
C PHE D 25 -1.68 22.43 69.48
N GLU D 26 -0.89 22.36 70.56
CA GLU D 26 -0.54 23.53 71.35
C GLU D 26 0.89 23.98 71.04
N GLN D 27 1.26 25.18 71.50
CA GLN D 27 2.59 25.69 71.21
C GLN D 27 3.66 24.79 71.80
N SER D 28 4.77 24.66 71.07
CA SER D 28 5.94 23.92 71.52
C SER D 28 5.68 22.42 71.57
N GLU D 29 4.49 22.02 71.13
CA GLU D 29 4.08 20.62 71.20
C GLU D 29 3.82 20.03 69.81
N LEU D 30 4.39 20.64 68.78
CA LEU D 30 4.17 20.16 67.42
C LEU D 30 5.09 18.99 67.08
N PRO D 31 4.50 17.90 66.56
CA PRO D 31 5.24 16.73 66.09
C PRO D 31 5.88 16.97 64.73
N ALA D 32 7.09 16.46 64.56
CA ALA D 32 7.81 16.61 63.30
C ALA D 32 7.02 15.97 62.17
N ILE D 33 7.50 16.15 60.95
CA ILE D 33 6.86 15.56 59.80
C ILE D 33 7.02 14.05 59.86
N LEU D 34 6.12 13.34 59.17
CA LEU D 34 6.20 11.90 59.10
C LEU D 34 6.02 11.24 60.46
N ASN D 35 5.25 11.89 61.33
CA ASN D 35 4.86 11.25 62.59
C ASN D 35 3.43 10.74 62.56
N ALA D 36 3.24 9.58 63.17
CA ALA D 36 1.92 8.96 63.26
C ALA D 36 1.07 9.63 64.33
N LEU D 37 -0.24 9.44 64.25
CA LEU D 37 -1.17 9.95 65.24
C LEU D 37 -2.27 8.92 65.44
N GLU D 38 -3.04 9.06 66.50
CA GLU D 38 -4.10 8.10 66.75
C GLU D 38 -5.36 8.81 67.23
N ILE D 39 -6.49 8.29 66.81
CA ILE D 39 -7.76 8.81 67.29
C ILE D 39 -8.67 7.65 67.69
N LYS D 40 -9.03 7.61 68.97
CA LYS D 40 -9.86 6.53 69.51
C LYS D 40 -11.25 6.58 68.89
N THR D 41 -11.70 5.44 68.36
CA THR D 41 -13.05 5.32 67.85
C THR D 41 -13.68 4.05 68.40
N PRO D 42 -15.02 4.00 68.43
CA PRO D 42 -15.74 2.83 68.94
C PRO D 42 -15.40 1.58 68.14
N GLN D 43 -15.21 1.75 66.85
CA GLN D 43 -14.91 0.64 65.96
C GLN D 43 -13.44 0.20 66.05
N GLY D 44 -12.52 1.15 65.84
CA GLY D 44 -11.10 0.85 65.89
C GLY D 44 -10.25 2.08 66.15
N LYS D 45 -9.12 2.17 65.44
CA LYS D 45 -8.24 3.33 65.56
C LYS D 45 -7.91 3.89 64.18
N LEU D 46 -8.07 5.19 64.02
CA LEU D 46 -7.77 5.84 62.76
C LEU D 46 -6.44 6.56 62.82
N VAL D 47 -5.38 5.85 62.48
CA VAL D 47 -4.04 6.42 62.50
C VAL D 47 -3.92 7.51 61.44
N LEU D 48 -3.22 8.59 61.77
CA LEU D 48 -2.96 9.67 60.82
C LEU D 48 -1.46 9.82 60.64
N GLU D 49 -1.04 10.52 59.59
CA GLU D 49 0.38 10.72 59.35
C GLU D 49 0.67 12.18 59.04
N VAL D 50 1.49 12.81 59.87
CA VAL D 50 1.86 14.20 59.65
C VAL D 50 2.40 14.41 58.24
N ALA D 51 2.01 15.53 57.61
CA ALA D 51 2.46 15.80 56.26
C ALA D 51 3.12 17.16 56.15
N GLN D 52 2.42 18.19 56.62
CA GLN D 52 2.94 19.55 56.54
C GLN D 52 2.72 20.30 57.85
N HIS D 53 3.35 21.46 57.97
CA HIS D 53 3.09 22.35 59.09
C HIS D 53 2.59 23.68 58.56
N LEU D 54 1.28 23.83 58.47
CA LEU D 54 0.67 25.03 57.89
C LEU D 54 1.00 26.28 58.71
N GLY D 55 1.39 26.09 59.96
CA GLY D 55 1.69 27.20 60.86
C GLY D 55 0.59 27.36 61.88
N GLU D 56 0.77 28.30 62.80
CA GLU D 56 -0.22 28.56 63.84
C GLU D 56 -0.58 27.29 64.60
N ASN D 57 0.43 26.47 64.86
CA ASN D 57 0.26 25.22 65.60
C ASN D 57 -0.65 24.22 64.92
N THR D 58 -0.78 24.36 63.61
CA THR D 58 -1.66 23.50 62.82
C THR D 58 -0.85 22.58 61.91
N VAL D 59 -1.22 21.31 61.90
CA VAL D 59 -0.53 20.29 61.13
C VAL D 59 -1.52 19.59 60.22
N ARG D 60 -1.08 19.23 59.02
CA ARG D 60 -1.95 18.52 58.08
C ARG D 60 -1.52 17.06 57.92
N THR D 61 -2.42 16.14 58.24
CA THR D 61 -2.10 14.72 58.17
C THR D 61 -2.86 14.00 57.05
N ILE D 62 -2.53 12.74 56.86
CA ILE D 62 -3.14 11.94 55.81
C ILE D 62 -3.79 10.68 56.37
N ALA D 63 -5.11 10.64 56.25
CA ALA D 63 -5.93 9.58 56.84
C ALA D 63 -5.56 8.18 56.36
N MET D 64 -5.12 7.35 57.31
CA MET D 64 -4.69 6.00 57.00
C MET D 64 -5.87 5.05 56.82
N ASP D 65 -7.07 5.59 56.96
CA ASP D 65 -8.27 4.78 56.86
C ASP D 65 -9.48 5.66 56.60
N GLY D 66 -10.66 5.05 56.65
CA GLY D 66 -11.91 5.75 56.42
C GLY D 66 -12.06 6.96 57.32
N THR D 67 -12.28 8.11 56.70
CA THR D 67 -12.41 9.37 57.41
C THR D 67 -13.83 9.62 57.94
N GLU D 68 -14.81 8.86 57.44
CA GLU D 68 -16.21 9.01 57.87
C GLU D 68 -16.39 8.67 59.35
N GLY D 69 -16.97 9.60 60.10
CA GLY D 69 -17.18 9.42 61.53
C GLY D 69 -16.31 10.28 62.42
N LEU D 70 -15.53 11.17 61.82
CA LEU D 70 -14.70 12.11 62.56
C LEU D 70 -15.48 13.37 62.93
N VAL D 71 -15.46 13.72 64.21
CA VAL D 71 -16.20 14.88 64.69
C VAL D 71 -15.29 16.09 64.83
N ARG D 72 -15.74 17.22 64.30
CA ARG D 72 -15.03 18.48 64.44
C ARG D 72 -14.48 18.68 65.85
N GLY D 73 -13.25 18.26 66.09
CA GLY D 73 -12.61 18.55 67.36
C GLY D 73 -12.33 17.36 68.27
N GLU D 74 -12.35 16.16 67.71
CA GLU D 74 -12.01 14.98 68.48
C GLU D 74 -10.55 15.08 68.91
N LYS D 75 -10.25 14.58 70.12
CA LYS D 75 -8.90 14.64 70.66
C LYS D 75 -8.00 13.56 70.06
N VAL D 76 -6.91 13.98 69.46
CA VAL D 76 -5.98 13.05 68.84
C VAL D 76 -4.78 12.79 69.75
N LEU D 77 -4.35 11.54 69.81
CA LEU D 77 -3.20 11.15 70.62
C LEU D 77 -1.94 11.02 69.76
N ASP D 78 -0.92 11.82 70.05
CA ASP D 78 0.32 11.77 69.30
C ASP D 78 1.02 10.44 69.59
N THR D 79 1.39 9.72 68.54
CA THR D 79 2.12 8.48 68.72
C THR D 79 3.51 8.79 69.25
N GLY D 80 4.10 9.87 68.75
CA GLY D 80 5.43 10.30 69.16
C GLY D 80 6.50 9.79 68.22
N GLY D 81 6.10 9.29 67.06
CA GLY D 81 7.04 8.72 66.11
C GLY D 81 6.34 8.09 64.93
N PRO D 82 7.08 7.90 63.83
CA PRO D 82 6.52 7.35 62.60
C PRO D 82 5.83 6.02 62.85
N ILE D 83 4.93 5.65 61.95
CA ILE D 83 4.23 4.38 62.01
C ILE D 83 5.15 3.19 62.29
N SER D 84 4.87 2.44 63.34
CA SER D 84 5.72 1.29 63.68
C SER D 84 5.13 -0.03 63.18
N VAL D 85 5.94 -0.81 62.47
CA VAL D 85 5.52 -2.11 62.01
C VAL D 85 6.33 -3.21 62.68
N PRO D 86 5.73 -4.39 62.85
CA PRO D 86 6.41 -5.53 63.46
C PRO D 86 7.55 -5.99 62.57
N VAL D 87 8.64 -6.43 63.18
CA VAL D 87 9.74 -7.02 62.42
C VAL D 87 10.16 -8.33 63.08
N GLY D 88 10.98 -9.11 62.39
CA GLY D 88 11.48 -10.34 62.92
C GLY D 88 10.82 -11.56 62.30
N ARG D 89 11.31 -12.76 62.65
CA ARG D 89 10.76 -14.00 62.13
C ARG D 89 9.37 -14.24 62.70
N GLU D 90 8.96 -13.34 63.57
CA GLU D 90 7.63 -13.40 64.18
C GLU D 90 6.56 -13.05 63.14
N THR D 91 6.92 -12.23 62.15
CA THR D 91 5.97 -11.83 61.13
C THR D 91 5.85 -12.84 60.00
N LEU D 92 6.68 -13.88 60.06
CA LEU D 92 6.63 -14.93 59.06
C LEU D 92 5.30 -15.69 59.16
N GLY D 93 4.68 -15.91 58.00
CA GLY D 93 3.46 -16.71 57.95
C GLY D 93 2.25 -16.00 58.50
N ARG D 94 2.24 -14.67 58.44
CA ARG D 94 1.09 -13.91 58.90
C ARG D 94 0.79 -12.73 57.98
N ILE D 95 -0.49 -12.37 57.91
CA ILE D 95 -0.94 -11.27 57.06
C ILE D 95 -0.97 -9.98 57.86
N ILE D 96 -0.41 -8.92 57.28
CA ILE D 96 -0.33 -7.65 57.99
C ILE D 96 -0.74 -6.51 57.09
N ASN D 97 -1.49 -5.56 57.65
CA ASN D 97 -1.92 -4.38 56.90
C ASN D 97 -0.86 -3.29 56.96
N VAL D 98 -1.25 -2.07 56.62
CA VAL D 98 -0.31 -0.95 56.59
C VAL D 98 0.11 -0.50 57.99
N ILE D 99 -0.84 -0.46 58.91
CA ILE D 99 -0.58 0.04 60.27
C ILE D 99 0.25 -0.95 61.12
N GLY D 100 0.45 -2.16 60.62
CA GLY D 100 1.21 -3.16 61.34
C GLY D 100 0.40 -4.01 62.30
N GLU D 101 -0.92 -4.00 62.11
CA GLU D 101 -1.85 -4.79 62.92
C GLU D 101 -2.12 -6.10 62.18
N PRO D 102 -2.21 -7.21 62.91
CA PRO D 102 -2.53 -8.52 62.30
C PRO D 102 -3.95 -8.58 61.73
N ILE D 103 -4.08 -9.04 60.47
CA ILE D 103 -5.41 -9.19 59.86
C ILE D 103 -5.66 -10.60 59.30
N ASP D 104 -5.25 -11.61 60.07
CA ASP D 104 -5.45 -13.00 59.66
C ASP D 104 -6.17 -13.81 60.74
N GLU D 105 -6.64 -13.12 61.78
CA GLU D 105 -7.30 -13.76 62.92
C GLU D 105 -6.39 -14.79 63.60
N ARG D 106 -5.15 -14.40 63.86
CA ARG D 106 -4.20 -15.28 64.53
C ARG D 106 -3.75 -14.68 65.85
N GLY D 107 -4.48 -13.68 66.32
CA GLY D 107 -4.14 -13.00 67.55
C GLY D 107 -2.99 -12.04 67.33
N PRO D 108 -2.39 -11.56 68.43
CA PRO D 108 -1.33 -10.55 68.34
C PRO D 108 -0.03 -11.12 67.81
N ILE D 109 0.70 -10.32 67.05
CA ILE D 109 1.99 -10.70 66.52
C ILE D 109 3.08 -10.39 67.53
N LYS D 110 3.65 -11.42 68.15
CA LYS D 110 4.67 -11.22 69.17
C LYS D 110 6.04 -10.86 68.59
N SER D 111 6.31 -9.58 68.40
CA SER D 111 7.61 -9.12 67.88
C SER D 111 8.47 -8.51 68.98
N LYS D 112 9.76 -8.82 68.96
CA LYS D 112 10.68 -8.28 69.94
C LYS D 112 11.00 -6.81 69.64
N LEU D 113 10.91 -6.43 68.36
CA LEU D 113 11.15 -5.04 67.99
C LEU D 113 10.02 -4.43 67.15
N ARG D 114 10.01 -3.11 67.09
CA ARG D 114 9.09 -2.35 66.26
C ARG D 114 9.88 -1.25 65.54
N LYS D 115 10.10 -1.42 64.24
CA LYS D 115 10.89 -0.47 63.46
C LYS D 115 10.03 0.39 62.53
N PRO D 116 10.29 1.70 62.52
CA PRO D 116 9.49 2.65 61.73
C PRO D 116 9.55 2.35 60.25
N ILE D 117 8.45 2.64 59.54
CA ILE D 117 8.38 2.41 58.11
C ILE D 117 9.22 3.41 57.34
N HIS D 118 9.51 4.54 57.99
CA HIS D 118 10.31 5.57 57.35
C HIS D 118 11.76 5.55 57.79
N ALA D 119 12.66 5.53 56.82
CA ALA D 119 14.10 5.46 57.06
C ALA D 119 14.89 5.96 55.86
N ASP D 120 16.12 6.36 56.11
CA ASP D 120 16.99 6.88 55.05
C ASP D 120 17.59 5.75 54.19
N PRO D 121 17.92 6.07 52.93
CA PRO D 121 18.53 5.11 52.01
C PRO D 121 19.97 4.80 52.40
N PRO D 122 20.40 3.55 52.18
CA PRO D 122 21.78 3.13 52.48
C PRO D 122 22.79 4.07 51.86
N SER D 123 23.97 4.16 52.47
CA SER D 123 25.03 5.05 52.03
C SER D 123 25.75 4.52 50.78
N PHE D 124 26.21 5.43 49.93
CA PHE D 124 26.93 5.04 48.72
C PHE D 124 28.05 4.05 49.03
N ALA D 125 28.64 4.19 50.21
CA ALA D 125 29.71 3.30 50.66
C ALA D 125 29.18 1.87 50.89
N GLU D 126 27.95 1.78 51.39
CA GLU D 126 27.36 0.48 51.67
C GLU D 126 26.94 -0.29 50.42
N GLN D 127 26.77 0.40 49.30
CA GLN D 127 26.33 -0.23 48.05
C GLN D 127 27.29 -1.32 47.57
N SER D 128 26.75 -2.51 47.32
CA SER D 128 27.55 -3.63 46.82
C SER D 128 27.06 -4.17 45.47
N THR D 129 27.94 -4.16 44.47
CA THR D 129 27.58 -4.67 43.14
C THR D 129 27.87 -6.16 42.99
N SER D 130 26.94 -6.87 42.38
CA SER D 130 27.12 -8.30 42.10
C SER D 130 26.87 -8.57 40.62
N ALA D 131 27.34 -9.72 40.14
CA ALA D 131 27.16 -10.10 38.74
C ALA D 131 26.61 -11.52 38.61
N GLU D 132 26.25 -12.12 39.74
CA GLU D 132 25.68 -13.45 39.74
C GLU D 132 24.39 -13.47 38.94
N ILE D 133 24.11 -14.60 38.30
CA ILE D 133 22.89 -14.76 37.51
C ILE D 133 21.84 -15.53 38.30
N LEU D 134 20.57 -15.30 38.00
CA LEU D 134 19.48 -15.98 38.70
C LEU D 134 18.66 -16.84 37.73
N GLU D 135 18.61 -18.14 37.99
CA GLU D 135 17.87 -19.06 37.14
C GLU D 135 16.43 -19.24 37.59
N THR D 136 15.49 -18.82 36.74
CA THR D 136 14.07 -18.90 37.06
C THR D 136 13.44 -20.15 36.46
N GLY D 137 13.61 -20.32 35.15
CA GLY D 137 13.06 -21.47 34.46
C GLY D 137 12.31 -21.05 33.22
N ILE D 138 12.24 -19.74 32.99
CA ILE D 138 11.53 -19.20 31.84
C ILE D 138 12.46 -18.95 30.66
N LYS D 139 12.20 -19.62 29.55
CA LYS D 139 13.08 -19.52 28.40
C LYS D 139 13.28 -18.07 27.95
N VAL D 140 12.19 -17.41 27.56
CA VAL D 140 12.27 -16.07 26.99
C VAL D 140 13.06 -15.11 27.88
N VAL D 141 13.14 -15.43 29.17
CA VAL D 141 13.87 -14.60 30.12
C VAL D 141 15.32 -15.03 30.27
N ASP D 142 15.53 -16.28 30.66
CA ASP D 142 16.87 -16.79 30.95
C ASP D 142 17.78 -16.68 29.73
N LEU D 143 17.17 -16.66 28.56
CA LEU D 143 17.92 -16.57 27.32
C LEU D 143 18.17 -15.12 26.92
N LEU D 144 17.18 -14.25 27.09
CA LEU D 144 17.34 -12.86 26.70
C LEU D 144 17.79 -11.96 27.84
N ALA D 145 16.87 -11.62 28.72
CA ALA D 145 17.16 -10.77 29.87
C ALA D 145 17.09 -11.58 31.16
N PRO D 146 18.22 -12.17 31.56
CA PRO D 146 18.25 -13.00 32.77
C PRO D 146 18.26 -12.11 34.00
N TYR D 147 17.57 -12.52 35.06
CA TYR D 147 17.50 -11.73 36.29
C TYR D 147 18.74 -11.95 37.15
N ALA D 148 19.15 -10.91 37.86
CA ALA D 148 20.34 -11.00 38.70
C ALA D 148 20.00 -11.33 40.15
N ARG D 149 20.78 -12.22 40.75
CA ARG D 149 20.63 -12.55 42.16
C ARG D 149 20.88 -11.30 43.02
N GLY D 150 19.87 -10.89 43.79
CA GLY D 150 19.98 -9.72 44.63
C GLY D 150 19.75 -8.44 43.85
N GLY D 151 19.18 -8.60 42.65
CA GLY D 151 18.93 -7.46 41.80
C GLY D 151 17.48 -7.02 41.84
N LYS D 152 17.21 -5.92 41.15
CA LYS D 152 15.87 -5.39 41.04
C LYS D 152 15.30 -5.74 39.68
N ILE D 153 14.13 -6.35 39.70
CA ILE D 153 13.44 -6.78 38.49
C ILE D 153 12.20 -5.91 38.29
N GLY D 154 11.84 -5.71 37.03
CA GLY D 154 10.62 -4.99 36.69
C GLY D 154 9.79 -5.70 35.65
N LEU D 155 8.51 -5.87 35.92
CA LEU D 155 7.58 -6.49 34.99
C LEU D 155 6.62 -5.45 34.46
N PHE D 156 6.96 -4.81 33.34
CA PHE D 156 6.10 -3.80 32.75
C PHE D 156 5.00 -4.43 31.90
N GLY D 157 3.88 -3.73 31.75
CA GLY D 157 2.78 -4.24 30.96
C GLY D 157 1.46 -3.58 31.23
N GLY D 158 0.68 -3.35 30.18
CA GLY D 158 -0.62 -2.73 30.30
C GLY D 158 -1.57 -3.57 31.14
N ALA D 159 -2.85 -3.31 31.02
CA ALA D 159 -3.84 -4.08 31.75
C ALA D 159 -4.09 -5.38 31.01
N GLY D 160 -4.10 -6.49 31.74
CA GLY D 160 -4.35 -7.78 31.12
C GLY D 160 -3.31 -8.13 30.08
N VAL D 161 -2.07 -8.28 30.54
CA VAL D 161 -0.98 -8.71 29.69
C VAL D 161 -0.36 -9.99 30.26
N GLY D 162 -0.25 -10.05 31.58
CA GLY D 162 0.26 -11.25 32.24
C GLY D 162 1.29 -10.96 33.30
N LYS D 163 1.18 -9.79 33.93
CA LYS D 163 2.14 -9.39 34.96
C LYS D 163 1.94 -10.18 36.25
N THR D 164 0.69 -10.46 36.61
CA THR D 164 0.41 -11.19 37.84
C THR D 164 0.80 -12.66 37.70
N VAL D 165 0.22 -13.36 36.73
CA VAL D 165 0.57 -14.75 36.51
C VAL D 165 2.08 -14.91 36.44
N PHE D 166 2.74 -13.96 35.79
CA PHE D 166 4.19 -13.99 35.62
C PHE D 166 4.88 -14.03 36.98
N ILE D 167 4.64 -13.01 37.80
CA ILE D 167 5.25 -12.90 39.12
C ILE D 167 4.87 -14.05 40.03
N GLN D 168 3.72 -14.66 39.76
CA GLN D 168 3.23 -15.78 40.56
C GLN D 168 4.03 -17.04 40.29
N GLU D 169 4.40 -17.23 39.03
CA GLU D 169 5.20 -18.38 38.66
C GLU D 169 6.58 -18.27 39.28
N LEU D 170 7.13 -17.05 39.26
CA LEU D 170 8.46 -16.82 39.82
C LEU D 170 8.52 -17.28 41.27
N ILE D 171 7.40 -17.16 41.97
CA ILE D 171 7.30 -17.58 43.35
C ILE D 171 7.22 -19.09 43.45
N ASN D 172 6.59 -19.70 42.46
CA ASN D 172 6.42 -21.15 42.40
C ASN D 172 7.69 -21.86 41.96
N ASN D 173 8.74 -21.09 41.66
CA ASN D 173 9.98 -21.67 41.18
C ASN D 173 11.22 -21.13 41.88
N ILE D 174 11.04 -20.07 42.66
CA ILE D 174 12.16 -19.48 43.38
C ILE D 174 11.95 -19.64 44.89
N ALA D 175 10.74 -19.27 45.35
CA ALA D 175 10.45 -19.19 46.79
C ALA D 175 10.66 -20.50 47.57
N LYS D 176 10.08 -21.58 47.08
CA LYS D 176 10.35 -22.89 47.67
C LYS D 176 11.85 -23.18 47.54
N ALA D 177 12.40 -22.92 46.35
CA ALA D 177 13.78 -23.26 46.04
C ALA D 177 14.80 -22.31 46.67
N HIS D 178 14.35 -21.49 47.60
CA HIS D 178 15.18 -20.48 48.25
C HIS D 178 15.23 -20.77 49.74
N GLY D 179 16.40 -21.10 50.26
CA GLY D 179 16.55 -21.45 51.65
C GLY D 179 16.47 -20.26 52.60
N GLY D 180 15.85 -19.17 52.15
CA GLY D 180 15.75 -17.96 52.96
C GLY D 180 14.33 -17.49 53.19
N PHE D 181 14.16 -16.18 53.37
CA PHE D 181 12.84 -15.63 53.66
C PHE D 181 12.33 -14.72 52.53
N SER D 182 11.00 -14.59 52.43
CA SER D 182 10.38 -13.80 51.38
C SER D 182 9.33 -12.85 51.93
N VAL D 183 9.08 -11.75 51.21
CA VAL D 183 8.04 -10.81 51.61
C VAL D 183 7.21 -10.37 50.43
N PHE D 184 5.91 -10.66 50.48
CA PHE D 184 5.00 -10.24 49.43
C PHE D 184 4.23 -9.01 49.88
N THR D 185 4.14 -8.02 49.01
CA THR D 185 3.42 -6.79 49.32
C THR D 185 2.44 -6.40 48.23
N GLY D 186 1.15 -6.54 48.52
CA GLY D 186 0.10 -6.22 47.58
C GLY D 186 -0.31 -4.78 47.73
N VAL D 187 0.02 -3.98 46.72
CA VAL D 187 -0.30 -2.56 46.74
C VAL D 187 -1.28 -2.22 45.65
N GLY D 188 -2.50 -1.86 46.03
CA GLY D 188 -3.52 -1.45 45.09
C GLY D 188 -3.91 -2.52 44.10
N GLU D 189 -4.32 -3.68 44.61
CA GLU D 189 -4.74 -4.76 43.71
C GLU D 189 -6.05 -5.42 44.14
N ARG D 190 -6.47 -6.43 43.39
CA ARG D 190 -7.72 -7.12 43.68
C ARG D 190 -7.58 -7.95 44.95
N THR D 191 -8.39 -7.62 45.95
CA THR D 191 -8.35 -8.34 47.22
C THR D 191 -8.45 -9.85 47.01
N ARG D 192 -9.13 -10.25 45.94
CA ARG D 192 -9.34 -11.68 45.68
C ARG D 192 -8.04 -12.40 45.31
N GLU D 193 -7.14 -11.68 44.64
CA GLU D 193 -5.84 -12.23 44.23
C GLU D 193 -5.01 -12.61 45.45
N GLY D 194 -5.12 -11.80 46.50
CA GLY D 194 -4.47 -12.12 47.76
C GLY D 194 -5.03 -13.44 48.26
N ASN D 195 -6.35 -13.53 48.33
CA ASN D 195 -7.00 -14.74 48.84
C ASN D 195 -6.44 -16.00 48.20
N ASP D 196 -6.46 -16.05 46.88
CA ASP D 196 -5.92 -17.21 46.16
C ASP D 196 -4.47 -17.46 46.53
N LEU D 197 -3.71 -16.37 46.68
CA LEU D 197 -2.30 -16.47 47.05
C LEU D 197 -2.14 -17.15 48.40
N TYR D 198 -2.77 -16.58 49.42
CA TYR D 198 -2.74 -17.17 50.76
C TYR D 198 -3.11 -18.65 50.72
N ARG D 199 -4.06 -19.02 49.85
CA ARG D 199 -4.49 -20.41 49.74
C ARG D 199 -3.38 -21.30 49.16
N GLU D 200 -2.68 -20.78 48.15
CA GLU D 200 -1.61 -21.52 47.50
C GLU D 200 -0.37 -21.69 48.38
N MET D 201 -0.07 -20.68 49.20
CA MET D 201 1.09 -20.74 50.09
C MET D 201 0.92 -21.83 51.16
N LYS D 202 -0.33 -22.07 51.54
CA LYS D 202 -0.62 -23.17 52.46
C LYS D 202 -0.47 -24.52 51.76
N GLU D 203 -1.01 -24.62 50.54
CA GLU D 203 -1.04 -25.86 49.74
C GLU D 203 0.32 -26.29 49.20
N THR D 204 1.17 -25.30 48.90
CA THR D 204 2.53 -25.54 48.48
C THR D 204 3.42 -25.91 49.67
N GLY D 205 3.05 -25.43 50.85
CA GLY D 205 3.78 -25.75 52.07
C GLY D 205 4.65 -24.60 52.57
N VAL D 206 4.70 -23.52 51.80
CA VAL D 206 5.48 -22.34 52.15
C VAL D 206 5.05 -21.76 53.48
N ILE D 207 3.73 -21.66 53.67
CA ILE D 207 3.18 -21.16 54.93
C ILE D 207 2.41 -22.26 55.64
N ASN D 208 2.88 -22.61 56.83
CA ASN D 208 2.21 -23.62 57.65
C ASN D 208 1.67 -22.99 58.93
N LEU D 209 0.35 -23.10 59.12
CA LEU D 209 -0.30 -22.46 60.27
C LEU D 209 0.15 -23.04 61.60
N GLU D 210 0.30 -24.36 61.65
CA GLU D 210 0.75 -25.05 62.85
C GLU D 210 2.21 -25.50 62.74
N GLY D 211 2.97 -24.81 61.88
CA GLY D 211 4.38 -25.12 61.67
C GLY D 211 5.23 -23.89 61.42
N GLU D 212 6.28 -24.07 60.62
CA GLU D 212 7.18 -22.97 60.27
C GLU D 212 6.80 -22.37 58.93
N SER D 213 7.17 -21.11 58.72
CA SER D 213 6.88 -20.42 57.47
C SER D 213 8.14 -19.72 56.97
N LYS D 214 8.17 -19.35 55.70
CA LYS D 214 9.35 -18.71 55.13
C LYS D 214 9.02 -17.45 54.33
N VAL D 215 7.88 -16.84 54.66
CA VAL D 215 7.42 -15.65 53.94
C VAL D 215 6.37 -14.88 54.74
N ALA D 216 6.48 -13.56 54.73
CA ALA D 216 5.47 -12.71 55.37
C ALA D 216 4.58 -12.05 54.33
N LEU D 217 3.37 -11.69 54.74
CA LEU D 217 2.39 -11.10 53.82
C LEU D 217 1.90 -9.74 54.25
N VAL D 218 2.10 -8.74 53.40
CA VAL D 218 1.61 -7.40 53.66
C VAL D 218 0.68 -6.95 52.54
N PHE D 219 -0.56 -6.64 52.91
CA PHE D 219 -1.56 -6.20 51.93
C PHE D 219 -2.15 -4.83 52.25
N GLY D 220 -2.18 -3.99 51.22
CA GLY D 220 -2.85 -2.70 51.29
C GLY D 220 -3.56 -2.48 49.97
N GLN D 221 -4.60 -3.26 49.73
CA GLN D 221 -5.25 -3.33 48.42
C GLN D 221 -5.95 -2.03 48.01
N MET D 222 -6.61 -2.06 46.85
CA MET D 222 -7.22 -0.86 46.29
C MET D 222 -8.48 -0.42 47.03
N ASN D 223 -9.15 -1.36 47.67
CA ASN D 223 -10.29 -1.02 48.52
C ASN D 223 -9.95 0.02 49.59
N GLU D 224 -8.66 0.15 49.91
CA GLU D 224 -8.18 1.10 50.91
C GLU D 224 -8.03 2.52 50.37
N PRO D 225 -8.22 3.53 51.24
CA PRO D 225 -8.12 4.95 50.88
C PRO D 225 -6.70 5.34 50.44
N PRO D 226 -6.58 6.49 49.75
CA PRO D 226 -5.31 7.00 49.22
C PRO D 226 -4.18 7.01 50.25
N GLY D 227 -4.52 7.17 51.53
CA GLY D 227 -3.50 7.19 52.56
C GLY D 227 -2.79 5.86 52.64
N ALA D 228 -3.57 4.78 52.60
CA ALA D 228 -3.02 3.45 52.84
C ALA D 228 -2.13 2.98 51.69
N ARG D 229 -2.65 3.05 50.48
CA ARG D 229 -1.93 2.57 49.30
C ARG D 229 -0.61 3.31 49.05
N ALA D 230 -0.45 4.47 49.69
CA ALA D 230 0.74 5.28 49.48
C ALA D 230 1.83 4.98 50.50
N ARG D 231 1.53 4.11 51.46
CA ARG D 231 2.48 3.77 52.50
C ARG D 231 2.57 2.27 52.75
N VAL D 232 1.74 1.49 52.07
CA VAL D 232 1.75 0.05 52.27
C VAL D 232 3.03 -0.56 51.73
N ALA D 233 3.59 0.10 50.72
CA ALA D 233 4.82 -0.34 50.09
C ALA D 233 5.98 -0.25 51.08
N LEU D 234 5.94 0.80 51.90
CA LEU D 234 6.96 1.01 52.91
C LEU D 234 6.81 -0.02 54.02
N THR D 235 5.57 -0.33 54.37
CA THR D 235 5.31 -1.24 55.49
C THR D 235 5.96 -2.59 55.29
N GLY D 236 5.95 -3.08 54.06
CA GLY D 236 6.47 -4.40 53.74
C GLY D 236 7.95 -4.34 53.47
N LEU D 237 8.39 -3.22 52.92
CA LEU D 237 9.81 -2.95 52.73
C LEU D 237 10.54 -3.03 54.07
N THR D 238 9.98 -2.41 55.10
CA THR D 238 10.58 -2.39 56.43
C THR D 238 10.82 -3.79 56.99
N ILE D 239 9.88 -4.70 56.75
CA ILE D 239 10.01 -6.08 57.23
C ILE D 239 11.10 -6.83 56.48
N ALA D 240 11.25 -6.53 55.19
CA ALA D 240 12.30 -7.13 54.39
C ALA D 240 13.65 -6.63 54.87
N GLU D 241 13.81 -5.31 54.86
CA GLU D 241 15.06 -4.66 55.24
C GLU D 241 15.63 -5.19 56.56
N TYR D 242 14.75 -5.58 57.48
CA TYR D 242 15.18 -6.12 58.75
C TYR D 242 15.98 -7.42 58.55
N PHE D 243 15.43 -8.35 57.78
CA PHE D 243 16.14 -9.58 57.48
C PHE D 243 17.42 -9.28 56.70
N ARG D 244 17.47 -8.12 56.07
CA ARG D 244 18.64 -7.75 55.29
C ARG D 244 19.82 -7.43 56.18
N ASP D 245 19.64 -6.46 57.09
CA ASP D 245 20.74 -6.00 57.91
C ASP D 245 20.89 -6.80 59.21
N GLU D 246 19.80 -6.92 59.99
CA GLU D 246 19.85 -7.57 61.29
C GLU D 246 19.95 -9.08 61.18
N GLU D 247 19.21 -9.64 60.24
CA GLU D 247 19.26 -11.09 60.01
C GLU D 247 20.39 -11.45 59.05
N GLY D 248 20.79 -10.52 58.19
CA GLY D 248 21.93 -10.72 57.31
C GLY D 248 21.83 -11.94 56.42
N GLN D 249 20.75 -12.04 55.66
CA GLN D 249 20.50 -13.22 54.86
C GLN D 249 19.71 -12.86 53.60
N ASP D 250 19.70 -13.78 52.62
CA ASP D 250 18.98 -13.56 51.38
C ASP D 250 17.48 -13.34 51.61
N VAL D 251 16.90 -12.41 50.86
CA VAL D 251 15.49 -12.10 50.99
C VAL D 251 14.85 -11.79 49.64
N LEU D 252 13.67 -12.36 49.41
CA LEU D 252 12.92 -12.12 48.19
C LEU D 252 11.77 -11.16 48.44
N LEU D 253 11.81 -10.01 47.81
CA LEU D 253 10.76 -9.02 47.96
C LEU D 253 9.88 -9.00 46.71
N PHE D 254 8.59 -9.29 46.88
CA PHE D 254 7.66 -9.22 45.77
C PHE D 254 6.69 -8.08 45.97
N ILE D 255 6.74 -7.11 45.06
CA ILE D 255 5.81 -5.99 45.10
C ILE D 255 4.91 -6.03 43.88
N ASP D 256 3.61 -5.89 44.12
CA ASP D 256 2.59 -5.88 43.06
C ASP D 256 1.34 -5.21 43.63
N ASN D 257 1.00 -4.02 43.11
CA ASN D 257 1.74 -3.38 42.04
C ASN D 257 2.43 -2.15 42.59
N ILE D 258 3.50 -1.73 41.92
CA ILE D 258 4.29 -0.59 42.38
C ILE D 258 3.76 0.71 41.81
N PHE D 259 2.91 0.63 40.80
CA PHE D 259 2.36 1.84 40.20
C PHE D 259 1.36 2.52 41.11
N ARG D 260 0.67 1.73 41.92
CA ARG D 260 -0.31 2.29 42.85
C ARG D 260 0.36 3.22 43.87
N PHE D 261 1.65 3.05 44.07
CA PHE D 261 2.40 3.90 45.01
C PHE D 261 2.41 5.35 44.57
N THR D 262 2.61 5.58 43.29
CA THR D 262 2.60 6.93 42.75
C THR D 262 1.16 7.42 42.66
N GLN D 263 0.33 6.61 42.01
CA GLN D 263 -1.06 6.97 41.79
C GLN D 263 -1.72 7.42 43.08
N ALA D 264 -1.68 6.56 44.09
CA ALA D 264 -2.29 6.86 45.37
C ALA D 264 -1.90 8.25 45.85
N GLY D 265 -0.60 8.54 45.79
CA GLY D 265 -0.11 9.84 46.19
C GLY D 265 -0.61 10.94 45.27
N SER D 266 -0.84 10.58 44.01
CA SER D 266 -1.28 11.53 43.01
C SER D 266 -2.69 12.04 43.31
N GLU D 267 -3.47 11.21 43.98
CA GLU D 267 -4.85 11.57 44.29
C GLU D 267 -4.89 12.68 45.33
N VAL D 268 -4.05 12.56 46.35
CA VAL D 268 -4.11 13.48 47.47
C VAL D 268 -3.24 14.73 47.29
N SER D 269 -2.26 14.65 46.39
CA SER D 269 -1.34 15.77 46.18
C SER D 269 -2.08 17.09 45.93
N ALA D 270 -3.20 17.01 45.22
CA ALA D 270 -4.01 18.20 44.94
C ALA D 270 -4.56 18.82 46.22
N LEU D 271 -5.10 17.97 47.09
CA LEU D 271 -5.70 18.40 48.35
C LEU D 271 -4.65 18.92 49.34
N LEU D 272 -3.38 18.57 49.13
CA LEU D 272 -2.31 19.07 50.00
C LEU D 272 -1.76 20.38 49.48
N GLY D 273 -2.46 20.98 48.52
CA GLY D 273 -2.04 22.26 47.97
C GLY D 273 -0.79 22.19 47.13
N ARG D 274 -0.70 21.16 46.29
CA ARG D 274 0.40 20.99 45.34
C ARG D 274 -0.05 21.24 43.91
N ILE D 275 0.55 22.20 43.24
CA ILE D 275 0.24 22.46 41.84
C ILE D 275 0.52 21.23 40.98
N PRO D 276 -0.53 20.66 40.38
CA PRO D 276 -0.41 19.44 39.56
C PRO D 276 0.67 19.56 38.47
N SER D 277 1.62 18.64 38.45
CA SER D 277 2.66 18.60 37.42
C SER D 277 2.08 18.12 36.09
N ALA D 278 2.94 17.99 35.08
CA ALA D 278 2.51 17.53 33.76
C ALA D 278 1.87 16.15 33.81
N VAL D 279 0.77 16.00 33.08
CA VAL D 279 0.00 14.75 33.02
C VAL D 279 -0.87 14.54 34.26
N GLY D 280 -0.84 15.51 35.16
CA GLY D 280 -1.66 15.44 36.35
C GLY D 280 -0.93 14.88 37.56
N TYR D 281 0.15 14.15 37.31
CA TYR D 281 0.93 13.61 38.42
C TYR D 281 1.42 14.74 39.32
N GLN D 282 1.86 14.39 40.52
CA GLN D 282 2.38 15.40 41.45
C GLN D 282 3.83 15.73 41.12
N PRO D 283 4.26 16.95 41.49
CA PRO D 283 5.66 17.33 41.24
C PRO D 283 6.63 16.38 41.92
N THR D 284 6.35 15.99 43.15
CA THR D 284 7.22 15.06 43.88
C THR D 284 7.05 13.62 43.38
N LEU D 285 7.37 13.38 42.13
CA LEU D 285 7.26 12.04 41.57
C LEU D 285 8.61 11.36 41.63
N ALA D 286 9.63 12.06 41.10
CA ALA D 286 10.96 11.50 40.97
C ALA D 286 11.57 11.19 42.33
N THR D 287 11.32 12.07 43.29
CA THR D 287 11.86 11.90 44.63
C THR D 287 11.17 10.73 45.35
N ASP D 288 9.84 10.79 45.44
CA ASP D 288 9.06 9.73 46.10
C ASP D 288 9.37 8.36 45.48
N MET D 289 9.23 8.25 44.16
CA MET D 289 9.60 7.02 43.47
C MET D 289 11.06 6.68 43.80
N GLY D 290 11.85 7.71 44.09
CA GLY D 290 13.27 7.54 44.42
C GLY D 290 13.56 7.05 45.83
N LEU D 291 12.89 7.63 46.82
CA LEU D 291 13.12 7.26 48.22
C LEU D 291 12.61 5.86 48.54
N LEU D 292 11.93 5.25 47.57
CA LEU D 292 11.40 3.90 47.79
C LEU D 292 12.35 2.87 47.18
N GLN D 293 12.77 3.11 45.94
CA GLN D 293 13.66 2.20 45.22
C GLN D 293 15.06 2.17 45.82
N GLU D 294 15.47 3.29 46.42
CA GLU D 294 16.81 3.38 46.97
C GLU D 294 16.94 2.43 48.14
N ARG D 295 15.88 2.36 48.94
CA ARG D 295 15.85 1.47 50.10
C ARG D 295 15.83 0.01 49.67
N ILE D 296 15.16 -0.27 48.56
CA ILE D 296 15.07 -1.62 48.01
C ILE D 296 16.35 -1.93 47.25
N THR D 297 17.35 -2.43 47.96
CA THR D 297 18.63 -2.72 47.34
C THR D 297 19.50 -3.62 48.21
N THR D 298 20.63 -4.08 47.65
CA THR D 298 21.52 -4.99 48.34
C THR D 298 22.70 -4.25 48.96
N THR D 299 22.95 -4.54 50.23
CA THR D 299 24.05 -3.93 50.95
C THR D 299 25.07 -4.99 51.29
N LYS D 300 26.14 -4.57 51.94
CA LYS D 300 27.19 -5.48 52.33
C LYS D 300 26.78 -6.29 53.56
N LYS D 301 25.57 -6.05 54.04
CA LYS D 301 25.08 -6.77 55.21
C LYS D 301 24.23 -7.97 54.80
N GLY D 302 23.51 -7.82 53.69
CA GLY D 302 22.64 -8.86 53.20
C GLY D 302 22.16 -8.64 51.77
N SER D 303 21.70 -9.71 51.13
CA SER D 303 21.26 -9.65 49.74
C SER D 303 19.76 -9.69 49.62
N VAL D 304 19.22 -8.84 48.75
CA VAL D 304 17.78 -8.74 48.58
C VAL D 304 17.40 -8.75 47.10
N THR D 305 16.71 -9.80 46.68
CA THR D 305 16.23 -9.91 45.32
C THR D 305 14.80 -9.39 45.23
N SER D 306 14.60 -8.36 44.42
CA SER D 306 13.31 -7.67 44.36
C SER D 306 12.58 -7.83 43.03
N VAL D 307 11.32 -8.23 43.08
CA VAL D 307 10.52 -8.41 41.87
C VAL D 307 9.29 -7.51 41.87
N GLN D 308 9.45 -6.32 41.32
CA GLN D 308 8.41 -5.31 41.28
C GLN D 308 7.71 -5.26 39.93
N ALA D 309 6.40 -5.51 39.93
CA ALA D 309 5.61 -5.44 38.70
C ALA D 309 5.13 -4.02 38.49
N VAL D 310 5.42 -3.44 37.34
CA VAL D 310 4.99 -2.06 37.08
C VAL D 310 3.80 -2.00 36.14
N TYR D 311 2.85 -1.13 36.45
CA TYR D 311 1.68 -0.95 35.59
C TYR D 311 1.89 0.18 34.57
N VAL D 312 1.41 -0.05 33.35
CA VAL D 312 1.54 0.93 32.28
C VAL D 312 0.16 1.44 31.86
N PRO D 313 -0.15 2.68 32.29
CA PRO D 313 -1.42 3.36 31.98
C PRO D 313 -1.63 3.49 30.49
N ALA D 314 -2.74 2.97 29.98
CA ALA D 314 -3.10 3.10 28.56
C ALA D 314 -2.04 2.56 27.59
N ASP D 315 -1.34 1.51 28.02
CA ASP D 315 -0.29 0.89 27.22
C ASP D 315 0.67 1.93 26.67
N ASP D 316 0.98 2.90 27.50
CA ASP D 316 1.84 4.01 27.13
C ASP D 316 3.09 4.04 28.01
N LEU D 317 4.25 3.81 27.39
CA LEU D 317 5.49 3.72 28.14
C LEU D 317 6.13 5.08 28.36
N THR D 318 5.65 6.07 27.62
CA THR D 318 6.12 7.44 27.77
C THR D 318 5.56 8.08 29.04
N ASP D 319 4.58 7.43 29.66
CA ASP D 319 4.01 7.93 30.91
C ASP D 319 5.09 8.05 31.97
N PRO D 320 5.13 9.20 32.66
CA PRO D 320 6.10 9.45 33.72
C PRO D 320 6.27 8.27 34.69
N ALA D 321 5.17 7.72 35.20
CA ALA D 321 5.26 6.68 36.21
C ALA D 321 6.11 5.50 35.75
N PRO D 322 5.75 4.90 34.60
CA PRO D 322 6.61 3.84 34.06
C PRO D 322 7.99 4.37 33.68
N ALA D 323 8.03 5.50 32.98
CA ALA D 323 9.29 6.03 32.45
C ALA D 323 10.36 6.19 33.53
N THR D 324 9.96 6.73 34.67
CA THR D 324 10.87 7.00 35.78
C THR D 324 11.40 5.71 36.41
N THR D 325 10.57 4.68 36.41
CA THR D 325 10.88 3.42 37.10
C THR D 325 11.99 2.61 36.44
N PHE D 326 12.24 2.83 35.16
CA PHE D 326 13.24 2.07 34.43
C PHE D 326 14.64 2.21 35.03
N ALA D 327 14.99 3.45 35.40
CA ALA D 327 16.32 3.76 35.95
C ALA D 327 16.61 3.09 37.29
N HIS D 328 15.57 2.61 37.98
CA HIS D 328 15.72 1.90 39.25
C HIS D 328 15.68 0.39 39.07
N LEU D 329 15.91 -0.08 37.85
CA LEU D 329 15.83 -1.50 37.58
C LEU D 329 17.07 -2.01 36.87
N ASP D 330 17.50 -3.21 37.21
CA ASP D 330 18.64 -3.83 36.54
C ASP D 330 18.15 -4.69 35.39
N ALA D 331 17.06 -5.43 35.63
CA ALA D 331 16.48 -6.29 34.61
C ALA D 331 15.01 -5.90 34.35
N THR D 332 14.70 -5.56 33.10
CA THR D 332 13.34 -5.15 32.74
C THR D 332 12.68 -6.14 31.77
N THR D 333 11.52 -6.64 32.18
CA THR D 333 10.76 -7.59 31.37
C THR D 333 9.46 -6.96 30.86
N VAL D 334 9.55 -6.23 29.76
CA VAL D 334 8.38 -5.54 29.20
C VAL D 334 7.39 -6.49 28.53
N LEU D 335 6.12 -6.38 28.88
CA LEU D 335 5.07 -7.19 28.26
C LEU D 335 4.23 -6.36 27.29
N SER D 336 4.08 -6.84 26.06
CA SER D 336 3.32 -6.15 25.03
C SER D 336 1.96 -6.79 24.80
N ARG D 337 0.91 -5.98 24.76
CA ARG D 337 -0.42 -6.49 24.49
C ARG D 337 -0.50 -6.99 23.06
N GLY D 338 0.28 -6.36 22.19
CA GLY D 338 0.37 -6.78 20.80
C GLY D 338 0.90 -8.20 20.66
N ILE D 339 1.46 -8.74 21.74
CA ILE D 339 1.99 -10.08 21.74
C ILE D 339 0.99 -11.05 22.35
N SER D 340 0.22 -10.55 23.31
CA SER D 340 -0.82 -11.33 23.95
C SER D 340 -1.84 -11.78 22.91
N GLU D 341 -2.33 -10.82 22.15
CA GLU D 341 -3.40 -11.03 21.19
C GLU D 341 -3.10 -12.17 20.21
N LEU D 342 -1.82 -12.36 19.90
CA LEU D 342 -1.39 -13.41 18.99
C LEU D 342 -1.52 -14.80 19.61
N GLY D 343 -1.71 -14.85 20.93
CA GLY D 343 -1.86 -16.11 21.63
C GLY D 343 -0.56 -16.57 22.28
N ILE D 344 0.53 -15.91 21.94
CA ILE D 344 1.84 -16.27 22.46
C ILE D 344 2.06 -15.64 23.85
N TYR D 345 2.30 -16.49 24.84
CA TYR D 345 2.48 -16.04 26.22
C TYR D 345 3.62 -16.80 26.91
N PRO D 346 4.28 -16.16 27.89
CA PRO D 346 4.00 -14.81 28.37
C PRO D 346 4.36 -13.78 27.30
N ALA D 347 3.46 -12.83 27.09
CA ALA D 347 3.65 -11.81 26.06
C ALA D 347 4.85 -10.94 26.39
N VAL D 348 6.03 -11.51 26.26
CA VAL D 348 7.26 -10.78 26.54
C VAL D 348 7.84 -10.22 25.26
N ASP D 349 8.21 -8.94 25.29
CA ASP D 349 8.83 -8.29 24.15
C ASP D 349 10.34 -8.52 24.22
N PRO D 350 10.87 -9.34 23.30
CA PRO D 350 12.27 -9.76 23.24
C PRO D 350 13.28 -8.65 22.91
N LEU D 351 12.85 -7.66 22.12
CA LEU D 351 13.72 -6.54 21.75
C LEU D 351 13.76 -5.46 22.84
N ASP D 352 12.58 -5.03 23.29
CA ASP D 352 12.42 -3.98 24.30
C ASP D 352 12.89 -4.41 25.70
N SER D 353 12.84 -5.72 25.98
CA SER D 353 13.30 -6.25 27.25
C SER D 353 14.80 -6.44 27.26
N LYS D 354 15.47 -5.80 28.22
CA LYS D 354 16.91 -5.92 28.33
C LYS D 354 17.28 -6.40 29.72
N SER D 355 18.58 -6.62 29.94
CA SER D 355 19.09 -7.04 31.24
C SER D 355 20.52 -6.55 31.47
N ARG D 356 20.93 -6.61 32.72
CA ARG D 356 22.27 -6.20 33.14
C ARG D 356 23.25 -7.34 32.90
N LEU D 357 22.81 -8.56 33.19
CA LEU D 357 23.64 -9.73 33.00
C LEU D 357 23.69 -10.15 31.53
N LEU D 358 23.26 -9.28 30.62
CA LEU D 358 23.31 -9.61 29.20
C LEU D 358 24.69 -9.34 28.64
N ASP D 359 25.71 -9.89 29.30
CA ASP D 359 27.08 -9.67 28.90
C ASP D 359 27.79 -10.99 28.71
N ALA D 360 28.71 -11.04 27.76
CA ALA D 360 29.48 -12.24 27.52
C ALA D 360 30.20 -12.67 28.79
N ALA D 361 30.82 -11.70 29.46
CA ALA D 361 31.63 -11.99 30.65
C ALA D 361 30.79 -12.39 31.85
N VAL D 362 29.50 -12.60 31.62
CA VAL D 362 28.58 -12.97 32.70
C VAL D 362 27.86 -14.28 32.40
N VAL D 363 27.12 -14.28 31.29
CA VAL D 363 26.33 -15.45 30.91
C VAL D 363 27.13 -16.43 30.06
N GLY D 364 28.32 -16.04 29.65
CA GLY D 364 29.16 -16.88 28.82
C GLY D 364 29.18 -16.38 27.40
N GLN D 365 30.24 -16.67 26.67
CA GLN D 365 30.37 -16.18 25.30
C GLN D 365 29.33 -16.84 24.41
N GLU D 366 29.21 -18.15 24.55
CA GLU D 366 28.26 -18.93 23.76
C GLU D 366 26.84 -18.43 23.97
N HIS D 367 26.51 -18.13 25.23
CA HIS D 367 25.18 -17.70 25.61
C HIS D 367 24.82 -16.37 24.95
N TYR D 368 25.78 -15.47 24.90
CA TYR D 368 25.57 -14.14 24.33
C TYR D 368 25.28 -14.21 22.85
N ASP D 369 26.12 -14.97 22.13
CA ASP D 369 26.01 -15.09 20.69
C ASP D 369 24.66 -15.65 20.26
N VAL D 370 24.24 -16.73 20.92
CA VAL D 370 22.95 -17.36 20.63
C VAL D 370 21.81 -16.37 20.88
N ALA D 371 21.90 -15.66 22.00
CA ALA D 371 20.88 -14.67 22.36
C ALA D 371 20.82 -13.53 21.34
N SER D 372 21.97 -13.12 20.85
CA SER D 372 22.05 -12.01 19.89
C SER D 372 21.48 -12.42 18.54
N LYS D 373 21.76 -13.66 18.14
CA LYS D 373 21.24 -14.16 16.88
C LYS D 373 19.72 -14.19 16.93
N VAL D 374 19.16 -14.66 18.04
CA VAL D 374 17.71 -14.74 18.17
C VAL D 374 17.07 -13.36 18.03
N GLN D 375 17.72 -12.35 18.60
CA GLN D 375 17.21 -10.99 18.55
C GLN D 375 17.25 -10.42 17.14
N GLU D 376 18.33 -10.68 16.42
CA GLU D 376 18.48 -10.16 15.07
C GLU D 376 17.46 -10.82 14.13
N THR D 377 17.19 -12.09 14.36
CA THR D 377 16.23 -12.84 13.56
C THR D 377 14.82 -12.27 13.71
N LEU D 378 14.41 -12.06 14.96
CA LEU D 378 13.09 -11.54 15.26
C LEU D 378 12.93 -10.11 14.77
N GLN D 379 14.05 -9.39 14.62
CA GLN D 379 14.00 -8.00 14.18
C GLN D 379 13.76 -7.90 12.67
N THR D 380 14.55 -8.62 11.89
CA THR D 380 14.39 -8.64 10.45
C THR D 380 12.99 -9.14 10.09
N TYR D 381 12.51 -10.11 10.85
CA TYR D 381 11.16 -10.63 10.66
C TYR D 381 10.16 -9.50 10.71
N LYS D 382 10.23 -8.73 11.78
CA LYS D 382 9.35 -7.60 12.00
C LYS D 382 9.60 -6.49 10.98
N SER D 383 10.77 -6.52 10.36
CA SER D 383 11.13 -5.52 9.37
C SER D 383 10.52 -5.86 8.02
N LEU D 384 10.31 -7.15 7.80
CA LEU D 384 9.77 -7.59 6.52
C LEU D 384 8.26 -7.73 6.59
N GLN D 385 7.67 -7.28 7.70
CA GLN D 385 6.24 -7.43 7.89
C GLN D 385 5.45 -6.65 6.84
N ASP D 386 6.12 -5.65 6.27
CA ASP D 386 5.50 -4.80 5.26
C ASP D 386 5.57 -5.45 3.87
N ILE D 387 6.39 -6.48 3.73
CA ILE D 387 6.53 -7.18 2.45
C ILE D 387 5.73 -8.48 2.44
N ILE D 388 5.66 -9.14 3.58
CA ILE D 388 4.95 -10.41 3.67
C ILE D 388 3.43 -10.24 3.51
N ALA D 389 2.95 -9.01 3.61
CA ALA D 389 1.52 -8.75 3.42
C ALA D 389 1.23 -8.02 2.10
N ILE D 390 2.24 -7.34 1.57
CA ILE D 390 2.06 -6.54 0.36
C ILE D 390 2.59 -7.23 -0.90
N LEU D 391 3.49 -8.19 -0.72
CA LEU D 391 4.07 -8.92 -1.86
C LEU D 391 4.09 -10.43 -1.65
N GLY D 392 3.70 -10.87 -0.45
CA GLY D 392 3.65 -12.29 -0.14
C GLY D 392 4.95 -12.84 0.41
N MET D 393 5.02 -14.16 0.52
CA MET D 393 6.23 -14.81 1.04
C MET D 393 7.16 -15.21 -0.10
N ASP D 394 6.61 -15.34 -1.30
CA ASP D 394 7.37 -15.80 -2.47
C ASP D 394 8.39 -14.77 -2.95
N GLU D 395 8.07 -13.49 -2.77
CA GLU D 395 8.94 -12.40 -3.21
C GLU D 395 10.24 -12.32 -2.42
N LEU D 396 10.20 -12.81 -1.18
CA LEU D 396 11.38 -12.80 -0.32
C LEU D 396 12.49 -13.67 -0.92
N SER D 397 13.74 -13.30 -0.64
CA SER D 397 14.90 -14.03 -1.13
C SER D 397 15.07 -15.38 -0.43
N GLU D 398 15.99 -16.20 -0.93
CA GLU D 398 16.21 -17.51 -0.36
C GLU D 398 16.72 -17.39 1.07
N GLN D 399 17.58 -16.42 1.31
CA GLN D 399 18.11 -16.17 2.64
C GLN D 399 17.01 -15.62 3.55
N ASP D 400 16.08 -14.86 2.97
CA ASP D 400 15.02 -14.23 3.74
C ASP D 400 13.95 -15.23 4.17
N LYS D 401 13.39 -15.97 3.21
CA LYS D 401 12.37 -16.97 3.49
C LYS D 401 12.84 -17.95 4.57
N LEU D 402 14.08 -18.43 4.41
CA LEU D 402 14.66 -19.35 5.38
C LEU D 402 14.75 -18.73 6.77
N THR D 403 15.06 -17.43 6.84
CA THR D 403 15.13 -16.73 8.11
C THR D 403 13.72 -16.54 8.68
N VAL D 404 12.83 -16.05 7.84
CA VAL D 404 11.45 -15.77 8.24
C VAL D 404 10.80 -16.98 8.89
N GLU D 405 10.92 -18.15 8.25
CA GLU D 405 10.36 -19.38 8.81
C GLU D 405 10.90 -19.61 10.21
N ARG D 406 12.22 -19.50 10.36
CA ARG D 406 12.87 -19.68 11.65
C ARG D 406 12.38 -18.68 12.68
N ALA D 407 12.26 -17.41 12.28
CA ALA D 407 11.80 -16.35 13.17
C ALA D 407 10.42 -16.68 13.72
N ARG D 408 9.63 -17.36 12.91
CA ARG D 408 8.28 -17.73 13.31
C ARG D 408 8.33 -18.90 14.28
N LYS D 409 9.28 -19.81 14.08
CA LYS D 409 9.44 -20.96 14.96
C LYS D 409 9.97 -20.54 16.34
N ILE D 410 11.01 -19.70 16.34
CA ILE D 410 11.58 -19.21 17.59
C ILE D 410 10.54 -18.41 18.37
N GLN D 411 9.82 -17.54 17.67
CA GLN D 411 8.80 -16.72 18.28
C GLN D 411 7.81 -17.59 19.06
N ARG D 412 7.30 -18.62 18.41
CA ARG D 412 6.37 -19.52 19.06
C ARG D 412 7.08 -20.41 20.07
N PHE D 413 8.38 -20.51 19.95
CA PHE D 413 9.18 -21.35 20.83
C PHE D 413 9.44 -20.65 22.16
N LEU D 414 9.21 -19.34 22.19
CA LEU D 414 9.41 -18.54 23.40
C LEU D 414 8.28 -18.75 24.40
N SER D 415 7.12 -19.14 23.89
CA SER D 415 5.97 -19.41 24.74
C SER D 415 6.22 -20.59 25.64
N GLN D 416 5.72 -20.52 26.86
CA GLN D 416 5.94 -21.58 27.83
C GLN D 416 4.75 -21.67 28.76
N PRO D 417 4.24 -22.89 28.98
CA PRO D 417 3.10 -23.14 29.88
C PRO D 417 3.52 -23.07 31.34
N PHE D 418 2.86 -22.20 32.10
CA PHE D 418 3.14 -22.07 33.54
C PHE D 418 2.18 -22.91 34.37
N ALA D 419 2.70 -23.53 35.42
CA ALA D 419 1.87 -24.36 36.29
C ALA D 419 0.79 -23.53 36.98
N VAL D 420 1.00 -22.22 37.03
CA VAL D 420 0.06 -21.29 37.65
C VAL D 420 -1.15 -21.04 36.76
N ALA D 421 -0.91 -20.82 35.48
CA ALA D 421 -1.96 -20.57 34.50
C ALA D 421 -2.36 -21.85 33.78
N GLU D 422 -2.28 -22.97 34.49
CA GLU D 422 -2.64 -24.27 33.93
C GLU D 422 -4.14 -24.35 33.69
N VAL D 423 -4.89 -23.53 34.42
CA VAL D 423 -6.34 -23.52 34.29
C VAL D 423 -6.74 -22.74 33.05
N PHE D 424 -5.80 -21.98 32.50
CA PHE D 424 -6.08 -21.20 31.30
C PHE D 424 -5.69 -21.95 30.04
N THR D 425 -4.53 -22.60 30.07
CA THR D 425 -3.99 -23.27 28.89
C THR D 425 -4.35 -24.75 28.83
N GLY D 426 -4.66 -25.34 29.98
CA GLY D 426 -5.03 -26.75 30.06
C GLY D 426 -3.82 -27.67 30.02
N ILE D 427 -2.68 -27.10 29.64
CA ILE D 427 -1.42 -27.84 29.56
C ILE D 427 -0.63 -27.69 30.85
N PRO D 428 -0.05 -28.80 31.34
CA PRO D 428 0.71 -28.85 32.59
C PRO D 428 1.93 -27.95 32.52
N GLY D 429 2.20 -27.20 33.59
CA GLY D 429 3.35 -26.32 33.63
C GLY D 429 4.61 -27.02 33.18
N LYS D 430 5.57 -26.26 32.67
CA LYS D 430 6.86 -26.82 32.30
C LYS D 430 7.97 -25.85 32.68
N LEU D 431 8.95 -26.36 33.43
CA LEU D 431 10.09 -25.55 33.86
C LEU D 431 11.34 -25.96 33.08
N VAL D 432 11.87 -25.04 32.29
CA VAL D 432 13.07 -25.33 31.50
C VAL D 432 14.33 -24.80 32.17
N ARG D 433 15.39 -25.58 32.11
CA ARG D 433 16.66 -25.16 32.68
C ARG D 433 17.47 -24.32 31.68
N LEU D 434 18.14 -23.29 32.20
CA LEU D 434 18.91 -22.37 31.37
C LEU D 434 19.93 -23.12 30.52
N LYS D 435 20.52 -24.16 31.08
CA LYS D 435 21.54 -24.92 30.39
C LYS D 435 20.96 -25.62 29.15
N ASP D 436 19.72 -26.08 29.25
CA ASP D 436 19.03 -26.70 28.13
C ASP D 436 18.42 -25.65 27.20
N THR D 437 17.96 -24.54 27.77
CA THR D 437 17.32 -23.47 26.98
C THR D 437 18.23 -23.01 25.85
N VAL D 438 19.44 -22.61 26.22
CA VAL D 438 20.40 -22.08 25.26
C VAL D 438 20.74 -23.13 24.20
N ALA D 439 20.78 -24.39 24.63
CA ALA D 439 21.12 -25.49 23.75
C ALA D 439 20.00 -25.76 22.75
N SER D 440 18.79 -25.33 23.10
CA SER D 440 17.62 -25.54 22.25
C SER D 440 17.58 -24.57 21.07
N PHE D 441 17.60 -23.28 21.36
CA PHE D 441 17.60 -22.26 20.31
C PHE D 441 18.83 -22.36 19.45
N LYS D 442 19.97 -22.61 20.08
CA LYS D 442 21.21 -22.79 19.35
C LYS D 442 20.95 -23.77 18.21
N ALA D 443 20.42 -24.95 18.56
CA ALA D 443 20.11 -25.98 17.58
C ALA D 443 19.15 -25.49 16.50
N VAL D 444 18.16 -24.70 16.89
CA VAL D 444 17.18 -24.18 15.94
C VAL D 444 17.77 -23.10 15.03
N LEU D 445 18.77 -22.39 15.55
CA LEU D 445 19.43 -21.32 14.80
C LEU D 445 20.33 -21.89 13.71
N GLU D 446 20.79 -23.12 13.92
CA GLU D 446 21.66 -23.80 12.97
C GLU D 446 20.86 -24.50 11.86
N GLY D 447 19.54 -24.50 11.99
CA GLY D 447 18.66 -25.08 10.99
C GLY D 447 18.52 -26.59 11.10
N LYS D 448 18.78 -27.11 12.29
CA LYS D 448 18.73 -28.55 12.52
C LYS D 448 17.30 -29.07 12.62
N TYR D 449 16.34 -28.15 12.59
CA TYR D 449 14.94 -28.54 12.71
C TYR D 449 14.09 -27.75 11.75
N ASP D 450 14.58 -27.59 10.53
CA ASP D 450 13.85 -26.83 9.52
C ASP D 450 12.72 -27.68 8.95
N ASN D 451 12.72 -28.97 9.27
CA ASN D 451 11.67 -29.88 8.84
C ASN D 451 10.45 -29.88 9.76
N ILE D 452 10.70 -29.71 11.06
CA ILE D 452 9.64 -29.72 12.04
C ILE D 452 8.66 -28.56 11.81
N PRO D 453 7.36 -28.83 11.98
CA PRO D 453 6.27 -27.84 11.82
C PRO D 453 6.21 -26.79 12.94
N GLU D 454 5.77 -25.58 12.59
CA GLU D 454 5.74 -24.47 13.53
C GLU D 454 4.88 -24.80 14.73
N HIS D 455 3.73 -25.41 14.48
CA HIS D 455 2.82 -25.73 15.56
C HIS D 455 3.45 -26.65 16.59
N ALA D 456 4.65 -27.16 16.28
CA ALA D 456 5.35 -28.03 17.22
C ALA D 456 6.19 -27.26 18.23
N PHE D 457 6.23 -25.94 18.08
CA PHE D 457 7.01 -25.08 18.98
C PHE D 457 6.11 -24.23 19.85
N TYR D 458 4.83 -24.19 19.50
CA TYR D 458 3.86 -23.40 20.26
C TYR D 458 3.50 -24.08 21.59
N MET D 459 3.67 -23.32 22.66
CA MET D 459 3.40 -23.81 24.00
C MET D 459 4.17 -25.11 24.27
N VAL D 460 5.49 -25.02 24.26
CA VAL D 460 6.33 -26.18 24.52
C VAL D 460 7.53 -25.83 25.41
N GLY D 461 7.83 -26.73 26.34
CA GLY D 461 8.93 -26.52 27.27
C GLY D 461 10.29 -26.81 26.66
N GLY D 462 10.88 -27.94 27.03
CA GLY D 462 12.18 -28.34 26.52
C GLY D 462 12.19 -28.64 25.04
N ILE D 463 13.38 -28.66 24.44
CA ILE D 463 13.54 -28.91 23.01
C ILE D 463 13.12 -30.33 22.62
N GLU D 464 13.32 -31.27 23.53
CA GLU D 464 12.92 -32.65 23.31
C GLU D 464 11.42 -32.74 23.04
N ASP D 465 10.65 -31.96 23.80
CA ASP D 465 9.21 -31.95 23.64
C ASP D 465 8.79 -31.48 22.25
N VAL D 466 9.58 -30.61 21.64
CA VAL D 466 9.27 -30.15 20.29
C VAL D 466 9.24 -31.33 19.33
N VAL D 467 10.27 -32.17 19.40
CA VAL D 467 10.37 -33.32 18.50
C VAL D 467 9.28 -34.35 18.86
N ALA D 468 9.03 -34.51 20.15
CA ALA D 468 8.00 -35.43 20.62
C ALA D 468 6.63 -34.99 20.13
N LYS D 469 6.37 -33.69 20.23
CA LYS D 469 5.10 -33.12 19.80
C LYS D 469 4.93 -33.24 18.28
N ALA D 470 5.97 -32.89 17.53
CA ALA D 470 5.90 -32.95 16.07
C ALA D 470 5.61 -34.37 15.58
N GLU D 471 6.03 -35.36 16.37
CA GLU D 471 5.80 -36.76 16.05
C GLU D 471 4.41 -37.23 16.46
N LYS D 472 3.89 -36.67 17.55
CA LYS D 472 2.55 -37.03 18.04
C LYS D 472 1.44 -36.47 17.15
N LEU D 473 1.72 -35.34 16.50
CA LEU D 473 0.77 -34.75 15.58
C LEU D 473 0.66 -35.55 14.29
N ALA D 474 1.80 -36.06 13.82
CA ALA D 474 1.85 -36.80 12.57
C ALA D 474 0.96 -38.05 12.59
N ALA D 475 0.67 -38.56 13.78
CA ALA D 475 -0.17 -39.75 13.93
C ALA D 475 -1.60 -39.47 13.49
N SER E 6 19.09 67.11 43.46
CA SER E 6 18.28 67.63 42.35
C SER E 6 17.09 66.73 42.04
N THR E 7 17.20 65.95 40.97
CA THR E 7 16.14 65.03 40.59
C THR E 7 16.56 63.55 40.74
N PRO E 8 17.06 63.17 41.93
CA PRO E 8 17.51 61.81 42.20
C PRO E 8 16.38 60.92 42.71
N ILE E 9 16.05 59.88 41.95
CA ILE E 9 14.97 58.96 42.31
C ILE E 9 15.53 57.67 42.91
N THR E 10 15.10 57.33 44.12
CA THR E 10 15.58 56.13 44.80
C THR E 10 14.43 55.25 45.28
N GLY E 11 14.69 53.95 45.35
CA GLY E 11 13.72 52.98 45.84
C GLY E 11 14.43 51.83 46.53
N LYS E 12 13.68 50.84 46.99
CA LYS E 12 14.27 49.71 47.71
C LYS E 12 13.67 48.36 47.30
N VAL E 13 14.53 47.40 47.01
CA VAL E 13 14.06 46.07 46.61
C VAL E 13 13.33 45.37 47.75
N THR E 14 12.11 44.92 47.45
CA THR E 14 11.27 44.29 48.46
C THR E 14 11.05 42.81 48.15
N ALA E 15 11.29 42.43 46.90
CA ALA E 15 11.08 41.04 46.49
C ALA E 15 12.01 40.57 45.38
N VAL E 16 12.55 39.37 45.56
CA VAL E 16 13.41 38.78 44.55
C VAL E 16 12.97 37.36 44.24
N ILE E 17 12.40 37.18 43.06
CA ILE E 17 11.97 35.87 42.58
C ILE E 17 12.45 35.66 41.16
N GLY E 18 13.56 34.94 41.01
CA GLY E 18 14.13 34.68 39.70
C GLY E 18 14.56 35.95 39.01
N ALA E 19 14.25 36.07 37.73
CA ALA E 19 14.59 37.27 36.98
C ALA E 19 13.59 38.39 37.27
N ILE E 20 12.69 38.15 38.21
CA ILE E 20 11.66 39.13 38.58
C ILE E 20 11.94 39.78 39.93
N VAL E 21 12.19 41.08 39.91
CA VAL E 21 12.52 41.82 41.12
C VAL E 21 11.49 42.91 41.40
N ASP E 22 11.12 43.07 42.68
CA ASP E 22 10.12 44.07 43.07
C ASP E 22 10.73 45.21 43.90
N VAL E 23 10.64 46.43 43.37
CA VAL E 23 11.19 47.61 44.05
C VAL E 23 10.09 48.50 44.60
N HIS E 24 10.38 49.17 45.71
CA HIS E 24 9.46 50.09 46.33
C HIS E 24 9.99 51.52 46.27
N PHE E 25 9.25 52.39 45.61
CA PHE E 25 9.62 53.79 45.53
C PHE E 25 8.74 54.63 46.45
N GLU E 26 9.00 55.94 46.47
CA GLU E 26 8.25 56.89 47.29
C GLU E 26 6.87 57.16 46.70
N GLN E 27 5.92 57.49 47.57
CA GLN E 27 4.56 57.79 47.14
C GLN E 27 4.55 58.79 45.99
N SER E 28 3.59 58.65 45.08
CA SER E 28 3.44 59.55 43.94
C SER E 28 4.78 59.94 43.31
N GLU E 29 5.65 58.94 43.14
CA GLU E 29 6.96 59.17 42.54
C GLU E 29 7.42 57.95 41.75
N LEU E 30 6.55 56.94 41.71
CA LEU E 30 6.82 55.72 40.98
C LEU E 30 7.12 56.02 39.53
N PRO E 31 8.22 55.46 39.01
CA PRO E 31 8.54 55.62 37.58
C PRO E 31 7.47 54.95 36.75
N ALA E 32 7.18 55.50 35.57
CA ALA E 32 6.20 54.91 34.67
C ALA E 32 6.60 53.47 34.30
N ILE E 33 6.03 52.96 33.22
CA ILE E 33 6.30 51.59 32.78
C ILE E 33 7.27 51.50 31.61
N LEU E 34 8.05 50.43 31.57
CA LEU E 34 9.03 50.22 30.50
C LEU E 34 10.27 51.07 30.70
N ASN E 35 10.41 51.67 31.89
CA ASN E 35 11.57 52.49 32.20
C ASN E 35 12.81 51.67 32.52
N ALA E 36 13.89 52.36 32.90
CA ALA E 36 15.15 51.71 33.19
C ALA E 36 15.64 51.99 34.60
N LEU E 37 15.70 50.94 35.42
CA LEU E 37 16.19 51.05 36.78
C LEU E 37 17.59 50.46 36.88
N GLU E 38 18.40 51.02 37.78
CA GLU E 38 19.79 50.58 37.94
C GLU E 38 20.10 50.14 39.37
N ILE E 39 20.96 49.14 39.51
CA ILE E 39 21.40 48.65 40.83
C ILE E 39 22.91 48.44 40.81
N LYS E 40 23.57 48.80 41.91
CA LYS E 40 25.02 48.64 41.99
C LYS E 40 25.40 47.17 42.16
N THR E 41 26.31 46.69 41.31
CA THR E 41 26.82 45.32 41.41
C THR E 41 28.34 45.30 41.33
N PRO E 42 28.98 44.38 42.06
CA PRO E 42 30.44 44.24 42.05
C PRO E 42 31.03 44.18 40.65
N GLN E 43 30.36 43.51 39.72
CA GLN E 43 30.84 43.42 38.34
C GLN E 43 30.74 44.79 37.66
N GLY E 44 29.52 45.29 37.56
CA GLY E 44 29.26 46.59 36.96
C GLY E 44 27.98 47.18 37.50
N LYS E 45 26.87 46.87 36.83
CA LYS E 45 25.55 47.32 37.28
C LYS E 45 24.45 46.41 36.76
N LEU E 46 23.33 46.40 37.46
CA LEU E 46 22.18 45.59 37.09
C LEU E 46 21.10 46.49 36.51
N VAL E 47 20.40 46.03 35.48
CA VAL E 47 19.36 46.84 34.86
C VAL E 47 17.98 46.21 35.02
N LEU E 48 16.99 47.01 35.39
CA LEU E 48 15.64 46.51 35.59
C LEU E 48 14.61 47.29 34.78
N GLU E 49 13.90 46.60 33.90
CA GLU E 49 12.89 47.26 33.08
C GLU E 49 11.53 47.19 33.76
N VAL E 50 10.92 48.34 33.98
CA VAL E 50 9.60 48.38 34.58
C VAL E 50 8.61 47.56 33.78
N ALA E 51 7.66 46.96 34.48
CA ALA E 51 6.63 46.15 33.81
C ALA E 51 5.23 46.45 34.33
N GLN E 52 5.07 46.40 35.65
CA GLN E 52 3.75 46.62 36.23
C GLN E 52 3.85 47.38 37.53
N HIS E 53 2.78 48.06 37.91
CA HIS E 53 2.71 48.77 39.18
C HIS E 53 1.85 47.98 40.16
N LEU E 54 2.47 47.09 40.92
CA LEU E 54 1.74 46.19 41.81
C LEU E 54 0.77 46.95 42.72
N GLY E 55 1.10 48.19 43.02
CA GLY E 55 0.29 49.02 43.90
C GLY E 55 1.03 49.31 45.18
N GLU E 56 0.50 50.21 45.99
CA GLU E 56 1.12 50.53 47.26
C GLU E 56 2.54 50.98 47.03
N ASN E 57 2.73 51.84 46.03
CA ASN E 57 4.04 52.40 45.74
C ASN E 57 5.07 51.31 45.45
N THR E 58 4.61 50.22 44.84
CA THR E 58 5.50 49.10 44.50
C THR E 58 5.35 48.68 43.04
N VAL E 59 6.47 48.54 42.35
CA VAL E 59 6.47 48.19 40.94
C VAL E 59 7.23 46.89 40.69
N ARG E 60 6.81 46.14 39.68
CA ARG E 60 7.50 44.92 39.31
C ARG E 60 8.25 45.07 37.99
N THR E 61 9.53 44.73 38.00
CA THR E 61 10.36 44.85 36.81
C THR E 61 11.03 43.53 36.46
N ILE E 62 11.57 43.45 35.24
CA ILE E 62 12.26 42.27 34.78
C ILE E 62 13.76 42.52 34.75
N ALA E 63 14.53 41.54 35.21
CA ALA E 63 15.97 41.67 35.28
C ALA E 63 16.58 41.55 33.89
N MET E 64 17.60 42.35 33.62
CA MET E 64 18.30 42.27 32.34
C MET E 64 19.64 41.58 32.53
N ASP E 65 19.86 41.05 33.72
CA ASP E 65 21.07 40.30 34.04
C ASP E 65 20.80 39.42 35.26
N GLY E 66 21.85 38.77 35.76
CA GLY E 66 21.72 37.90 36.91
C GLY E 66 21.10 38.59 38.10
N THR E 67 20.37 37.83 38.91
CA THR E 67 19.72 38.39 40.10
C THR E 67 20.28 37.79 41.38
N GLU E 68 21.13 36.79 41.24
CA GLU E 68 21.74 36.18 42.41
C GLU E 68 22.61 37.20 43.13
N GLY E 69 22.33 37.42 44.41
CA GLY E 69 23.10 38.34 45.20
C GLY E 69 22.29 39.49 45.77
N LEU E 70 21.22 39.87 45.07
CA LEU E 70 20.36 40.95 45.54
C LEU E 70 19.88 40.67 46.96
N VAL E 71 19.67 41.73 47.73
CA VAL E 71 19.20 41.62 49.11
C VAL E 71 18.12 42.65 49.38
N ARG E 72 17.06 42.22 50.07
CA ARG E 72 15.92 43.11 50.32
C ARG E 72 16.32 44.36 51.09
N GLY E 73 16.17 45.50 50.43
CA GLY E 73 16.53 46.77 51.04
C GLY E 73 17.43 47.61 50.16
N GLU E 74 18.26 46.96 49.34
CA GLU E 74 19.24 47.66 48.51
C GLU E 74 18.61 48.81 47.73
N LYS E 75 19.36 49.89 47.57
CA LYS E 75 18.86 51.05 46.85
C LYS E 75 18.71 50.72 45.36
N VAL E 76 17.79 51.42 44.70
CA VAL E 76 17.54 51.22 43.29
C VAL E 76 17.36 52.55 42.58
N LEU E 77 18.29 52.88 41.68
CA LEU E 77 18.26 54.16 40.97
C LEU E 77 17.29 54.13 39.79
N ASP E 78 16.68 55.28 39.49
CA ASP E 78 15.82 55.38 38.31
C ASP E 78 16.40 56.35 37.29
N THR E 79 16.73 55.84 36.11
CA THR E 79 17.20 56.68 35.01
C THR E 79 16.10 57.66 34.61
N GLY E 80 14.85 57.21 34.72
CA GLY E 80 13.71 58.04 34.40
C GLY E 80 13.14 57.74 33.02
N GLY E 81 13.98 57.15 32.17
CA GLY E 81 13.57 56.83 30.81
C GLY E 81 13.88 55.39 30.42
N PRO E 82 13.12 54.85 29.44
CA PRO E 82 13.33 53.48 28.98
C PRO E 82 14.79 53.24 28.58
N ILE E 83 15.19 51.97 28.49
CA ILE E 83 16.55 51.62 28.11
C ILE E 83 17.01 52.42 26.89
N SER E 84 18.24 52.93 26.93
CA SER E 84 18.76 53.75 25.84
C SER E 84 19.95 53.11 25.14
N VAL E 85 20.03 53.30 23.83
CA VAL E 85 21.13 52.78 23.03
C VAL E 85 21.74 53.89 22.18
N PRO E 86 23.08 54.00 22.19
CA PRO E 86 23.73 55.06 21.40
C PRO E 86 23.40 54.89 19.91
N VAL E 87 23.28 56.01 19.20
CA VAL E 87 23.02 55.97 17.77
C VAL E 87 24.02 56.81 17.01
N GLY E 88 24.39 56.38 15.81
CA GLY E 88 25.35 57.13 15.01
C GLY E 88 26.37 56.24 14.34
N ARG E 89 27.24 56.85 13.55
CA ARG E 89 28.22 56.10 12.78
C ARG E 89 29.26 55.44 13.68
N GLU E 90 29.22 55.77 14.96
CA GLU E 90 30.19 55.28 15.94
C GLU E 90 29.88 53.85 16.41
N THR E 91 28.67 53.40 16.13
CA THR E 91 28.26 52.05 16.48
C THR E 91 28.72 51.04 15.44
N LEU E 92 28.95 51.50 14.20
CA LEU E 92 29.45 50.64 13.14
C LEU E 92 30.78 50.01 13.58
N GLY E 93 30.88 48.69 13.44
CA GLY E 93 32.10 47.96 13.78
C GLY E 93 32.29 47.83 15.28
N ARG E 94 31.18 47.84 16.01
CA ARG E 94 31.21 47.77 17.47
C ARG E 94 30.17 46.77 17.97
N ILE E 95 30.59 45.92 18.91
CA ILE E 95 29.69 44.94 19.52
C ILE E 95 28.91 45.58 20.65
N ILE E 96 27.59 45.66 20.52
CA ILE E 96 26.74 46.29 21.53
C ILE E 96 25.74 45.30 22.10
N ASN E 97 25.60 45.30 23.41
CA ASN E 97 24.64 44.42 24.08
C ASN E 97 23.29 45.11 24.25
N VAL E 98 22.33 44.39 24.83
CA VAL E 98 20.96 44.86 24.94
C VAL E 98 20.85 46.13 25.78
N ILE E 99 21.75 46.26 26.75
CA ILE E 99 21.82 47.43 27.63
C ILE E 99 22.29 48.68 26.89
N GLY E 100 23.08 48.49 25.84
CA GLY E 100 23.57 49.60 25.04
C GLY E 100 25.03 49.91 25.30
N GLU E 101 25.65 49.10 26.14
CA GLU E 101 27.06 49.27 26.48
C GLU E 101 27.94 48.38 25.60
N PRO E 102 29.14 48.88 25.27
CA PRO E 102 30.09 48.09 24.48
C PRO E 102 30.68 46.93 25.27
N ILE E 103 30.87 45.80 24.60
CA ILE E 103 31.49 44.62 25.21
C ILE E 103 32.65 44.13 24.36
N ASP E 104 32.95 44.86 23.29
CA ASP E 104 34.04 44.50 22.39
C ASP E 104 35.39 44.92 22.97
N GLU E 105 35.35 45.51 24.16
CA GLU E 105 36.56 45.97 24.83
C GLU E 105 37.26 47.05 24.00
N ARG E 106 36.50 47.79 23.20
CA ARG E 106 37.07 48.87 22.41
C ARG E 106 36.73 50.22 23.04
N GLY E 107 36.59 50.24 24.36
CA GLY E 107 36.26 51.46 25.07
C GLY E 107 34.83 51.89 24.85
N PRO E 108 34.45 53.06 25.39
CA PRO E 108 33.09 53.60 25.32
C PRO E 108 32.76 54.13 23.93
N ILE E 109 31.53 53.90 23.47
CA ILE E 109 31.09 54.38 22.17
C ILE E 109 30.77 55.85 22.20
N LYS E 110 31.73 56.68 21.81
CA LYS E 110 31.56 58.13 21.81
C LYS E 110 30.50 58.58 20.81
N SER E 111 29.25 58.56 21.24
CA SER E 111 28.13 59.01 20.43
C SER E 111 27.61 60.36 20.91
N LYS E 112 26.82 61.04 20.08
CA LYS E 112 26.31 62.36 20.42
C LYS E 112 24.91 62.27 20.99
N LEU E 113 24.16 61.27 20.55
CA LEU E 113 22.76 61.12 20.96
C LEU E 113 22.48 59.71 21.48
N ARG E 114 21.37 59.56 22.21
CA ARG E 114 20.96 58.26 22.74
C ARG E 114 19.44 58.05 22.71
N LYS E 115 18.98 57.27 21.73
CA LYS E 115 17.55 56.99 21.57
C LYS E 115 17.12 55.76 22.39
N PRO E 116 15.85 55.76 22.86
CA PRO E 116 15.27 54.65 23.64
C PRO E 116 14.89 53.48 22.75
N ILE E 117 14.78 52.28 23.34
CA ILE E 117 14.44 51.09 22.58
C ILE E 117 12.95 51.03 22.26
N HIS E 118 12.13 51.67 23.09
CA HIS E 118 10.68 51.69 22.88
C HIS E 118 10.23 52.91 22.09
N ALA E 119 9.82 52.68 20.84
CA ALA E 119 9.35 53.75 19.99
C ALA E 119 8.00 53.40 19.38
N ASP E 120 7.16 54.41 19.22
CA ASP E 120 5.87 54.21 18.57
C ASP E 120 6.03 54.02 17.08
N PRO E 121 5.23 53.11 16.51
CA PRO E 121 5.30 52.83 15.07
C PRO E 121 4.90 54.07 14.29
N PRO E 122 5.63 54.37 13.22
CA PRO E 122 5.34 55.50 12.35
C PRO E 122 3.85 55.61 12.01
N SER E 123 3.38 56.84 11.76
CA SER E 123 1.96 57.10 11.51
C SER E 123 1.49 56.63 10.13
N PHE E 124 0.17 56.51 9.99
CA PHE E 124 -0.47 56.06 8.75
C PHE E 124 -0.16 57.00 7.58
N ALA E 125 -0.20 58.29 7.85
CA ALA E 125 0.07 59.33 6.85
C ALA E 125 1.52 59.33 6.35
N GLU E 126 2.44 58.89 7.22
CA GLU E 126 3.85 58.83 6.86
C GLU E 126 4.17 57.60 6.01
N GLN E 127 3.24 56.65 5.96
CA GLN E 127 3.42 55.43 5.19
C GLN E 127 3.41 55.72 3.68
N SER E 128 4.06 54.86 2.90
CA SER E 128 4.07 55.01 1.46
C SER E 128 2.79 54.44 0.85
N THR E 129 2.51 54.81 -0.39
CA THR E 129 1.29 54.35 -1.06
C THR E 129 1.60 53.42 -2.23
N SER E 130 2.84 52.92 -2.26
CA SER E 130 3.32 52.10 -3.36
C SER E 130 4.57 51.32 -2.92
N ALA E 131 4.59 50.03 -3.20
CA ALA E 131 5.76 49.20 -2.89
C ALA E 131 6.71 49.16 -4.07
N GLU E 132 7.98 49.40 -3.80
CA GLU E 132 9.00 49.35 -4.83
C GLU E 132 10.01 48.26 -4.55
N ILE E 133 10.64 47.78 -5.61
CA ILE E 133 11.65 46.73 -5.49
C ILE E 133 12.96 47.33 -5.02
N LEU E 134 13.71 46.58 -4.22
CA LEU E 134 15.01 47.03 -3.74
C LEU E 134 16.14 46.20 -4.37
N GLU E 135 16.85 46.81 -5.32
CA GLU E 135 17.96 46.15 -6.00
C GLU E 135 19.01 45.67 -5.00
N THR E 136 19.21 44.36 -4.92
CA THR E 136 20.16 43.81 -3.96
C THR E 136 21.55 43.69 -4.59
N GLY E 137 21.66 42.89 -5.65
CA GLY E 137 22.92 42.68 -6.31
C GLY E 137 23.09 41.23 -6.75
N ILE E 138 22.01 40.46 -6.61
CA ILE E 138 22.04 39.04 -6.97
C ILE E 138 20.96 38.70 -8.00
N LYS E 139 21.37 38.07 -9.09
CA LYS E 139 20.41 37.68 -10.12
C LYS E 139 19.34 36.76 -9.55
N VAL E 140 19.77 35.78 -8.75
CA VAL E 140 18.84 34.82 -8.15
C VAL E 140 17.77 35.53 -7.35
N VAL E 141 18.06 36.76 -6.95
CA VAL E 141 17.16 37.57 -6.15
C VAL E 141 16.28 38.45 -7.02
N ASP E 142 16.88 39.47 -7.62
CA ASP E 142 16.14 40.45 -8.42
C ASP E 142 15.21 39.80 -9.47
N LEU E 143 15.60 38.65 -9.98
CA LEU E 143 14.82 37.95 -11.01
C LEU E 143 13.75 37.02 -10.46
N LEU E 144 14.07 36.32 -9.38
CA LEU E 144 13.15 35.34 -8.78
C LEU E 144 12.39 35.91 -7.58
N ALA E 145 13.05 35.94 -6.43
CA ALA E 145 12.43 36.47 -5.21
C ALA E 145 13.07 37.78 -4.78
N PRO E 146 12.60 38.90 -5.36
CA PRO E 146 13.16 40.23 -5.08
C PRO E 146 12.86 40.73 -3.67
N TYR E 147 13.74 41.55 -3.13
CA TYR E 147 13.55 42.12 -1.80
C TYR E 147 12.68 43.39 -1.86
N ALA E 148 11.66 43.42 -1.02
CA ALA E 148 10.79 44.58 -0.93
C ALA E 148 11.43 45.69 -0.09
N ARG E 149 11.48 46.89 -0.64
CA ARG E 149 12.05 48.04 0.07
C ARG E 149 11.25 48.36 1.33
N GLY E 150 11.82 48.05 2.48
CA GLY E 150 11.14 48.25 3.75
C GLY E 150 10.20 47.12 4.08
N GLY E 151 10.46 45.94 3.52
CA GLY E 151 9.66 44.77 3.78
C GLY E 151 10.39 43.77 4.65
N LYS E 152 9.75 42.62 4.90
CA LYS E 152 10.35 41.58 5.71
C LYS E 152 10.68 40.36 4.86
N ILE E 153 11.93 39.91 4.91
CA ILE E 153 12.35 38.76 4.14
C ILE E 153 12.68 37.60 5.07
N GLY E 154 12.26 36.39 4.69
CA GLY E 154 12.52 35.21 5.49
C GLY E 154 13.65 34.38 4.92
N LEU E 155 14.65 34.11 5.75
CA LEU E 155 15.81 33.32 5.35
C LEU E 155 15.82 31.97 6.04
N PHE E 156 15.69 30.91 5.27
CA PHE E 156 15.66 29.55 5.81
C PHE E 156 16.98 28.83 5.57
N GLY E 157 17.23 27.81 6.36
CA GLY E 157 18.45 27.01 6.22
C GLY E 157 19.51 27.42 7.21
N GLY E 158 20.06 26.44 7.93
CA GLY E 158 21.08 26.70 8.93
C GLY E 158 22.48 26.73 8.34
N ALA E 159 23.49 26.51 9.18
CA ALA E 159 24.85 26.47 8.72
C ALA E 159 25.05 25.34 7.71
N GLY E 160 26.04 25.50 6.84
CA GLY E 160 26.35 24.49 5.84
C GLY E 160 26.00 25.00 4.45
N VAL E 161 25.12 26.01 4.42
CA VAL E 161 24.69 26.61 3.16
C VAL E 161 25.31 28.00 3.00
N GLY E 162 26.26 28.33 3.87
CA GLY E 162 26.93 29.61 3.79
C GLY E 162 26.00 30.75 4.12
N LYS E 163 25.15 30.55 5.13
CA LYS E 163 24.20 31.57 5.51
C LYS E 163 24.96 32.88 5.76
N THR E 164 26.00 32.80 6.58
CA THR E 164 26.77 33.98 6.94
C THR E 164 27.30 34.69 5.71
N VAL E 165 27.72 33.90 4.73
CA VAL E 165 28.29 34.45 3.51
C VAL E 165 27.23 35.23 2.72
N PHE E 166 25.99 34.76 2.78
CA PHE E 166 24.89 35.41 2.08
C PHE E 166 24.45 36.72 2.76
N ILE E 167 24.81 36.87 4.03
CA ILE E 167 24.42 38.03 4.80
C ILE E 167 25.37 39.19 4.58
N GLN E 168 26.65 38.95 4.82
CA GLN E 168 27.68 39.94 4.58
C GLN E 168 27.60 40.48 3.16
N GLU E 169 27.11 39.65 2.23
CA GLU E 169 26.98 40.05 0.83
C GLU E 169 26.00 41.23 0.72
N LEU E 170 24.76 41.02 1.14
CA LEU E 170 23.74 42.06 1.08
C LEU E 170 24.18 43.36 1.73
N ILE E 171 25.08 43.25 2.70
CA ILE E 171 25.59 44.42 3.41
C ILE E 171 26.56 45.21 2.55
N ASN E 172 27.37 44.50 1.77
CA ASN E 172 28.31 45.13 0.86
C ASN E 172 27.61 45.78 -0.32
N ASN E 173 26.83 44.98 -1.04
CA ASN E 173 26.12 45.42 -2.24
C ASN E 173 25.35 46.71 -2.00
N ILE E 174 24.44 46.68 -1.03
CA ILE E 174 23.62 47.84 -0.71
C ILE E 174 24.48 49.03 -0.31
N ALA E 175 25.63 48.74 0.29
CA ALA E 175 26.56 49.79 0.71
C ALA E 175 27.21 50.48 -0.48
N LYS E 176 27.18 49.82 -1.64
CA LYS E 176 27.81 50.38 -2.83
C LYS E 176 26.78 50.89 -3.84
N ALA E 177 25.58 50.31 -3.81
CA ALA E 177 24.53 50.70 -4.73
C ALA E 177 23.63 51.77 -4.12
N HIS E 178 23.23 51.57 -2.86
CA HIS E 178 22.37 52.52 -2.17
C HIS E 178 23.14 53.28 -1.11
N GLY E 179 24.33 52.79 -0.76
CA GLY E 179 25.15 53.41 0.26
C GLY E 179 24.49 53.45 1.63
N GLY E 180 23.54 52.55 1.87
CA GLY E 180 22.89 52.47 3.17
C GLY E 180 23.58 51.48 4.08
N PHE E 181 23.75 51.84 5.35
CA PHE E 181 24.40 50.96 6.32
C PHE E 181 23.50 49.77 6.68
N SER E 182 24.03 48.86 7.49
CA SER E 182 23.30 47.67 7.91
C SER E 182 23.40 47.47 9.41
N VAL E 183 22.39 46.79 9.99
CA VAL E 183 22.40 46.50 11.41
C VAL E 183 22.08 45.05 11.70
N PHE E 184 23.03 44.34 12.29
CA PHE E 184 22.84 42.93 12.63
C PHE E 184 22.43 42.81 14.08
N THR E 185 21.35 42.06 14.31
CA THR E 185 20.84 41.86 15.65
C THR E 185 20.71 40.37 15.94
N GLY E 186 21.32 39.93 17.04
CA GLY E 186 21.29 38.54 17.42
C GLY E 186 20.54 38.30 18.72
N VAL E 187 19.41 37.61 18.61
CA VAL E 187 18.60 37.27 19.77
C VAL E 187 18.88 35.85 20.21
N GLY E 188 19.46 35.68 21.40
CA GLY E 188 19.84 34.38 21.87
C GLY E 188 20.89 33.78 20.95
N GLU E 189 21.78 34.64 20.49
CA GLU E 189 22.87 34.22 19.61
C GLU E 189 23.85 33.34 20.40
N ARG E 190 24.29 32.24 19.79
CA ARG E 190 25.26 31.36 20.42
C ARG E 190 26.59 32.07 20.58
N THR E 191 27.07 32.18 21.82
CA THR E 191 28.32 32.87 22.09
C THR E 191 29.43 32.34 21.19
N ARG E 192 29.36 31.06 20.85
CA ARG E 192 30.34 30.46 19.95
C ARG E 192 30.27 31.13 18.59
N GLU E 193 29.08 31.09 17.99
CA GLU E 193 28.88 31.64 16.65
C GLU E 193 29.13 33.14 16.60
N GLY E 194 28.71 33.84 17.65
CA GLY E 194 28.92 35.27 17.73
C GLY E 194 30.39 35.63 17.57
N ASN E 195 31.26 34.82 18.16
CA ASN E 195 32.69 35.05 18.04
C ASN E 195 33.16 34.88 16.60
N ASP E 196 32.88 33.71 16.02
CA ASP E 196 33.29 33.38 14.66
C ASP E 196 32.70 34.33 13.63
N LEU E 197 31.54 34.89 13.94
CA LEU E 197 30.90 35.85 13.05
C LEU E 197 31.70 37.14 13.02
N TYR E 198 31.83 37.77 14.19
CA TYR E 198 32.61 38.99 14.34
C TYR E 198 33.94 38.87 13.60
N ARG E 199 34.65 37.77 13.85
CA ARG E 199 35.98 37.54 13.28
C ARG E 199 35.95 37.40 11.76
N GLU E 200 34.96 36.65 11.27
CA GLU E 200 34.80 36.46 9.84
C GLU E 200 34.52 37.81 9.16
N MET E 201 33.71 38.64 9.80
CA MET E 201 33.34 39.94 9.24
C MET E 201 34.54 40.86 9.07
N LYS E 202 35.58 40.63 9.87
CA LYS E 202 36.80 41.41 9.76
C LYS E 202 37.67 40.88 8.63
N GLU E 203 37.44 39.63 8.26
CA GLU E 203 38.22 38.98 7.22
C GLU E 203 37.65 39.25 5.84
N THR E 204 36.33 39.47 5.79
CA THR E 204 35.66 39.73 4.53
C THR E 204 35.83 41.20 4.14
N GLY E 205 35.76 42.09 5.11
CA GLY E 205 35.94 43.51 4.86
C GLY E 205 34.70 44.34 5.13
N VAL E 206 33.62 43.67 5.54
CA VAL E 206 32.38 44.36 5.89
C VAL E 206 32.61 45.18 7.16
N ILE E 207 33.63 44.81 7.92
CA ILE E 207 33.99 45.52 9.14
C ILE E 207 35.50 45.76 9.23
N ASN E 208 35.90 47.02 9.15
CA ASN E 208 37.30 47.40 9.28
C ASN E 208 37.52 48.28 10.50
N LEU E 209 38.48 47.88 11.33
CA LEU E 209 38.80 48.61 12.55
C LEU E 209 39.48 49.95 12.23
N GLU E 210 40.53 49.88 11.42
CA GLU E 210 41.31 51.07 11.06
C GLU E 210 40.54 52.00 10.12
N GLY E 211 39.83 51.41 9.16
CA GLY E 211 39.08 52.18 8.17
C GLY E 211 37.66 52.51 8.63
N GLU E 212 36.69 52.19 7.78
CA GLU E 212 35.30 52.51 8.07
C GLU E 212 34.40 51.28 7.98
N SER E 213 33.69 51.00 9.07
CA SER E 213 32.78 49.86 9.11
C SER E 213 31.46 50.23 8.44
N LYS E 214 30.70 49.21 8.04
CA LYS E 214 29.45 49.44 7.32
C LYS E 214 28.24 48.88 8.08
N VAL E 215 28.50 48.01 9.05
CA VAL E 215 27.43 47.34 9.78
C VAL E 215 27.67 47.29 11.29
N ALA E 216 26.62 47.56 12.06
CA ALA E 216 26.69 47.56 13.51
C ALA E 216 26.19 46.26 14.11
N LEU E 217 26.92 45.75 15.11
CA LEU E 217 26.61 44.46 15.71
C LEU E 217 26.01 44.61 17.09
N VAL E 218 24.91 43.91 17.34
CA VAL E 218 24.26 43.94 18.63
C VAL E 218 23.79 42.55 19.04
N PHE E 219 24.65 41.81 19.73
CA PHE E 219 24.35 40.43 20.08
C PHE E 219 23.68 40.30 21.44
N GLY E 220 22.85 39.27 21.58
CA GLY E 220 22.17 39.00 22.84
C GLY E 220 22.36 37.55 23.22
N GLN E 221 23.45 37.27 23.93
CA GLN E 221 23.82 35.92 24.32
C GLN E 221 22.64 35.08 24.85
N MET E 222 22.75 33.75 24.73
CA MET E 222 21.69 32.85 25.20
C MET E 222 21.71 32.71 26.70
N ASN E 223 22.87 32.94 27.29
CA ASN E 223 23.03 32.82 28.73
C ASN E 223 22.47 34.05 29.45
N GLU E 224 21.74 34.87 28.71
CA GLU E 224 21.08 36.05 29.27
C GLU E 224 19.61 35.75 29.58
N PRO E 225 19.06 36.44 30.60
CA PRO E 225 17.68 36.26 31.04
C PRO E 225 16.69 36.75 29.99
N PRO E 226 15.50 36.14 29.97
CA PRO E 226 14.46 36.45 28.98
C PRO E 226 14.25 37.95 28.78
N GLY E 227 14.36 38.71 29.86
CA GLY E 227 14.17 40.14 29.80
C GLY E 227 14.99 40.77 28.70
N ALA E 228 16.29 40.47 28.72
CA ALA E 228 17.22 41.01 27.74
C ALA E 228 16.98 40.43 26.35
N ARG E 229 16.70 39.14 26.32
CA ARG E 229 16.48 38.43 25.06
C ARG E 229 15.35 39.07 24.26
N ALA E 230 14.28 39.42 24.95
CA ALA E 230 13.09 39.96 24.29
C ALA E 230 13.24 41.44 23.93
N ARG E 231 14.40 42.02 24.18
CA ARG E 231 14.61 43.43 23.90
C ARG E 231 15.75 43.64 22.92
N VAL E 232 16.54 42.59 22.70
CA VAL E 232 17.68 42.69 21.81
C VAL E 232 17.19 43.24 20.48
N ALA E 233 16.09 42.71 19.98
CA ALA E 233 15.59 43.12 18.68
C ALA E 233 15.33 44.61 18.63
N LEU E 234 14.68 45.13 19.68
CA LEU E 234 14.32 46.54 19.73
C LEU E 234 15.58 47.41 19.76
N THR E 235 16.61 46.89 20.40
CA THR E 235 17.87 47.61 20.51
C THR E 235 18.46 47.87 19.13
N GLY E 236 18.46 46.83 18.30
CA GLY E 236 19.03 46.91 16.97
C GLY E 236 18.13 47.69 16.03
N LEU E 237 16.83 47.64 16.29
CA LEU E 237 15.87 48.38 15.49
C LEU E 237 16.09 49.88 15.65
N THR E 238 16.24 50.31 16.89
CA THR E 238 16.44 51.72 17.20
C THR E 238 17.60 52.31 16.40
N ILE E 239 18.75 51.67 16.50
CA ILE E 239 19.93 52.15 15.79
C ILE E 239 19.67 52.27 14.30
N ALA E 240 18.90 51.33 13.75
CA ALA E 240 18.60 51.32 12.32
C ALA E 240 17.67 52.47 11.91
N GLU E 241 16.67 52.76 12.76
CA GLU E 241 15.71 53.81 12.46
C GLU E 241 16.38 55.17 12.42
N TYR E 242 17.47 55.29 13.16
CA TYR E 242 18.25 56.53 13.19
C TYR E 242 18.69 56.90 11.77
N PHE E 243 19.33 55.97 11.08
CA PHE E 243 19.82 56.22 9.72
C PHE E 243 18.69 56.28 8.70
N ARG E 244 17.46 56.07 9.16
CA ARG E 244 16.30 56.14 8.28
C ARG E 244 15.69 57.52 8.34
N ASP E 245 15.58 58.05 9.54
CA ASP E 245 14.93 59.33 9.77
C ASP E 245 15.91 60.50 9.76
N GLU E 246 17.16 60.22 10.12
CA GLU E 246 18.20 61.24 10.09
C GLU E 246 18.85 61.33 8.71
N GLU E 247 19.59 60.28 8.34
CA GLU E 247 20.32 60.27 7.07
C GLU E 247 19.49 59.78 5.90
N GLY E 248 18.31 59.23 6.20
CA GLY E 248 17.40 58.76 5.16
C GLY E 248 18.05 57.77 4.21
N GLN E 249 18.50 56.64 4.74
CA GLN E 249 19.17 55.62 3.95
C GLN E 249 18.34 54.33 3.88
N ASP E 250 18.66 53.49 2.90
CA ASP E 250 18.00 52.20 2.77
C ASP E 250 18.70 51.16 3.64
N VAL E 251 18.62 51.35 4.96
CA VAL E 251 19.29 50.49 5.91
C VAL E 251 18.66 49.10 5.98
N LEU E 252 19.50 48.08 6.16
CA LEU E 252 19.01 46.71 6.28
C LEU E 252 19.15 46.22 7.72
N LEU E 253 18.06 45.71 8.27
CA LEU E 253 18.07 45.17 9.63
C LEU E 253 18.00 43.65 9.63
N PHE E 254 19.06 43.01 10.11
CA PHE E 254 19.13 41.55 10.13
C PHE E 254 18.80 41.01 11.52
N ILE E 255 17.85 40.08 11.57
CA ILE E 255 17.44 39.48 12.84
C ILE E 255 17.55 37.96 12.79
N ASP E 256 18.34 37.38 13.68
CA ASP E 256 18.56 35.94 13.71
C ASP E 256 18.56 35.45 15.14
N ASN E 257 17.49 34.76 15.54
CA ASN E 257 16.39 34.41 14.65
C ASN E 257 15.07 34.90 15.22
N ILE E 258 14.19 35.40 14.35
CA ILE E 258 12.88 35.88 14.77
C ILE E 258 12.14 34.89 15.67
N PHE E 259 12.58 33.64 15.67
CA PHE E 259 11.90 32.61 16.47
C PHE E 259 12.19 32.76 17.96
N ARG E 260 13.45 32.94 18.31
CA ARG E 260 13.86 33.10 19.70
C ARG E 260 13.30 34.39 20.30
N PHE E 261 12.88 35.31 19.44
CA PHE E 261 12.25 36.56 19.85
C PHE E 261 10.86 36.29 20.40
N THR E 262 10.17 35.35 19.76
CA THR E 262 8.86 34.94 20.25
C THR E 262 9.04 34.07 21.49
N GLN E 263 10.06 33.21 21.49
CA GLN E 263 10.35 32.36 22.65
C GLN E 263 10.70 33.23 23.84
N ALA E 264 11.52 34.26 23.61
CA ALA E 264 11.88 35.19 24.67
C ALA E 264 10.63 35.76 25.34
N GLY E 265 9.75 36.35 24.54
CA GLY E 265 8.49 36.85 25.06
C GLY E 265 7.75 35.80 25.86
N SER E 266 7.77 34.56 25.40
CA SER E 266 7.01 33.50 26.03
C SER E 266 7.50 33.17 27.42
N GLU E 267 8.79 33.33 27.64
CA GLU E 267 9.37 33.05 28.94
C GLU E 267 9.08 34.23 29.87
N VAL E 268 9.20 35.44 29.33
CA VAL E 268 8.93 36.64 30.10
C VAL E 268 7.49 36.67 30.60
N SER E 269 6.55 36.58 29.65
CA SER E 269 5.12 36.59 30.00
C SER E 269 4.78 35.43 30.91
N ALA E 270 5.61 34.39 30.86
CA ALA E 270 5.40 33.22 31.69
C ALA E 270 5.66 33.53 33.16
N LEU E 271 6.79 34.18 33.43
CA LEU E 271 7.18 34.51 34.79
C LEU E 271 6.28 35.56 35.42
N LEU E 272 5.80 36.49 34.60
CA LEU E 272 4.94 37.56 35.07
C LEU E 272 3.63 37.03 35.66
N GLY E 273 3.24 35.83 35.27
CA GLY E 273 2.04 35.22 35.79
C GLY E 273 0.89 35.20 34.79
N ARG E 274 1.02 35.98 33.73
CA ARG E 274 0.02 36.01 32.66
C ARG E 274 -0.33 34.59 32.23
N ILE E 275 -1.62 34.32 32.05
CA ILE E 275 -2.07 32.99 31.62
C ILE E 275 -1.63 32.66 30.19
N PRO E 276 -1.13 31.43 29.98
CA PRO E 276 -0.65 30.91 28.68
C PRO E 276 -1.75 30.73 27.63
N SER E 277 -1.49 31.22 26.43
CA SER E 277 -2.45 31.12 25.33
C SER E 277 -2.38 29.73 24.71
N ALA E 278 -2.82 29.63 23.46
CA ALA E 278 -2.83 28.36 22.75
C ALA E 278 -1.42 27.90 22.45
N VAL E 279 -1.17 26.61 22.61
CA VAL E 279 0.15 26.03 22.33
C VAL E 279 1.18 26.42 23.38
N GLY E 280 0.80 27.33 24.29
CA GLY E 280 1.65 27.72 25.39
C GLY E 280 2.22 29.12 25.25
N TYR E 281 2.14 29.66 24.03
CA TYR E 281 2.64 30.99 23.75
C TYR E 281 1.85 32.03 24.55
N GLN E 282 2.38 33.24 24.63
CA GLN E 282 1.76 34.32 25.39
C GLN E 282 0.58 34.92 24.63
N PRO E 283 -0.45 35.38 25.36
CA PRO E 283 -1.62 36.00 24.74
C PRO E 283 -1.23 37.26 24.00
N THR E 284 -0.30 37.99 24.60
CA THR E 284 0.15 39.28 24.10
C THR E 284 1.00 39.13 22.84
N LEU E 285 1.21 37.89 22.41
CA LEU E 285 2.08 37.58 21.28
C LEU E 285 1.70 38.42 20.06
N ALA E 286 0.41 38.52 19.79
CA ALA E 286 -0.10 39.19 18.60
C ALA E 286 0.34 40.65 18.53
N THR E 287 0.28 41.34 19.68
CA THR E 287 0.61 42.76 19.74
C THR E 287 2.12 43.00 19.69
N ASP E 288 2.87 42.18 20.39
CA ASP E 288 4.33 42.27 20.42
C ASP E 288 4.92 42.20 19.03
N MET E 289 4.47 41.22 18.26
CA MET E 289 4.99 41.02 16.91
C MET E 289 4.87 42.30 16.10
N GLY E 290 3.78 43.04 16.33
CA GLY E 290 3.52 44.26 15.59
C GLY E 290 4.34 45.44 16.07
N LEU E 291 4.72 45.39 17.34
CA LEU E 291 5.53 46.45 17.94
C LEU E 291 6.97 46.35 17.48
N LEU E 292 7.20 45.54 16.44
CA LEU E 292 8.54 45.37 15.91
C LEU E 292 8.49 45.39 14.39
N GLN E 293 7.53 44.70 13.82
CA GLN E 293 7.42 44.60 12.38
C GLN E 293 6.94 45.92 11.76
N GLU E 294 5.95 46.56 12.40
CA GLU E 294 5.40 47.82 11.91
C GLU E 294 6.44 48.94 11.88
N ARG E 295 7.32 48.94 12.88
CA ARG E 295 8.37 49.96 12.98
C ARG E 295 9.37 49.85 11.84
N ILE E 296 9.39 48.71 11.17
CA ILE E 296 10.26 48.51 10.03
C ILE E 296 9.49 48.80 8.75
N THR E 297 9.59 50.02 8.25
CA THR E 297 8.88 50.39 7.03
C THR E 297 9.60 51.51 6.28
N THR E 298 9.13 51.79 5.06
CA THR E 298 9.69 52.86 4.25
C THR E 298 8.92 54.16 4.48
N THR E 299 9.64 55.17 4.96
CA THR E 299 9.05 56.47 5.21
C THR E 299 9.45 57.44 4.10
N LYS E 300 9.03 58.69 4.23
CA LYS E 300 9.33 59.69 3.22
C LYS E 300 10.81 60.10 3.26
N LYS E 301 11.45 59.85 4.39
CA LYS E 301 12.86 60.22 4.57
C LYS E 301 13.79 59.11 4.11
N GLY E 302 13.64 57.95 4.73
CA GLY E 302 14.47 56.79 4.40
C GLY E 302 13.67 55.51 4.44
N SER E 303 14.36 54.39 4.57
CA SER E 303 13.71 53.09 4.57
C SER E 303 14.55 52.03 5.27
N VAL E 304 13.87 51.03 5.84
CA VAL E 304 14.56 49.94 6.52
C VAL E 304 14.06 48.58 6.06
N THR E 305 14.91 47.84 5.36
CA THR E 305 14.58 46.51 4.89
C THR E 305 15.06 45.45 5.89
N SER E 306 14.14 44.59 6.32
CA SER E 306 14.44 43.55 7.32
C SER E 306 14.76 42.21 6.70
N VAL E 307 15.91 41.65 7.06
CA VAL E 307 16.31 40.34 6.56
C VAL E 307 16.50 39.39 7.73
N GLN E 308 15.38 38.82 8.20
CA GLN E 308 15.41 37.99 9.41
C GLN E 308 15.18 36.52 9.12
N ALA E 309 15.99 35.66 9.73
CA ALA E 309 15.87 34.22 9.56
C ALA E 309 14.59 33.70 10.20
N VAL E 310 14.15 32.52 9.82
CA VAL E 310 12.94 31.93 10.39
C VAL E 310 13.15 30.47 10.72
N TYR E 311 12.67 30.05 11.89
CA TYR E 311 12.76 28.67 12.29
C TYR E 311 11.37 28.06 12.41
N VAL E 312 11.15 26.92 11.77
CA VAL E 312 9.86 26.25 11.81
C VAL E 312 9.82 25.20 12.91
N PRO E 313 9.09 25.49 14.01
CA PRO E 313 8.95 24.59 15.14
C PRO E 313 8.37 23.24 14.71
N ALA E 314 9.11 22.16 14.92
CA ALA E 314 8.65 20.82 14.55
C ALA E 314 8.12 20.71 13.12
N ASP E 315 8.74 21.44 12.19
CA ASP E 315 8.35 21.40 10.79
C ASP E 315 6.83 21.52 10.64
N ASP E 316 6.27 22.51 11.33
CA ASP E 316 4.83 22.73 11.37
C ASP E 316 4.56 24.21 11.18
N LEU E 317 3.76 24.55 10.17
CA LEU E 317 3.47 25.96 9.90
C LEU E 317 2.14 26.39 10.50
N THR E 318 1.43 25.45 11.11
CA THR E 318 0.16 25.76 11.78
C THR E 318 0.40 26.45 13.11
N ASP E 319 1.60 26.26 13.66
CA ASP E 319 1.99 26.82 14.94
C ASP E 319 1.88 28.34 14.94
N PRO E 320 1.44 28.93 16.08
CA PRO E 320 1.26 30.38 16.20
C PRO E 320 2.48 31.22 15.83
N ALA E 321 3.63 30.91 16.42
CA ALA E 321 4.84 31.69 16.20
C ALA E 321 5.15 31.87 14.71
N PRO E 322 5.27 30.75 13.98
CA PRO E 322 5.52 30.89 12.55
C PRO E 322 4.35 31.57 11.86
N ALA E 323 3.14 31.13 12.17
CA ALA E 323 1.94 31.65 11.52
C ALA E 323 1.94 33.16 11.60
N THR E 324 2.23 33.67 12.78
CA THR E 324 2.22 35.10 13.02
C THR E 324 3.34 35.81 12.27
N THR E 325 4.51 35.18 12.23
CA THR E 325 5.65 35.80 11.56
C THR E 325 5.40 35.96 10.07
N PHE E 326 4.93 34.89 9.42
CA PHE E 326 4.73 34.93 7.98
C PHE E 326 3.74 36.03 7.58
N ALA E 327 2.87 36.42 8.50
CA ALA E 327 1.85 37.43 8.21
C ALA E 327 2.46 38.79 7.87
N HIS E 328 3.76 38.95 8.15
CA HIS E 328 4.44 40.20 7.85
C HIS E 328 5.47 40.02 6.73
N LEU E 329 5.95 38.79 6.56
CA LEU E 329 6.94 38.51 5.52
C LEU E 329 6.40 38.85 4.14
N ASP E 330 7.28 39.44 3.31
CA ASP E 330 6.91 39.83 1.96
C ASP E 330 7.65 38.97 0.93
N ALA E 331 8.80 38.46 1.31
CA ALA E 331 9.59 37.59 0.44
C ALA E 331 10.34 36.55 1.27
N THR E 332 10.78 35.47 0.62
CA THR E 332 11.53 34.42 1.31
C THR E 332 12.65 33.87 0.45
N THR E 333 13.87 33.98 0.96
CA THR E 333 15.05 33.46 0.28
C THR E 333 15.48 32.17 0.95
N VAL E 334 15.09 31.04 0.37
CA VAL E 334 15.43 29.74 0.97
C VAL E 334 16.84 29.31 0.56
N LEU E 335 17.54 28.64 1.48
CA LEU E 335 18.88 28.11 1.20
C LEU E 335 18.95 26.60 1.42
N SER E 336 18.83 25.85 0.32
CA SER E 336 18.80 24.39 0.39
C SER E 336 20.20 23.78 0.31
N ARG E 337 20.37 22.63 0.96
CA ARG E 337 21.62 21.90 0.92
C ARG E 337 21.83 21.30 -0.46
N GLY E 338 20.74 20.85 -1.06
CA GLY E 338 20.78 20.23 -2.37
C GLY E 338 21.16 21.22 -3.46
N ILE E 339 21.02 22.51 -3.15
CA ILE E 339 21.40 23.56 -4.09
C ILE E 339 22.91 23.81 -4.08
N SER E 340 23.49 23.83 -2.88
CA SER E 340 24.93 24.02 -2.75
C SER E 340 25.66 22.73 -3.08
N GLU E 341 24.92 21.63 -3.06
CA GLU E 341 25.46 20.31 -3.37
C GLU E 341 25.81 20.20 -4.87
N LEU E 342 25.02 20.87 -5.71
CA LEU E 342 25.25 20.89 -7.15
C LEU E 342 26.32 21.91 -7.55
N GLY E 343 26.99 22.48 -6.56
CA GLY E 343 28.00 23.49 -6.81
C GLY E 343 27.42 24.85 -7.17
N ILE E 344 26.17 25.09 -6.76
CA ILE E 344 25.48 26.34 -7.05
C ILE E 344 25.55 27.32 -5.87
N TYR E 345 26.24 28.43 -6.06
CA TYR E 345 26.40 29.44 -5.02
C TYR E 345 25.87 30.78 -5.50
N PRO E 346 25.05 31.45 -4.67
CA PRO E 346 24.64 30.97 -3.35
C PRO E 346 23.71 29.75 -3.45
N ALA E 347 23.42 29.11 -2.31
CA ALA E 347 22.57 27.94 -2.29
C ALA E 347 21.08 28.29 -2.33
N VAL E 348 20.77 29.45 -2.93
CA VAL E 348 19.39 29.90 -3.06
C VAL E 348 18.58 28.97 -3.95
N ASP E 349 17.43 28.52 -3.45
CA ASP E 349 16.57 27.65 -4.24
C ASP E 349 15.51 28.45 -5.00
N PRO E 350 15.61 28.43 -6.34
CA PRO E 350 14.70 29.14 -7.24
C PRO E 350 13.23 28.74 -7.05
N LEU E 351 12.98 27.47 -6.77
CA LEU E 351 11.60 26.99 -6.61
C LEU E 351 10.94 27.48 -5.32
N ASP E 352 11.67 27.40 -4.21
CA ASP E 352 11.13 27.81 -2.91
C ASP E 352 11.10 29.33 -2.70
N SER E 353 12.09 30.03 -3.24
CA SER E 353 12.16 31.49 -3.13
C SER E 353 11.02 32.17 -3.87
N LYS E 354 10.16 32.83 -3.11
CA LYS E 354 9.00 33.52 -3.66
C LYS E 354 8.92 34.94 -3.11
N SER E 355 8.22 35.82 -3.81
CA SER E 355 8.06 37.20 -3.35
C SER E 355 6.65 37.71 -3.60
N ARG E 356 6.20 38.64 -2.76
CA ARG E 356 4.88 39.22 -2.90
C ARG E 356 4.92 40.43 -3.83
N LEU E 357 6.09 40.69 -4.41
CA LEU E 357 6.23 41.75 -5.40
C LEU E 357 6.65 41.20 -6.74
N LEU E 358 6.16 40.01 -7.06
CA LEU E 358 6.46 39.36 -8.32
C LEU E 358 5.27 39.46 -9.27
N ASP E 359 4.88 40.69 -9.60
CA ASP E 359 3.77 40.93 -10.52
C ASP E 359 4.11 42.01 -11.55
N ALA E 360 3.43 41.97 -12.69
CA ALA E 360 3.66 42.94 -13.76
C ALA E 360 3.29 44.35 -13.31
N ALA E 361 2.35 44.45 -12.38
CA ALA E 361 1.93 45.74 -11.85
C ALA E 361 2.95 46.27 -10.85
N VAL E 362 4.08 45.58 -10.70
CA VAL E 362 5.11 45.98 -9.76
C VAL E 362 6.49 46.08 -10.40
N VAL E 363 6.94 44.98 -11.01
CA VAL E 363 8.25 44.94 -11.66
C VAL E 363 8.15 45.18 -13.16
N GLY E 364 6.92 45.30 -13.67
CA GLY E 364 6.69 45.53 -15.08
C GLY E 364 6.27 44.26 -15.80
N GLN E 365 5.58 44.42 -16.93
CA GLN E 365 5.11 43.28 -17.70
C GLN E 365 6.26 42.45 -18.25
N GLU E 366 7.33 43.12 -18.70
CA GLU E 366 8.50 42.44 -19.23
C GLU E 366 9.18 41.58 -18.17
N HIS E 367 9.58 42.24 -17.07
CA HIS E 367 10.20 41.56 -15.94
C HIS E 367 9.39 40.34 -15.51
N TYR E 368 8.07 40.53 -15.43
CA TYR E 368 7.17 39.47 -15.01
C TYR E 368 7.30 38.24 -15.90
N ASP E 369 7.00 38.42 -17.18
CA ASP E 369 7.06 37.34 -18.15
C ASP E 369 8.43 36.66 -18.13
N VAL E 370 9.49 37.46 -18.08
CA VAL E 370 10.84 36.93 -18.07
C VAL E 370 11.08 36.02 -16.88
N ALA E 371 10.68 36.49 -15.70
CA ALA E 371 10.85 35.71 -14.48
C ALA E 371 9.98 34.45 -14.53
N SER E 372 8.77 34.60 -15.06
CA SER E 372 7.82 33.49 -15.11
C SER E 372 8.33 32.35 -15.97
N LYS E 373 8.88 32.69 -17.14
CA LYS E 373 9.41 31.68 -18.05
C LYS E 373 10.56 30.91 -17.40
N VAL E 374 11.41 31.61 -16.65
CA VAL E 374 12.55 30.99 -15.98
C VAL E 374 12.08 29.92 -15.01
N GLN E 375 11.03 30.25 -14.26
CA GLN E 375 10.45 29.31 -13.31
C GLN E 375 9.78 28.15 -14.03
N GLU E 376 9.13 28.44 -15.14
CA GLU E 376 8.47 27.44 -15.96
C GLU E 376 9.49 26.46 -16.55
N THR E 377 10.65 26.98 -16.95
CA THR E 377 11.70 26.18 -17.55
C THR E 377 12.31 25.22 -16.52
N LEU E 378 12.46 25.71 -15.30
CA LEU E 378 13.09 24.91 -14.25
C LEU E 378 12.10 23.91 -13.67
N GLN E 379 10.84 24.30 -13.63
CA GLN E 379 9.78 23.44 -13.11
C GLN E 379 9.66 22.14 -13.90
N THR E 380 9.45 22.28 -15.21
CA THR E 380 9.32 21.12 -16.08
C THR E 380 10.59 20.27 -16.11
N TYR E 381 11.71 20.90 -15.81
CA TYR E 381 13.01 20.22 -15.78
C TYR E 381 13.15 19.33 -14.55
N LYS E 382 12.49 19.74 -13.47
CA LYS E 382 12.53 19.00 -12.22
C LYS E 382 11.77 17.68 -12.33
N SER E 383 10.74 17.66 -13.17
CA SER E 383 9.92 16.47 -13.35
C SER E 383 10.56 15.50 -14.34
N LEU E 384 11.45 16.01 -15.17
CA LEU E 384 12.15 15.19 -16.15
C LEU E 384 13.37 14.52 -15.54
N GLN E 385 13.72 14.90 -14.32
CA GLN E 385 14.90 14.37 -13.64
C GLN E 385 14.74 12.90 -13.27
N ASP E 386 13.66 12.28 -13.74
CA ASP E 386 13.38 10.88 -13.46
C ASP E 386 13.56 10.01 -14.71
N ILE E 387 12.85 10.36 -15.78
CA ILE E 387 12.92 9.61 -17.02
C ILE E 387 14.29 9.74 -17.70
N ILE E 388 15.05 10.76 -17.29
CA ILE E 388 16.37 11.03 -17.86
C ILE E 388 17.45 10.14 -17.24
N ALA E 389 17.36 9.91 -15.94
CA ALA E 389 18.35 9.10 -15.24
C ALA E 389 17.99 7.62 -15.25
N ILE E 390 16.99 7.25 -16.05
CA ILE E 390 16.56 5.86 -16.16
C ILE E 390 16.61 5.37 -17.61
N LEU E 391 15.97 6.11 -18.50
CA LEU E 391 15.91 5.73 -19.92
C LEU E 391 16.76 6.64 -20.81
N GLY E 392 17.73 7.33 -20.21
CA GLY E 392 18.58 8.25 -20.96
C GLY E 392 17.85 9.53 -21.31
N MET E 393 18.54 10.45 -21.98
CA MET E 393 17.96 11.75 -22.31
C MET E 393 17.26 11.73 -23.66
N ASP E 394 17.56 10.71 -24.45
CA ASP E 394 16.96 10.58 -25.77
C ASP E 394 15.44 10.44 -25.68
N GLU E 395 14.94 10.23 -24.47
CA GLU E 395 13.50 10.03 -24.26
C GLU E 395 12.74 11.35 -24.18
N LEU E 396 13.06 12.28 -25.08
CA LEU E 396 12.42 13.59 -25.10
C LEU E 396 12.19 14.07 -26.52
N SER E 397 11.08 14.79 -26.73
CA SER E 397 10.76 15.34 -28.04
C SER E 397 11.65 16.53 -28.37
N GLU E 398 11.46 17.09 -29.56
CA GLU E 398 12.26 18.22 -30.03
C GLU E 398 12.05 19.46 -29.17
N GLN E 399 10.87 19.54 -28.56
CA GLN E 399 10.53 20.69 -27.72
C GLN E 399 10.95 20.48 -26.27
N ASP E 400 10.91 19.22 -25.81
CA ASP E 400 11.32 18.88 -24.46
C ASP E 400 12.84 18.91 -24.29
N LYS E 401 13.54 18.19 -25.15
CA LYS E 401 15.00 18.14 -25.10
C LYS E 401 15.62 19.53 -25.23
N LEU E 402 14.89 20.43 -25.87
CA LEU E 402 15.34 21.80 -26.07
C LEU E 402 15.34 22.58 -24.75
N THR E 403 14.18 22.59 -24.09
CA THR E 403 14.05 23.26 -22.80
C THR E 403 15.01 22.68 -21.76
N VAL E 404 15.23 21.37 -21.83
CA VAL E 404 16.14 20.69 -20.92
C VAL E 404 17.56 21.25 -21.02
N GLU E 405 18.07 21.36 -22.25
CA GLU E 405 19.39 21.94 -22.49
C GLU E 405 19.39 23.43 -22.18
N ARG E 406 18.20 24.03 -22.21
CA ARG E 406 18.03 25.44 -21.87
C ARG E 406 18.12 25.68 -20.36
N ALA E 407 17.45 24.82 -19.59
CA ALA E 407 17.45 24.91 -18.14
C ALA E 407 18.85 24.70 -17.58
N ARG E 408 19.60 23.77 -18.18
CA ARG E 408 20.97 23.49 -17.75
C ARG E 408 21.81 24.76 -17.70
N LYS E 409 21.55 25.68 -18.63
CA LYS E 409 22.29 26.92 -18.69
C LYS E 409 21.75 27.96 -17.70
N ILE E 410 20.43 28.04 -17.59
CA ILE E 410 19.78 29.00 -16.71
C ILE E 410 20.08 28.72 -15.24
N GLN E 411 20.01 27.46 -14.84
CA GLN E 411 20.28 27.07 -13.47
C GLN E 411 21.70 27.41 -13.04
N ARG E 412 22.66 27.12 -13.92
CA ARG E 412 24.06 27.43 -13.65
C ARG E 412 24.29 28.94 -13.68
N PHE E 413 23.61 29.62 -14.59
CA PHE E 413 23.75 31.07 -14.76
C PHE E 413 23.31 31.81 -13.51
N LEU E 414 22.48 31.16 -12.70
CA LEU E 414 22.00 31.76 -11.46
C LEU E 414 23.15 32.07 -10.52
N SER E 415 24.15 31.20 -10.50
CA SER E 415 25.32 31.39 -9.64
C SER E 415 25.91 32.78 -9.80
N GLN E 416 26.58 33.26 -8.77
CA GLN E 416 27.20 34.57 -8.80
C GLN E 416 28.33 34.69 -7.77
N PRO E 417 29.51 35.15 -8.22
CA PRO E 417 30.66 35.29 -7.32
C PRO E 417 30.41 36.38 -6.28
N PHE E 418 30.63 36.03 -5.01
CA PHE E 418 30.45 36.97 -3.91
C PHE E 418 31.64 37.89 -3.78
N ALA E 419 31.39 39.20 -3.88
CA ALA E 419 32.46 40.18 -3.78
C ALA E 419 33.06 40.19 -2.39
N VAL E 420 32.29 39.73 -1.41
CA VAL E 420 32.76 39.69 -0.04
C VAL E 420 33.70 38.50 0.20
N ALA E 421 33.49 37.44 -0.57
CA ALA E 421 34.34 36.25 -0.44
C ALA E 421 35.52 36.30 -1.40
N GLU E 422 36.15 37.47 -1.50
CA GLU E 422 37.29 37.66 -2.39
C GLU E 422 38.54 36.93 -1.89
N VAL E 423 38.70 36.91 -0.57
CA VAL E 423 39.86 36.26 0.04
C VAL E 423 39.60 34.76 0.27
N PHE E 424 38.35 34.34 0.11
CA PHE E 424 37.97 32.95 0.29
C PHE E 424 38.19 32.13 -0.98
N THR E 425 37.69 32.65 -2.11
CA THR E 425 37.81 31.95 -3.39
C THR E 425 38.97 32.46 -4.22
N GLY E 426 39.17 33.78 -4.23
CA GLY E 426 40.24 34.38 -5.00
C GLY E 426 39.73 34.91 -6.33
N ILE E 427 38.48 34.60 -6.64
CA ILE E 427 37.86 35.02 -7.88
C ILE E 427 37.15 36.36 -7.70
N PRO E 428 37.38 37.32 -8.62
CA PRO E 428 36.76 38.64 -8.54
C PRO E 428 35.24 38.56 -8.54
N GLY E 429 34.60 39.22 -7.57
CA GLY E 429 33.16 39.24 -7.49
C GLY E 429 32.53 40.25 -8.43
N LYS E 430 31.23 40.09 -8.68
CA LYS E 430 30.53 40.99 -9.57
C LYS E 430 29.20 41.45 -8.97
N LEU E 431 28.75 42.63 -9.38
CA LEU E 431 27.52 43.22 -8.88
C LEU E 431 26.52 43.41 -10.02
N VAL E 432 25.64 42.43 -10.21
CA VAL E 432 24.67 42.50 -11.31
C VAL E 432 23.48 43.37 -10.95
N ARG E 433 23.11 44.27 -11.87
CA ARG E 433 21.97 45.15 -11.66
C ARG E 433 20.71 44.57 -12.30
N LEU E 434 19.55 45.03 -11.83
CA LEU E 434 18.27 44.56 -12.35
C LEU E 434 18.11 44.88 -13.85
N LYS E 435 18.78 45.93 -14.29
CA LYS E 435 18.71 46.36 -15.69
C LYS E 435 19.32 45.33 -16.64
N ASP E 436 20.47 44.77 -16.23
CA ASP E 436 21.17 43.78 -17.04
C ASP E 436 20.63 42.38 -16.82
N THR E 437 20.20 42.09 -15.59
CA THR E 437 19.66 40.77 -15.25
C THR E 437 18.50 40.36 -16.15
N VAL E 438 17.51 41.23 -16.27
CA VAL E 438 16.32 40.94 -17.09
C VAL E 438 16.67 40.75 -18.56
N ALA E 439 17.62 41.55 -19.03
CA ALA E 439 18.06 41.46 -20.42
C ALA E 439 18.88 40.19 -20.65
N SER E 440 19.50 39.68 -19.59
CA SER E 440 20.34 38.49 -19.70
C SER E 440 19.51 37.24 -20.00
N PHE E 441 18.60 36.89 -19.11
CA PHE E 441 17.78 35.70 -19.26
C PHE E 441 16.84 35.83 -20.47
N LYS E 442 16.43 37.05 -20.77
CA LYS E 442 15.56 37.31 -21.92
C LYS E 442 16.19 36.79 -23.23
N ALA E 443 17.51 36.86 -23.32
CA ALA E 443 18.25 36.46 -24.51
C ALA E 443 18.57 34.97 -24.54
N VAL E 444 18.59 34.36 -23.35
CA VAL E 444 18.83 32.92 -23.23
C VAL E 444 17.59 32.12 -23.60
N LEU E 445 16.43 32.61 -23.14
CA LEU E 445 15.15 31.98 -23.42
C LEU E 445 14.86 31.92 -24.93
N GLU E 446 15.10 33.03 -25.62
CA GLU E 446 14.89 33.11 -27.05
C GLU E 446 15.76 32.10 -27.79
N GLY E 447 16.79 31.61 -27.09
CA GLY E 447 17.69 30.62 -27.65
C GLY E 447 18.74 31.25 -28.54
N LYS E 448 19.49 32.19 -27.98
CA LYS E 448 20.52 32.87 -28.74
C LYS E 448 21.91 32.45 -28.29
N TYR E 449 21.96 31.48 -27.37
CA TYR E 449 23.24 30.98 -26.87
C TYR E 449 23.24 29.46 -26.70
N ASP E 450 22.64 28.75 -27.65
CA ASP E 450 22.59 27.30 -27.62
C ASP E 450 23.89 26.66 -28.08
N ASN E 451 24.69 27.43 -28.82
CA ASN E 451 26.01 26.97 -29.27
C ASN E 451 27.08 27.23 -28.21
N ILE E 452 26.72 28.02 -27.19
CA ILE E 452 27.63 28.37 -26.11
C ILE E 452 27.69 27.26 -25.05
N PRO E 453 28.91 26.86 -24.66
CA PRO E 453 29.11 25.79 -23.67
C PRO E 453 28.46 26.11 -22.33
N GLU E 454 28.09 25.09 -21.58
CA GLU E 454 27.43 25.29 -20.29
C GLU E 454 28.37 25.90 -19.26
N HIS E 455 29.62 25.47 -19.28
CA HIS E 455 30.64 25.96 -18.35
C HIS E 455 30.89 27.47 -18.50
N ALA E 456 30.34 28.05 -19.57
CA ALA E 456 30.55 29.47 -19.85
C ALA E 456 29.57 30.36 -19.09
N PHE E 457 28.67 29.73 -18.35
CA PHE E 457 27.64 30.44 -17.60
C PHE E 457 27.80 30.22 -16.09
N TYR E 458 28.82 29.46 -15.72
CA TYR E 458 29.06 29.15 -14.32
C TYR E 458 29.91 30.22 -13.64
N MET E 459 29.35 30.84 -12.60
CA MET E 459 30.03 31.91 -11.87
C MET E 459 30.34 33.09 -12.77
N VAL E 460 29.37 33.48 -13.60
CA VAL E 460 29.54 34.60 -14.49
C VAL E 460 28.92 35.88 -13.93
N GLY E 461 29.70 36.95 -13.90
CA GLY E 461 29.24 38.22 -13.40
C GLY E 461 28.20 38.88 -14.31
N GLY E 462 28.51 38.94 -15.60
CA GLY E 462 27.61 39.57 -16.56
C GLY E 462 27.47 38.82 -17.87
N ILE E 463 26.36 39.06 -18.56
CA ILE E 463 26.13 38.42 -19.85
C ILE E 463 27.28 38.67 -20.81
N GLU E 464 27.78 39.91 -20.82
CA GLU E 464 28.90 40.29 -21.67
C GLU E 464 30.15 39.51 -21.29
N ASP E 465 30.27 39.15 -20.01
CA ASP E 465 31.39 38.38 -19.52
C ASP E 465 31.23 36.90 -19.86
N VAL E 466 29.99 36.47 -20.00
CA VAL E 466 29.68 35.09 -20.39
C VAL E 466 30.35 34.76 -21.72
N VAL E 467 30.19 35.65 -22.69
CA VAL E 467 30.81 35.48 -24.00
C VAL E 467 32.33 35.67 -23.90
N ALA E 468 32.74 36.53 -22.97
CA ALA E 468 34.16 36.76 -22.75
C ALA E 468 34.87 35.50 -22.28
N LYS E 469 34.12 34.65 -21.58
CA LYS E 469 34.66 33.39 -21.07
C LYS E 469 34.57 32.27 -22.10
N ALA E 470 33.53 32.30 -22.91
CA ALA E 470 33.32 31.29 -23.94
C ALA E 470 34.43 31.33 -24.98
N GLU E 471 34.91 32.54 -25.26
CA GLU E 471 35.98 32.75 -26.24
C GLU E 471 37.32 32.25 -25.71
N LYS E 472 37.53 32.40 -24.40
CA LYS E 472 38.76 31.96 -23.78
C LYS E 472 38.84 30.44 -23.72
N LEU E 473 37.74 29.81 -23.28
CA LEU E 473 37.68 28.36 -23.18
C LEU E 473 37.88 27.69 -24.52
N ALA E 474 37.23 28.23 -25.55
CA ALA E 474 37.35 27.71 -26.91
C ALA E 474 38.77 27.90 -27.46
N ALA E 475 39.40 29.01 -27.13
CA ALA E 475 40.76 29.32 -27.58
C ALA E 475 41.78 28.36 -26.95
N GLU E 476 41.53 27.96 -25.71
CA GLU E 476 42.40 27.05 -24.99
C GLU E 476 42.30 25.63 -25.54
N ALA E 477 41.14 25.31 -26.12
CA ALA E 477 40.93 24.01 -26.76
C ALA E 477 41.76 23.88 -28.03
N ASN E 478 41.86 24.97 -28.79
CA ASN E 478 42.65 24.98 -30.02
C ASN E 478 44.16 24.86 -29.74
N THR F 7 -45.50 46.75 51.40
CA THR F 7 -44.24 47.43 51.13
C THR F 7 -43.33 46.61 50.22
N PRO F 8 -42.95 47.19 49.07
CA PRO F 8 -42.07 46.53 48.11
C PRO F 8 -40.64 46.44 48.63
N ILE F 9 -40.04 45.25 48.52
CA ILE F 9 -38.66 45.07 48.94
C ILE F 9 -37.71 45.72 47.94
N THR F 10 -36.78 46.52 48.46
CA THR F 10 -35.87 47.28 47.61
C THR F 10 -34.41 47.08 47.99
N GLY F 11 -33.52 47.25 47.01
CA GLY F 11 -32.10 47.09 47.25
C GLY F 11 -31.22 48.00 46.40
N LYS F 12 -29.91 47.85 46.54
CA LYS F 12 -28.94 48.67 45.82
C LYS F 12 -27.89 47.79 45.16
N VAL F 13 -27.41 48.21 43.99
CA VAL F 13 -26.38 47.47 43.28
C VAL F 13 -25.03 47.69 43.94
N THR F 14 -24.22 46.63 44.01
CA THR F 14 -22.87 46.74 44.56
C THR F 14 -21.78 46.46 43.51
N ALA F 15 -22.11 45.65 42.50
CA ALA F 15 -21.15 45.33 41.43
C ALA F 15 -21.84 45.02 40.10
N VAL F 16 -21.14 45.31 39.01
CA VAL F 16 -21.66 45.05 37.67
C VAL F 16 -20.56 44.55 36.72
N ILE F 17 -20.44 43.23 36.60
CA ILE F 17 -19.46 42.65 35.69
C ILE F 17 -20.17 41.87 34.60
N GLY F 18 -20.17 42.44 33.40
CA GLY F 18 -20.82 41.80 32.26
C GLY F 18 -22.28 41.50 32.49
N ALA F 19 -22.71 40.29 32.14
CA ALA F 19 -24.09 39.87 32.32
C ALA F 19 -24.34 39.42 33.75
N ILE F 20 -23.48 39.84 34.66
CA ILE F 20 -23.62 39.47 36.06
C ILE F 20 -23.61 40.69 36.97
N VAL F 21 -24.74 40.92 37.63
CA VAL F 21 -24.89 42.06 38.53
C VAL F 21 -25.17 41.59 39.95
N ASP F 22 -24.43 42.15 40.90
CA ASP F 22 -24.57 41.82 42.32
C ASP F 22 -25.47 42.82 43.02
N VAL F 23 -26.56 42.31 43.61
CA VAL F 23 -27.53 43.17 44.28
C VAL F 23 -27.50 42.97 45.78
N HIS F 24 -27.67 44.07 46.51
CA HIS F 24 -27.66 44.01 47.97
C HIS F 24 -28.93 44.60 48.58
N PHE F 25 -29.42 43.95 49.62
CA PHE F 25 -30.66 44.37 50.28
C PHE F 25 -30.44 44.76 51.73
N GLU F 26 -30.88 45.97 52.08
CA GLU F 26 -30.74 46.52 53.42
C GLU F 26 -31.61 45.75 54.41
N GLN F 27 -32.83 45.47 53.98
CA GLN F 27 -33.76 44.68 54.77
C GLN F 27 -33.16 43.30 55.04
N SER F 28 -33.60 42.67 56.11
CA SER F 28 -33.11 41.34 56.48
C SER F 28 -33.85 40.22 55.74
N GLU F 29 -34.84 40.59 54.92
CA GLU F 29 -35.54 39.62 54.07
C GLU F 29 -34.94 39.59 52.67
N LEU F 30 -34.40 38.44 52.28
CA LEU F 30 -33.81 38.29 50.96
C LEU F 30 -34.70 37.43 50.08
N PRO F 31 -34.79 37.77 48.79
CA PRO F 31 -35.54 36.98 47.82
C PRO F 31 -34.84 35.65 47.53
N ALA F 32 -35.61 34.58 47.40
CA ALA F 32 -35.04 33.26 47.14
C ALA F 32 -34.29 33.20 45.81
N ILE F 33 -33.84 32.02 45.43
CA ILE F 33 -33.17 31.86 44.15
C ILE F 33 -34.18 31.67 43.02
N LEU F 34 -33.75 31.98 41.80
CA LEU F 34 -34.56 31.85 40.61
C LEU F 34 -35.65 32.91 40.52
N ASN F 35 -35.55 33.92 41.37
CA ASN F 35 -36.51 35.02 41.35
C ASN F 35 -36.14 36.14 40.40
N ALA F 36 -37.14 36.95 40.05
CA ALA F 36 -36.92 38.04 39.12
C ALA F 36 -36.68 39.35 39.86
N LEU F 37 -36.13 40.32 39.14
CA LEU F 37 -35.88 41.64 39.68
C LEU F 37 -36.04 42.65 38.54
N GLU F 38 -36.36 43.89 38.89
CA GLU F 38 -36.51 44.93 37.88
C GLU F 38 -35.81 46.23 38.26
N ILE F 39 -35.25 46.91 37.26
CA ILE F 39 -34.54 48.15 37.48
C ILE F 39 -35.09 49.21 36.55
N LYS F 40 -35.36 50.40 37.09
CA LYS F 40 -35.91 51.49 36.29
C LYS F 40 -34.84 52.12 35.41
N THR F 41 -35.11 52.22 34.11
CA THR F 41 -34.20 52.87 33.17
C THR F 41 -34.98 53.79 32.22
N PRO F 42 -34.28 54.76 31.61
CA PRO F 42 -34.91 55.63 30.61
C PRO F 42 -35.41 54.85 29.41
N GLN F 43 -34.69 53.78 29.05
CA GLN F 43 -35.04 52.96 27.89
C GLN F 43 -36.22 52.04 28.18
N GLY F 44 -36.35 51.61 29.43
CA GLY F 44 -37.44 50.75 29.84
C GLY F 44 -37.21 50.17 31.22
N LYS F 45 -37.17 48.84 31.31
CA LYS F 45 -36.94 48.15 32.56
C LYS F 45 -36.05 46.92 32.35
N LEU F 46 -35.03 46.79 33.19
CA LEU F 46 -34.10 45.67 33.11
C LEU F 46 -34.45 44.59 34.13
N VAL F 47 -34.65 43.38 33.65
CA VAL F 47 -35.07 42.27 34.50
C VAL F 47 -33.88 41.42 34.95
N LEU F 48 -33.79 41.15 36.25
CA LEU F 48 -32.71 40.32 36.77
C LEU F 48 -33.23 38.99 37.31
N GLU F 49 -32.32 38.02 37.44
CA GLU F 49 -32.70 36.71 37.95
C GLU F 49 -31.68 36.22 38.96
N VAL F 50 -32.15 35.95 40.17
CA VAL F 50 -31.30 35.49 41.26
C VAL F 50 -30.59 34.19 40.89
N ALA F 51 -29.31 34.08 41.27
CA ALA F 51 -28.57 32.87 40.97
C ALA F 51 -28.05 32.19 42.23
N GLN F 52 -27.47 32.98 43.12
CA GLN F 52 -26.91 32.42 44.34
C GLN F 52 -26.71 33.51 45.39
N HIS F 53 -26.80 33.10 46.66
CA HIS F 53 -26.62 34.01 47.78
C HIS F 53 -25.16 34.03 48.22
N LEU F 54 -24.43 35.06 47.81
CA LEU F 54 -23.01 35.18 48.12
C LEU F 54 -22.77 35.34 49.62
N GLY F 55 -23.79 35.80 50.33
CA GLY F 55 -23.70 36.05 51.77
C GLY F 55 -23.70 37.54 52.08
N GLU F 56 -23.81 37.87 53.37
CA GLU F 56 -23.80 39.27 53.78
C GLU F 56 -24.92 40.05 53.10
N ASN F 57 -26.12 39.48 53.11
CA ASN F 57 -27.27 40.14 52.49
C ASN F 57 -26.96 40.63 51.09
N THR F 58 -26.06 39.92 50.43
CA THR F 58 -25.73 40.21 49.04
C THR F 58 -26.07 39.00 48.19
N VAL F 59 -26.56 39.24 46.98
CA VAL F 59 -26.95 38.16 46.10
C VAL F 59 -26.31 38.35 44.73
N ARG F 60 -26.21 37.26 43.97
CA ARG F 60 -25.66 37.33 42.62
C ARG F 60 -26.76 37.02 41.62
N THR F 61 -26.91 37.88 40.62
CA THR F 61 -27.98 37.71 39.65
C THR F 61 -27.49 37.80 38.21
N ILE F 62 -28.32 37.34 37.27
CA ILE F 62 -27.97 37.33 35.86
C ILE F 62 -28.85 38.25 35.02
N ALA F 63 -28.22 39.21 34.37
CA ALA F 63 -28.92 40.19 33.55
C ALA F 63 -29.74 39.52 32.46
N MET F 64 -30.85 40.13 32.09
CA MET F 64 -31.67 39.62 31.03
C MET F 64 -31.48 40.47 29.77
N ASP F 65 -30.84 41.61 29.93
CA ASP F 65 -30.54 42.47 28.79
C ASP F 65 -29.23 43.22 29.04
N GLY F 66 -28.89 44.14 28.15
CA GLY F 66 -27.66 44.89 28.27
C GLY F 66 -27.55 45.60 29.61
N THR F 67 -26.35 45.58 30.19
CA THR F 67 -26.11 46.21 31.49
C THR F 67 -25.43 47.57 31.34
N GLU F 68 -25.42 48.10 30.12
CA GLU F 68 -24.79 49.39 29.85
C GLU F 68 -25.56 50.49 30.56
N GLY F 69 -24.85 51.35 31.27
CA GLY F 69 -25.47 52.47 31.95
C GLY F 69 -25.75 52.24 33.42
N LEU F 70 -25.80 50.97 33.84
CA LEU F 70 -26.05 50.65 35.23
C LEU F 70 -25.01 51.33 36.12
N VAL F 71 -25.49 52.04 37.14
CA VAL F 71 -24.61 52.73 38.07
C VAL F 71 -24.65 52.05 39.45
N ARG F 72 -23.48 51.89 40.06
CA ARG F 72 -23.39 51.23 41.36
C ARG F 72 -24.23 51.95 42.41
N GLY F 73 -25.03 51.19 43.15
CA GLY F 73 -25.83 51.75 44.22
C GLY F 73 -27.21 52.18 43.75
N GLU F 74 -27.52 51.91 42.48
CA GLU F 74 -28.82 52.23 41.93
C GLU F 74 -29.90 51.38 42.58
N LYS F 75 -31.10 51.91 42.70
CA LYS F 75 -32.18 51.23 43.40
C LYS F 75 -32.75 50.07 42.58
N VAL F 76 -33.01 48.94 43.24
CA VAL F 76 -33.53 47.76 42.58
C VAL F 76 -34.78 47.21 43.24
N LEU F 77 -35.83 47.05 42.45
CA LEU F 77 -37.12 46.60 42.96
C LEU F 77 -37.29 45.08 42.77
N ASP F 78 -37.88 44.42 43.76
CA ASP F 78 -38.12 42.98 43.73
C ASP F 78 -39.48 42.64 43.12
N THR F 79 -39.57 41.51 42.40
CA THR F 79 -40.84 41.12 41.79
C THR F 79 -41.69 40.26 42.72
N GLY F 80 -41.05 39.33 43.41
CA GLY F 80 -41.75 38.46 44.35
C GLY F 80 -42.01 37.07 43.81
N GLY F 81 -41.56 36.80 42.58
CA GLY F 81 -41.76 35.50 41.96
C GLY F 81 -40.84 35.27 40.78
N PRO F 82 -40.50 34.00 40.52
CA PRO F 82 -39.63 33.64 39.39
C PRO F 82 -40.22 34.16 38.08
N ILE F 83 -39.36 34.49 37.13
CA ILE F 83 -39.80 34.98 35.85
C ILE F 83 -40.96 34.11 35.33
N SER F 84 -42.15 34.71 35.22
CA SER F 84 -43.29 33.97 34.69
C SER F 84 -43.69 34.45 33.29
N VAL F 85 -44.41 33.60 32.57
CA VAL F 85 -44.85 33.96 31.24
C VAL F 85 -46.28 33.48 31.01
N PRO F 86 -47.08 34.29 30.30
CA PRO F 86 -48.46 33.93 29.99
C PRO F 86 -48.57 32.57 29.31
N VAL F 87 -49.55 31.78 29.74
CA VAL F 87 -49.82 30.48 29.13
C VAL F 87 -51.29 30.38 28.74
N GLY F 88 -51.57 29.62 27.68
CA GLY F 88 -52.93 29.45 27.22
C GLY F 88 -53.07 29.68 25.73
N ARG F 89 -54.27 29.47 25.21
CA ARG F 89 -54.49 29.62 23.79
C ARG F 89 -54.22 31.05 23.32
N GLU F 90 -54.11 31.96 24.28
CA GLU F 90 -53.91 33.38 23.99
C GLU F 90 -52.50 33.69 23.49
N THR F 91 -51.58 32.76 23.72
CA THR F 91 -50.20 32.93 23.28
C THR F 91 -50.05 32.58 21.80
N LEU F 92 -50.94 31.74 21.29
CA LEU F 92 -50.91 31.31 19.89
C LEU F 92 -51.02 32.48 18.91
N GLY F 93 -50.21 32.45 17.86
CA GLY F 93 -50.20 33.52 16.88
C GLY F 93 -49.57 34.80 17.41
N ARG F 94 -48.78 34.66 18.48
CA ARG F 94 -48.09 35.78 19.10
C ARG F 94 -46.62 35.47 19.34
N ILE F 95 -45.76 36.48 19.16
CA ILE F 95 -44.34 36.31 19.42
C ILE F 95 -43.94 36.80 20.81
N ILE F 96 -43.64 35.85 21.70
CA ILE F 96 -43.29 36.15 23.07
C ILE F 96 -41.78 36.23 23.27
N ASN F 97 -41.37 37.18 24.11
CA ASN F 97 -39.97 37.38 24.45
C ASN F 97 -39.56 36.50 25.64
N VAL F 98 -38.25 36.36 25.84
CA VAL F 98 -37.68 35.60 26.95
C VAL F 98 -38.31 36.00 28.29
N ILE F 99 -38.62 37.28 28.43
CA ILE F 99 -39.20 37.82 29.66
C ILE F 99 -40.66 37.46 29.80
N GLY F 100 -41.35 37.37 28.67
CA GLY F 100 -42.75 36.98 28.66
C GLY F 100 -43.65 38.12 28.25
N GLU F 101 -43.13 38.96 27.35
CA GLU F 101 -43.88 40.10 26.85
C GLU F 101 -43.90 40.10 25.33
N PRO F 102 -45.02 40.52 24.75
CA PRO F 102 -45.20 40.59 23.29
C PRO F 102 -44.11 41.42 22.61
N ILE F 103 -43.57 40.90 21.50
CA ILE F 103 -42.55 41.64 20.77
C ILE F 103 -42.91 41.72 19.29
N ASP F 104 -44.19 41.57 18.99
CA ASP F 104 -44.65 41.62 17.61
C ASP F 104 -45.48 42.87 17.35
N GLU F 105 -45.54 43.74 18.36
CA GLU F 105 -46.33 44.96 18.26
C GLU F 105 -47.75 44.63 17.80
N ARG F 106 -48.51 44.00 18.70
CA ARG F 106 -49.90 43.67 18.42
C ARG F 106 -50.71 43.71 19.71
N GLY F 107 -50.16 44.37 20.73
CA GLY F 107 -50.85 44.52 22.00
C GLY F 107 -50.49 43.43 23.00
N PRO F 108 -50.75 43.68 24.30
CA PRO F 108 -50.40 42.73 25.36
C PRO F 108 -51.20 41.43 25.27
N ILE F 109 -50.56 40.31 25.61
CA ILE F 109 -51.23 39.03 25.62
C ILE F 109 -52.15 38.91 26.83
N LYS F 110 -53.44 39.14 26.61
CA LYS F 110 -54.43 39.01 27.66
C LYS F 110 -54.68 37.53 27.95
N SER F 111 -53.82 36.94 28.77
CA SER F 111 -53.94 35.54 29.13
C SER F 111 -54.64 35.41 30.46
N LYS F 112 -55.19 34.22 30.72
CA LYS F 112 -55.90 33.96 31.95
C LYS F 112 -54.91 33.71 33.09
N LEU F 113 -54.00 32.78 32.88
CA LEU F 113 -53.02 32.40 33.90
C LEU F 113 -51.60 32.68 33.44
N ARG F 114 -50.69 32.84 34.41
CA ARG F 114 -49.28 33.06 34.11
C ARG F 114 -48.37 32.22 35.00
N LYS F 115 -47.83 31.13 34.44
CA LYS F 115 -46.97 30.23 35.18
C LYS F 115 -45.49 30.58 35.00
N PRO F 116 -44.66 30.25 36.00
CA PRO F 116 -43.22 30.48 36.02
C PRO F 116 -42.46 29.56 35.07
N ILE F 117 -41.31 30.01 34.57
CA ILE F 117 -40.50 29.21 33.66
C ILE F 117 -39.81 28.07 34.39
N HIS F 118 -39.65 28.23 35.70
CA HIS F 118 -39.01 27.20 36.50
C HIS F 118 -40.03 26.26 37.12
N ALA F 119 -39.87 24.97 36.84
CA ALA F 119 -40.78 23.97 37.35
C ALA F 119 -40.11 22.60 37.32
N ASP F 120 -40.50 21.75 38.26
CA ASP F 120 -39.86 20.46 38.45
C ASP F 120 -40.32 19.42 37.42
N PRO F 121 -39.40 18.53 37.03
CA PRO F 121 -39.65 17.46 36.04
C PRO F 121 -40.67 16.43 36.52
N PRO F 122 -41.41 15.83 35.57
CA PRO F 122 -42.45 14.84 35.82
C PRO F 122 -41.96 13.64 36.65
N SER F 123 -42.81 13.16 37.55
CA SER F 123 -42.50 12.01 38.39
C SER F 123 -42.29 10.75 37.56
N PHE F 124 -41.48 9.84 38.08
CA PHE F 124 -41.20 8.58 37.40
C PHE F 124 -42.48 7.80 37.11
N ALA F 125 -43.43 7.86 38.03
CA ALA F 125 -44.70 7.17 37.86
C ALA F 125 -45.55 7.81 36.76
N GLU F 126 -45.28 9.08 36.47
CA GLU F 126 -46.02 9.82 35.46
C GLU F 126 -45.51 9.55 34.03
N GLN F 127 -44.37 8.88 33.94
CA GLN F 127 -43.74 8.57 32.66
C GLN F 127 -44.58 7.58 31.86
N SER F 128 -44.81 7.89 30.59
CA SER F 128 -45.55 6.99 29.71
C SER F 128 -44.78 6.73 28.43
N THR F 129 -44.58 5.45 28.12
CA THR F 129 -43.80 5.07 26.95
C THR F 129 -44.70 4.68 25.79
N SER F 130 -44.22 4.95 24.58
CA SER F 130 -44.96 4.64 23.37
C SER F 130 -44.04 4.18 22.25
N ALA F 131 -44.56 3.30 21.40
CA ALA F 131 -43.80 2.76 20.28
C ALA F 131 -44.53 2.95 18.94
N GLU F 132 -45.19 4.09 18.78
CA GLU F 132 -45.91 4.39 17.55
C GLU F 132 -45.02 5.12 16.55
N ILE F 133 -45.02 4.65 15.31
CA ILE F 133 -44.17 5.26 14.30
C ILE F 133 -44.76 6.59 13.84
N LEU F 134 -43.89 7.46 13.35
CA LEU F 134 -44.30 8.75 12.83
C LEU F 134 -43.69 8.97 11.45
N GLU F 135 -44.51 8.90 10.41
CA GLU F 135 -44.04 9.05 9.05
C GLU F 135 -43.78 10.52 8.73
N THR F 136 -42.59 10.82 8.22
CA THR F 136 -42.20 12.19 7.94
C THR F 136 -42.19 12.43 6.45
N GLY F 137 -41.86 11.39 5.70
CA GLY F 137 -41.73 11.48 4.27
C GLY F 137 -40.26 11.46 3.86
N ILE F 138 -39.38 11.56 4.83
CA ILE F 138 -37.95 11.56 4.56
C ILE F 138 -37.41 10.14 4.46
N LYS F 139 -36.82 9.82 3.31
CA LYS F 139 -36.32 8.48 3.05
C LYS F 139 -35.30 8.04 4.10
N VAL F 140 -34.22 8.79 4.22
CA VAL F 140 -33.10 8.43 5.09
C VAL F 140 -33.54 8.30 6.55
N VAL F 141 -34.76 8.70 6.84
CA VAL F 141 -35.26 8.67 8.20
C VAL F 141 -36.28 7.55 8.40
N ASP F 142 -37.39 7.61 7.65
CA ASP F 142 -38.47 6.63 7.77
C ASP F 142 -38.00 5.21 7.44
N LEU F 143 -36.78 5.10 6.88
CA LEU F 143 -36.22 3.81 6.53
C LEU F 143 -35.17 3.33 7.52
N LEU F 144 -34.41 4.26 8.09
CA LEU F 144 -33.31 3.92 9.00
C LEU F 144 -33.63 4.21 10.47
N ALA F 145 -33.88 5.47 10.78
CA ALA F 145 -34.17 5.86 12.16
C ALA F 145 -35.48 6.60 12.27
N PRO F 146 -36.61 5.88 12.15
CA PRO F 146 -37.91 6.55 12.21
C PRO F 146 -38.18 7.20 13.55
N TYR F 147 -38.80 8.38 13.50
CA TYR F 147 -39.18 9.12 14.70
C TYR F 147 -40.46 8.53 15.29
N ALA F 148 -40.63 8.70 16.60
CA ALA F 148 -41.82 8.19 17.29
C ALA F 148 -42.76 9.31 17.71
N ARG F 149 -44.05 9.01 17.72
CA ARG F 149 -45.05 9.99 18.12
C ARG F 149 -44.85 10.40 19.59
N GLY F 150 -44.90 11.70 19.85
CA GLY F 150 -44.66 12.23 21.18
C GLY F 150 -43.30 11.84 21.74
N GLY F 151 -42.32 11.64 20.85
CA GLY F 151 -40.99 11.25 21.26
C GLY F 151 -39.99 12.39 21.16
N LYS F 152 -38.73 12.12 21.50
CA LYS F 152 -37.68 13.12 21.41
C LYS F 152 -36.83 12.96 20.16
N ILE F 153 -36.71 14.04 19.42
CA ILE F 153 -35.97 14.05 18.16
C ILE F 153 -34.74 14.91 18.32
N GLY F 154 -33.63 14.47 17.74
CA GLY F 154 -32.40 15.23 17.81
C GLY F 154 -31.73 15.34 16.45
N LEU F 155 -31.24 16.54 16.12
CA LEU F 155 -30.62 16.75 14.83
C LEU F 155 -29.22 17.33 14.93
N PHE F 156 -28.25 16.49 15.28
CA PHE F 156 -26.88 16.95 15.45
C PHE F 156 -26.25 17.36 14.14
N GLY F 157 -25.17 18.12 14.22
CA GLY F 157 -24.40 18.46 13.05
C GLY F 157 -23.65 19.75 13.18
N GLY F 158 -22.49 19.82 12.53
CA GLY F 158 -21.67 21.02 12.55
C GLY F 158 -22.39 22.21 11.94
N ALA F 159 -21.61 23.19 11.47
CA ALA F 159 -22.18 24.43 10.94
C ALA F 159 -22.47 24.35 9.44
N GLY F 160 -23.73 24.57 9.07
CA GLY F 160 -24.14 24.51 7.68
C GLY F 160 -24.23 23.09 7.16
N VAL F 161 -24.78 22.19 7.97
CA VAL F 161 -24.95 20.79 7.55
C VAL F 161 -26.38 20.50 7.13
N GLY F 162 -27.32 21.22 7.72
CA GLY F 162 -28.73 21.09 7.39
C GLY F 162 -29.65 20.73 8.55
N LYS F 163 -29.48 21.41 9.68
CA LYS F 163 -30.25 21.11 10.88
C LYS F 163 -31.60 21.83 10.90
N THR F 164 -31.57 23.10 10.54
CA THR F 164 -32.79 23.89 10.46
C THR F 164 -33.58 23.49 9.22
N VAL F 165 -32.95 23.57 8.06
CA VAL F 165 -33.61 23.20 6.80
C VAL F 165 -34.29 21.83 6.93
N PHE F 166 -33.67 20.94 7.70
CA PHE F 166 -34.23 19.64 8.02
C PHE F 166 -35.53 19.78 8.84
N ILE F 167 -35.51 20.65 9.84
CA ILE F 167 -36.69 20.89 10.67
C ILE F 167 -37.80 21.58 9.86
N GLN F 168 -37.44 22.66 9.16
CA GLN F 168 -38.41 23.38 8.34
C GLN F 168 -39.26 22.42 7.51
N GLU F 169 -38.62 21.41 6.95
CA GLU F 169 -39.33 20.41 6.18
C GLU F 169 -40.27 19.61 7.08
N LEU F 170 -39.82 19.28 8.28
CA LEU F 170 -40.64 18.53 9.22
C LEU F 170 -41.90 19.30 9.60
N ILE F 171 -41.79 20.63 9.59
CA ILE F 171 -42.90 21.50 9.94
C ILE F 171 -43.83 21.69 8.73
N ASN F 172 -43.26 21.53 7.55
CA ASN F 172 -44.01 21.63 6.31
C ASN F 172 -44.78 20.35 6.00
N ASN F 173 -44.50 19.30 6.77
CA ASN F 173 -45.10 17.99 6.50
C ASN F 173 -45.86 17.40 7.69
N ILE F 174 -45.57 17.90 8.89
CA ILE F 174 -46.25 17.39 10.08
C ILE F 174 -47.17 18.43 10.74
N ALA F 175 -46.68 19.66 10.84
CA ALA F 175 -47.43 20.71 11.49
C ALA F 175 -48.76 20.98 10.78
N LYS F 176 -48.76 20.81 9.47
CA LYS F 176 -49.95 21.02 8.67
C LYS F 176 -51.03 19.98 8.95
N ALA F 177 -50.67 18.71 8.81
CA ALA F 177 -51.62 17.62 9.02
C ALA F 177 -51.56 17.08 10.47
N HIS F 178 -51.32 17.96 11.43
CA HIS F 178 -51.15 17.55 12.82
C HIS F 178 -52.44 17.51 13.62
N GLY F 179 -53.09 18.66 13.76
CA GLY F 179 -54.35 18.75 14.46
C GLY F 179 -54.24 19.30 15.88
N GLY F 180 -53.03 19.33 16.43
CA GLY F 180 -52.83 19.83 17.77
C GLY F 180 -52.26 21.25 17.78
N PHE F 181 -51.39 21.52 18.76
CA PHE F 181 -50.73 22.81 18.85
C PHE F 181 -49.23 22.67 18.62
N SER F 182 -48.57 23.79 18.32
CA SER F 182 -47.13 23.79 18.08
C SER F 182 -46.46 24.93 18.83
N VAL F 183 -45.21 24.72 19.25
CA VAL F 183 -44.42 25.77 19.90
C VAL F 183 -43.01 25.85 19.33
N PHE F 184 -42.73 26.91 18.57
CA PHE F 184 -41.39 27.11 18.03
C PHE F 184 -40.59 28.10 18.88
N THR F 185 -39.39 27.71 19.26
CA THR F 185 -38.51 28.54 20.08
C THR F 185 -37.10 28.60 19.55
N GLY F 186 -36.72 29.74 18.99
CA GLY F 186 -35.40 29.93 18.42
C GLY F 186 -34.40 30.40 19.45
N VAL F 187 -33.56 29.48 19.92
CA VAL F 187 -32.55 29.80 20.93
C VAL F 187 -31.19 30.07 20.29
N GLY F 188 -30.72 31.31 20.46
CA GLY F 188 -29.44 31.72 19.91
C GLY F 188 -29.32 31.42 18.44
N GLU F 189 -30.20 32.01 17.64
CA GLU F 189 -30.18 31.79 16.19
C GLU F 189 -30.27 33.11 15.42
N ARG F 190 -29.98 33.04 14.12
CA ARG F 190 -29.99 34.23 13.28
C ARG F 190 -31.32 34.94 13.38
N THR F 191 -31.31 36.20 13.76
CA THR F 191 -32.54 36.94 13.92
C THR F 191 -33.33 36.95 12.60
N ARG F 192 -32.60 36.88 11.50
CA ARG F 192 -33.20 36.91 10.18
C ARG F 192 -34.10 35.69 9.93
N GLU F 193 -33.64 34.53 10.38
CA GLU F 193 -34.37 33.27 10.20
C GLU F 193 -35.71 33.30 10.93
N GLY F 194 -35.79 34.08 12.00
CA GLY F 194 -37.01 34.23 12.76
C GLY F 194 -38.06 34.98 11.95
N ASN F 195 -37.63 36.08 11.36
CA ASN F 195 -38.53 36.90 10.53
C ASN F 195 -39.08 36.11 9.35
N ASP F 196 -38.19 35.48 8.59
CA ASP F 196 -38.59 34.68 7.44
C ASP F 196 -39.49 33.52 7.87
N LEU F 197 -39.29 33.06 9.10
CA LEU F 197 -40.13 32.00 9.66
C LEU F 197 -41.53 32.54 9.91
N TYR F 198 -41.61 33.80 10.31
CA TYR F 198 -42.87 34.47 10.55
C TYR F 198 -43.65 34.60 9.24
N ARG F 199 -42.95 34.99 8.17
CA ARG F 199 -43.56 35.07 6.84
C ARG F 199 -44.20 33.75 6.45
N GLU F 200 -43.47 32.66 6.63
CA GLU F 200 -43.93 31.34 6.23
C GLU F 200 -45.21 30.91 6.96
N MET F 201 -45.27 31.17 8.26
CA MET F 201 -46.42 30.79 9.09
C MET F 201 -47.67 31.57 8.67
N LYS F 202 -47.48 32.79 8.21
CA LYS F 202 -48.57 33.64 7.76
C LYS F 202 -49.06 33.18 6.38
N GLU F 203 -48.14 33.03 5.44
CA GLU F 203 -48.47 32.61 4.08
C GLU F 203 -49.14 31.23 4.05
N THR F 204 -48.52 30.26 4.72
CA THR F 204 -49.07 28.91 4.84
C THR F 204 -50.43 28.94 5.56
N GLY F 205 -50.65 29.99 6.34
CA GLY F 205 -51.90 30.15 7.05
C GLY F 205 -51.92 29.51 8.43
N VAL F 206 -50.77 28.97 8.85
CA VAL F 206 -50.65 28.39 10.19
C VAL F 206 -50.94 29.45 11.24
N ILE F 207 -50.52 30.68 10.95
CA ILE F 207 -50.75 31.80 11.84
C ILE F 207 -51.49 32.92 11.12
N ASN F 208 -52.77 33.05 11.41
CA ASN F 208 -53.60 34.09 10.81
C ASN F 208 -53.91 35.18 11.82
N LEU F 209 -53.41 36.39 11.57
CA LEU F 209 -53.63 37.52 12.46
C LEU F 209 -55.11 37.76 12.74
N GLU F 210 -55.89 37.90 11.68
CA GLU F 210 -57.33 38.11 11.79
C GLU F 210 -58.04 36.87 12.33
N GLY F 211 -57.58 35.70 11.89
CA GLY F 211 -58.17 34.43 12.32
C GLY F 211 -57.47 33.81 13.52
N GLU F 212 -57.43 32.48 13.56
CA GLU F 212 -56.73 31.77 14.62
C GLU F 212 -55.42 31.20 14.12
N SER F 213 -54.64 30.66 15.03
CA SER F 213 -53.35 30.09 14.70
C SER F 213 -53.16 28.73 15.37
N LYS F 214 -52.17 27.99 14.91
CA LYS F 214 -51.93 26.65 15.43
C LYS F 214 -50.58 26.52 16.15
N VAL F 215 -49.83 27.62 16.23
CA VAL F 215 -48.48 27.60 16.80
C VAL F 215 -48.07 28.91 17.46
N ALA F 216 -47.30 28.81 18.55
CA ALA F 216 -46.79 29.98 19.28
C ALA F 216 -45.30 30.20 19.03
N LEU F 217 -44.89 31.46 18.93
CA LEU F 217 -43.51 31.78 18.58
C LEU F 217 -42.74 32.46 19.72
N VAL F 218 -41.78 31.73 20.28
CA VAL F 218 -40.94 32.28 21.35
C VAL F 218 -39.49 32.38 20.90
N PHE F 219 -38.90 33.56 21.01
CA PHE F 219 -37.55 33.77 20.51
C PHE F 219 -36.57 34.31 21.55
N GLY F 220 -35.39 33.72 21.59
CA GLY F 220 -34.29 34.22 22.40
C GLY F 220 -33.05 34.15 21.53
N GLN F 221 -33.04 34.98 20.50
CA GLN F 221 -32.01 34.91 19.46
C GLN F 221 -30.61 35.16 20.02
N MET F 222 -29.61 34.77 19.24
CA MET F 222 -28.22 34.90 19.64
C MET F 222 -27.84 36.35 19.91
N ASN F 223 -28.41 37.27 19.14
CA ASN F 223 -28.14 38.68 19.36
C ASN F 223 -28.41 39.09 20.81
N GLU F 224 -29.40 38.44 21.43
CA GLU F 224 -29.71 38.69 22.84
C GLU F 224 -28.59 38.16 23.74
N PRO F 225 -28.30 38.87 24.85
CA PRO F 225 -27.26 38.49 25.82
C PRO F 225 -27.44 37.08 26.38
N PRO F 226 -26.42 36.57 27.10
CA PRO F 226 -26.38 35.19 27.60
C PRO F 226 -27.52 34.82 28.52
N GLY F 227 -27.87 35.73 29.43
CA GLY F 227 -28.96 35.49 30.34
C GLY F 227 -30.21 35.06 29.61
N ALA F 228 -30.52 35.76 28.52
CA ALA F 228 -31.72 35.48 27.74
C ALA F 228 -31.58 34.17 27.00
N ARG F 229 -30.43 33.99 26.36
CA ARG F 229 -30.19 32.78 25.60
C ARG F 229 -30.26 31.57 26.51
N ALA F 230 -30.24 31.82 27.81
CA ALA F 230 -30.26 30.73 28.78
C ALA F 230 -31.67 30.44 29.27
N ARG F 231 -32.52 31.46 29.26
CA ARG F 231 -33.86 31.33 29.82
C ARG F 231 -34.89 31.07 28.73
N VAL F 232 -34.61 31.60 27.54
CA VAL F 232 -35.54 31.48 26.43
C VAL F 232 -36.06 30.05 26.29
N ALA F 233 -35.15 29.08 26.38
CA ALA F 233 -35.53 27.69 26.23
C ALA F 233 -36.59 27.30 27.27
N LEU F 234 -36.46 27.86 28.47
CA LEU F 234 -37.40 27.58 29.55
C LEU F 234 -38.73 28.25 29.30
N THR F 235 -38.69 29.47 28.78
CA THR F 235 -39.91 30.20 28.43
C THR F 235 -40.75 29.39 27.45
N GLY F 236 -40.18 29.07 26.30
CA GLY F 236 -40.89 28.29 25.29
C GLY F 236 -41.44 26.99 25.82
N LEU F 237 -40.73 26.38 26.76
CA LEU F 237 -41.12 25.07 27.28
C LEU F 237 -42.32 25.16 28.21
N THR F 238 -42.35 26.23 28.99
CA THR F 238 -43.45 26.45 29.93
C THR F 238 -44.77 26.52 29.19
N ILE F 239 -44.76 27.19 28.05
CA ILE F 239 -45.96 27.34 27.25
C ILE F 239 -46.47 26.00 26.75
N ALA F 240 -45.53 25.14 26.33
CA ALA F 240 -45.90 23.85 25.75
C ALA F 240 -46.33 22.81 26.78
N GLU F 241 -45.78 22.91 27.99
CA GLU F 241 -46.16 21.97 29.04
C GLU F 241 -47.57 22.30 29.53
N TYR F 242 -48.04 23.50 29.22
CA TYR F 242 -49.40 23.89 29.58
C TYR F 242 -50.39 23.08 28.75
N PHE F 243 -50.25 23.12 27.44
CA PHE F 243 -51.15 22.39 26.54
C PHE F 243 -51.05 20.91 26.78
N ARG F 244 -50.03 20.50 27.51
CA ARG F 244 -49.78 19.09 27.75
C ARG F 244 -50.61 18.58 28.91
N ASP F 245 -50.58 19.30 30.02
CA ASP F 245 -51.27 18.89 31.22
C ASP F 245 -52.64 19.51 31.29
N GLU F 246 -52.68 20.84 31.26
CA GLU F 246 -53.92 21.58 31.31
C GLU F 246 -54.88 21.21 30.15
N GLU F 247 -54.40 21.28 28.91
CA GLU F 247 -55.25 20.96 27.76
C GLU F 247 -55.23 19.48 27.40
N GLY F 248 -54.11 18.82 27.70
CA GLY F 248 -53.98 17.41 27.39
C GLY F 248 -54.17 17.12 25.91
N GLN F 249 -53.45 17.87 25.08
CA GLN F 249 -53.55 17.73 23.64
C GLN F 249 -52.16 17.58 23.02
N ASP F 250 -52.08 16.86 21.90
CA ASP F 250 -50.81 16.68 21.21
C ASP F 250 -50.18 18.02 20.86
N VAL F 251 -48.89 18.17 21.18
CA VAL F 251 -48.16 19.39 20.86
C VAL F 251 -46.81 19.08 20.21
N LEU F 252 -46.44 19.89 19.22
CA LEU F 252 -45.14 19.76 18.59
C LEU F 252 -44.19 20.86 19.05
N LEU F 253 -43.16 20.47 19.81
CA LEU F 253 -42.21 21.43 20.35
C LEU F 253 -40.93 21.49 19.51
N PHE F 254 -40.78 22.57 18.75
CA PHE F 254 -39.61 22.74 17.88
C PHE F 254 -38.58 23.68 18.50
N ILE F 255 -37.39 23.16 18.76
CA ILE F 255 -36.34 23.97 19.37
C ILE F 255 -35.09 24.04 18.50
N ASP F 256 -34.55 25.25 18.34
CA ASP F 256 -33.38 25.45 17.50
C ASP F 256 -32.72 26.78 17.82
N ASN F 257 -31.52 26.74 18.41
CA ASN F 257 -30.80 25.51 18.70
C ASN F 257 -30.66 25.30 20.21
N ILE F 258 -30.75 24.05 20.65
CA ILE F 258 -30.72 23.74 22.07
C ILE F 258 -29.34 23.91 22.71
N PHE F 259 -28.31 23.82 21.88
CA PHE F 259 -26.93 23.93 22.35
C PHE F 259 -26.69 25.27 23.00
N ARG F 260 -27.20 26.32 22.38
CA ARG F 260 -27.04 27.67 22.89
C ARG F 260 -27.38 27.75 24.37
N PHE F 261 -28.19 26.80 24.84
CA PHE F 261 -28.62 26.76 26.23
C PHE F 261 -27.44 26.56 27.18
N THR F 262 -26.59 25.61 26.84
CA THR F 262 -25.41 25.35 27.63
C THR F 262 -24.31 26.34 27.28
N GLN F 263 -24.23 26.72 26.00
CA GLN F 263 -23.24 27.70 25.56
C GLN F 263 -23.41 29.02 26.31
N ALA F 264 -24.67 29.45 26.44
CA ALA F 264 -24.96 30.71 27.12
C ALA F 264 -24.65 30.62 28.61
N GLY F 265 -24.77 29.41 29.17
CA GLY F 265 -24.50 29.20 30.58
C GLY F 265 -23.03 29.04 30.90
N SER F 266 -22.24 28.69 29.89
CA SER F 266 -20.80 28.54 30.08
C SER F 266 -20.07 29.88 30.01
N GLU F 267 -20.78 30.92 29.59
CA GLU F 267 -20.18 32.24 29.47
C GLU F 267 -20.17 32.91 30.83
N VAL F 268 -21.20 32.60 31.60
CA VAL F 268 -21.41 33.24 32.88
C VAL F 268 -20.85 32.42 34.03
N SER F 269 -20.75 31.10 33.82
CA SER F 269 -20.23 30.22 34.86
C SER F 269 -18.92 30.76 35.42
N ALA F 270 -18.15 31.41 34.55
CA ALA F 270 -16.86 31.97 34.93
C ALA F 270 -17.03 33.12 35.92
N LEU F 271 -17.92 34.05 35.57
CA LEU F 271 -18.20 35.20 36.41
C LEU F 271 -18.94 34.80 37.68
N LEU F 272 -19.71 33.72 37.61
CA LEU F 272 -20.44 33.25 38.78
C LEU F 272 -19.48 32.76 39.87
N GLY F 273 -18.24 32.51 39.48
CA GLY F 273 -17.22 32.05 40.41
C GLY F 273 -17.14 30.54 40.51
N ARG F 274 -17.50 29.86 39.41
CA ARG F 274 -17.43 28.41 39.36
C ARG F 274 -16.10 27.97 38.75
N ILE F 275 -15.58 26.85 39.20
CA ILE F 275 -14.32 26.31 38.69
C ILE F 275 -14.53 25.62 37.35
N PRO F 276 -13.97 26.18 36.28
CA PRO F 276 -14.20 25.64 34.93
C PRO F 276 -13.84 24.16 34.83
N SER F 277 -14.76 23.33 34.33
CA SER F 277 -14.48 21.92 34.07
C SER F 277 -13.72 21.82 32.75
N ALA F 278 -13.35 20.61 32.35
CA ALA F 278 -12.56 20.44 31.12
C ALA F 278 -13.30 21.00 29.90
N VAL F 279 -12.54 21.64 29.01
CA VAL F 279 -13.09 22.25 27.80
C VAL F 279 -13.66 23.64 28.07
N GLY F 280 -13.74 24.02 29.35
CA GLY F 280 -14.23 25.33 29.72
C GLY F 280 -15.67 25.31 30.23
N TYR F 281 -16.37 24.23 29.94
CA TYR F 281 -17.78 24.08 30.30
C TYR F 281 -17.96 24.03 31.82
N GLN F 282 -19.05 24.64 32.29
CA GLN F 282 -19.36 24.68 33.72
C GLN F 282 -19.53 23.28 34.32
N PRO F 283 -19.11 23.10 35.58
CA PRO F 283 -19.17 21.80 36.25
C PRO F 283 -20.53 21.15 36.17
N THR F 284 -21.58 21.94 36.32
CA THR F 284 -22.93 21.41 36.37
C THR F 284 -23.57 21.34 34.99
N LEU F 285 -22.86 20.77 34.03
CA LEU F 285 -23.39 20.67 32.69
C LEU F 285 -24.49 19.60 32.63
N ALA F 286 -24.23 18.48 33.28
CA ALA F 286 -25.11 17.31 33.24
C ALA F 286 -26.46 17.56 33.88
N THR F 287 -26.46 18.29 34.97
CA THR F 287 -27.69 18.57 35.71
C THR F 287 -28.55 19.55 34.93
N ASP F 288 -28.07 20.78 34.76
CA ASP F 288 -28.80 21.80 34.02
C ASP F 288 -29.41 21.22 32.74
N MET F 289 -28.59 20.60 31.90
CA MET F 289 -29.08 19.96 30.67
C MET F 289 -30.10 18.88 31.03
N GLY F 290 -29.92 18.30 32.21
CA GLY F 290 -30.83 17.27 32.70
C GLY F 290 -32.21 17.81 32.99
N LEU F 291 -32.28 18.84 33.83
CA LEU F 291 -33.56 19.41 34.22
C LEU F 291 -34.38 19.88 33.02
N LEU F 292 -33.69 20.27 31.96
CA LEU F 292 -34.36 20.76 30.75
C LEU F 292 -35.01 19.62 29.98
N GLN F 293 -34.20 18.63 29.61
CA GLN F 293 -34.67 17.49 28.83
C GLN F 293 -35.76 16.68 29.56
N GLU F 294 -35.66 16.60 30.88
CA GLU F 294 -36.62 15.82 31.67
C GLU F 294 -38.00 16.44 31.66
N ARG F 295 -38.06 17.74 31.39
CA ARG F 295 -39.33 18.45 31.34
C ARG F 295 -39.96 18.33 29.95
N ILE F 296 -39.11 18.12 28.95
CA ILE F 296 -39.57 17.98 27.57
C ILE F 296 -39.85 16.52 27.26
N THR F 297 -41.04 16.06 27.64
CA THR F 297 -41.36 14.64 27.51
C THR F 297 -42.88 14.43 27.52
N THR F 298 -43.30 13.21 27.18
CA THR F 298 -44.71 12.87 27.16
C THR F 298 -45.13 12.27 28.51
N THR F 299 -46.27 12.71 29.02
CA THR F 299 -46.78 12.24 30.31
C THR F 299 -48.16 11.63 30.15
N LYS F 300 -48.73 11.18 31.26
CA LYS F 300 -50.03 10.52 31.24
C LYS F 300 -51.16 11.50 31.02
N LYS F 301 -50.83 12.78 30.91
CA LYS F 301 -51.83 13.81 30.70
C LYS F 301 -51.87 14.26 29.24
N GLY F 302 -50.74 14.17 28.56
CA GLY F 302 -50.66 14.59 27.17
C GLY F 302 -49.38 14.15 26.49
N SER F 303 -49.38 14.21 25.16
CA SER F 303 -48.21 13.80 24.40
C SER F 303 -47.59 14.99 23.68
N VAL F 304 -46.26 14.98 23.62
CA VAL F 304 -45.52 16.07 23.02
C VAL F 304 -44.39 15.51 22.19
N THR F 305 -44.34 15.90 20.92
CA THR F 305 -43.27 15.51 20.04
C THR F 305 -42.29 16.67 19.90
N SER F 306 -41.06 16.46 20.36
CA SER F 306 -40.06 17.51 20.35
C SER F 306 -38.97 17.27 19.31
N VAL F 307 -38.72 18.27 18.48
CA VAL F 307 -37.64 18.18 17.51
C VAL F 307 -36.54 19.17 17.87
N GLN F 308 -35.59 18.73 18.69
CA GLN F 308 -34.49 19.59 19.14
C GLN F 308 -33.26 19.48 18.24
N ALA F 309 -32.76 20.62 17.81
CA ALA F 309 -31.55 20.64 17.01
C ALA F 309 -30.34 20.93 17.90
N VAL F 310 -29.28 20.15 17.72
CA VAL F 310 -28.08 20.31 18.53
C VAL F 310 -26.90 20.71 17.67
N TYR F 311 -26.14 21.71 18.14
CA TYR F 311 -24.95 22.17 17.45
C TYR F 311 -23.72 21.36 17.88
N VAL F 312 -22.85 21.08 16.91
CA VAL F 312 -21.63 20.30 17.15
C VAL F 312 -20.39 21.17 16.93
N PRO F 313 -19.79 21.65 18.03
CA PRO F 313 -18.59 22.51 18.00
C PRO F 313 -17.43 21.83 17.30
N ALA F 314 -16.84 22.52 16.32
CA ALA F 314 -15.72 21.98 15.58
C ALA F 314 -16.00 20.56 15.07
N ASP F 315 -17.25 20.29 14.71
CA ASP F 315 -17.65 18.99 14.18
C ASP F 315 -17.20 17.82 15.08
N ASP F 316 -17.14 18.08 16.39
CA ASP F 316 -16.69 17.08 17.35
C ASP F 316 -17.85 16.49 18.14
N LEU F 317 -18.16 15.23 17.90
CA LEU F 317 -19.25 14.57 18.61
C LEU F 317 -18.84 14.14 20.01
N THR F 318 -17.55 14.17 20.28
CA THR F 318 -17.04 13.75 21.59
C THR F 318 -17.12 14.89 22.59
N ASP F 319 -17.45 16.08 22.07
CA ASP F 319 -17.62 17.26 22.91
C ASP F 319 -18.67 17.00 23.97
N PRO F 320 -18.39 17.39 25.22
CA PRO F 320 -19.30 17.15 26.35
C PRO F 320 -20.70 17.68 26.11
N ALA F 321 -20.83 18.77 25.37
CA ALA F 321 -22.15 19.34 25.12
C ALA F 321 -23.03 18.37 24.34
N PRO F 322 -22.66 18.06 23.09
CA PRO F 322 -23.52 17.15 22.34
C PRO F 322 -23.50 15.73 22.91
N ALA F 323 -22.38 15.31 23.47
CA ALA F 323 -22.24 13.94 23.96
C ALA F 323 -23.19 13.63 25.11
N THR F 324 -23.69 14.67 25.76
CA THR F 324 -24.61 14.48 26.88
C THR F 324 -26.04 14.66 26.41
N THR F 325 -26.20 14.84 25.11
CA THR F 325 -27.50 15.09 24.53
C THR F 325 -28.10 13.81 23.98
N PHE F 326 -27.25 12.92 23.48
CA PHE F 326 -27.72 11.66 22.90
C PHE F 326 -28.56 10.87 23.90
N ALA F 327 -28.12 10.86 25.15
CA ALA F 327 -28.79 10.05 26.15
C ALA F 327 -30.22 10.53 26.43
N HIS F 328 -30.51 11.76 26.02
CA HIS F 328 -31.84 12.34 26.24
C HIS F 328 -32.69 12.34 24.97
N LEU F 329 -32.48 11.35 24.11
CA LEU F 329 -33.17 11.32 22.82
C LEU F 329 -33.62 9.89 22.47
N ASP F 330 -34.83 9.76 21.93
CA ASP F 330 -35.33 8.46 21.49
C ASP F 330 -34.97 8.23 20.03
N ALA F 331 -34.56 9.31 19.37
CA ALA F 331 -34.13 9.24 17.98
C ALA F 331 -33.02 10.25 17.70
N THR F 332 -31.96 9.80 17.05
CA THR F 332 -30.81 10.65 16.77
C THR F 332 -30.44 10.62 15.29
N THR F 333 -30.45 11.79 14.67
CA THR F 333 -30.14 11.92 13.26
C THR F 333 -28.96 12.87 13.08
N VAL F 334 -27.78 12.31 12.92
CA VAL F 334 -26.56 13.11 12.85
C VAL F 334 -26.16 13.45 11.43
N LEU F 335 -25.81 14.71 11.19
CA LEU F 335 -25.38 15.15 9.88
C LEU F 335 -23.88 15.39 9.86
N SER F 336 -23.17 14.72 8.96
CA SER F 336 -21.74 14.90 8.84
C SER F 336 -21.43 15.81 7.66
N ARG F 337 -20.64 16.85 7.90
CA ARG F 337 -20.29 17.78 6.83
C ARG F 337 -19.50 17.07 5.72
N GLY F 338 -18.99 15.88 6.04
CA GLY F 338 -18.25 15.09 5.07
C GLY F 338 -19.16 14.48 4.02
N ILE F 339 -20.46 14.47 4.34
CA ILE F 339 -21.49 13.95 3.44
C ILE F 339 -22.17 15.06 2.65
N SER F 340 -22.34 16.22 3.27
CA SER F 340 -22.96 17.37 2.60
C SER F 340 -22.05 17.91 1.52
N GLU F 341 -20.76 17.88 1.77
CA GLU F 341 -19.77 18.33 0.80
C GLU F 341 -19.78 17.46 -0.46
N LEU F 342 -20.20 16.21 -0.31
CA LEU F 342 -20.31 15.30 -1.45
C LEU F 342 -21.47 15.74 -2.34
N GLY F 343 -22.30 16.63 -1.83
CA GLY F 343 -23.47 17.08 -2.54
C GLY F 343 -24.71 16.30 -2.12
N ILE F 344 -24.51 15.28 -1.30
CA ILE F 344 -25.60 14.45 -0.82
C ILE F 344 -26.39 15.18 0.28
N TYR F 345 -27.69 15.35 0.06
CA TYR F 345 -28.58 15.99 1.04
C TYR F 345 -29.92 15.27 1.16
N PRO F 346 -30.46 15.19 2.39
CA PRO F 346 -29.79 15.72 3.59
C PRO F 346 -28.54 14.90 3.85
N ALA F 347 -27.53 15.50 4.47
CA ALA F 347 -26.29 14.78 4.72
C ALA F 347 -26.40 13.83 5.91
N VAL F 348 -27.47 13.05 5.95
CA VAL F 348 -27.67 12.08 7.04
C VAL F 348 -26.65 10.97 6.96
N ASP F 349 -26.07 10.61 8.10
CA ASP F 349 -25.13 9.50 8.15
C ASP F 349 -25.83 8.25 8.65
N PRO F 350 -26.19 7.37 7.73
CA PRO F 350 -26.92 6.13 8.00
C PRO F 350 -26.28 5.30 9.12
N LEU F 351 -24.95 5.32 9.19
CA LEU F 351 -24.23 4.53 10.17
C LEU F 351 -24.46 5.02 11.59
N ASP F 352 -24.15 6.29 11.80
CA ASP F 352 -24.22 6.90 13.13
C ASP F 352 -25.67 7.05 13.60
N SER F 353 -26.58 7.26 12.65
CA SER F 353 -28.00 7.47 12.96
C SER F 353 -28.63 6.27 13.64
N LYS F 354 -29.31 6.53 14.76
CA LYS F 354 -29.93 5.48 15.55
C LYS F 354 -31.34 5.90 15.94
N SER F 355 -32.18 4.91 16.25
CA SER F 355 -33.50 5.16 16.78
C SER F 355 -33.91 4.00 17.68
N ARG F 356 -35.03 4.16 18.37
CA ARG F 356 -35.51 3.14 19.28
C ARG F 356 -36.60 2.34 18.58
N LEU F 357 -37.07 2.84 17.44
CA LEU F 357 -38.14 2.22 16.67
C LEU F 357 -37.62 1.25 15.62
N LEU F 358 -36.31 1.23 15.45
CA LEU F 358 -35.69 0.32 14.50
C LEU F 358 -35.78 -1.10 15.04
N ASP F 359 -36.99 -1.63 15.12
CA ASP F 359 -37.19 -3.00 15.61
C ASP F 359 -38.27 -3.71 14.81
N ALA F 360 -38.01 -4.97 14.49
CA ALA F 360 -38.93 -5.74 13.67
C ALA F 360 -40.31 -5.91 14.31
N ALA F 361 -40.37 -5.79 15.64
CA ALA F 361 -41.64 -5.92 16.33
C ALA F 361 -42.45 -4.64 16.24
N VAL F 362 -42.00 -3.72 15.38
CA VAL F 362 -42.69 -2.45 15.19
C VAL F 362 -42.77 -2.01 13.72
N VAL F 363 -41.63 -1.97 13.04
CA VAL F 363 -41.61 -1.57 11.64
C VAL F 363 -41.79 -2.75 10.71
N GLY F 364 -41.90 -3.94 11.29
CA GLY F 364 -42.08 -5.15 10.51
C GLY F 364 -40.78 -5.89 10.24
N GLN F 365 -40.88 -7.20 10.06
CA GLN F 365 -39.72 -8.05 9.83
C GLN F 365 -38.96 -7.67 8.56
N GLU F 366 -39.69 -7.56 7.44
CA GLU F 366 -39.09 -7.18 6.16
C GLU F 366 -38.38 -5.83 6.24
N HIS F 367 -39.01 -4.84 6.87
CA HIS F 367 -38.45 -3.50 7.00
C HIS F 367 -37.14 -3.57 7.77
N TYR F 368 -37.10 -4.41 8.78
CA TYR F 368 -35.90 -4.60 9.57
C TYR F 368 -34.76 -5.17 8.72
N ASP F 369 -35.08 -6.18 7.92
CA ASP F 369 -34.08 -6.85 7.10
C ASP F 369 -33.53 -5.97 5.97
N VAL F 370 -34.42 -5.25 5.31
CA VAL F 370 -34.03 -4.35 4.23
C VAL F 370 -33.10 -3.27 4.76
N ALA F 371 -33.48 -2.67 5.88
CA ALA F 371 -32.66 -1.63 6.50
C ALA F 371 -31.27 -2.17 6.81
N SER F 372 -31.21 -3.30 7.51
CA SER F 372 -29.93 -3.90 7.89
C SER F 372 -29.04 -4.12 6.67
N LYS F 373 -29.62 -4.68 5.61
CA LYS F 373 -28.86 -4.91 4.40
C LYS F 373 -28.27 -3.61 3.86
N VAL F 374 -29.03 -2.53 3.97
CA VAL F 374 -28.53 -1.25 3.49
C VAL F 374 -27.32 -0.81 4.29
N GLN F 375 -27.37 -1.02 5.60
CA GLN F 375 -26.26 -0.64 6.48
C GLN F 375 -25.01 -1.44 6.14
N GLU F 376 -25.12 -2.77 6.19
CA GLU F 376 -24.00 -3.64 5.87
C GLU F 376 -23.34 -3.23 4.57
N THR F 377 -24.15 -2.97 3.55
CA THR F 377 -23.62 -2.59 2.25
C THR F 377 -22.84 -1.28 2.36
N LEU F 378 -23.42 -0.31 3.06
CA LEU F 378 -22.76 0.98 3.20
C LEU F 378 -21.51 0.84 4.04
N GLN F 379 -21.56 -0.05 5.02
CA GLN F 379 -20.43 -0.25 5.92
C GLN F 379 -19.25 -0.86 5.17
N THR F 380 -19.53 -1.82 4.30
CA THR F 380 -18.47 -2.51 3.57
C THR F 380 -17.75 -1.56 2.63
N TYR F 381 -18.45 -0.51 2.20
CA TYR F 381 -17.88 0.50 1.32
C TYR F 381 -16.93 1.39 2.09
N LYS F 382 -17.28 1.62 3.36
CA LYS F 382 -16.49 2.49 4.22
C LYS F 382 -15.22 1.78 4.66
N SER F 383 -15.33 0.49 4.96
CA SER F 383 -14.18 -0.29 5.42
C SER F 383 -13.11 -0.47 4.34
N LEU F 384 -13.47 -0.22 3.09
CA LEU F 384 -12.52 -0.38 1.99
C LEU F 384 -12.11 0.98 1.43
N GLN F 385 -12.60 2.04 2.05
CA GLN F 385 -12.34 3.40 1.58
C GLN F 385 -10.84 3.68 1.54
N ASP F 386 -10.12 3.17 2.53
CA ASP F 386 -8.68 3.39 2.60
C ASP F 386 -8.02 2.77 1.39
N ILE F 387 -8.49 1.59 1.02
CA ILE F 387 -7.92 0.88 -0.10
C ILE F 387 -8.19 1.63 -1.40
N ILE F 388 -9.39 2.19 -1.52
CA ILE F 388 -9.79 2.87 -2.76
C ILE F 388 -8.91 4.06 -3.12
N ALA F 389 -8.56 4.86 -2.13
CA ALA F 389 -7.75 6.05 -2.37
C ALA F 389 -6.32 5.68 -2.72
N ILE F 390 -5.85 4.58 -2.16
CA ILE F 390 -4.48 4.12 -2.39
C ILE F 390 -4.35 3.37 -3.71
N LEU F 391 -5.03 2.23 -3.82
CA LEU F 391 -4.94 1.38 -5.00
C LEU F 391 -6.00 1.71 -6.04
N GLY F 392 -7.27 1.50 -5.68
CA GLY F 392 -8.38 1.76 -6.58
C GLY F 392 -9.33 0.58 -6.57
N MET F 393 -10.27 0.57 -7.50
CA MET F 393 -11.23 -0.52 -7.56
C MET F 393 -10.66 -1.69 -8.37
N ASP F 394 -9.60 -1.42 -9.11
CA ASP F 394 -8.97 -2.44 -9.94
C ASP F 394 -8.42 -3.57 -9.06
N GLU F 395 -8.06 -3.21 -7.83
CA GLU F 395 -7.48 -4.17 -6.89
C GLU F 395 -8.56 -4.85 -6.07
N LEU F 396 -9.77 -4.30 -6.11
CA LEU F 396 -10.90 -4.86 -5.39
C LEU F 396 -11.34 -6.16 -6.01
N SER F 397 -11.79 -7.10 -5.18
CA SER F 397 -12.24 -8.38 -5.69
C SER F 397 -13.57 -8.22 -6.41
N GLU F 398 -13.96 -9.27 -7.14
CA GLU F 398 -15.18 -9.24 -7.94
C GLU F 398 -16.37 -8.98 -7.04
N GLN F 399 -16.44 -9.70 -5.93
CA GLN F 399 -17.53 -9.56 -4.98
C GLN F 399 -17.53 -8.17 -4.33
N ASP F 400 -16.35 -7.69 -3.96
CA ASP F 400 -16.23 -6.38 -3.31
C ASP F 400 -16.54 -5.24 -4.27
N LYS F 401 -16.11 -5.38 -5.53
CA LYS F 401 -16.30 -4.32 -6.51
C LYS F 401 -17.78 -4.12 -6.84
N LEU F 402 -18.54 -5.21 -6.78
CA LEU F 402 -19.98 -5.16 -7.04
C LEU F 402 -20.74 -4.49 -5.89
N THR F 403 -20.27 -4.69 -4.66
CA THR F 403 -20.88 -4.11 -3.47
C THR F 403 -20.67 -2.60 -3.39
N VAL F 404 -19.49 -2.16 -3.78
CA VAL F 404 -19.17 -0.73 -3.85
C VAL F 404 -20.18 0.00 -4.73
N GLU F 405 -20.24 -0.37 -6.01
CA GLU F 405 -21.14 0.27 -6.96
C GLU F 405 -22.55 0.31 -6.39
N ARG F 406 -23.03 -0.86 -5.96
CA ARG F 406 -24.35 -0.99 -5.37
C ARG F 406 -24.47 -0.03 -4.19
N ALA F 407 -23.46 -0.05 -3.33
CA ALA F 407 -23.43 0.84 -2.18
C ALA F 407 -23.54 2.30 -2.63
N ARG F 408 -22.64 2.71 -3.51
CA ARG F 408 -22.65 4.07 -4.03
C ARG F 408 -24.01 4.44 -4.62
N LYS F 409 -24.70 3.46 -5.19
CA LYS F 409 -26.06 3.67 -5.70
C LYS F 409 -27.03 3.94 -4.55
N ILE F 410 -26.91 3.18 -3.46
CA ILE F 410 -27.78 3.34 -2.31
C ILE F 410 -27.58 4.69 -1.62
N GLN F 411 -26.33 5.10 -1.49
CA GLN F 411 -26.00 6.39 -0.89
C GLN F 411 -26.63 7.54 -1.65
N ARG F 412 -26.41 7.58 -2.96
CA ARG F 412 -26.95 8.66 -3.77
C ARG F 412 -28.46 8.66 -3.69
N PHE F 413 -29.04 7.47 -3.58
CA PHE F 413 -30.49 7.32 -3.55
C PHE F 413 -31.07 7.91 -2.27
N LEU F 414 -30.25 7.96 -1.22
CA LEU F 414 -30.66 8.50 0.08
C LEU F 414 -31.05 9.97 -0.01
N SER F 415 -30.37 10.70 -0.89
CA SER F 415 -30.69 12.11 -1.10
C SER F 415 -32.15 12.27 -1.47
N GLN F 416 -32.70 13.44 -1.16
CA GLN F 416 -34.11 13.72 -1.42
C GLN F 416 -34.32 15.22 -1.58
N PRO F 417 -34.96 15.63 -2.69
CA PRO F 417 -35.22 17.06 -2.90
C PRO F 417 -36.18 17.59 -1.84
N PHE F 418 -35.82 18.72 -1.23
CA PHE F 418 -36.64 19.31 -0.18
C PHE F 418 -37.39 20.53 -0.71
N ALA F 419 -38.70 20.55 -0.49
CA ALA F 419 -39.54 21.64 -0.97
C ALA F 419 -39.07 22.97 -0.38
N VAL F 420 -38.61 22.92 0.86
CA VAL F 420 -38.14 24.14 1.53
C VAL F 420 -36.80 24.58 0.95
N ALA F 421 -36.01 23.62 0.48
CA ALA F 421 -34.69 23.91 -0.06
C ALA F 421 -34.69 23.91 -1.58
N GLU F 422 -35.85 24.19 -2.17
CA GLU F 422 -35.99 24.21 -3.62
C GLU F 422 -35.20 25.38 -4.20
N VAL F 423 -35.05 26.42 -3.39
CA VAL F 423 -34.33 27.61 -3.81
C VAL F 423 -32.83 27.37 -3.82
N PHE F 424 -32.43 26.17 -3.41
CA PHE F 424 -31.02 25.79 -3.40
C PHE F 424 -30.73 24.74 -4.46
N THR F 425 -31.64 23.77 -4.59
CA THR F 425 -31.46 22.66 -5.51
C THR F 425 -32.08 22.95 -6.87
N GLY F 426 -33.05 23.86 -6.88
CA GLY F 426 -33.75 24.22 -8.09
C GLY F 426 -34.65 23.11 -8.56
N ILE F 427 -34.83 22.11 -7.69
CA ILE F 427 -35.66 20.95 -8.00
C ILE F 427 -36.84 20.90 -7.03
N PRO F 428 -38.05 20.76 -7.57
CA PRO F 428 -39.28 20.68 -6.77
C PRO F 428 -39.21 19.61 -5.70
N GLY F 429 -39.78 19.90 -4.53
CA GLY F 429 -39.76 18.97 -3.43
C GLY F 429 -40.26 17.59 -3.80
N LYS F 430 -39.82 16.59 -3.06
CA LYS F 430 -40.26 15.21 -3.30
C LYS F 430 -40.61 14.53 -1.99
N LEU F 431 -41.89 14.25 -1.81
CA LEU F 431 -42.35 13.58 -0.60
C LEU F 431 -42.57 12.10 -0.88
N VAL F 432 -41.82 11.24 -0.19
CA VAL F 432 -41.91 9.80 -0.39
C VAL F 432 -42.49 9.09 0.82
N ARG F 433 -43.41 8.16 0.58
CA ARG F 433 -44.05 7.41 1.65
C ARG F 433 -43.14 6.30 2.15
N LEU F 434 -43.31 5.93 3.41
CA LEU F 434 -42.54 4.85 4.01
C LEU F 434 -42.72 3.54 3.25
N LYS F 435 -43.98 3.22 2.90
CA LYS F 435 -44.29 1.98 2.21
C LYS F 435 -43.47 1.79 0.93
N ASP F 436 -43.37 2.84 0.11
CA ASP F 436 -42.68 2.79 -1.18
C ASP F 436 -41.16 2.78 -1.00
N THR F 437 -40.68 3.48 0.03
CA THR F 437 -39.24 3.57 0.29
C THR F 437 -38.63 2.21 0.57
N VAL F 438 -39.25 1.44 1.45
CA VAL F 438 -38.80 0.10 1.77
C VAL F 438 -38.71 -0.77 0.50
N ALA F 439 -39.82 -0.87 -0.23
CA ALA F 439 -39.83 -1.67 -1.44
C ALA F 439 -38.74 -1.19 -2.40
N SER F 440 -38.52 0.11 -2.42
CA SER F 440 -37.54 0.70 -3.32
C SER F 440 -36.14 0.14 -3.09
N PHE F 441 -35.62 0.32 -1.88
CA PHE F 441 -34.27 -0.15 -1.55
C PHE F 441 -34.19 -1.66 -1.70
N LYS F 442 -35.22 -2.34 -1.22
CA LYS F 442 -35.30 -3.80 -1.31
C LYS F 442 -35.11 -4.25 -2.75
N ALA F 443 -35.68 -3.50 -3.69
CA ALA F 443 -35.57 -3.80 -5.11
C ALA F 443 -34.14 -3.56 -5.60
N VAL F 444 -33.47 -2.59 -4.99
CA VAL F 444 -32.10 -2.26 -5.37
C VAL F 444 -31.14 -3.32 -4.83
N LEU F 445 -31.46 -3.84 -3.66
CA LEU F 445 -30.66 -4.89 -3.05
C LEU F 445 -30.71 -6.17 -3.87
N GLU F 446 -31.90 -6.50 -4.37
CA GLU F 446 -32.09 -7.71 -5.17
C GLU F 446 -31.29 -7.66 -6.46
N GLY F 447 -30.78 -6.48 -6.79
CA GLY F 447 -29.99 -6.30 -7.99
C GLY F 447 -30.83 -6.16 -9.24
N LYS F 448 -31.93 -5.43 -9.12
CA LYS F 448 -32.84 -5.26 -10.24
C LYS F 448 -32.62 -3.91 -10.92
N TYR F 449 -31.60 -3.19 -10.50
CA TYR F 449 -31.31 -1.90 -11.11
C TYR F 449 -29.83 -1.65 -11.23
N ASP F 450 -29.06 -2.72 -11.36
CA ASP F 450 -27.62 -2.58 -11.48
C ASP F 450 -27.22 -2.08 -12.87
N ASN F 451 -28.17 -2.06 -13.80
CA ASN F 451 -27.92 -1.52 -15.13
C ASN F 451 -28.01 0.00 -15.17
N ILE F 452 -28.91 0.56 -14.37
CA ILE F 452 -29.11 2.00 -14.33
C ILE F 452 -27.88 2.69 -13.75
N PRO F 453 -27.45 3.79 -14.39
CA PRO F 453 -26.31 4.59 -13.96
C PRO F 453 -26.53 5.23 -12.59
N GLU F 454 -25.44 5.49 -11.88
CA GLU F 454 -25.54 6.04 -10.53
C GLU F 454 -26.17 7.42 -10.54
N HIS F 455 -25.84 8.22 -11.54
CA HIS F 455 -26.36 9.58 -11.58
C HIS F 455 -27.88 9.61 -11.43
N ALA F 456 -28.53 8.56 -11.90
CA ALA F 456 -30.00 8.49 -11.89
C ALA F 456 -30.57 8.31 -10.48
N PHE F 457 -29.69 8.08 -9.52
CA PHE F 457 -30.09 7.91 -8.13
C PHE F 457 -29.91 9.20 -7.33
N TYR F 458 -29.21 10.16 -7.92
CA TYR F 458 -28.87 11.40 -7.24
C TYR F 458 -30.06 12.37 -7.22
N MET F 459 -30.40 12.85 -6.02
CA MET F 459 -31.51 13.77 -5.84
C MET F 459 -32.76 13.28 -6.55
N VAL F 460 -33.17 12.06 -6.24
CA VAL F 460 -34.36 11.47 -6.82
C VAL F 460 -35.38 11.18 -5.73
N GLY F 461 -36.66 11.40 -6.03
CA GLY F 461 -37.71 11.13 -5.08
C GLY F 461 -38.13 9.68 -5.11
N GLY F 462 -39.22 9.41 -5.83
CA GLY F 462 -39.77 8.07 -5.93
C GLY F 462 -38.98 7.14 -6.83
N ILE F 463 -39.00 5.85 -6.52
CA ILE F 463 -38.22 4.85 -7.25
C ILE F 463 -38.58 4.83 -8.73
N GLU F 464 -39.82 5.17 -9.03
CA GLU F 464 -40.28 5.28 -10.41
C GLU F 464 -39.50 6.39 -11.12
N ASP F 465 -39.22 7.47 -10.38
CA ASP F 465 -38.51 8.64 -10.92
C ASP F 465 -37.08 8.30 -11.30
N VAL F 466 -36.55 7.24 -10.71
CA VAL F 466 -35.21 6.77 -11.04
C VAL F 466 -35.19 6.28 -12.48
N VAL F 467 -36.06 5.33 -12.81
CA VAL F 467 -36.12 4.78 -14.15
C VAL F 467 -36.50 5.87 -15.16
N ALA F 468 -37.37 6.79 -14.74
CA ALA F 468 -37.75 7.92 -15.59
C ALA F 468 -36.54 8.79 -15.91
N LYS F 469 -35.79 9.15 -14.87
CA LYS F 469 -34.59 9.98 -15.02
C LYS F 469 -33.48 9.26 -15.80
N ALA F 470 -33.44 7.93 -15.69
CA ALA F 470 -32.44 7.15 -16.42
C ALA F 470 -32.68 7.23 -17.92
N GLU F 471 -33.96 7.26 -18.30
CA GLU F 471 -34.35 7.32 -19.70
C GLU F 471 -34.07 8.69 -20.31
N LYS F 472 -34.24 9.73 -19.49
CA LYS F 472 -33.99 11.10 -19.94
C LYS F 472 -32.51 11.31 -20.27
N LEU F 473 -31.65 10.56 -19.60
CA LEU F 473 -30.20 10.67 -19.79
C LEU F 473 -29.72 10.00 -21.08
N ALA F 474 -30.56 9.16 -21.66
CA ALA F 474 -30.25 8.50 -22.91
C ALA F 474 -30.33 9.47 -24.09
N ALA F 475 -31.32 10.34 -24.04
CA ALA F 475 -31.49 11.35 -25.09
C ALA F 475 -30.43 12.46 -25.01
N GLU F 476 -29.91 12.70 -23.81
CA GLU F 476 -28.90 13.75 -23.59
C GLU F 476 -27.49 13.33 -24.02
N ALA F 477 -27.28 12.02 -24.16
CA ALA F 477 -25.99 11.49 -24.56
C ALA F 477 -25.71 11.76 -26.04
N ASN F 478 -24.58 12.40 -26.34
CA ASN F 478 -24.21 12.74 -27.71
C ASN F 478 -22.77 12.29 -28.02
N ALA G 1 -8.92 9.95 17.95
CA ALA G 1 -7.72 10.36 17.23
C ALA G 1 -6.71 11.03 18.15
N THR G 2 -5.87 10.22 18.78
CA THR G 2 -4.83 10.71 19.68
C THR G 2 -3.50 10.91 18.94
N LEU G 3 -2.61 11.71 19.52
CA LEU G 3 -1.32 11.98 18.90
C LEU G 3 -0.59 10.68 18.56
N LYS G 4 -0.80 9.65 19.36
CA LYS G 4 -0.11 8.38 19.16
C LYS G 4 -0.71 7.58 18.00
N GLU G 5 -2.02 7.61 17.88
CA GLU G 5 -2.70 6.91 16.79
C GLU G 5 -2.42 7.54 15.44
N VAL G 6 -2.24 8.85 15.42
CA VAL G 6 -1.91 9.56 14.19
C VAL G 6 -0.43 9.42 13.84
N GLU G 7 0.41 9.34 14.87
CA GLU G 7 1.85 9.18 14.68
C GLU G 7 2.20 7.78 14.19
N MET G 8 1.44 6.78 14.66
CA MET G 8 1.69 5.39 14.29
C MET G 8 1.11 5.10 12.91
N ARG G 9 -0.06 5.66 12.65
CA ARG G 9 -0.71 5.48 11.36
C ARG G 9 0.02 6.26 10.28
N LEU G 10 0.41 7.50 10.58
CA LEU G 10 1.12 8.32 9.61
C LEU G 10 2.43 7.65 9.23
N LYS G 11 2.98 6.88 10.16
CA LYS G 11 4.27 6.24 9.92
C LYS G 11 4.14 5.03 9.00
N SER G 12 3.01 4.33 9.07
CA SER G 12 2.80 3.11 8.28
C SER G 12 2.42 3.40 6.83
N ILE G 13 1.84 4.57 6.59
CA ILE G 13 1.55 5.02 5.23
C ILE G 13 2.86 5.36 4.53
N LYS G 14 3.78 5.96 5.27
CA LYS G 14 5.09 6.33 4.72
C LYS G 14 5.87 5.11 4.27
N ASN G 15 5.73 4.01 5.02
CA ASN G 15 6.37 2.75 4.66
C ASN G 15 5.80 2.21 3.36
N ILE G 16 4.49 2.32 3.22
CA ILE G 16 3.81 1.87 2.01
C ILE G 16 4.31 2.64 0.79
N GLU G 17 4.47 3.95 0.94
CA GLU G 17 4.98 4.79 -0.14
C GLU G 17 6.36 4.33 -0.61
N LYS G 18 7.21 3.97 0.34
CA LYS G 18 8.54 3.51 0.03
C LYS G 18 8.50 2.15 -0.68
N ILE G 19 7.51 1.33 -0.31
CA ILE G 19 7.35 0.01 -0.91
C ILE G 19 6.82 0.10 -2.35
N THR G 20 5.88 1.01 -2.57
CA THR G 20 5.32 1.21 -3.90
C THR G 20 6.27 2.01 -4.79
N LYS G 21 6.85 3.08 -4.26
CA LYS G 21 7.74 3.93 -5.04
C LYS G 21 8.95 3.14 -5.56
N THR G 22 9.37 2.12 -4.80
CA THR G 22 10.47 1.29 -5.25
C THR G 22 9.99 0.20 -6.19
N MET G 23 8.74 -0.22 -6.01
CA MET G 23 8.13 -1.22 -6.88
C MET G 23 8.10 -0.74 -8.33
N LYS G 24 7.85 0.55 -8.53
CA LYS G 24 7.85 1.17 -9.86
C LYS G 24 9.20 1.06 -10.57
N ILE G 25 10.25 1.57 -9.94
CA ILE G 25 11.59 1.51 -10.53
C ILE G 25 11.99 0.07 -10.85
N VAL G 26 11.74 -0.83 -9.92
CA VAL G 26 12.01 -2.25 -10.14
C VAL G 26 11.23 -2.75 -11.36
N ALA G 27 10.04 -2.20 -11.54
CA ALA G 27 9.20 -2.57 -12.68
C ALA G 27 9.82 -2.12 -13.99
N SER G 28 10.46 -0.97 -13.98
CA SER G 28 11.09 -0.45 -15.20
C SER G 28 12.20 -1.38 -15.69
N THR G 29 12.81 -2.13 -14.77
CA THR G 29 13.86 -3.08 -15.12
C THR G 29 13.29 -4.34 -15.78
N ARG G 30 12.25 -4.90 -15.17
CA ARG G 30 11.59 -6.08 -15.73
C ARG G 30 10.91 -5.73 -17.06
N LEU G 31 10.66 -4.45 -17.29
CA LEU G 31 10.04 -3.99 -18.53
C LEU G 31 10.99 -4.14 -19.71
N SER G 32 12.20 -3.60 -19.58
CA SER G 32 13.20 -3.74 -20.63
C SER G 32 13.64 -5.19 -20.79
N LYS G 33 13.65 -5.92 -19.67
CA LYS G 33 14.03 -7.34 -19.67
C LYS G 33 13.01 -8.21 -20.39
N ALA G 34 11.79 -7.70 -20.53
CA ALA G 34 10.74 -8.43 -21.24
C ALA G 34 10.61 -7.97 -22.68
N GLU G 35 11.35 -6.92 -23.03
CA GLU G 35 11.40 -6.43 -24.41
C GLU G 35 12.24 -7.35 -25.30
N LYS G 36 13.32 -7.89 -24.73
CA LYS G 36 14.17 -8.84 -25.46
C LYS G 36 13.42 -10.15 -25.71
N ALA G 37 12.53 -10.49 -24.79
CA ALA G 37 11.72 -11.70 -24.93
C ALA G 37 10.45 -11.42 -25.73
N LYS G 38 10.18 -10.14 -25.96
CA LYS G 38 9.01 -9.73 -26.75
C LYS G 38 9.36 -9.54 -28.23
N ILE G 39 10.48 -8.89 -28.48
CA ILE G 39 10.94 -8.68 -29.86
C ILE G 39 11.41 -9.99 -30.50
N SER G 40 12.11 -10.82 -29.74
CA SER G 40 12.60 -12.11 -30.24
C SER G 40 11.47 -13.11 -30.48
N ALA G 41 10.30 -12.85 -29.89
CA ALA G 41 9.14 -13.71 -30.09
C ALA G 41 8.25 -13.21 -31.23
N LYS G 42 8.29 -11.91 -31.50
CA LYS G 42 7.52 -11.33 -32.60
C LYS G 42 8.23 -11.57 -33.94
N LYS G 43 9.53 -11.27 -33.98
CA LYS G 43 10.31 -11.49 -35.19
C LYS G 43 10.23 -12.95 -35.62
N MET G 44 10.37 -13.86 -34.65
CA MET G 44 10.25 -15.28 -34.94
C MET G 44 8.82 -15.63 -35.35
N ASP G 45 7.85 -14.99 -34.72
CA ASP G 45 6.44 -15.21 -35.06
C ASP G 45 6.16 -14.85 -36.52
N GLU G 46 6.74 -13.74 -36.97
CA GLU G 46 6.55 -13.30 -38.35
C GLU G 46 7.16 -14.28 -39.35
N ALA G 47 8.15 -15.04 -38.91
CA ALA G 47 8.76 -16.05 -39.77
C ALA G 47 7.78 -17.17 -40.09
N GLU G 48 7.08 -17.65 -39.08
CA GLU G 48 6.11 -18.74 -39.26
C GLU G 48 4.80 -18.26 -39.86
N GLN G 49 4.40 -17.04 -39.51
CA GLN G 49 3.15 -16.47 -40.00
C GLN G 49 3.23 -16.04 -41.46
N LEU G 50 4.45 -15.76 -41.93
CA LEU G 50 4.65 -15.36 -43.31
C LEU G 50 4.12 -16.44 -44.26
N PHE G 51 4.22 -17.69 -43.83
CA PHE G 51 3.74 -18.83 -44.62
C PHE G 51 2.23 -18.78 -44.82
N TYR G 52 1.50 -18.48 -43.75
CA TYR G 52 0.04 -18.42 -43.79
C TYR G 52 -0.45 -17.24 -44.62
N LYS G 53 0.42 -16.25 -44.83
CA LYS G 53 0.06 -15.06 -45.60
C LYS G 53 -0.02 -15.40 -47.08
N ASN G 54 1.10 -15.83 -47.65
CA ASN G 54 1.19 -16.17 -49.05
C ASN G 54 0.29 -17.36 -49.38
N ALA G 55 -0.03 -18.15 -48.36
CA ALA G 55 -0.87 -19.32 -48.53
C ALA G 55 -2.13 -19.21 -47.68
N GLU G 56 -3.22 -18.78 -48.29
CA GLU G 56 -4.49 -18.67 -47.57
C GLU G 56 -4.73 -19.95 -46.76
N THR G 57 -5.00 -19.79 -45.47
CA THR G 57 -5.27 -20.93 -44.60
C THR G 57 -6.39 -20.59 -43.63
N LYS G 58 -7.42 -19.90 -44.13
CA LYS G 58 -8.54 -19.51 -43.30
C LYS G 58 -9.40 -20.70 -42.90
N ASN G 59 -10.25 -20.50 -41.91
CA ASN G 59 -11.17 -21.54 -41.45
C ASN G 59 -12.57 -21.34 -42.06
N LEU G 60 -13.12 -22.41 -42.65
CA LEU G 60 -14.43 -22.35 -43.28
C LEU G 60 -15.48 -23.15 -42.51
N ASP G 61 -16.67 -22.55 -42.35
CA ASP G 61 -17.79 -23.23 -41.69
C ASP G 61 -17.48 -23.63 -40.25
N LYS G 71 -18.36 -27.31 -30.22
CA LYS G 71 -17.10 -27.61 -29.56
C LYS G 71 -15.99 -26.66 -30.00
N GLU G 72 -15.41 -25.95 -29.03
CA GLU G 72 -14.32 -25.00 -29.31
C GLU G 72 -13.40 -24.85 -28.10
N LEU G 73 -12.11 -24.74 -28.36
CA LEU G 73 -11.12 -24.58 -27.29
C LEU G 73 -10.70 -23.12 -27.12
N ILE G 74 -10.77 -22.63 -25.88
CA ILE G 74 -10.42 -21.24 -25.58
C ILE G 74 -9.34 -21.14 -24.50
N VAL G 75 -8.27 -20.42 -24.81
CA VAL G 75 -7.15 -20.26 -23.89
C VAL G 75 -6.91 -18.79 -23.57
N ALA G 76 -6.79 -18.47 -22.28
CA ALA G 76 -6.55 -17.10 -21.85
C ALA G 76 -5.21 -16.97 -21.14
N ILE G 77 -4.34 -16.13 -21.70
CA ILE G 77 -3.01 -15.91 -21.14
C ILE G 77 -3.03 -14.82 -20.07
N THR G 78 -2.77 -15.22 -18.82
CA THR G 78 -2.73 -14.26 -17.73
C THR G 78 -1.63 -14.64 -16.75
N SER G 79 -1.47 -13.82 -15.72
CA SER G 79 -0.52 -14.14 -14.67
C SER G 79 -1.24 -14.62 -13.42
N ASP G 80 -0.50 -14.70 -12.32
CA ASP G 80 -1.05 -15.14 -11.04
C ASP G 80 -0.87 -14.08 -9.96
N LYS G 81 0.03 -13.14 -10.21
CA LYS G 81 0.27 -12.03 -9.29
C LYS G 81 -0.80 -10.96 -9.44
N GLY G 82 -0.90 -10.09 -8.44
CA GLY G 82 -1.84 -9.00 -8.49
C GLY G 82 -1.13 -7.68 -8.57
N LEU G 83 -1.81 -6.61 -8.15
CA LEU G 83 -1.25 -5.28 -8.19
C LEU G 83 -0.73 -4.95 -9.58
N CYS G 84 -1.57 -5.18 -10.59
CA CYS G 84 -1.18 -4.91 -11.96
C CYS G 84 -2.19 -4.02 -12.68
N GLY G 85 -3.11 -3.44 -11.91
CA GLY G 85 -4.12 -2.57 -12.47
C GLY G 85 -5.36 -3.33 -12.92
N SER G 86 -5.80 -3.07 -14.14
CA SER G 86 -6.98 -3.72 -14.70
C SER G 86 -6.63 -4.71 -15.81
N ILE G 87 -5.89 -5.75 -15.46
CA ILE G 87 -5.48 -6.75 -16.44
C ILE G 87 -6.27 -8.04 -16.29
N HIS G 88 -6.66 -8.35 -15.06
CA HIS G 88 -7.47 -9.54 -14.81
C HIS G 88 -8.95 -9.25 -14.95
N SER G 89 -9.29 -7.99 -15.22
CA SER G 89 -10.68 -7.58 -15.40
C SER G 89 -10.99 -7.35 -16.87
N GLN G 90 -10.03 -6.76 -17.57
CA GLN G 90 -10.20 -6.45 -18.99
C GLN G 90 -10.27 -7.72 -19.83
N LEU G 91 -9.39 -8.67 -19.53
CA LEU G 91 -9.34 -9.94 -20.25
C LEU G 91 -10.53 -10.82 -19.88
N ALA G 92 -10.89 -10.81 -18.61
CA ALA G 92 -12.02 -11.58 -18.11
C ALA G 92 -13.34 -11.03 -18.66
N LYS G 93 -13.27 -9.87 -19.29
CA LYS G 93 -14.45 -9.24 -19.89
C LYS G 93 -14.54 -9.56 -21.37
N ALA G 94 -13.38 -9.62 -22.03
CA ALA G 94 -13.33 -9.96 -23.45
C ALA G 94 -13.78 -11.41 -23.66
N VAL G 95 -13.17 -12.33 -22.92
CA VAL G 95 -13.55 -13.74 -22.99
C VAL G 95 -15.03 -13.93 -22.66
N ARG G 96 -15.56 -13.04 -21.83
CA ARG G 96 -16.95 -13.12 -21.40
C ARG G 96 -17.90 -12.84 -22.56
N ARG G 97 -17.52 -11.89 -23.40
CA ARG G 97 -18.34 -11.51 -24.55
C ARG G 97 -18.33 -12.63 -25.60
N HIS G 98 -17.15 -13.13 -25.91
CA HIS G 98 -16.98 -14.22 -26.88
C HIS G 98 -17.61 -15.51 -26.35
N LEU G 99 -17.85 -15.56 -25.04
CA LEU G 99 -18.45 -16.74 -24.43
C LEU G 99 -19.97 -16.74 -24.60
N ASN G 100 -20.56 -15.56 -24.79
CA ASN G 100 -22.00 -15.43 -24.97
C ASN G 100 -22.48 -15.95 -26.31
N ASP G 101 -21.57 -15.98 -27.29
CA ASP G 101 -21.90 -16.46 -28.63
C ASP G 101 -21.79 -17.98 -28.73
N GLN G 102 -20.81 -18.56 -28.03
CA GLN G 102 -20.62 -20.01 -28.02
C GLN G 102 -20.36 -20.54 -26.60
N PRO G 103 -21.40 -20.55 -25.75
CA PRO G 103 -21.26 -20.95 -24.34
C PRO G 103 -20.76 -22.39 -24.19
N ASN G 104 -21.15 -23.26 -25.11
CA ASN G 104 -20.70 -24.64 -25.10
C ASN G 104 -19.18 -24.75 -25.11
N ALA G 105 -18.53 -23.85 -25.86
CA ALA G 105 -17.08 -23.87 -26.01
C ALA G 105 -16.36 -23.86 -24.67
N ASP G 106 -15.63 -24.94 -24.40
CA ASP G 106 -14.88 -25.08 -23.14
C ASP G 106 -13.67 -24.15 -23.12
N ILE G 107 -13.23 -23.78 -21.92
CA ILE G 107 -12.13 -22.84 -21.76
C ILE G 107 -11.02 -23.41 -20.89
N VAL G 108 -9.78 -23.09 -21.22
CA VAL G 108 -8.63 -23.53 -20.44
C VAL G 108 -7.70 -22.36 -20.17
N THR G 109 -7.98 -21.61 -19.12
CA THR G 109 -7.20 -20.43 -18.76
C THR G 109 -5.87 -20.79 -18.13
N ILE G 110 -4.86 -19.97 -18.40
CA ILE G 110 -3.54 -20.16 -17.83
C ILE G 110 -3.25 -19.12 -16.77
N GLY G 111 -3.65 -19.41 -15.53
CA GLY G 111 -3.45 -18.48 -14.43
C GLY G 111 -4.48 -18.64 -13.33
N ASP G 112 -4.04 -19.05 -12.15
CA ASP G 112 -4.95 -19.23 -11.02
C ASP G 112 -5.74 -17.94 -10.79
N LYS G 113 -5.14 -16.81 -11.13
CA LYS G 113 -5.77 -15.51 -10.91
C LYS G 113 -6.95 -15.28 -11.83
N ILE G 114 -6.72 -15.41 -13.14
CA ILE G 114 -7.78 -15.26 -14.12
C ILE G 114 -8.83 -16.36 -13.94
N LYS G 115 -8.38 -17.50 -13.43
CA LYS G 115 -9.27 -18.64 -13.25
C LYS G 115 -10.48 -18.23 -12.43
N MET G 116 -10.21 -17.69 -11.24
CA MET G 116 -11.26 -17.28 -10.32
C MET G 116 -12.20 -16.23 -10.94
N GLN G 117 -11.68 -15.48 -11.91
CA GLN G 117 -12.46 -14.46 -12.58
C GLN G 117 -13.62 -15.06 -13.37
N LEU G 118 -13.30 -16.11 -14.12
CA LEU G 118 -14.28 -16.77 -14.97
C LEU G 118 -14.91 -17.96 -14.23
N LEU G 119 -14.23 -18.42 -13.18
CA LEU G 119 -14.70 -19.56 -12.41
C LEU G 119 -16.00 -19.23 -11.70
N ARG G 120 -16.33 -17.93 -11.65
CA ARG G 120 -17.54 -17.48 -11.01
C ARG G 120 -18.70 -17.42 -12.01
N THR G 121 -18.39 -16.98 -13.22
CA THR G 121 -19.38 -16.85 -14.29
C THR G 121 -19.71 -18.20 -14.95
N HIS G 122 -18.69 -18.98 -15.26
CA HIS G 122 -18.87 -20.26 -15.92
C HIS G 122 -17.86 -21.30 -15.41
N PRO G 123 -18.14 -21.89 -14.22
CA PRO G 123 -17.23 -22.84 -13.58
C PRO G 123 -17.25 -24.19 -14.29
N ASN G 124 -18.08 -24.29 -15.32
CA ASN G 124 -18.20 -25.51 -16.11
C ASN G 124 -17.12 -25.55 -17.19
N ASN G 125 -17.10 -24.51 -18.02
CA ASN G 125 -16.15 -24.44 -19.13
C ASN G 125 -14.70 -24.71 -18.74
N ILE G 126 -14.33 -24.30 -17.54
CA ILE G 126 -12.97 -24.54 -17.06
C ILE G 126 -12.74 -26.03 -16.82
N LYS G 127 -11.72 -26.57 -17.46
CA LYS G 127 -11.37 -27.98 -17.32
C LYS G 127 -9.87 -28.17 -17.18
N LEU G 128 -9.14 -27.06 -17.11
CA LEU G 128 -7.70 -27.10 -16.92
C LEU G 128 -7.12 -25.72 -16.66
N SER G 129 -6.21 -25.62 -15.71
CA SER G 129 -5.56 -24.35 -15.40
C SER G 129 -4.07 -24.51 -15.12
N ILE G 130 -3.32 -23.43 -15.29
CA ILE G 130 -1.88 -23.44 -15.08
C ILE G 130 -1.48 -22.43 -14.00
N ASN G 131 -0.44 -22.73 -13.24
CA ASN G 131 0.04 -21.83 -12.20
C ASN G 131 1.57 -21.76 -12.16
N GLY G 132 2.10 -20.56 -11.91
CA GLY G 132 3.53 -20.38 -11.75
C GLY G 132 4.23 -19.93 -13.01
N ILE G 133 3.69 -18.88 -13.63
CA ILE G 133 4.23 -18.37 -14.88
C ILE G 133 4.49 -16.87 -14.81
N GLY G 134 3.69 -16.18 -14.01
CA GLY G 134 3.83 -14.74 -13.86
C GLY G 134 5.19 -14.34 -13.31
N LYS G 135 5.94 -15.34 -12.82
CA LYS G 135 7.21 -15.09 -12.16
C LYS G 135 8.22 -14.36 -13.06
N ASP G 136 8.81 -15.08 -14.01
CA ASP G 136 9.76 -14.49 -14.95
C ASP G 136 9.25 -14.60 -16.39
N ALA G 137 10.06 -14.17 -17.36
CA ALA G 137 9.66 -14.23 -18.78
C ALA G 137 9.60 -15.66 -19.30
N PRO G 138 8.51 -16.00 -20.02
CA PRO G 138 8.32 -17.36 -20.53
C PRO G 138 9.32 -17.70 -21.64
N THR G 139 9.63 -18.99 -21.78
CA THR G 139 10.48 -19.45 -22.88
C THR G 139 9.81 -20.58 -23.65
N PHE G 140 10.35 -20.91 -24.83
CA PHE G 140 9.78 -21.97 -25.65
C PHE G 140 9.85 -23.31 -24.93
N GLN G 141 10.85 -23.46 -24.05
CA GLN G 141 11.00 -24.68 -23.28
C GLN G 141 9.74 -24.94 -22.45
N GLU G 142 9.19 -23.87 -21.88
CA GLU G 142 8.02 -23.98 -21.03
C GLU G 142 6.74 -23.93 -21.87
N SER G 143 6.76 -23.09 -22.90
CA SER G 143 5.61 -22.91 -23.77
C SER G 143 5.23 -24.19 -24.51
N ALA G 144 6.22 -24.86 -25.08
CA ALA G 144 5.98 -26.10 -25.83
C ALA G 144 5.47 -27.21 -24.92
N LEU G 145 5.87 -27.15 -23.65
CA LEU G 145 5.49 -28.14 -22.65
C LEU G 145 4.02 -27.99 -22.26
N ILE G 146 3.57 -26.74 -22.16
CA ILE G 146 2.18 -26.44 -21.83
C ILE G 146 1.26 -26.86 -22.96
N ALA G 147 1.65 -26.51 -24.19
CA ALA G 147 0.90 -26.86 -25.38
C ALA G 147 0.82 -28.38 -25.53
N ASP G 148 1.76 -29.08 -24.92
CA ASP G 148 1.84 -30.53 -25.01
C ASP G 148 0.69 -31.21 -24.26
N LYS G 149 0.35 -30.68 -23.09
CA LYS G 149 -0.71 -31.24 -22.28
C LYS G 149 -2.08 -30.97 -22.90
N LEU G 150 -2.16 -29.90 -23.69
CA LEU G 150 -3.39 -29.54 -24.38
C LEU G 150 -3.70 -30.53 -25.49
N LEU G 151 -2.73 -31.38 -25.81
CA LEU G 151 -2.89 -32.33 -26.89
C LEU G 151 -2.95 -33.75 -26.35
N SER G 152 -2.64 -33.90 -25.07
CA SER G 152 -2.59 -35.21 -24.45
C SER G 152 -3.83 -35.49 -23.60
N VAL G 153 -4.22 -34.53 -22.77
CA VAL G 153 -5.37 -34.71 -21.90
C VAL G 153 -6.55 -33.87 -22.38
N MET G 154 -6.25 -32.84 -23.16
CA MET G 154 -7.27 -31.98 -23.72
C MET G 154 -7.68 -32.43 -25.12
N LYS G 155 -6.71 -32.90 -25.89
CA LYS G 155 -6.97 -33.36 -27.25
C LYS G 155 -7.48 -32.20 -28.12
N ALA G 156 -6.61 -31.23 -28.37
CA ALA G 156 -6.98 -30.04 -29.11
C ALA G 156 -7.02 -30.31 -30.61
N GLY G 157 -6.47 -31.44 -31.01
CA GLY G 157 -6.41 -31.82 -32.41
C GLY G 157 -7.78 -32.08 -33.01
N THR G 158 -8.74 -32.43 -32.17
CA THR G 158 -10.09 -32.73 -32.62
C THR G 158 -10.95 -31.47 -32.75
N TYR G 159 -10.70 -30.50 -31.89
CA TYR G 159 -11.44 -29.24 -31.93
C TYR G 159 -11.25 -28.55 -33.28
N PRO G 160 -12.37 -28.23 -33.95
CA PRO G 160 -12.42 -27.60 -35.27
C PRO G 160 -11.77 -26.21 -35.30
N LYS G 161 -12.03 -25.42 -34.27
CA LYS G 161 -11.48 -24.07 -34.21
C LYS G 161 -10.99 -23.76 -32.80
N ILE G 162 -9.77 -23.22 -32.69
CA ILE G 162 -9.19 -22.88 -31.40
C ILE G 162 -8.84 -21.39 -31.32
N SER G 163 -9.20 -20.76 -30.20
CA SER G 163 -8.95 -19.33 -30.03
C SER G 163 -8.04 -19.04 -28.85
N ILE G 164 -7.23 -18.00 -28.97
CA ILE G 164 -6.29 -17.61 -27.92
C ILE G 164 -6.47 -16.15 -27.53
N PHE G 165 -6.38 -15.88 -26.22
CA PHE G 165 -6.55 -14.53 -25.69
C PHE G 165 -5.31 -14.04 -24.95
N TYR G 166 -4.78 -12.91 -25.39
CA TYR G 166 -3.59 -12.32 -24.78
C TYR G 166 -3.68 -10.80 -24.82
N ASN G 167 -2.86 -10.14 -24.02
CA ASN G 167 -2.87 -8.68 -23.95
C ASN G 167 -1.75 -8.04 -24.78
N ASP G 168 -2.14 -7.34 -25.83
CA ASP G 168 -1.20 -6.68 -26.73
C ASP G 168 -0.93 -5.26 -26.25
N PRO G 169 0.30 -5.01 -25.78
CA PRO G 169 0.72 -3.69 -25.29
C PRO G 169 0.82 -2.66 -26.41
N VAL G 170 -0.18 -1.80 -26.56
CA VAL G 170 -0.12 -0.74 -27.55
C VAL G 170 0.85 0.37 -27.13
N SER G 171 0.98 0.56 -25.82
CA SER G 171 1.84 1.60 -25.26
C SER G 171 2.16 1.30 -23.79
N SER G 172 3.05 2.11 -23.21
CA SER G 172 3.44 1.95 -21.82
C SER G 172 2.35 2.46 -20.87
N LEU G 173 1.36 3.14 -21.44
CA LEU G 173 0.28 3.71 -20.65
C LEU G 173 -1.07 3.18 -21.09
N SER G 174 -1.05 2.22 -22.01
CA SER G 174 -2.27 1.61 -22.50
C SER G 174 -2.03 0.19 -23.01
N PHE G 175 -3.02 -0.67 -22.83
CA PHE G 175 -2.98 -2.04 -23.34
C PHE G 175 -4.24 -2.33 -24.14
N GLU G 176 -4.17 -3.37 -24.96
CA GLU G 176 -5.31 -3.77 -25.77
C GLU G 176 -5.42 -5.28 -25.73
N PRO G 177 -6.58 -5.79 -25.32
CA PRO G 177 -6.78 -7.25 -25.34
C PRO G 177 -6.74 -7.74 -26.79
N SER G 178 -6.06 -8.85 -27.03
CA SER G 178 -5.94 -9.38 -28.38
C SER G 178 -6.39 -10.83 -28.47
N GLU G 179 -6.87 -11.21 -29.66
CA GLU G 179 -7.30 -12.58 -29.92
C GLU G 179 -6.72 -13.02 -31.26
N LYS G 180 -6.24 -14.25 -31.33
CA LYS G 180 -5.70 -14.79 -32.58
C LYS G 180 -6.02 -16.28 -32.73
N PRO G 181 -6.67 -16.66 -33.83
CA PRO G 181 -7.07 -18.06 -34.01
C PRO G 181 -5.88 -18.98 -34.25
N ILE G 182 -6.05 -20.25 -33.92
CA ILE G 182 -5.02 -21.24 -34.17
C ILE G 182 -5.56 -22.35 -35.06
N PHE G 183 -5.28 -22.24 -36.35
CA PHE G 183 -5.74 -23.21 -37.32
C PHE G 183 -5.13 -24.58 -37.07
N ASN G 184 -5.97 -25.61 -37.08
CA ASN G 184 -5.51 -26.98 -36.84
C ASN G 184 -5.11 -27.71 -38.13
N ALA G 185 -4.70 -28.96 -38.00
CA ALA G 185 -4.28 -29.75 -39.15
C ALA G 185 -5.38 -29.79 -40.22
N LYS G 186 -6.58 -30.16 -39.80
CA LYS G 186 -7.73 -30.27 -40.71
C LYS G 186 -7.98 -28.99 -41.51
N THR G 187 -7.56 -27.84 -40.99
CA THR G 187 -7.76 -26.56 -41.67
C THR G 187 -6.61 -26.20 -42.60
N ILE G 188 -5.51 -26.94 -42.47
CA ILE G 188 -4.35 -26.75 -43.34
C ILE G 188 -4.58 -27.35 -44.73
N GLU G 189 -5.34 -28.44 -44.80
CA GLU G 189 -5.65 -29.06 -46.08
C GLU G 189 -6.60 -28.20 -46.90
N GLN G 190 -7.73 -27.84 -46.31
CA GLN G 190 -8.74 -27.05 -47.01
C GLN G 190 -8.28 -25.64 -47.33
N SER G 191 -6.98 -25.38 -47.13
CA SER G 191 -6.39 -24.08 -47.45
C SER G 191 -6.38 -23.84 -48.96
N PRO G 192 -7.15 -22.84 -49.42
CA PRO G 192 -7.25 -22.49 -50.85
C PRO G 192 -5.91 -22.46 -51.58
N SER G 193 -4.90 -21.87 -50.95
CA SER G 193 -3.58 -21.81 -51.55
C SER G 193 -2.63 -22.80 -50.86
N PHE G 194 -2.64 -24.05 -51.32
CA PHE G 194 -1.80 -25.07 -50.71
C PHE G 194 -0.99 -25.78 -51.79
N GLY G 195 -1.60 -25.93 -52.96
CA GLY G 195 -0.97 -26.61 -54.07
C GLY G 195 0.31 -25.95 -54.55
N LYS G 196 0.43 -24.65 -54.31
CA LYS G 196 1.61 -23.92 -54.73
C LYS G 196 2.87 -24.38 -53.99
N PHE G 197 2.68 -24.99 -52.83
CA PHE G 197 3.80 -25.44 -52.02
C PHE G 197 4.00 -26.95 -52.12
N GLU G 198 5.18 -27.36 -52.59
CA GLU G 198 5.50 -28.78 -52.65
C GLU G 198 5.47 -29.40 -51.26
N ILE G 199 4.94 -30.61 -51.16
CA ILE G 199 4.85 -31.32 -49.89
C ILE G 199 4.57 -32.81 -50.10
N ASP G 200 5.14 -33.64 -49.22
CA ASP G 200 5.00 -35.09 -49.33
C ASP G 200 4.06 -35.61 -48.25
N THR G 201 2.93 -36.19 -48.66
CA THR G 201 1.96 -36.71 -47.71
C THR G 201 2.45 -38.02 -47.10
N ASP G 202 3.62 -37.96 -46.48
CA ASP G 202 4.27 -39.14 -45.92
C ASP G 202 4.78 -38.87 -44.49
N ALA G 203 5.15 -37.62 -44.22
CA ALA G 203 5.72 -37.23 -42.94
C ALA G 203 4.75 -36.43 -42.06
N ASN G 204 3.46 -36.60 -42.32
CA ASN G 204 2.42 -35.90 -41.57
C ASN G 204 2.75 -34.43 -41.34
N VAL G 205 3.16 -33.76 -42.41
CA VAL G 205 3.55 -32.34 -42.33
C VAL G 205 2.46 -31.46 -41.69
N PRO G 206 1.19 -31.62 -42.11
CA PRO G 206 0.08 -30.87 -41.51
C PRO G 206 -0.12 -31.21 -40.03
N ARG G 207 0.03 -32.50 -39.70
CA ARG G 207 -0.11 -32.98 -38.34
C ARG G 207 0.94 -32.36 -37.41
N ASP G 208 2.18 -32.32 -37.88
CA ASP G 208 3.31 -31.83 -37.08
C ASP G 208 3.40 -30.32 -37.09
N LEU G 209 2.63 -29.68 -37.97
CA LEU G 209 2.61 -28.22 -38.03
C LEU G 209 1.69 -27.67 -36.95
N PHE G 210 0.60 -28.39 -36.69
CA PHE G 210 -0.34 -27.98 -35.65
C PHE G 210 0.30 -28.05 -34.27
N GLU G 211 0.93 -29.18 -33.95
CA GLU G 211 1.56 -29.37 -32.65
C GLU G 211 2.72 -28.40 -32.41
N TYR G 212 3.10 -27.67 -33.46
CA TYR G 212 4.23 -26.74 -33.36
C TYR G 212 3.74 -25.30 -33.38
N THR G 213 2.83 -25.01 -34.30
CA THR G 213 2.23 -23.70 -34.35
C THR G 213 1.57 -23.38 -33.00
N LEU G 214 0.86 -24.36 -32.44
CA LEU G 214 0.18 -24.15 -31.17
C LEU G 214 1.15 -23.78 -30.06
N ALA G 215 2.39 -24.20 -30.21
CA ALA G 215 3.41 -23.88 -29.21
C ALA G 215 3.96 -22.47 -29.38
N ASN G 216 4.36 -22.13 -30.61
CA ASN G 216 4.95 -20.81 -30.87
C ASN G 216 3.97 -19.67 -30.64
N GLN G 217 2.78 -19.78 -31.21
CA GLN G 217 1.75 -18.76 -31.06
C GLN G 217 1.46 -18.50 -29.59
N MET G 218 1.43 -19.57 -28.82
CA MET G 218 1.23 -19.47 -27.39
C MET G 218 2.41 -18.75 -26.73
N LEU G 219 3.62 -19.03 -27.19
CA LEU G 219 4.81 -18.37 -26.66
C LEU G 219 4.86 -16.89 -27.02
N THR G 220 4.37 -16.52 -28.20
CA THR G 220 4.37 -15.13 -28.59
C THR G 220 3.24 -14.38 -27.90
N ALA G 221 2.29 -15.14 -27.37
CA ALA G 221 1.17 -14.56 -26.62
C ALA G 221 1.59 -14.24 -25.19
N MET G 222 2.25 -15.19 -24.55
CA MET G 222 2.71 -14.99 -23.17
C MET G 222 3.87 -14.02 -23.09
N ALA G 223 4.86 -14.18 -23.96
CA ALA G 223 6.03 -13.31 -23.91
C ALA G 223 5.63 -11.88 -24.26
N GLN G 224 4.57 -11.74 -25.03
CA GLN G 224 4.09 -10.41 -25.40
C GLN G 224 3.11 -9.87 -24.36
N GLY G 225 2.28 -10.76 -23.83
CA GLY G 225 1.29 -10.39 -22.84
C GLY G 225 1.89 -10.25 -21.45
N TYR G 226 3.15 -10.63 -21.31
CA TYR G 226 3.91 -10.43 -20.09
C TYR G 226 4.44 -9.00 -20.08
N ALA G 227 4.92 -8.56 -21.23
CA ALA G 227 5.40 -7.19 -21.37
C ALA G 227 4.28 -6.19 -21.15
N ALA G 228 3.03 -6.66 -21.23
CA ALA G 228 1.86 -5.78 -21.06
C ALA G 228 1.43 -5.69 -19.60
N GLU G 229 1.75 -6.71 -18.81
CA GLU G 229 1.47 -6.72 -17.38
C GLU G 229 2.44 -5.79 -16.64
N ILE G 230 3.73 -6.00 -16.87
CA ILE G 230 4.74 -5.13 -16.28
C ILE G 230 4.45 -3.66 -16.59
N SER G 231 4.02 -3.40 -17.81
CA SER G 231 3.70 -2.04 -18.24
C SER G 231 2.52 -1.45 -17.48
N ALA G 232 1.50 -2.26 -17.23
CA ALA G 232 0.36 -1.80 -16.46
C ALA G 232 0.70 -1.69 -14.98
N ARG G 233 1.48 -2.65 -14.49
CA ARG G 233 1.86 -2.72 -13.09
C ARG G 233 2.81 -1.58 -12.72
N ARG G 234 3.50 -1.07 -13.73
CA ARG G 234 4.40 0.05 -13.56
C ARG G 234 3.61 1.34 -13.48
N ASN G 235 2.42 1.33 -14.09
CA ASN G 235 1.51 2.46 -14.00
C ASN G 235 0.69 2.39 -12.71
N ALA G 236 0.33 1.18 -12.32
CA ALA G 236 -0.48 0.98 -11.12
C ALA G 236 0.23 1.53 -9.88
N MET G 237 1.47 1.12 -9.70
CA MET G 237 2.24 1.51 -8.52
C MET G 237 2.76 2.94 -8.62
N ASP G 238 2.63 3.55 -9.79
CA ASP G 238 3.04 4.94 -9.95
C ASP G 238 2.00 5.88 -9.34
N ASN G 239 0.73 5.60 -9.62
CA ASN G 239 -0.39 6.38 -9.08
C ASN G 239 -0.61 6.07 -7.59
N ALA G 240 -0.32 4.84 -7.20
CA ALA G 240 -0.43 4.44 -5.80
C ALA G 240 0.51 5.24 -4.92
N SER G 241 1.75 5.44 -5.39
CA SER G 241 2.73 6.24 -4.67
C SER G 241 2.31 7.72 -4.64
N LYS G 242 1.61 8.16 -5.68
CA LYS G 242 1.14 9.53 -5.78
C LYS G 242 -0.05 9.80 -4.86
N ASN G 243 -0.97 8.85 -4.79
CA ASN G 243 -2.13 8.96 -3.90
C ASN G 243 -1.71 8.74 -2.44
N ALA G 244 -1.01 7.65 -2.20
CA ALA G 244 -0.52 7.34 -0.85
C ALA G 244 0.44 8.41 -0.37
N GLY G 245 1.29 8.88 -1.27
CA GLY G 245 2.22 9.96 -0.96
C GLY G 245 1.47 11.22 -0.58
N ASP G 246 0.50 11.60 -1.40
CA ASP G 246 -0.29 12.82 -1.16
C ASP G 246 -1.20 12.66 0.04
N MET G 247 -1.58 11.43 0.34
CA MET G 247 -2.35 11.15 1.54
C MET G 247 -1.52 11.44 2.79
N ILE G 248 -0.21 11.25 2.68
CA ILE G 248 0.70 11.53 3.81
C ILE G 248 0.76 13.01 4.12
N ASN G 249 0.72 13.83 3.08
CA ASN G 249 0.75 15.29 3.23
C ASN G 249 -0.58 15.81 3.78
N ARG G 250 -1.56 14.91 3.89
CA ARG G 250 -2.85 15.27 4.46
C ARG G 250 -2.93 14.87 5.94
N TYR G 251 -2.56 13.63 6.26
CA TYR G 251 -2.53 13.18 7.65
C TYR G 251 -1.46 13.90 8.46
N SER G 252 -0.37 14.28 7.80
CA SER G 252 0.68 15.03 8.49
C SER G 252 0.16 16.36 9.02
N ILE G 253 -0.86 16.91 8.37
CA ILE G 253 -1.48 18.15 8.86
C ILE G 253 -2.37 17.85 10.06
N LEU G 254 -3.06 16.71 10.03
CA LEU G 254 -3.90 16.31 11.15
C LEU G 254 -3.05 15.95 12.36
N TYR G 255 -1.80 15.59 12.12
CA TYR G 255 -0.88 15.27 13.21
C TYR G 255 -0.43 16.54 13.93
N ASN G 256 -0.49 17.67 13.23
CA ASN G 256 -0.17 18.95 13.84
C ASN G 256 -1.29 19.40 14.75
N ARG G 257 -2.47 19.66 14.18
CA ARG G 257 -3.60 20.09 14.98
C ARG G 257 -3.84 19.17 16.16
N THR G 258 -3.52 17.89 16.01
CA THR G 258 -3.71 16.96 17.12
C THR G 258 -2.56 17.05 18.12
N ARG G 259 -1.37 17.41 17.63
CA ARG G 259 -0.24 17.61 18.52
C ARG G 259 -0.47 18.86 19.35
N GLN G 260 -0.83 19.95 18.68
CA GLN G 260 -1.11 21.21 19.35
C GLN G 260 -2.26 21.07 20.34
N ALA G 261 -3.26 20.29 19.99
CA ALA G 261 -4.39 20.12 20.89
C ALA G 261 -3.96 19.49 22.22
N VAL G 262 -3.08 18.48 22.14
CA VAL G 262 -2.62 17.82 23.36
C VAL G 262 -1.73 18.72 24.21
N ILE G 263 -0.98 19.60 23.56
CA ILE G 263 -0.12 20.54 24.28
C ILE G 263 -0.94 21.62 24.97
N THR G 264 -2.02 22.06 24.33
CA THR G 264 -2.87 23.08 24.94
C THR G 264 -3.78 22.50 26.02
N ASN G 265 -4.29 21.29 25.81
CA ASN G 265 -5.15 20.65 26.79
C ASN G 265 -4.42 20.30 28.09
N GLU G 266 -3.22 19.73 27.97
CA GLU G 266 -2.42 19.39 29.15
C GLU G 266 -2.05 20.66 29.90
N LEU G 267 -1.98 21.77 29.18
CA LEU G 267 -1.62 23.05 29.78
C LEU G 267 -2.79 23.63 30.58
N VAL G 268 -4.01 23.34 30.15
CA VAL G 268 -5.21 23.88 30.80
C VAL G 268 -5.42 23.29 32.19
N ASP G 269 -5.13 22.01 32.36
CA ASP G 269 -5.26 21.38 33.67
C ASP G 269 -4.21 21.92 34.63
N ILE G 270 -3.03 22.21 34.09
CA ILE G 270 -1.96 22.77 34.91
C ILE G 270 -2.34 24.16 35.41
N ILE G 271 -2.97 24.95 34.55
CA ILE G 271 -3.40 26.29 34.95
C ILE G 271 -4.60 26.24 35.87
N THR G 272 -5.52 25.31 35.63
CA THR G 272 -6.73 25.19 36.45
C THR G 272 -6.42 24.69 37.86
N GLY G 273 -5.35 23.91 37.98
CA GLY G 273 -4.94 23.40 39.28
C GLY G 273 -4.23 24.45 40.12
N ALA G 274 -3.72 25.49 39.46
CA ALA G 274 -2.99 26.56 40.14
C ALA G 274 -3.85 27.79 40.37
N SER G 275 -4.88 27.97 39.54
CA SER G 275 -5.81 29.08 39.68
C SER G 275 -6.81 28.83 40.79
N SER G 276 -6.58 27.77 41.57
CA SER G 276 -7.49 27.42 42.64
C SER G 276 -7.34 28.37 43.83
N LEU G 277 -8.42 29.10 44.13
CA LEU G 277 -8.44 30.04 45.25
C LEU G 277 -9.72 29.85 46.08
N GLY G 278 -10.02 30.84 46.91
CA GLY G 278 -11.21 30.79 47.74
C GLY G 278 -12.12 31.98 47.50
N SER H 7 14.40 -8.94 -58.88
CA SER H 7 14.71 -9.56 -57.59
C SER H 7 15.84 -10.57 -57.71
N SER H 8 17.00 -10.22 -57.14
CA SER H 8 18.16 -11.11 -57.15
C SER H 8 18.45 -11.66 -55.75
N GLY H 9 18.78 -12.93 -55.68
CA GLY H 9 19.07 -13.58 -54.40
C GLY H 9 17.82 -14.03 -53.66
N LEU H 10 18.02 -14.55 -52.45
CA LEU H 10 16.91 -14.98 -51.62
C LEU H 10 17.09 -14.48 -50.18
N LYS H 11 16.05 -13.83 -49.66
CA LYS H 11 16.08 -13.29 -48.30
C LYS H 11 15.86 -14.36 -47.23
N LEU H 12 16.84 -14.52 -46.34
CA LEU H 12 16.77 -15.53 -45.29
C LEU H 12 16.30 -14.94 -43.97
N GLN H 13 15.45 -15.67 -43.27
CA GLN H 13 14.96 -15.23 -41.96
C GLN H 13 15.13 -16.31 -40.90
N PHE H 14 16.36 -16.42 -40.39
CA PHE H 14 16.67 -17.40 -39.37
C PHE H 14 16.54 -16.80 -37.96
N ALA H 15 15.47 -17.16 -37.27
CA ALA H 15 15.21 -16.62 -35.92
C ALA H 15 14.87 -17.70 -34.90
N LEU H 16 15.01 -17.35 -33.62
CA LEU H 16 14.77 -18.27 -32.52
C LEU H 16 13.92 -17.58 -31.44
N PRO H 17 13.32 -18.37 -30.53
CA PRO H 17 12.45 -17.85 -29.46
C PRO H 17 13.22 -17.05 -28.41
N HIS H 18 14.52 -16.85 -28.63
CA HIS H 18 15.36 -16.12 -27.69
C HIS H 18 16.30 -15.16 -28.39
N GLU H 19 16.61 -15.44 -29.66
CA GLU H 19 17.56 -14.63 -30.41
C GLU H 19 17.31 -14.75 -31.91
N THR H 20 17.40 -13.62 -32.62
CA THR H 20 17.24 -13.63 -34.07
C THR H 20 18.58 -13.38 -34.77
N LEU H 21 18.95 -14.28 -35.68
CA LEU H 21 20.23 -14.19 -36.38
C LEU H 21 20.11 -13.44 -37.72
N TYR H 22 19.46 -14.05 -38.70
CA TYR H 22 19.26 -13.41 -39.99
C TYR H 22 17.82 -12.92 -40.13
N SER H 23 17.65 -11.77 -40.79
CA SER H 23 16.33 -11.18 -40.99
C SER H 23 16.27 -10.33 -42.26
N GLY H 24 15.72 -10.90 -43.33
CA GLY H 24 15.68 -10.23 -44.62
C GLY H 24 17.05 -10.06 -45.22
N SER H 25 17.94 -11.02 -44.96
CA SER H 25 19.31 -10.97 -45.46
C SER H 25 19.50 -11.90 -46.67
N GLU H 26 20.15 -11.38 -47.71
CA GLU H 26 20.35 -12.15 -48.94
C GLU H 26 21.42 -13.22 -48.79
N VAL H 27 21.10 -14.43 -49.24
CA VAL H 27 22.01 -15.55 -49.10
C VAL H 27 22.22 -16.23 -50.44
N THR H 28 23.41 -16.78 -50.63
CA THR H 28 23.75 -17.48 -51.85
C THR H 28 23.22 -18.92 -51.82
N GLN H 29 23.47 -19.62 -50.72
CA GLN H 29 23.06 -21.02 -50.58
C GLN H 29 22.91 -21.44 -49.12
N VAL H 30 21.97 -22.35 -48.85
CA VAL H 30 21.76 -22.87 -47.50
C VAL H 30 21.51 -24.37 -47.50
N ASN H 31 22.01 -25.04 -46.47
CA ASN H 31 21.90 -26.49 -46.36
C ASN H 31 21.31 -26.88 -45.02
N LEU H 32 20.03 -27.25 -45.03
CA LEU H 32 19.37 -27.62 -43.78
C LEU H 32 18.67 -28.98 -43.91
N PRO H 33 18.99 -29.90 -43.00
CA PRO H 33 18.41 -31.25 -42.98
C PRO H 33 16.88 -31.28 -42.89
N ALA H 34 16.25 -32.05 -43.77
CA ALA H 34 14.79 -32.18 -43.78
C ALA H 34 14.34 -33.62 -43.54
N LYS H 35 13.08 -33.80 -43.16
CA LYS H 35 12.53 -35.13 -42.88
C LYS H 35 12.72 -36.04 -44.08
N SER H 36 12.30 -35.54 -45.24
CA SER H 36 12.47 -36.29 -46.48
C SER H 36 13.95 -36.58 -46.73
N GLY H 37 14.81 -35.66 -46.32
CA GLY H 37 16.25 -35.82 -46.50
C GLY H 37 16.94 -34.48 -46.61
N ARG H 38 18.26 -34.48 -46.73
CA ARG H 38 19.01 -33.24 -46.81
C ARG H 38 18.59 -32.40 -48.01
N ILE H 39 18.40 -31.11 -47.79
CA ILE H 39 17.92 -30.20 -48.84
C ILE H 39 18.87 -29.02 -49.02
N GLY H 40 18.85 -28.44 -50.21
CA GLY H 40 19.65 -27.25 -50.50
C GLY H 40 18.77 -26.22 -51.17
N VAL H 41 19.14 -24.95 -51.02
CA VAL H 41 18.38 -23.88 -51.63
C VAL H 41 19.33 -22.83 -52.18
N LEU H 42 18.91 -22.17 -53.25
CA LEU H 42 19.70 -21.12 -53.85
C LEU H 42 18.82 -19.90 -54.11
N ALA H 43 19.25 -19.04 -55.01
CA ALA H 43 18.51 -17.83 -55.34
C ALA H 43 17.03 -18.09 -55.63
N ASN H 44 16.72 -18.61 -56.81
CA ASN H 44 15.35 -18.95 -57.15
C ASN H 44 15.10 -20.42 -56.82
N HIS H 45 14.15 -20.69 -55.95
CA HIS H 45 13.87 -22.06 -55.58
C HIS H 45 12.36 -22.28 -55.47
N VAL H 46 11.91 -23.45 -55.87
CA VAL H 46 10.47 -23.77 -55.84
C VAL H 46 9.97 -23.79 -54.40
N PRO H 47 8.80 -23.18 -54.17
CA PRO H 47 8.18 -23.08 -52.85
C PRO H 47 7.94 -24.45 -52.22
N THR H 48 8.75 -24.81 -51.24
CA THR H 48 8.61 -26.09 -50.53
C THR H 48 8.52 -25.89 -49.00
N VAL H 49 7.66 -26.67 -48.36
CA VAL H 49 7.46 -26.60 -46.92
C VAL H 49 7.77 -27.94 -46.25
N GLU H 50 8.95 -28.04 -45.67
CA GLU H 50 9.39 -29.29 -45.06
C GLU H 50 9.73 -29.14 -43.59
N GLN H 51 9.58 -30.22 -42.83
CA GLN H 51 9.91 -30.22 -41.41
C GLN H 51 11.40 -30.44 -41.20
N LEU H 52 12.03 -29.57 -40.41
CA LEU H 52 13.45 -29.68 -40.11
C LEU H 52 13.70 -30.62 -38.94
N LEU H 53 14.67 -31.51 -39.11
CA LEU H 53 15.03 -32.46 -38.06
C LEU H 53 16.35 -32.05 -37.43
N PRO H 54 16.58 -32.46 -36.17
CA PRO H 54 17.78 -32.14 -35.40
C PRO H 54 19.08 -32.47 -36.14
N GLY H 55 19.61 -31.50 -36.89
CA GLY H 55 20.80 -31.71 -37.69
C GLY H 55 21.72 -30.50 -37.71
N VAL H 56 22.30 -30.22 -38.87
CA VAL H 56 23.24 -29.11 -39.00
C VAL H 56 22.94 -28.25 -40.22
N VAL H 57 22.85 -26.95 -40.00
CA VAL H 57 22.56 -26.00 -41.08
C VAL H 57 23.81 -25.18 -41.39
N GLU H 58 23.93 -24.73 -42.64
CA GLU H 58 25.08 -23.93 -43.03
C GLU H 58 24.67 -22.83 -44.00
N VAL H 59 24.84 -21.59 -43.58
CA VAL H 59 24.53 -20.48 -44.45
C VAL H 59 25.75 -20.13 -45.29
N MET H 60 25.57 -20.14 -46.60
CA MET H 60 26.68 -19.87 -47.49
C MET H 60 26.67 -18.42 -47.98
N GLU H 61 27.87 -17.87 -48.15
CA GLU H 61 28.03 -16.53 -48.71
C GLU H 61 29.20 -16.54 -49.69
N GLY H 62 29.30 -15.48 -50.50
CA GLY H 62 30.42 -15.35 -51.41
C GLY H 62 31.72 -15.58 -50.66
N SER H 63 31.78 -15.00 -49.46
CA SER H 63 32.88 -15.24 -48.53
C SER H 63 32.67 -16.58 -47.84
N ASN H 64 33.68 -17.03 -47.11
CA ASN H 64 33.58 -18.25 -46.33
C ASN H 64 32.25 -18.35 -45.57
N SER H 65 31.58 -19.49 -45.71
CA SER H 65 30.27 -19.69 -45.09
C SER H 65 30.37 -20.29 -43.69
N LYS H 66 29.54 -19.79 -42.79
CA LYS H 66 29.49 -20.27 -41.41
C LYS H 66 28.48 -21.39 -41.25
N LYS H 67 28.72 -22.27 -40.28
CA LYS H 67 27.88 -23.43 -40.10
C LYS H 67 27.49 -23.60 -38.62
N PHE H 68 26.18 -23.60 -38.37
CA PHE H 68 25.63 -23.71 -37.02
C PHE H 68 24.77 -24.97 -36.88
N PHE H 69 24.73 -25.54 -35.68
CA PHE H 69 23.91 -26.72 -35.42
C PHE H 69 22.50 -26.31 -35.01
N ILE H 70 21.49 -26.94 -35.61
CA ILE H 70 20.11 -26.59 -35.35
C ILE H 70 19.38 -27.64 -34.52
N SER H 71 18.43 -27.20 -33.71
CA SER H 71 17.64 -28.10 -32.87
C SER H 71 16.52 -28.76 -33.67
N GLY H 72 15.82 -27.96 -34.47
CA GLY H 72 14.74 -28.47 -35.30
C GLY H 72 13.58 -27.50 -35.42
N GLY H 73 12.70 -27.74 -36.39
CA GLY H 73 11.55 -26.89 -36.63
C GLY H 73 10.95 -27.05 -38.01
N PHE H 74 10.65 -25.93 -38.67
CA PHE H 74 10.12 -25.95 -40.04
C PHE H 74 10.92 -25.04 -40.96
N ALA H 75 10.87 -25.31 -42.26
CA ALA H 75 11.49 -24.46 -43.25
C ALA H 75 10.55 -24.27 -44.42
N THR H 76 10.32 -23.01 -44.80
CA THR H 76 9.41 -22.70 -45.88
C THR H 76 10.03 -21.70 -46.83
N VAL H 77 9.99 -22.01 -48.12
CA VAL H 77 10.51 -21.11 -49.14
C VAL H 77 9.38 -20.35 -49.80
N GLN H 78 9.22 -19.08 -49.47
CA GLN H 78 8.13 -18.29 -50.02
C GLN H 78 8.27 -18.12 -51.54
N PRO H 79 7.13 -18.06 -52.24
CA PRO H 79 7.08 -17.88 -53.70
C PRO H 79 7.96 -16.73 -54.16
N ASP H 80 7.97 -15.65 -53.37
CA ASP H 80 8.75 -14.47 -53.72
C ASP H 80 10.25 -14.64 -53.45
N SER H 81 10.71 -15.89 -53.38
CA SER H 81 12.13 -16.20 -53.15
C SER H 81 12.60 -15.77 -51.76
N GLN H 82 11.99 -16.35 -50.74
CA GLN H 82 12.27 -15.99 -49.35
C GLN H 82 12.15 -17.20 -48.43
N LEU H 83 13.30 -17.76 -48.04
CA LEU H 83 13.31 -18.91 -47.13
C LEU H 83 13.24 -18.45 -45.67
N CYS H 84 12.42 -19.14 -44.88
CA CYS H 84 12.25 -18.82 -43.46
C CYS H 84 12.55 -20.02 -42.56
N VAL H 85 13.62 -19.93 -41.77
CA VAL H 85 14.02 -20.99 -40.86
C VAL H 85 13.61 -20.71 -39.42
N THR H 86 12.86 -21.64 -38.84
CA THR H 86 12.37 -21.48 -37.47
C THR H 86 12.83 -22.65 -36.61
N ALA H 87 13.51 -22.36 -35.49
CA ALA H 87 13.95 -23.41 -34.58
C ALA H 87 13.87 -22.95 -33.12
N ILE H 88 14.47 -23.73 -32.23
CA ILE H 88 14.50 -23.39 -30.81
C ILE H 88 15.86 -22.84 -30.41
N GLU H 89 16.82 -23.73 -30.19
CA GLU H 89 18.17 -23.33 -29.81
C GLU H 89 19.13 -23.37 -30.99
N ALA H 90 20.26 -22.69 -30.86
CA ALA H 90 21.29 -22.70 -31.90
C ALA H 90 22.64 -23.07 -31.31
N PHE H 91 23.58 -23.41 -32.18
CA PHE H 91 24.91 -23.81 -31.75
C PHE H 91 25.96 -23.37 -32.78
N PRO H 92 26.99 -22.65 -32.30
CA PRO H 92 28.11 -22.16 -33.11
C PRO H 92 28.92 -23.30 -33.73
N LEU H 93 30.06 -22.96 -34.32
CA LEU H 93 30.86 -23.94 -35.05
C LEU H 93 31.17 -25.18 -34.22
N GLU H 94 32.24 -25.11 -33.44
CA GLU H 94 32.65 -26.21 -32.59
C GLU H 94 33.23 -25.66 -31.29
N SER H 95 33.64 -24.40 -31.34
CA SER H 95 34.25 -23.73 -30.20
C SER H 95 33.27 -23.60 -29.03
N PHE H 96 32.02 -24.00 -29.27
CA PHE H 96 30.98 -23.91 -28.24
C PHE H 96 30.78 -25.25 -27.55
N SER H 97 30.63 -26.32 -28.32
CA SER H 97 30.39 -27.64 -27.75
C SER H 97 31.68 -28.34 -27.36
N GLN H 98 31.60 -29.21 -26.36
CA GLN H 98 32.75 -29.97 -25.90
C GLN H 98 32.44 -31.46 -25.88
N GLU H 99 33.38 -32.26 -26.36
CA GLU H 99 33.21 -33.71 -26.40
C GLU H 99 32.97 -34.26 -24.99
N ASN H 100 33.77 -33.77 -24.04
CA ASN H 100 33.67 -34.22 -22.66
C ASN H 100 32.32 -33.92 -22.04
N ILE H 101 31.75 -32.76 -22.37
CA ILE H 101 30.49 -32.34 -21.80
C ILE H 101 29.31 -33.14 -22.39
N LYS H 102 29.55 -33.78 -23.54
CA LYS H 102 28.50 -34.54 -24.22
C LYS H 102 28.44 -35.99 -23.75
N ASN H 103 29.60 -36.63 -23.69
CA ASN H 103 29.69 -38.02 -23.26
C ASN H 103 29.06 -38.25 -21.89
N LEU H 104 29.24 -37.26 -21.00
CA LEU H 104 28.70 -37.33 -19.64
C LEU H 104 27.21 -37.67 -19.66
N LEU H 105 26.43 -36.84 -20.35
CA LEU H 105 24.98 -37.06 -20.44
C LEU H 105 24.65 -38.21 -21.41
N ALA H 106 25.39 -38.26 -22.52
CA ALA H 106 25.17 -39.26 -23.55
C ALA H 106 25.12 -40.67 -22.96
N GLU H 107 26.14 -41.01 -22.20
CA GLU H 107 26.21 -42.31 -21.54
C GLU H 107 25.04 -42.48 -20.56
N ALA H 108 24.70 -41.40 -19.86
CA ALA H 108 23.60 -41.43 -18.90
C ALA H 108 22.26 -41.69 -19.58
N LYS H 109 22.20 -41.47 -20.89
CA LYS H 109 20.98 -41.66 -21.66
C LYS H 109 20.68 -43.15 -21.84
N LYS H 110 21.72 -43.93 -22.05
CA LYS H 110 21.58 -45.37 -22.20
C LYS H 110 21.07 -45.98 -20.91
N ASN H 111 21.38 -45.32 -19.80
CA ASN H 111 20.89 -45.75 -18.50
C ASN H 111 19.46 -45.31 -18.25
N VAL H 112 18.96 -44.42 -19.09
CA VAL H 112 17.57 -43.96 -18.96
C VAL H 112 16.61 -45.01 -19.50
N SER H 113 17.06 -45.78 -20.48
CA SER H 113 16.30 -46.93 -20.95
C SER H 113 16.15 -47.92 -19.80
N SER H 114 17.18 -48.02 -18.98
CA SER H 114 17.16 -48.85 -17.77
C SER H 114 16.17 -48.30 -16.73
N SER H 115 16.07 -46.98 -16.64
CA SER H 115 15.07 -46.33 -15.78
C SER H 115 13.67 -46.57 -16.34
N ASP H 116 12.66 -46.10 -15.62
CA ASP H 116 11.26 -46.28 -16.03
C ASP H 116 10.98 -45.75 -17.44
N ALA H 117 10.19 -46.49 -18.21
CA ALA H 117 9.91 -46.18 -19.62
C ALA H 117 9.37 -44.77 -19.85
N ARG H 118 8.54 -44.29 -18.92
CA ARG H 118 8.01 -42.93 -18.99
C ARG H 118 9.11 -41.91 -19.23
N GLU H 119 10.28 -42.16 -18.64
CA GLU H 119 11.43 -41.27 -18.78
C GLU H 119 12.39 -41.76 -19.85
N ALA H 120 12.35 -43.05 -20.15
CA ALA H 120 13.21 -43.63 -21.17
C ALA H 120 12.75 -43.25 -22.57
N ALA H 121 11.49 -42.86 -22.67
CA ALA H 121 10.91 -42.47 -23.95
C ALA H 121 11.66 -41.29 -24.53
N GLU H 122 12.03 -40.36 -23.67
CA GLU H 122 12.77 -39.18 -24.09
C GLU H 122 14.25 -39.49 -24.32
N ALA H 123 14.74 -40.57 -23.74
CA ALA H 123 16.13 -40.98 -23.88
C ALA H 123 16.43 -41.40 -25.32
N ALA H 124 15.52 -42.17 -25.90
CA ALA H 124 15.65 -42.63 -27.27
C ALA H 124 15.82 -41.46 -28.22
N ILE H 125 15.13 -40.36 -27.92
CA ILE H 125 15.17 -39.18 -28.75
C ILE H 125 16.48 -38.44 -28.57
N GLN H 126 17.11 -38.63 -27.41
CA GLN H 126 18.36 -37.96 -27.11
C GLN H 126 19.51 -38.66 -27.83
N VAL H 127 19.48 -39.99 -27.81
CA VAL H 127 20.51 -40.78 -28.46
C VAL H 127 20.82 -40.22 -29.84
N GLU H 128 19.79 -40.13 -30.67
CA GLU H 128 19.92 -39.64 -32.04
C GLU H 128 20.64 -38.30 -32.09
N VAL H 129 20.07 -37.31 -31.40
CA VAL H 129 20.63 -35.96 -31.41
C VAL H 129 22.09 -35.96 -31.00
N LEU H 130 22.41 -36.77 -29.99
CA LEU H 130 23.76 -36.82 -29.46
C LEU H 130 24.76 -37.42 -30.46
N GLU H 131 24.37 -38.51 -31.10
CA GLU H 131 25.23 -39.17 -32.08
C GLU H 131 25.64 -38.21 -33.19
N ASN H 132 24.68 -37.38 -33.63
CA ASN H 132 24.93 -36.40 -34.69
C ASN H 132 25.90 -35.32 -34.24
N LEU H 133 25.96 -35.08 -32.93
CA LEU H 133 26.87 -34.10 -32.37
C LEU H 133 28.31 -34.53 -32.57
N GLN H 134 28.54 -35.84 -32.57
CA GLN H 134 29.88 -36.38 -32.72
C GLN H 134 30.41 -36.17 -34.14
N SER H 135 29.52 -36.31 -35.12
CA SER H 135 29.88 -36.15 -36.52
C SER H 135 30.20 -34.70 -36.86
N VAL H 136 29.71 -33.78 -36.03
CA VAL H 136 29.97 -32.36 -36.22
C VAL H 136 31.43 -32.04 -35.96
N LEU H 137 32.06 -32.85 -35.12
CA LEU H 137 33.47 -32.67 -34.81
C LEU H 137 34.31 -32.70 -36.09
N LYS H 138 33.95 -33.59 -37.00
CA LYS H 138 34.63 -33.73 -38.29
C LYS H 138 36.16 -33.77 -38.12
N SER I 1 11.85 -46.02 -31.33
CA SER I 1 12.21 -44.63 -31.08
C SER I 1 11.14 -43.66 -31.61
N ALA I 2 9.94 -44.18 -31.86
CA ALA I 2 8.83 -43.38 -32.35
C ALA I 2 8.47 -42.26 -31.37
N TRP I 3 8.31 -41.05 -31.89
CA TRP I 3 8.01 -39.90 -31.06
C TRP I 3 6.54 -39.53 -31.17
N ARG I 4 5.96 -39.69 -32.36
CA ARG I 4 4.56 -39.36 -32.57
C ARG I 4 3.65 -40.55 -32.27
N LYS I 5 4.26 -41.68 -31.89
CA LYS I 5 3.51 -42.87 -31.51
C LYS I 5 3.24 -42.91 -30.01
N ALA I 6 4.28 -43.16 -29.23
CA ALA I 6 4.16 -43.20 -27.77
C ALA I 6 5.09 -42.20 -27.10
N GLY I 7 5.49 -41.17 -27.83
CA GLY I 7 6.40 -40.15 -27.33
C GLY I 7 5.72 -38.88 -26.85
N ILE I 8 5.80 -37.82 -27.65
CA ILE I 8 5.17 -36.56 -27.30
C ILE I 8 4.93 -35.69 -28.54
N SER I 9 4.24 -34.57 -28.35
CA SER I 9 3.96 -33.66 -29.45
C SER I 9 5.25 -33.21 -30.13
N TYR I 10 5.13 -32.64 -31.32
CA TYR I 10 6.27 -32.15 -32.07
C TYR I 10 6.97 -31.01 -31.32
N ALA I 11 6.20 -30.29 -30.51
CA ALA I 11 6.73 -29.21 -29.68
C ALA I 11 7.69 -29.76 -28.64
N ALA I 12 7.39 -30.95 -28.14
CA ALA I 12 8.24 -31.61 -27.15
C ALA I 12 9.39 -32.34 -27.83
N TYR I 13 9.17 -32.79 -29.06
CA TYR I 13 10.20 -33.52 -29.81
C TYR I 13 11.41 -32.64 -30.06
N LEU I 14 11.17 -31.35 -30.30
CA LEU I 14 12.24 -30.40 -30.52
C LEU I 14 12.71 -29.83 -29.19
N ASN I 15 11.85 -29.94 -28.19
CA ASN I 15 12.19 -29.45 -26.86
C ASN I 15 13.33 -30.25 -26.24
N VAL I 16 13.22 -31.57 -26.28
CA VAL I 16 14.24 -32.43 -25.71
C VAL I 16 15.60 -32.18 -26.35
N ALA I 17 15.58 -31.76 -27.61
CA ALA I 17 16.81 -31.48 -28.34
C ALA I 17 17.33 -30.09 -28.02
N ALA I 18 16.43 -29.21 -27.60
CA ALA I 18 16.79 -27.85 -27.24
C ALA I 18 17.57 -27.83 -25.92
N GLN I 19 17.14 -28.64 -24.96
CA GLN I 19 17.82 -28.75 -23.67
C GLN I 19 19.10 -29.58 -23.79
N ALA I 20 19.03 -30.65 -24.57
CA ALA I 20 20.19 -31.51 -24.80
C ALA I 20 21.32 -30.72 -25.45
N ILE I 21 20.97 -29.85 -26.39
CA ILE I 21 21.95 -29.02 -27.08
C ILE I 21 22.50 -27.96 -26.13
N ARG I 22 21.60 -27.20 -25.52
CA ARG I 22 21.98 -26.15 -24.59
C ARG I 22 22.81 -26.71 -23.43
N SER I 23 22.73 -28.02 -23.22
CA SER I 23 23.45 -28.67 -22.14
C SER I 23 24.62 -29.51 -22.67
N SER I 24 24.89 -29.38 -23.96
CA SER I 24 25.96 -30.14 -24.59
C SER I 24 27.15 -29.23 -24.91
N LEU I 25 27.08 -28.00 -24.44
CA LEU I 25 28.12 -27.01 -24.71
C LEU I 25 29.07 -26.84 -23.53
N LYS I 26 29.91 -25.81 -23.60
CA LYS I 26 30.85 -25.52 -22.52
C LYS I 26 30.12 -24.95 -21.31
N THR I 27 30.63 -25.23 -20.12
CA THR I 27 30.04 -24.74 -18.90
C THR I 27 30.44 -23.30 -18.66
N GLU I 28 31.48 -22.85 -19.37
CA GLU I 28 31.98 -21.49 -19.23
C GLU I 28 31.20 -20.50 -20.07
N LEU I 29 30.80 -20.92 -21.27
CA LEU I 29 30.04 -20.06 -22.17
C LEU I 29 28.54 -20.26 -22.00
N GLN I 30 28.13 -20.66 -20.80
CA GLN I 30 26.73 -20.92 -20.53
C GLN I 30 26.11 -19.87 -19.60
N THR I 31 25.68 -18.77 -20.18
CA THR I 31 25.10 -17.67 -19.41
C THR I 31 23.92 -18.13 -18.56
N ALA I 32 23.59 -17.36 -17.54
CA ALA I 32 22.46 -17.68 -16.67
C ALA I 32 21.16 -17.57 -17.47
N SER I 33 21.24 -16.86 -18.59
CA SER I 33 20.09 -16.70 -19.48
C SER I 33 19.60 -18.06 -19.97
N VAL I 34 20.54 -18.99 -20.15
CA VAL I 34 20.20 -20.32 -20.64
C VAL I 34 19.76 -21.23 -19.50
N LEU I 35 20.34 -21.03 -18.33
CA LEU I 35 19.97 -21.82 -17.16
C LEU I 35 18.45 -21.75 -16.90
N ASN I 36 17.96 -20.55 -16.60
CA ASN I 36 16.54 -20.35 -16.31
C ASN I 36 15.67 -20.60 -17.54
N ARG I 37 16.31 -20.67 -18.71
CA ARG I 37 15.63 -20.93 -19.96
C ARG I 37 15.19 -22.39 -20.04
N SER I 38 15.81 -23.22 -19.22
CA SER I 38 15.49 -24.65 -19.16
C SER I 38 14.81 -25.00 -17.83
N GLN I 39 14.55 -23.97 -17.02
CA GLN I 39 13.91 -24.17 -15.71
C GLN I 39 12.46 -23.69 -15.70
N THR I 40 11.59 -24.45 -15.05
CA THR I 40 10.17 -24.15 -14.99
C THR I 40 9.52 -24.76 -13.75
N ASP I 41 8.63 -24.00 -13.12
CA ASP I 41 7.95 -24.47 -11.91
C ASP I 41 6.44 -24.30 -12.04
N ALA I 42 5.87 -24.79 -13.13
CA ALA I 42 4.44 -24.67 -13.36
C ALA I 42 3.72 -26.00 -13.23
N PHE I 43 2.61 -26.01 -12.48
CA PHE I 43 1.83 -27.22 -12.28
C PHE I 43 0.43 -27.07 -12.90
N TYR I 44 -0.07 -28.16 -13.48
CA TYR I 44 -1.37 -28.15 -14.13
C TYR I 44 -2.42 -28.91 -13.32
N THR I 45 -3.68 -28.51 -13.48
CA THR I 45 -4.77 -29.14 -12.75
C THR I 45 -6.02 -29.24 -13.60
N GLN I 46 -6.52 -30.45 -13.75
CA GLN I 46 -7.73 -30.67 -14.53
C GLN I 46 -8.96 -30.43 -13.66
N TYR I 47 -9.92 -29.68 -14.20
CA TYR I 47 -11.15 -29.32 -13.49
C TYR I 47 -12.37 -30.01 -14.12
N LYS I 48 -13.43 -30.15 -13.32
CA LYS I 48 -14.66 -30.78 -13.79
C LYS I 48 -15.71 -29.74 -14.19
N ASN I 49 -16.94 -30.20 -14.37
CA ASN I 49 -18.03 -29.32 -14.75
C ASN I 49 -18.62 -28.62 -13.53
N GLY I 50 -18.26 -29.13 -12.35
CA GLY I 50 -18.75 -28.55 -11.11
C GLY I 50 -17.63 -27.98 -10.25
N THR I 51 -16.78 -27.18 -10.87
CA THR I 51 -15.66 -26.54 -10.17
C THR I 51 -14.70 -27.55 -9.54
N ALA I 52 -14.98 -28.83 -9.72
CA ALA I 52 -14.15 -29.89 -9.18
C ALA I 52 -12.76 -29.86 -9.81
N ALA I 53 -11.81 -30.59 -9.23
CA ALA I 53 -10.45 -30.61 -9.76
C ALA I 53 -9.76 -31.94 -9.48
N SER I 54 -8.69 -32.22 -10.23
CA SER I 54 -7.91 -33.44 -10.06
C SER I 54 -6.65 -33.17 -9.25
N GLU I 55 -5.98 -34.22 -8.80
CA GLU I 55 -4.75 -34.08 -8.02
C GLU I 55 -3.69 -33.31 -8.79
N PRO I 56 -3.16 -32.22 -8.21
CA PRO I 56 -2.17 -31.38 -8.89
C PRO I 56 -0.92 -32.17 -9.29
N THR I 57 -0.34 -31.83 -10.45
CA THR I 57 0.85 -32.50 -10.95
C THR I 57 1.78 -31.54 -11.69
N PRO I 58 3.07 -31.89 -11.80
CA PRO I 58 4.06 -31.05 -12.49
C PRO I 58 3.99 -31.17 -14.00
N ILE I 59 4.17 -30.06 -14.70
CA ILE I 59 4.15 -30.05 -16.16
C ILE I 59 5.24 -30.95 -16.71
N MET J 1 14.69 -65.47 -107.84
CA MET J 1 14.73 -65.04 -106.45
C MET J 1 13.37 -65.20 -105.79
N GLN J 2 13.33 -65.97 -104.70
CA GLN J 2 12.09 -66.21 -103.97
C GLN J 2 12.36 -66.40 -102.48
N LEU J 3 13.36 -67.20 -102.16
CA LEU J 3 13.72 -67.48 -100.78
C LEU J 3 14.30 -66.25 -100.09
N VAL J 4 15.11 -65.48 -100.83
CA VAL J 4 15.70 -64.26 -100.31
C VAL J 4 14.71 -63.10 -100.28
N LEU J 5 13.73 -63.13 -101.17
CA LEU J 5 12.69 -62.11 -101.22
C LEU J 5 11.78 -62.21 -99.99
N ALA J 6 11.50 -63.44 -99.57
CA ALA J 6 10.64 -63.68 -98.42
C ALA J 6 11.25 -63.13 -97.13
N ALA J 7 12.57 -63.12 -97.07
CA ALA J 7 13.29 -62.63 -95.90
C ALA J 7 13.21 -61.11 -95.81
N LYS J 8 12.82 -60.47 -96.90
CA LYS J 8 12.69 -59.01 -96.94
C LYS J 8 11.46 -58.56 -96.14
N TYR J 9 10.42 -59.40 -96.13
CA TYR J 9 9.20 -59.07 -95.41
C TYR J 9 9.31 -59.45 -93.93
N ILE J 10 9.98 -60.56 -93.66
CA ILE J 10 10.16 -61.02 -92.28
C ILE J 10 11.05 -60.06 -91.49
N GLY J 11 12.08 -59.54 -92.15
CA GLY J 11 13.00 -58.60 -91.53
C GLY J 11 12.42 -57.22 -91.36
N ALA J 12 11.40 -56.90 -92.16
CA ALA J 12 10.76 -55.59 -92.10
C ALA J 12 9.77 -55.50 -90.94
N GLY J 13 9.15 -56.63 -90.60
CA GLY J 13 8.18 -56.67 -89.52
C GLY J 13 8.85 -56.72 -88.16
N ILE J 14 10.13 -57.05 -88.14
CA ILE J 14 10.89 -57.10 -86.89
C ILE J 14 11.55 -55.76 -86.58
N SER J 15 11.87 -55.01 -87.63
CA SER J 15 12.52 -53.72 -87.44
C SER J 15 11.55 -52.67 -86.88
N THR J 16 10.26 -53.04 -86.82
CA THR J 16 9.25 -52.16 -86.24
C THR J 16 9.25 -52.27 -84.71
N ILE J 17 9.79 -53.37 -84.20
CA ILE J 17 9.88 -53.58 -82.75
C ILE J 17 10.83 -52.57 -82.11
N GLY J 18 11.81 -52.11 -82.88
CA GLY J 18 12.77 -51.14 -82.40
C GLY J 18 12.19 -49.75 -82.24
N LEU J 19 10.94 -49.57 -82.63
CA LEU J 19 10.28 -48.28 -82.55
C LEU J 19 9.58 -48.07 -81.21
N LEU J 20 9.71 -49.05 -80.32
CA LEU J 20 9.14 -48.93 -78.99
C LEU J 20 9.86 -47.87 -78.18
N GLY J 21 11.13 -47.66 -78.50
CA GLY J 21 11.95 -46.69 -77.79
C GLY J 21 11.44 -45.27 -77.98
N ALA J 22 10.73 -45.05 -79.08
CA ALA J 22 10.20 -43.73 -79.38
C ALA J 22 8.81 -43.53 -78.80
N GLY J 23 8.09 -44.64 -78.63
CA GLY J 23 6.74 -44.59 -78.07
C GLY J 23 6.77 -44.35 -76.59
N ILE J 24 7.53 -45.18 -75.87
CA ILE J 24 7.64 -45.07 -74.44
C ILE J 24 8.67 -44.02 -74.04
N GLY J 25 9.72 -43.90 -74.84
CA GLY J 25 10.78 -42.93 -74.58
C GLY J 25 10.26 -41.50 -74.57
N ILE J 26 9.73 -41.05 -75.71
CA ILE J 26 9.21 -39.70 -75.82
C ILE J 26 8.10 -39.47 -74.80
N ALA J 27 7.42 -40.54 -74.42
CA ALA J 27 6.35 -40.46 -73.43
C ALA J 27 6.88 -39.96 -72.09
N ILE J 28 7.96 -40.57 -71.61
CA ILE J 28 8.55 -40.19 -70.33
C ILE J 28 9.10 -38.76 -70.37
N VAL J 29 9.77 -38.42 -71.46
CA VAL J 29 10.35 -37.09 -71.62
C VAL J 29 9.28 -36.01 -71.60
N PHE J 30 8.16 -36.28 -72.26
CA PHE J 30 7.06 -35.33 -72.33
C PHE J 30 6.28 -35.33 -71.02
N ALA J 31 6.20 -36.49 -70.38
CA ALA J 31 5.47 -36.64 -69.12
C ALA J 31 6.13 -35.82 -68.00
N ALA J 32 7.44 -35.68 -68.06
CA ALA J 32 8.17 -34.91 -67.05
C ALA J 32 7.81 -33.43 -67.12
N LEU J 33 7.58 -32.93 -68.33
CA LEU J 33 7.19 -31.55 -68.52
C LEU J 33 5.80 -31.30 -67.91
N ILE J 34 4.95 -32.32 -67.94
CA ILE J 34 3.61 -32.21 -67.38
C ILE J 34 3.66 -32.21 -65.85
N ASN J 35 4.52 -33.06 -65.29
CA ASN J 35 4.67 -33.17 -63.85
C ASN J 35 5.60 -32.09 -63.28
N GLY J 36 6.19 -31.29 -64.18
CA GLY J 36 7.07 -30.22 -63.77
C GLY J 36 6.36 -28.88 -63.63
N VAL J 37 5.47 -28.58 -64.57
CA VAL J 37 4.74 -27.31 -64.56
C VAL J 37 3.57 -27.32 -63.59
N SER J 38 3.13 -28.51 -63.20
CA SER J 38 2.01 -28.65 -62.28
C SER J 38 2.47 -28.44 -60.84
N ARG J 39 3.79 -28.42 -60.65
CA ARG J 39 4.36 -28.25 -59.32
C ARG J 39 5.16 -26.95 -59.26
N ASN J 40 5.33 -26.32 -60.41
CA ASN J 40 6.09 -25.08 -60.49
C ASN J 40 5.63 -24.22 -61.66
N PRO J 41 4.41 -23.67 -61.56
CA PRO J 41 3.81 -22.91 -62.65
C PRO J 41 4.67 -21.73 -63.09
N SER J 42 5.60 -21.33 -62.23
CA SER J 42 6.47 -20.20 -62.53
C SER J 42 7.25 -20.45 -63.81
N ILE J 43 8.15 -21.41 -63.77
CA ILE J 43 9.02 -21.72 -64.89
C ILE J 43 8.28 -22.47 -66.00
N LYS J 44 8.31 -21.91 -67.21
CA LYS J 44 7.62 -22.49 -68.35
C LYS J 44 8.46 -22.32 -69.62
N ASP J 45 8.82 -21.07 -69.91
CA ASP J 45 9.61 -20.77 -71.09
C ASP J 45 11.07 -21.16 -70.90
N THR J 46 11.33 -22.04 -69.95
CA THR J 46 12.68 -22.55 -69.70
C THR J 46 12.75 -24.06 -69.83
N VAL J 47 11.70 -24.75 -69.38
CA VAL J 47 11.65 -26.21 -69.45
C VAL J 47 10.98 -26.67 -70.75
N PHE J 48 10.08 -25.85 -71.28
CA PHE J 48 9.38 -26.16 -72.53
C PHE J 48 10.34 -26.27 -73.72
N PRO J 49 11.26 -25.30 -73.87
CA PRO J 49 12.19 -25.33 -75.00
C PRO J 49 13.13 -26.54 -74.93
N MET J 50 13.68 -26.82 -73.76
CA MET J 50 14.57 -27.95 -73.60
C MET J 50 13.81 -29.28 -73.76
N ALA J 51 12.54 -29.29 -73.38
CA ALA J 51 11.70 -30.47 -73.54
C ALA J 51 11.61 -30.89 -74.99
N ILE J 52 11.49 -29.92 -75.89
CA ILE J 52 11.45 -30.18 -77.32
C ILE J 52 12.78 -30.75 -77.80
N LEU J 53 13.88 -30.30 -77.20
CA LEU J 53 15.21 -30.79 -77.55
C LEU J 53 15.32 -32.28 -77.27
N GLY J 54 14.72 -32.72 -76.17
CA GLY J 54 14.72 -34.12 -75.80
C GLY J 54 13.89 -34.95 -76.76
N PHE J 55 12.94 -34.30 -77.42
CA PHE J 55 12.09 -34.97 -78.40
C PHE J 55 12.91 -35.48 -79.59
N ALA J 56 13.69 -34.59 -80.20
CA ALA J 56 14.52 -34.95 -81.34
C ALA J 56 15.56 -36.01 -80.99
N LEU J 57 15.97 -36.05 -79.72
CA LEU J 57 16.95 -37.02 -79.26
C LEU J 57 16.33 -38.41 -79.16
N SER J 58 15.09 -38.45 -78.70
CA SER J 58 14.37 -39.72 -78.56
C SER J 58 13.69 -40.11 -79.86
N GLU J 59 13.51 -39.15 -80.75
CA GLU J 59 12.91 -39.40 -82.05
C GLU J 59 13.89 -40.12 -82.95
N ALA J 60 15.17 -40.10 -82.58
CA ALA J 60 16.21 -40.77 -83.35
C ALA J 60 15.89 -42.25 -83.52
N THR J 61 15.65 -42.93 -82.41
CA THR J 61 15.34 -44.36 -82.42
C THR J 61 14.08 -44.65 -83.24
N GLY J 62 13.24 -43.63 -83.42
CA GLY J 62 12.01 -43.78 -84.18
C GLY J 62 12.18 -43.45 -85.65
N LEU J 63 13.39 -43.04 -86.01
CA LEU J 63 13.71 -42.74 -87.41
C LEU J 63 14.61 -43.82 -88.01
N PHE J 64 15.65 -44.19 -87.28
CA PHE J 64 16.57 -45.22 -87.75
C PHE J 64 15.82 -46.53 -88.01
N CYS J 65 15.12 -47.03 -87.00
CA CYS J 65 14.36 -48.27 -87.13
C CYS J 65 13.24 -48.14 -88.15
N LEU J 66 12.85 -46.90 -88.42
CA LEU J 66 11.80 -46.62 -89.41
C LEU J 66 12.36 -46.73 -90.82
N MET J 67 13.61 -46.31 -90.99
CA MET J 67 14.26 -46.37 -92.30
C MET J 67 14.63 -47.79 -92.67
N VAL J 68 14.90 -48.61 -91.66
CA VAL J 68 15.27 -50.00 -91.89
C VAL J 68 14.14 -50.78 -92.55
N SER J 69 12.90 -50.41 -92.22
CA SER J 69 11.75 -51.09 -92.81
C SER J 69 11.58 -50.74 -94.29
N PHE J 70 11.90 -49.50 -94.65
CA PHE J 70 11.82 -49.07 -96.04
C PHE J 70 12.95 -49.65 -96.89
N LEU J 71 14.07 -49.96 -96.24
CA LEU J 71 15.22 -50.57 -96.93
C LEU J 71 15.03 -52.07 -97.10
N LEU J 72 13.82 -52.55 -96.81
CA LEU J 72 13.50 -53.96 -96.95
C LEU J 72 12.20 -54.15 -97.72
N LEU J 73 11.49 -53.05 -97.94
CA LEU J 73 10.22 -53.08 -98.66
C LEU J 73 10.29 -52.25 -99.93
N PHE J 74 10.78 -51.03 -99.81
CA PHE J 74 10.89 -50.12 -100.94
C PHE J 74 12.35 -49.78 -101.24
N GLY J 75 13.25 -50.57 -100.68
CA GLY J 75 14.67 -50.34 -100.86
C GLY J 75 15.42 -51.59 -101.32
N VAL J 76 16.07 -52.26 -100.39
CA VAL J 76 16.83 -53.46 -100.67
C VAL J 76 18.01 -53.21 -101.64
N MET K 1 24.97 -67.92 -104.18
CA MET K 1 24.59 -67.51 -102.84
C MET K 1 23.16 -67.00 -102.81
N GLN K 2 22.34 -67.62 -101.98
CA GLN K 2 20.94 -67.23 -101.84
C GLN K 2 20.43 -67.47 -100.42
N LEU K 3 20.73 -68.62 -99.86
CA LEU K 3 20.31 -68.98 -98.52
C LEU K 3 21.02 -68.11 -97.47
N VAL K 4 22.29 -67.84 -97.69
CA VAL K 4 23.08 -67.00 -96.78
C VAL K 4 22.77 -65.52 -96.96
N LEU K 5 22.36 -65.13 -98.16
CA LEU K 5 21.99 -63.75 -98.45
C LEU K 5 20.71 -63.38 -97.72
N ALA K 6 19.77 -64.32 -97.67
CA ALA K 6 18.49 -64.08 -97.01
C ALA K 6 18.66 -63.83 -95.50
N ALA K 7 19.69 -64.43 -94.92
CA ALA K 7 19.97 -64.26 -93.49
C ALA K 7 20.53 -62.88 -93.19
N LYS K 8 20.96 -62.18 -94.24
CA LYS K 8 21.49 -60.82 -94.09
C LYS K 8 20.37 -59.83 -93.79
N TYR K 9 19.18 -60.09 -94.33
CA TYR K 9 18.04 -59.21 -94.12
C TYR K 9 17.33 -59.53 -92.79
N ILE K 10 17.27 -60.81 -92.46
CA ILE K 10 16.63 -61.25 -91.22
C ILE K 10 17.41 -60.78 -90.00
N GLY K 11 18.74 -60.82 -90.10
CA GLY K 11 19.60 -60.38 -89.02
C GLY K 11 19.65 -58.87 -88.87
N ALA K 12 19.33 -58.15 -89.94
CA ALA K 12 19.36 -56.69 -89.93
C ALA K 12 18.12 -56.11 -89.27
N GLY K 13 17.00 -56.81 -89.39
CA GLY K 13 15.74 -56.38 -88.81
C GLY K 13 15.67 -56.66 -87.33
N ILE K 14 16.55 -57.53 -86.85
CA ILE K 14 16.58 -57.88 -85.42
C ILE K 14 17.54 -56.98 -84.66
N SER K 15 18.58 -56.51 -85.36
CA SER K 15 19.57 -55.64 -84.72
C SER K 15 19.00 -54.25 -84.43
N THR K 16 17.81 -53.98 -84.94
CA THR K 16 17.13 -52.71 -84.68
C THR K 16 16.42 -52.74 -83.33
N ILE K 17 16.16 -53.95 -82.82
CA ILE K 17 15.52 -54.11 -81.52
C ILE K 17 16.44 -53.62 -80.40
N GLY K 18 17.74 -53.69 -80.64
CA GLY K 18 18.72 -53.26 -79.65
C GLY K 18 18.79 -51.75 -79.51
N LEU K 19 18.03 -51.04 -80.34
CA LEU K 19 18.03 -49.58 -80.32
C LEU K 19 17.00 -49.02 -79.35
N LEU K 20 16.29 -49.90 -78.66
CA LEU K 20 15.31 -49.48 -77.66
C LEU K 20 16.00 -48.84 -76.47
N GLY K 21 17.25 -49.26 -76.22
CA GLY K 21 18.00 -48.73 -75.10
C GLY K 21 18.30 -47.26 -75.24
N ALA K 22 18.29 -46.77 -76.48
CA ALA K 22 18.58 -45.37 -76.75
C ALA K 22 17.30 -44.54 -76.74
N GLY K 23 16.18 -45.18 -77.05
CA GLY K 23 14.90 -44.49 -77.09
C GLY K 23 14.39 -44.23 -75.69
N ILE K 24 14.32 -45.29 -74.88
CA ILE K 24 13.85 -45.18 -73.52
C ILE K 24 14.95 -44.70 -72.59
N GLY K 25 16.18 -45.11 -72.86
CA GLY K 25 17.31 -44.72 -72.06
C GLY K 25 17.52 -43.21 -72.01
N ILE K 26 17.78 -42.62 -73.18
CA ILE K 26 18.00 -41.19 -73.28
C ILE K 26 16.78 -40.43 -72.76
N ALA K 27 15.61 -41.06 -72.86
CA ALA K 27 14.37 -40.46 -72.37
C ALA K 27 14.43 -40.19 -70.87
N ILE K 28 14.82 -41.21 -70.11
CA ILE K 28 14.91 -41.09 -68.66
C ILE K 28 15.97 -40.08 -68.24
N VAL K 29 17.13 -40.12 -68.91
CA VAL K 29 18.22 -39.21 -68.59
C VAL K 29 17.83 -37.76 -68.83
N PHE K 30 17.11 -37.52 -69.92
CA PHE K 30 16.68 -36.17 -70.26
C PHE K 30 15.50 -35.77 -69.39
N ALA K 31 14.65 -36.73 -69.05
CA ALA K 31 13.48 -36.47 -68.22
C ALA K 31 13.86 -36.00 -66.81
N ALA K 32 15.01 -36.48 -66.32
CA ALA K 32 15.48 -36.10 -65.00
C ALA K 32 15.86 -34.62 -64.96
N LEU K 33 16.41 -34.13 -66.06
CA LEU K 33 16.77 -32.71 -66.16
C LEU K 33 15.51 -31.84 -66.12
N ILE K 34 14.42 -32.36 -66.66
CA ILE K 34 13.16 -31.62 -66.66
C ILE K 34 12.54 -31.58 -65.26
N ASN K 35 12.57 -32.70 -64.55
CA ASN K 35 12.01 -32.76 -63.21
C ASN K 35 12.93 -32.09 -62.19
N GLY K 36 14.23 -32.11 -62.46
CA GLY K 36 15.21 -31.50 -61.58
C GLY K 36 15.12 -29.99 -61.51
N VAL K 37 15.09 -29.36 -62.69
CA VAL K 37 15.01 -27.91 -62.77
C VAL K 37 13.60 -27.38 -62.47
N SER K 38 12.64 -28.30 -62.35
CA SER K 38 11.28 -27.93 -62.00
C SER K 38 11.18 -27.67 -60.49
N ARG K 39 12.14 -28.21 -59.76
CA ARG K 39 12.16 -28.04 -58.31
C ARG K 39 13.28 -27.10 -57.89
N ASN K 40 14.16 -26.75 -58.82
CA ASN K 40 15.25 -25.82 -58.52
C ASN K 40 15.83 -25.15 -59.75
N PRO K 41 15.09 -24.20 -60.34
CA PRO K 41 15.45 -23.55 -61.60
C PRO K 41 16.78 -22.82 -61.53
N SER K 42 17.19 -22.43 -60.32
CA SER K 42 18.46 -21.72 -60.18
C SER K 42 19.58 -22.58 -60.71
N ILE K 43 19.85 -23.71 -60.07
CA ILE K 43 20.87 -24.61 -60.61
C ILE K 43 20.45 -25.02 -61.99
N LYS K 44 21.25 -24.62 -62.96
CA LYS K 44 20.95 -24.87 -64.36
C LYS K 44 22.22 -25.14 -65.14
N ASP K 45 23.17 -24.22 -65.05
CA ASP K 45 24.44 -24.36 -65.75
C ASP K 45 25.36 -25.38 -65.07
N THR K 46 24.76 -26.25 -64.25
CA THR K 46 25.51 -27.30 -63.56
C THR K 46 24.98 -28.68 -63.91
N VAL K 47 23.66 -28.78 -64.03
CA VAL K 47 23.02 -30.05 -64.36
C VAL K 47 22.85 -30.23 -65.86
N PHE K 48 22.70 -29.11 -66.57
CA PHE K 48 22.56 -29.11 -68.03
C PHE K 48 23.77 -29.70 -68.74
N PRO K 49 24.99 -29.27 -68.35
CA PRO K 49 26.21 -29.77 -69.00
C PRO K 49 26.40 -31.26 -68.76
N MET K 50 26.21 -31.72 -67.54
CA MET K 50 26.36 -33.13 -67.21
C MET K 50 25.26 -33.96 -67.88
N ALA K 51 24.09 -33.36 -68.04
CA ALA K 51 22.97 -34.04 -68.70
C ALA K 51 23.35 -34.44 -70.13
N ILE K 52 24.05 -33.55 -70.82
CA ILE K 52 24.52 -33.83 -72.18
C ILE K 52 25.53 -34.97 -72.18
N LEU K 53 26.34 -35.04 -71.13
CA LEU K 53 27.34 -36.11 -71.00
C LEU K 53 26.66 -37.47 -70.93
N GLY K 54 25.53 -37.53 -70.25
CA GLY K 54 24.77 -38.76 -70.15
C GLY K 54 24.16 -39.16 -71.48
N PHE K 55 23.97 -38.18 -72.35
CA PHE K 55 23.43 -38.43 -73.68
C PHE K 55 24.37 -39.31 -74.51
N ALA K 56 25.64 -38.90 -74.61
CA ALA K 56 26.63 -39.64 -75.36
C ALA K 56 26.85 -41.05 -74.80
N LEU K 57 26.61 -41.21 -73.50
CA LEU K 57 26.77 -42.51 -72.86
C LEU K 57 25.64 -43.45 -73.24
N SER K 58 24.44 -42.90 -73.32
CA SER K 58 23.26 -43.69 -73.68
C SER K 58 23.10 -43.78 -75.19
N GLU K 59 23.76 -42.87 -75.91
CA GLU K 59 23.73 -42.88 -77.37
C GLU K 59 24.59 -44.02 -77.91
N ALA K 60 25.46 -44.56 -77.06
CA ALA K 60 26.32 -45.67 -77.46
C ALA K 60 25.51 -46.85 -77.97
N THR K 61 24.54 -47.29 -77.17
CA THR K 61 23.68 -48.41 -77.55
C THR K 61 22.92 -48.13 -78.84
N GLY K 62 22.75 -46.86 -79.16
CA GLY K 62 22.04 -46.45 -80.36
C GLY K 62 22.96 -46.31 -81.56
N LEU K 63 24.25 -46.50 -81.35
CA LEU K 63 25.23 -46.43 -82.42
C LEU K 63 25.73 -47.83 -82.79
N PHE K 64 26.10 -48.61 -81.78
CA PHE K 64 26.58 -49.97 -82.01
C PHE K 64 25.54 -50.81 -82.75
N CYS K 65 24.33 -50.88 -82.20
CA CYS K 65 23.25 -51.64 -82.81
C CYS K 65 22.86 -51.05 -84.17
N LEU K 66 23.19 -49.78 -84.37
CA LEU K 66 22.89 -49.10 -85.62
C LEU K 66 23.90 -49.51 -86.70
N MET K 67 25.14 -49.71 -86.29
CA MET K 67 26.20 -50.12 -87.21
C MET K 67 26.04 -51.57 -87.63
N VAL K 68 25.47 -52.38 -86.75
CA VAL K 68 25.26 -53.80 -87.03
C VAL K 68 24.30 -53.99 -88.21
N SER K 69 23.34 -53.09 -88.35
CA SER K 69 22.38 -53.18 -89.45
C SER K 69 23.03 -52.86 -90.79
N PHE K 70 23.99 -51.92 -90.79
CA PHE K 70 24.71 -51.56 -92.01
C PHE K 70 25.72 -52.63 -92.41
N LEU K 71 26.20 -53.40 -91.43
CA LEU K 71 27.13 -54.48 -91.69
C LEU K 71 26.40 -55.73 -92.17
N LEU K 72 25.12 -55.59 -92.47
CA LEU K 72 24.32 -56.71 -92.95
C LEU K 72 23.53 -56.32 -94.20
N LEU K 73 23.53 -55.02 -94.49
CA LEU K 73 22.82 -54.50 -95.66
C LEU K 73 23.78 -53.85 -96.64
N PHE K 74 24.64 -52.98 -96.13
CA PHE K 74 25.61 -52.27 -96.97
C PHE K 74 27.05 -52.65 -96.60
N GLY K 75 27.19 -53.75 -95.86
CA GLY K 75 28.49 -54.19 -95.43
C GLY K 75 28.73 -55.66 -95.75
N VAL K 76 28.57 -56.52 -94.75
CA VAL K 76 28.77 -57.96 -94.90
C VAL K 76 30.23 -58.32 -95.26
N MET L 1 30.46 -74.44 -97.32
CA MET L 1 29.78 -73.85 -96.17
C MET L 1 28.80 -72.76 -96.60
N GLN L 2 27.54 -72.93 -96.24
CA GLN L 2 26.50 -71.96 -96.59
C GLN L 2 25.42 -71.90 -95.52
N LEU L 3 24.97 -73.07 -95.07
CA LEU L 3 23.93 -73.16 -94.05
C LEU L 3 24.43 -72.66 -92.69
N VAL L 4 25.68 -72.98 -92.37
CA VAL L 4 26.31 -72.55 -91.12
C VAL L 4 26.74 -71.07 -91.18
N LEU L 5 27.05 -70.59 -92.37
CA LEU L 5 27.43 -69.20 -92.56
C LEU L 5 26.24 -68.27 -92.32
N ALA L 6 25.06 -68.71 -92.76
CA ALA L 6 23.84 -67.91 -92.60
C ALA L 6 23.48 -67.72 -91.13
N ALA L 7 23.84 -68.68 -90.29
CA ALA L 7 23.57 -68.62 -88.87
C ALA L 7 24.48 -67.61 -88.16
N LYS L 8 25.54 -67.20 -88.85
CA LYS L 8 26.46 -66.22 -88.31
C LYS L 8 25.84 -64.81 -88.31
N TYR L 9 24.98 -64.55 -89.29
CA TYR L 9 24.32 -63.26 -89.39
C TYR L 9 23.08 -63.19 -88.50
N ILE L 10 22.37 -64.31 -88.41
CA ILE L 10 21.16 -64.38 -87.58
C ILE L 10 21.50 -64.25 -86.10
N GLY L 11 22.60 -64.88 -85.69
CA GLY L 11 23.05 -64.83 -84.32
C GLY L 11 23.66 -63.50 -83.93
N ALA L 12 24.12 -62.74 -84.93
CA ALA L 12 24.75 -61.44 -84.68
C ALA L 12 23.71 -60.35 -84.45
N GLY L 13 22.55 -60.50 -85.10
CA GLY L 13 21.47 -59.54 -84.96
C GLY L 13 20.70 -59.71 -83.68
N ILE L 14 20.86 -60.87 -83.05
CA ILE L 14 20.16 -61.15 -81.79
C ILE L 14 21.03 -60.74 -80.60
N SER L 15 22.34 -60.79 -80.77
CA SER L 15 23.25 -60.43 -79.68
C SER L 15 23.24 -58.92 -79.42
N THR L 16 22.59 -58.17 -80.29
CA THR L 16 22.45 -56.72 -80.12
C THR L 16 21.31 -56.41 -79.15
N ILE L 17 20.40 -57.35 -78.97
CA ILE L 17 19.28 -57.18 -78.04
C ILE L 17 19.78 -57.11 -76.60
N GLY L 18 20.91 -57.75 -76.34
CA GLY L 18 21.50 -57.77 -75.01
C GLY L 18 22.12 -56.43 -74.62
N LEU L 19 22.12 -55.49 -75.55
CA LEU L 19 22.72 -54.18 -75.31
C LEU L 19 21.71 -53.19 -74.73
N LEU L 20 20.49 -53.65 -74.49
CA LEU L 20 19.47 -52.82 -73.89
C LEU L 20 19.81 -52.51 -72.45
N GLY L 21 20.55 -53.41 -71.81
CA GLY L 21 20.94 -53.25 -70.43
C GLY L 21 21.84 -52.05 -70.22
N ALA L 22 22.54 -51.65 -71.28
CA ALA L 22 23.46 -50.52 -71.19
C ALA L 22 22.75 -49.22 -71.55
N GLY L 23 21.70 -49.31 -72.35
CA GLY L 23 20.95 -48.14 -72.76
C GLY L 23 20.07 -47.63 -71.63
N ILE L 24 19.26 -48.54 -71.08
CA ILE L 24 18.37 -48.18 -70.00
C ILE L 24 19.08 -48.21 -68.66
N GLY L 25 20.04 -49.12 -68.52
CA GLY L 25 20.80 -49.25 -67.29
C GLY L 25 21.57 -47.99 -66.95
N ILE L 26 22.50 -47.61 -67.82
CA ILE L 26 23.30 -46.41 -67.61
C ILE L 26 22.41 -45.17 -67.48
N ALA L 27 21.24 -45.23 -68.10
CA ALA L 27 20.28 -44.14 -68.03
C ALA L 27 19.83 -43.88 -66.60
N ILE L 28 19.43 -44.94 -65.91
CA ILE L 28 18.96 -44.83 -64.53
C ILE L 28 20.07 -44.37 -63.59
N VAL L 29 21.26 -44.93 -63.78
CA VAL L 29 22.41 -44.60 -62.94
C VAL L 29 22.79 -43.13 -63.09
N PHE L 30 22.73 -42.62 -64.32
CA PHE L 30 23.07 -41.24 -64.58
C PHE L 30 21.93 -40.32 -64.17
N ALA L 31 20.69 -40.81 -64.32
CA ALA L 31 19.51 -40.04 -63.96
C ALA L 31 19.45 -39.74 -62.46
N ALA L 32 19.98 -40.66 -61.66
CA ALA L 32 20.00 -40.48 -60.21
C ALA L 32 20.90 -39.31 -59.81
N LEU L 33 22.01 -39.14 -60.53
CA LEU L 33 22.92 -38.04 -60.28
C LEU L 33 22.24 -36.70 -60.58
N ILE L 34 21.35 -36.70 -61.56
CA ILE L 34 20.62 -35.49 -61.92
C ILE L 34 19.57 -35.13 -60.87
N ASN L 35 18.88 -36.15 -60.36
CA ASN L 35 17.87 -35.94 -59.33
C ASN L 35 18.48 -35.70 -57.96
N GLY L 36 19.76 -36.07 -57.82
CA GLY L 36 20.46 -35.91 -56.57
C GLY L 36 21.02 -34.52 -56.38
N VAL L 37 21.68 -34.01 -57.41
CA VAL L 37 22.28 -32.68 -57.35
C VAL L 37 21.23 -31.56 -57.33
N SER L 38 20.02 -31.86 -57.81
CA SER L 38 18.93 -30.88 -57.83
C SER L 38 18.24 -30.84 -56.48
N ARG L 39 18.74 -31.64 -55.55
CA ARG L 39 18.15 -31.76 -54.22
C ARG L 39 19.21 -31.47 -53.16
N ASN L 40 20.48 -31.47 -53.57
CA ASN L 40 21.58 -31.25 -52.65
C ASN L 40 22.86 -30.83 -53.35
N PRO L 41 22.90 -29.58 -53.85
CA PRO L 41 24.00 -29.06 -54.65
C PRO L 41 25.34 -29.15 -53.92
N SER L 42 25.30 -29.16 -52.59
CA SER L 42 26.53 -29.23 -51.81
C SER L 42 27.35 -30.45 -52.19
N ILE L 43 26.77 -31.64 -52.02
CA ILE L 43 27.46 -32.88 -52.32
C ILE L 43 27.55 -33.12 -53.82
N LYS L 44 28.62 -32.63 -54.44
CA LYS L 44 28.83 -32.77 -55.87
C LYS L 44 30.08 -33.61 -56.15
N ASP L 45 31.21 -33.19 -55.58
CA ASP L 45 32.47 -33.89 -55.76
C ASP L 45 32.52 -35.18 -54.95
N THR L 46 31.34 -35.68 -54.55
CA THR L 46 31.25 -36.93 -53.80
C THR L 46 30.38 -37.94 -54.53
N VAL L 47 29.30 -37.47 -55.14
CA VAL L 47 28.39 -38.34 -55.88
C VAL L 47 28.79 -38.46 -57.35
N PHE L 48 29.42 -37.42 -57.87
CA PHE L 48 29.89 -37.40 -59.26
C PHE L 48 30.92 -38.48 -59.54
N PRO L 49 31.93 -38.61 -58.67
CA PRO L 49 32.98 -39.62 -58.89
C PRO L 49 32.43 -41.04 -58.83
N MET L 50 31.59 -41.32 -57.83
CA MET L 50 31.00 -42.64 -57.70
C MET L 50 30.04 -42.94 -58.85
N ALA L 51 29.38 -41.89 -59.35
CA ALA L 51 28.47 -42.02 -60.48
C ALA L 51 29.18 -42.60 -61.70
N ILE L 52 30.40 -42.12 -61.94
CA ILE L 52 31.22 -42.62 -63.04
C ILE L 52 31.58 -44.10 -62.83
N LEU L 53 31.79 -44.49 -61.58
CA LEU L 53 32.10 -45.87 -61.25
C LEU L 53 30.97 -46.80 -61.65
N GLY L 54 29.74 -46.33 -61.46
CA GLY L 54 28.57 -47.09 -61.85
C GLY L 54 28.45 -47.24 -63.35
N PHE L 55 29.05 -46.29 -64.06
CA PHE L 55 29.03 -46.33 -65.52
C PHE L 55 29.78 -47.54 -66.06
N ALA L 56 31.02 -47.73 -65.61
CA ALA L 56 31.84 -48.87 -66.04
C ALA L 56 31.21 -50.21 -65.66
N LEU L 57 30.42 -50.21 -64.59
CA LEU L 57 29.76 -51.43 -64.13
C LEU L 57 28.60 -51.79 -65.05
N SER L 58 27.88 -50.77 -65.49
CA SER L 58 26.73 -50.97 -66.38
C SER L 58 27.18 -51.04 -67.84
N GLU L 59 28.38 -50.53 -68.11
CA GLU L 59 28.93 -50.56 -69.46
C GLU L 59 29.40 -51.98 -69.80
N ALA L 60 29.53 -52.82 -68.79
CA ALA L 60 29.94 -54.21 -68.99
C ALA L 60 28.99 -54.93 -69.94
N THR L 61 27.70 -54.88 -69.64
CA THR L 61 26.70 -55.52 -70.48
C THR L 61 26.70 -54.97 -71.91
N GLY L 62 27.23 -53.75 -72.06
CA GLY L 62 27.30 -53.12 -73.37
C GLY L 62 28.58 -53.43 -74.11
N LEU L 63 29.48 -54.17 -73.45
CA LEU L 63 30.74 -54.58 -74.06
C LEU L 63 30.72 -56.05 -74.42
N PHE L 64 30.29 -56.89 -73.47
CA PHE L 64 30.21 -58.33 -73.71
C PHE L 64 29.32 -58.65 -74.90
N CYS L 65 28.08 -58.16 -74.87
CA CYS L 65 27.13 -58.39 -75.95
C CYS L 65 27.60 -57.73 -77.24
N LEU L 66 28.47 -56.74 -77.11
CA LEU L 66 29.03 -56.04 -78.27
C LEU L 66 30.11 -56.88 -78.93
N MET L 67 30.88 -57.60 -78.12
CA MET L 67 31.95 -58.45 -78.63
C MET L 67 31.39 -59.70 -79.29
N VAL L 68 30.23 -60.15 -78.82
CA VAL L 68 29.59 -61.34 -79.38
C VAL L 68 29.21 -61.13 -80.84
N SER L 69 28.84 -59.90 -81.19
CA SER L 69 28.47 -59.59 -82.57
C SER L 69 29.69 -59.64 -83.51
N PHE L 70 30.84 -59.21 -83.01
CA PHE L 70 32.07 -59.24 -83.79
C PHE L 70 32.61 -60.65 -83.95
N LEU L 71 32.30 -61.52 -82.99
CA LEU L 71 32.72 -62.91 -83.05
C LEU L 71 31.80 -63.74 -83.94
N LEU L 72 30.93 -63.06 -84.68
CA LEU L 72 30.02 -63.72 -85.59
C LEU L 72 30.04 -63.06 -86.96
N LEU L 73 30.69 -61.91 -87.03
CA LEU L 73 30.79 -61.16 -88.29
C LEU L 73 32.24 -61.03 -88.73
N PHE L 74 33.10 -60.61 -87.80
CA PHE L 74 34.52 -60.42 -88.11
C PHE L 74 35.38 -61.38 -87.29
N GLY L 75 34.75 -62.41 -86.72
CA GLY L 75 35.45 -63.37 -85.90
C GLY L 75 35.18 -64.81 -86.33
N VAL L 76 34.29 -65.47 -85.61
CA VAL L 76 33.92 -66.85 -85.89
C VAL L 76 35.11 -67.82 -85.73
N MET M 1 29.39 -82.45 -90.12
CA MET M 1 28.61 -81.59 -89.24
C MET M 1 28.44 -80.21 -89.83
N GLN M 2 27.18 -79.79 -89.99
CA GLN M 2 26.87 -78.48 -90.54
C GLN M 2 25.58 -77.92 -89.96
N LEU M 3 24.56 -78.76 -89.88
CA LEU M 3 23.26 -78.35 -89.35
C LEU M 3 23.34 -78.09 -87.84
N VAL M 4 24.12 -78.91 -87.13
CA VAL M 4 24.31 -78.75 -85.69
C VAL M 4 25.29 -77.63 -85.36
N LEU M 5 26.21 -77.36 -86.27
CA LEU M 5 27.18 -76.28 -86.10
C LEU M 5 26.49 -74.93 -86.17
N ALA M 6 25.52 -74.80 -87.08
CA ALA M 6 24.78 -73.56 -87.26
C ALA M 6 23.98 -73.18 -86.02
N ALA M 7 23.55 -74.19 -85.27
CA ALA M 7 22.78 -73.96 -84.05
C ALA M 7 23.65 -73.42 -82.92
N LYS M 8 24.97 -73.54 -83.11
CA LYS M 8 25.92 -73.04 -82.11
C LYS M 8 25.99 -71.52 -82.14
N TYR M 9 25.78 -70.94 -83.31
CA TYR M 9 25.81 -69.48 -83.45
C TYR M 9 24.46 -68.85 -83.09
N ILE M 10 23.39 -69.54 -83.43
CA ILE M 10 22.04 -69.06 -83.13
C ILE M 10 21.78 -69.05 -81.63
N GLY M 11 22.27 -70.09 -80.95
CA GLY M 11 22.11 -70.20 -79.51
C GLY M 11 23.01 -69.25 -78.73
N ALA M 12 24.09 -68.80 -79.36
CA ALA M 12 25.04 -67.89 -78.71
C ALA M 12 24.54 -66.45 -78.72
N GLY M 13 23.79 -66.10 -79.77
CA GLY M 13 23.25 -64.76 -79.89
C GLY M 13 22.03 -64.54 -79.03
N ILE M 14 21.43 -65.63 -78.56
CA ILE M 14 20.25 -65.55 -77.71
C ILE M 14 20.65 -65.52 -76.23
N SER M 15 21.78 -66.14 -75.91
CA SER M 15 22.25 -66.18 -74.53
C SER M 15 22.75 -64.82 -74.06
N THR M 16 22.87 -63.87 -75.00
CA THR M 16 23.28 -62.51 -74.68
C THR M 16 22.09 -61.70 -74.15
N ILE M 17 20.89 -62.15 -74.46
CA ILE M 17 19.67 -61.48 -74.01
C ILE M 17 19.54 -61.59 -72.48
N GLY M 18 20.10 -62.66 -71.93
CA GLY M 18 20.04 -62.87 -70.49
C GLY M 18 20.95 -61.94 -69.71
N LEU M 19 21.71 -61.12 -70.42
CA LEU M 19 22.65 -60.19 -69.79
C LEU M 19 22.00 -58.85 -69.48
N LEU M 20 20.71 -58.73 -69.78
CA LEU M 20 19.96 -57.51 -69.48
C LEU M 20 19.81 -57.34 -67.97
N GLY M 21 19.80 -58.46 -67.26
CA GLY M 21 19.62 -58.44 -65.82
C GLY M 21 20.78 -57.75 -65.12
N ALA M 22 21.94 -57.72 -65.78
CA ALA M 22 23.12 -57.10 -65.20
C ALA M 22 23.22 -55.63 -65.58
N GLY M 23 22.64 -55.29 -66.73
CA GLY M 23 22.66 -53.91 -67.20
C GLY M 23 21.70 -53.05 -66.42
N ILE M 24 20.46 -53.48 -66.34
CA ILE M 24 19.43 -52.74 -65.63
C ILE M 24 19.48 -53.04 -64.14
N GLY M 25 19.82 -54.28 -63.79
CA GLY M 25 19.92 -54.69 -62.41
C GLY M 25 20.92 -53.87 -61.62
N ILE M 26 22.20 -53.96 -62.01
CA ILE M 26 23.26 -53.23 -61.35
C ILE M 26 22.99 -51.73 -61.38
N ALA M 27 22.25 -51.29 -62.39
CA ALA M 27 21.89 -49.88 -62.52
C ALA M 27 21.06 -49.41 -61.33
N ILE M 28 20.01 -50.17 -61.00
CA ILE M 28 19.13 -49.82 -59.89
C ILE M 28 19.86 -49.87 -58.56
N VAL M 29 20.68 -50.90 -58.37
CA VAL M 29 21.43 -51.07 -57.13
C VAL M 29 22.40 -49.92 -56.91
N PHE M 30 23.05 -49.49 -57.98
CA PHE M 30 24.01 -48.39 -57.90
C PHE M 30 23.27 -47.05 -57.80
N ALA M 31 22.13 -46.96 -58.46
CA ALA M 31 21.33 -45.74 -58.45
C ALA M 31 20.81 -45.41 -57.07
N ALA M 32 20.55 -46.43 -56.26
CA ALA M 32 20.06 -46.24 -54.90
C ALA M 32 21.11 -45.57 -54.02
N LEU M 33 22.38 -45.92 -54.25
CA LEU M 33 23.48 -45.32 -53.52
C LEU M 33 23.60 -43.83 -53.85
N ILE M 34 23.25 -43.47 -55.08
CA ILE M 34 23.30 -42.07 -55.50
C ILE M 34 22.17 -41.26 -54.87
N ASN M 35 20.99 -41.88 -54.78
CA ASN M 35 19.82 -41.21 -54.20
C ASN M 35 19.80 -41.29 -52.68
N GLY M 36 20.60 -42.18 -52.11
CA GLY M 36 20.71 -42.30 -50.66
C GLY M 36 21.55 -41.20 -50.05
N VAL M 37 22.70 -40.90 -50.65
CA VAL M 37 23.60 -39.87 -50.14
C VAL M 37 23.01 -38.48 -50.28
N SER M 38 22.04 -38.34 -51.18
CA SER M 38 21.38 -37.05 -51.38
C SER M 38 20.34 -36.81 -50.29
N ARG M 39 20.00 -37.87 -49.57
CA ARG M 39 19.00 -37.81 -48.51
C ARG M 39 19.65 -37.91 -47.13
N ASN M 40 20.92 -38.32 -47.11
CA ASN M 40 21.67 -38.52 -45.87
C ASN M 40 23.17 -38.62 -46.12
N PRO M 41 23.84 -37.47 -46.32
CA PRO M 41 25.27 -37.38 -46.62
C PRO M 41 26.14 -37.92 -45.49
N SER M 42 25.55 -38.01 -44.30
CA SER M 42 26.27 -38.53 -43.14
C SER M 42 26.78 -39.94 -43.41
N ILE M 43 25.84 -40.86 -43.60
CA ILE M 43 26.16 -42.28 -43.84
C ILE M 43 26.77 -42.52 -45.22
N LYS M 44 28.08 -42.77 -45.26
CA LYS M 44 28.75 -43.03 -46.52
C LYS M 44 29.55 -44.33 -46.44
N ASP M 45 30.41 -44.42 -45.43
CA ASP M 45 31.24 -45.62 -45.24
C ASP M 45 30.41 -46.77 -44.66
N THR M 46 29.10 -46.69 -44.80
CA THR M 46 28.21 -47.76 -44.34
C THR M 46 27.36 -48.31 -45.48
N VAL M 47 26.92 -47.43 -46.38
CA VAL M 47 26.10 -47.84 -47.51
C VAL M 47 26.97 -48.17 -48.74
N PHE M 48 28.13 -47.53 -48.83
CA PHE M 48 29.06 -47.75 -49.92
C PHE M 48 29.58 -49.18 -49.96
N PRO M 49 30.01 -49.72 -48.80
CA PRO M 49 30.54 -51.09 -48.77
C PRO M 49 29.48 -52.13 -49.12
N MET M 50 28.28 -51.99 -48.56
CA MET M 50 27.19 -52.91 -48.87
C MET M 50 26.74 -52.78 -50.32
N ALA M 51 26.84 -51.57 -50.86
CA ALA M 51 26.48 -51.33 -52.25
C ALA M 51 27.31 -52.19 -53.20
N ILE M 52 28.61 -52.32 -52.89
CA ILE M 52 29.50 -53.14 -53.68
C ILE M 52 29.12 -54.62 -53.57
N LEU M 53 28.63 -55.02 -52.40
CA LEU M 53 28.19 -56.39 -52.18
C LEU M 53 27.03 -56.75 -53.11
N GLY M 54 26.14 -55.79 -53.32
CA GLY M 54 25.01 -55.98 -54.22
C GLY M 54 25.45 -56.09 -55.66
N PHE M 55 26.62 -55.53 -55.96
CA PHE M 55 27.17 -55.60 -57.30
C PHE M 55 27.50 -57.04 -57.70
N ALA M 56 28.25 -57.73 -56.86
CA ALA M 56 28.63 -59.12 -57.13
C ALA M 56 27.41 -60.04 -57.20
N LEU M 57 26.34 -59.66 -56.51
CA LEU M 57 25.12 -60.46 -56.52
C LEU M 57 24.38 -60.30 -57.85
N SER M 58 24.38 -59.08 -58.38
CA SER M 58 23.72 -58.80 -59.63
C SER M 58 24.63 -59.10 -60.81
N GLU M 59 25.93 -59.16 -60.55
CA GLU M 59 26.91 -59.48 -61.58
C GLU M 59 26.84 -60.96 -61.94
N ALA M 60 26.20 -61.75 -61.08
CA ALA M 60 26.05 -63.19 -61.31
C ALA M 60 25.35 -63.45 -62.65
N THR M 61 24.20 -62.83 -62.84
CA THR M 61 23.44 -63.00 -64.09
C THR M 61 24.24 -62.54 -65.30
N GLY M 62 25.23 -61.69 -65.08
CA GLY M 62 26.07 -61.19 -66.15
C GLY M 62 27.29 -62.05 -66.40
N LEU M 63 27.46 -63.08 -65.58
CA LEU M 63 28.56 -64.02 -65.73
C LEU M 63 28.09 -65.36 -66.28
N PHE M 64 27.01 -65.88 -65.70
CA PHE M 64 26.45 -67.15 -66.16
C PHE M 64 26.05 -67.07 -67.63
N CYS M 65 25.23 -66.10 -67.99
CA CYS M 65 24.79 -65.94 -69.37
C CYS M 65 25.96 -65.58 -70.28
N LEU M 66 27.02 -65.07 -69.69
CA LEU M 66 28.22 -64.71 -70.44
C LEU M 66 29.04 -65.96 -70.77
N MET M 67 29.05 -66.92 -69.86
CA MET M 67 29.77 -68.17 -70.05
C MET M 67 29.07 -69.07 -71.06
N VAL M 68 27.74 -68.96 -71.12
CA VAL M 68 26.95 -69.76 -72.04
C VAL M 68 27.30 -69.45 -73.49
N SER M 69 27.66 -68.20 -73.77
CA SER M 69 28.01 -67.80 -75.13
C SER M 69 29.36 -68.39 -75.54
N PHE M 70 30.29 -68.50 -74.59
CA PHE M 70 31.61 -69.08 -74.87
C PHE M 70 31.52 -70.60 -75.02
N LEU M 71 30.52 -71.21 -74.38
CA LEU M 71 30.32 -72.65 -74.49
C LEU M 71 29.59 -73.02 -75.77
N LEU M 72 29.44 -72.04 -76.66
CA LEU M 72 28.78 -72.27 -77.93
C LEU M 72 29.62 -71.74 -79.09
N LEU M 73 30.66 -70.98 -78.75
CA LEU M 73 31.55 -70.39 -79.75
C LEU M 73 32.97 -70.92 -79.60
N PHE M 74 33.48 -70.89 -78.37
CA PHE M 74 34.84 -71.35 -78.09
C PHE M 74 34.83 -72.57 -77.17
N GLY M 75 33.66 -73.19 -77.04
CA GLY M 75 33.51 -74.34 -76.16
C GLY M 75 32.87 -75.52 -76.87
N VAL M 76 31.57 -75.71 -76.64
CA VAL M 76 30.82 -76.79 -77.23
C VAL M 76 31.32 -78.19 -76.79
N MET N 1 22.82 -89.07 -84.72
CA MET N 1 22.15 -87.92 -84.09
C MET N 1 22.83 -86.62 -84.49
N GLN N 2 22.05 -85.71 -85.06
CA GLN N 2 22.56 -84.42 -85.49
C GLN N 2 21.49 -83.32 -85.37
N LEU N 3 20.28 -83.64 -85.82
CA LEU N 3 19.18 -82.69 -85.77
C LEU N 3 18.73 -82.43 -84.34
N VAL N 4 18.73 -83.48 -83.51
CA VAL N 4 18.35 -83.37 -82.11
C VAL N 4 19.47 -82.77 -81.26
N LEU N 5 20.71 -82.96 -81.70
CA LEU N 5 21.86 -82.40 -81.00
C LEU N 5 21.89 -80.88 -81.14
N ALA N 6 21.52 -80.38 -82.32
CA ALA N 6 21.51 -78.95 -82.58
C ALA N 6 20.51 -78.22 -81.70
N ALA N 7 19.43 -78.91 -81.34
CA ALA N 7 18.39 -78.32 -80.49
C ALA N 7 18.86 -78.19 -79.04
N LYS N 8 19.95 -78.87 -78.72
CA LYS N 8 20.53 -78.80 -77.38
C LYS N 8 21.21 -77.46 -77.15
N TYR N 9 21.77 -76.88 -78.20
CA TYR N 9 22.44 -75.58 -78.11
C TYR N 9 21.45 -74.42 -78.20
N ILE N 10 20.43 -74.59 -79.04
CA ILE N 10 19.41 -73.56 -79.22
C ILE N 10 18.58 -73.40 -77.94
N GLY N 11 18.28 -74.50 -77.28
CA GLY N 11 17.51 -74.48 -76.05
C GLY N 11 18.31 -73.98 -74.86
N ALA N 12 19.63 -74.08 -74.95
CA ALA N 12 20.51 -73.65 -73.85
C ALA N 12 20.70 -72.13 -73.84
N GLY N 13 20.66 -71.53 -75.02
CA GLY N 13 20.82 -70.10 -75.16
C GLY N 13 19.56 -69.34 -74.81
N ILE N 14 18.44 -70.04 -74.78
CA ILE N 14 17.15 -69.43 -74.44
C ILE N 14 16.88 -69.52 -72.94
N SER N 15 17.42 -70.56 -72.30
CA SER N 15 17.21 -70.74 -70.87
C SER N 15 17.99 -69.71 -70.05
N THR N 16 18.85 -68.95 -70.72
CA THR N 16 19.61 -67.89 -70.06
C THR N 16 18.77 -66.63 -69.92
N ILE N 17 17.72 -66.52 -70.74
CA ILE N 17 16.82 -65.38 -70.69
C ILE N 17 16.04 -65.36 -69.38
N GLY N 18 15.82 -66.54 -68.81
CA GLY N 18 15.10 -66.66 -67.55
C GLY N 18 15.90 -66.19 -66.35
N LEU N 19 17.15 -65.81 -66.58
CA LEU N 19 18.03 -65.35 -65.51
C LEU N 19 17.92 -63.85 -65.28
N LEU N 20 17.05 -63.19 -66.04
CA LEU N 20 16.82 -61.76 -65.87
C LEU N 20 16.14 -61.48 -64.53
N GLY N 21 15.37 -62.45 -64.06
CA GLY N 21 14.65 -62.31 -62.81
C GLY N 21 15.58 -62.17 -61.62
N ALA N 22 16.80 -62.67 -61.76
CA ALA N 22 17.78 -62.61 -60.69
C ALA N 22 18.63 -61.34 -60.79
N GLY N 23 18.76 -60.81 -62.00
CA GLY N 23 19.54 -59.62 -62.21
C GLY N 23 18.79 -58.38 -61.74
N ILE N 24 17.57 -58.23 -62.22
CA ILE N 24 16.74 -57.09 -61.86
C ILE N 24 16.04 -57.33 -60.53
N GLY N 25 15.67 -58.58 -60.26
CA GLY N 25 15.01 -58.93 -59.03
C GLY N 25 15.84 -58.61 -57.80
N ILE N 26 17.00 -59.25 -57.68
CA ILE N 26 17.90 -59.03 -56.55
C ILE N 26 18.30 -57.57 -56.47
N ALA N 27 18.30 -56.89 -57.60
CA ALA N 27 18.63 -55.47 -57.65
C ALA N 27 17.65 -54.64 -56.82
N ILE N 28 16.36 -54.85 -57.04
CA ILE N 28 15.32 -54.12 -56.32
C ILE N 28 15.34 -54.43 -54.83
N VAL N 29 15.52 -55.71 -54.49
CA VAL N 29 15.55 -56.15 -53.10
C VAL N 29 16.71 -55.52 -52.35
N PHE N 30 17.86 -55.45 -53.01
CA PHE N 30 19.05 -54.87 -52.40
C PHE N 30 18.97 -53.35 -52.40
N ALA N 31 18.34 -52.79 -53.43
CA ALA N 31 18.19 -51.34 -53.56
C ALA N 31 17.33 -50.76 -52.44
N ALA N 32 16.37 -51.55 -51.97
CA ALA N 32 15.48 -51.11 -50.89
C ALA N 32 16.25 -50.94 -49.58
N LEU N 33 17.23 -51.81 -49.36
CA LEU N 33 18.08 -51.72 -48.17
C LEU N 33 18.91 -50.44 -48.20
N ILE N 34 19.29 -50.00 -49.40
CA ILE N 34 20.08 -48.79 -49.55
C ILE N 34 19.23 -47.55 -49.31
N ASN N 35 17.99 -47.58 -49.80
CA ASN N 35 17.06 -46.48 -49.60
C ASN N 35 16.55 -46.43 -48.15
N GLY N 36 16.57 -47.58 -47.48
CA GLY N 36 16.14 -47.68 -46.10
C GLY N 36 17.14 -47.13 -45.10
N VAL N 37 18.40 -47.58 -45.23
CA VAL N 37 19.46 -47.15 -44.31
C VAL N 37 19.87 -45.70 -44.51
N SER N 38 19.51 -45.12 -45.65
CA SER N 38 19.80 -43.72 -45.93
C SER N 38 18.64 -42.83 -45.49
N ARG N 39 17.70 -43.44 -44.77
CA ARG N 39 16.53 -42.73 -44.27
C ARG N 39 16.31 -43.05 -42.79
N ASN N 40 16.95 -44.13 -42.34
CA ASN N 40 16.81 -44.59 -40.96
C ASN N 40 18.01 -45.42 -40.52
N PRO N 41 19.14 -44.76 -40.21
CA PRO N 41 20.39 -45.43 -39.83
C PRO N 41 20.26 -46.22 -38.53
N SER N 42 19.24 -45.92 -37.74
CA SER N 42 19.00 -46.62 -36.49
C SER N 42 18.86 -48.12 -36.74
N ILE N 43 17.78 -48.49 -37.44
CA ILE N 43 17.49 -49.88 -37.76
C ILE N 43 18.38 -50.41 -38.89
N LYS N 44 19.45 -51.11 -38.50
CA LYS N 44 20.41 -51.68 -39.41
C LYS N 44 20.50 -53.20 -39.22
N ASP N 45 20.74 -53.62 -37.99
CA ASP N 45 20.84 -55.04 -37.68
C ASP N 45 19.47 -55.71 -37.64
N THR N 46 18.49 -55.07 -38.26
CA THR N 46 17.14 -55.62 -38.35
C THR N 46 16.69 -55.80 -39.80
N VAL N 47 17.06 -54.85 -40.65
CA VAL N 47 16.70 -54.91 -42.06
C VAL N 47 17.77 -55.62 -42.89
N PHE N 48 19.01 -55.54 -42.43
CA PHE N 48 20.14 -56.19 -43.10
C PHE N 48 20.00 -57.72 -43.14
N PRO N 49 19.64 -58.34 -42.00
CA PRO N 49 19.50 -59.80 -41.97
C PRO N 49 18.36 -60.29 -42.86
N MET N 50 17.22 -59.62 -42.79
CA MET N 50 16.08 -60.00 -43.62
C MET N 50 16.36 -59.73 -45.10
N ALA N 51 17.16 -58.71 -45.38
CA ALA N 51 17.53 -58.38 -46.75
C ALA N 51 18.26 -59.55 -47.42
N ILE N 52 19.13 -60.21 -46.66
CA ILE N 52 19.85 -61.38 -47.15
C ILE N 52 18.88 -62.54 -47.42
N LEU N 53 17.84 -62.64 -46.60
CA LEU N 53 16.83 -63.68 -46.77
C LEU N 53 16.12 -63.53 -48.12
N GLY N 54 15.88 -62.29 -48.52
CA GLY N 54 15.25 -62.00 -49.80
C GLY N 54 16.16 -62.35 -50.96
N PHE N 55 17.46 -62.36 -50.70
CA PHE N 55 18.45 -62.72 -51.71
C PHE N 55 18.28 -64.16 -52.16
N ALA N 56 18.27 -65.09 -51.21
CA ALA N 56 18.11 -66.51 -51.52
C ALA N 56 16.78 -66.81 -52.19
N LEU N 57 15.78 -65.99 -51.92
CA LEU N 57 14.45 -66.17 -52.52
C LEU N 57 14.46 -65.76 -53.99
N SER N 58 15.18 -64.69 -54.28
CA SER N 58 15.28 -64.18 -55.65
C SER N 58 16.39 -64.89 -56.41
N GLU N 59 17.31 -65.51 -55.68
CA GLU N 59 18.40 -66.26 -56.29
C GLU N 59 17.89 -67.58 -56.86
N ALA N 60 16.69 -67.97 -56.44
CA ALA N 60 16.08 -69.20 -56.93
C ALA N 60 15.95 -69.19 -58.46
N THR N 61 15.34 -68.14 -58.98
CA THR N 61 15.17 -68.00 -60.43
C THR N 61 16.51 -67.99 -61.16
N GLY N 62 17.58 -67.64 -60.45
CA GLY N 62 18.91 -67.59 -61.03
C GLY N 62 19.65 -68.91 -60.91
N LEU N 63 19.02 -69.88 -60.25
CA LEU N 63 19.61 -71.21 -60.10
C LEU N 63 18.90 -72.22 -60.99
N PHE N 64 17.57 -72.22 -60.95
CA PHE N 64 16.78 -73.13 -61.77
C PHE N 64 17.11 -72.95 -63.26
N CYS N 65 16.97 -71.72 -63.75
CA CYS N 65 17.25 -71.43 -65.15
C CYS N 65 18.72 -71.65 -65.48
N LEU N 66 19.56 -71.63 -64.45
CA LEU N 66 20.99 -71.86 -64.62
C LEU N 66 21.28 -73.35 -64.80
N MET N 67 20.51 -74.18 -64.10
CA MET N 67 20.69 -75.63 -64.18
C MET N 67 20.15 -76.17 -65.50
N VAL N 68 19.15 -75.50 -66.05
CA VAL N 68 18.55 -75.91 -67.32
C VAL N 68 19.56 -75.83 -68.46
N SER N 69 20.47 -74.87 -68.39
CA SER N 69 21.49 -74.73 -69.42
C SER N 69 22.52 -75.85 -69.37
N PHE N 70 22.83 -76.32 -68.16
CA PHE N 70 23.78 -77.42 -67.99
C PHE N 70 23.16 -78.76 -68.39
N LEU N 71 21.83 -78.85 -68.28
CA LEU N 71 21.12 -80.07 -68.67
C LEU N 71 20.90 -80.13 -70.18
N LEU N 72 21.55 -79.22 -70.90
CA LEU N 72 21.44 -79.18 -72.35
C LEU N 72 22.82 -79.11 -72.99
N LEU N 73 23.84 -78.86 -72.18
CA LEU N 73 25.21 -78.76 -72.65
C LEU N 73 26.09 -79.84 -72.04
N PHE N 74 26.01 -80.00 -70.72
CA PHE N 74 26.81 -80.98 -70.01
C PHE N 74 25.92 -82.04 -69.36
N GLY N 75 24.67 -82.09 -69.78
CA GLY N 75 23.72 -83.03 -69.21
C GLY N 75 23.01 -83.85 -70.29
N VAL N 76 21.77 -83.45 -70.61
CA VAL N 76 20.96 -84.11 -71.60
C VAL N 76 20.63 -85.57 -71.20
N MET O 1 12.36 -91.84 -83.53
CA MET O 1 12.03 -90.51 -83.03
C MET O 1 13.29 -89.64 -82.95
N GLN O 2 13.26 -88.51 -83.64
CA GLN O 2 14.39 -87.58 -83.64
C GLN O 2 13.93 -86.14 -83.77
N LEU O 3 13.00 -85.90 -84.70
CA LEU O 3 12.47 -84.56 -84.94
C LEU O 3 11.63 -84.08 -83.75
N VAL O 4 10.85 -85.00 -83.17
CA VAL O 4 10.01 -84.67 -82.02
C VAL O 4 10.83 -84.60 -80.72
N LEU O 5 11.94 -85.33 -80.67
CA LEU O 5 12.82 -85.30 -79.51
C LEU O 5 13.52 -83.95 -79.40
N ALA O 6 13.91 -83.40 -80.54
CA ALA O 6 14.61 -82.12 -80.58
C ALA O 6 13.73 -80.98 -80.05
N ALA O 7 12.42 -81.11 -80.23
CA ALA O 7 11.47 -80.11 -79.77
C ALA O 7 11.32 -80.13 -78.25
N LYS O 8 11.79 -81.21 -77.63
CA LYS O 8 11.73 -81.35 -76.18
C LYS O 8 12.75 -80.43 -75.51
N TYR O 9 13.87 -80.20 -76.18
CA TYR O 9 14.92 -79.34 -75.64
C TYR O 9 14.64 -77.86 -75.93
N ILE O 10 14.08 -77.59 -77.10
CA ILE O 10 13.75 -76.22 -77.50
C ILE O 10 12.62 -75.66 -76.63
N GLY O 11 11.64 -76.51 -76.32
CA GLY O 11 10.52 -76.10 -75.49
C GLY O 11 10.89 -75.96 -74.02
N ALA O 12 11.97 -76.63 -73.60
CA ALA O 12 12.40 -76.58 -72.21
C ALA O 12 13.17 -75.31 -71.90
N GLY O 13 13.88 -74.80 -72.90
CA GLY O 13 14.66 -73.58 -72.75
C GLY O 13 13.81 -72.33 -72.80
N ILE O 14 12.59 -72.48 -73.31
CA ILE O 14 11.67 -71.34 -73.40
C ILE O 14 10.79 -71.26 -72.15
N SER O 15 10.54 -72.40 -71.52
CA SER O 15 9.70 -72.42 -70.32
C SER O 15 10.42 -71.80 -69.12
N THR O 16 11.71 -71.53 -69.28
CA THR O 16 12.50 -70.88 -68.24
C THR O 16 12.28 -69.38 -68.24
N ILE O 17 11.81 -68.85 -69.37
CA ILE O 17 11.53 -67.42 -69.51
C ILE O 17 10.36 -67.02 -68.61
N GLY O 18 9.46 -67.96 -68.35
CA GLY O 18 8.31 -67.70 -67.50
C GLY O 18 8.67 -67.59 -66.03
N LEU O 19 9.93 -67.80 -65.70
CA LEU O 19 10.39 -67.73 -64.32
C LEU O 19 10.83 -66.33 -63.93
N LEU O 20 10.71 -65.38 -64.85
CA LEU O 20 11.05 -64.00 -64.57
C LEU O 20 10.07 -63.40 -63.57
N GLY O 21 8.84 -63.92 -63.57
CA GLY O 21 7.80 -63.43 -62.70
C GLY O 21 8.13 -63.66 -61.24
N ALA O 22 8.97 -64.66 -60.98
CA ALA O 22 9.35 -64.99 -59.61
C ALA O 22 10.60 -64.22 -59.18
N GLY O 23 11.43 -63.86 -60.15
CA GLY O 23 12.65 -63.12 -59.87
C GLY O 23 12.35 -61.68 -59.55
N ILE O 24 11.62 -61.02 -60.43
CA ILE O 24 11.27 -59.62 -60.25
C ILE O 24 10.06 -59.47 -59.33
N GLY O 25 9.14 -60.43 -59.42
CA GLY O 25 7.93 -60.41 -58.60
C GLY O 25 8.24 -60.43 -57.12
N ILE O 26 8.87 -61.52 -56.66
CA ILE O 26 9.23 -61.68 -55.26
C ILE O 26 10.12 -60.53 -54.80
N ALA O 27 10.86 -59.96 -55.74
CA ALA O 27 11.75 -58.83 -55.44
C ALA O 27 10.95 -57.64 -54.94
N ILE O 28 9.91 -57.27 -55.66
CA ILE O 28 9.07 -56.12 -55.30
C ILE O 28 8.35 -56.36 -53.98
N VAL O 29 7.82 -57.57 -53.80
CA VAL O 29 7.10 -57.92 -52.58
C VAL O 29 7.99 -57.85 -51.37
N PHE O 30 9.23 -58.31 -51.51
CA PHE O 30 10.18 -58.29 -50.42
C PHE O 30 10.74 -56.89 -50.21
N ALA O 31 10.88 -56.15 -51.31
CA ALA O 31 11.42 -54.79 -51.27
C ALA O 31 10.50 -53.85 -50.49
N ALA O 32 9.20 -54.11 -50.54
CA ALA O 32 8.22 -53.30 -49.83
C ALA O 32 8.38 -53.42 -48.32
N LEU O 33 8.72 -54.63 -47.87
CA LEU O 33 8.96 -54.87 -46.46
C LEU O 33 10.18 -54.10 -45.97
N ILE O 34 11.16 -53.91 -46.86
CA ILE O 34 12.36 -53.18 -46.52
C ILE O 34 12.08 -51.67 -46.43
N ASN O 35 11.26 -51.16 -47.35
CA ASN O 35 10.90 -49.75 -47.35
C ASN O 35 9.82 -49.41 -46.32
N GLY O 36 9.19 -50.44 -45.77
CA GLY O 36 8.14 -50.26 -44.79
C GLY O 36 8.68 -50.17 -43.37
N VAL O 37 9.66 -51.01 -43.05
CA VAL O 37 10.25 -51.02 -41.72
C VAL O 37 11.24 -49.87 -41.52
N SER O 38 11.82 -49.36 -42.60
CA SER O 38 12.75 -48.24 -42.52
C SER O 38 12.00 -46.93 -42.34
N ARG O 39 10.68 -46.98 -42.48
CA ARG O 39 9.83 -45.80 -42.35
C ARG O 39 8.83 -45.98 -41.21
N ASN O 40 8.78 -47.20 -40.66
CA ASN O 40 7.88 -47.52 -39.57
C ASN O 40 8.38 -48.72 -38.76
N PRO O 41 9.41 -48.50 -37.93
CA PRO O 41 10.05 -49.57 -37.17
C PRO O 41 9.09 -50.21 -36.16
N SER O 42 8.02 -49.50 -35.83
CA SER O 42 7.07 -49.98 -34.83
C SER O 42 6.41 -51.29 -35.25
N ILE O 43 5.79 -51.28 -36.43
CA ILE O 43 5.13 -52.47 -36.96
C ILE O 43 6.13 -53.41 -37.64
N LYS O 44 6.35 -54.56 -37.02
CA LYS O 44 7.28 -55.55 -37.58
C LYS O 44 6.64 -56.92 -37.60
N ASP O 45 6.15 -57.38 -36.44
CA ASP O 45 5.52 -58.68 -36.34
C ASP O 45 4.11 -58.68 -36.93
N THR O 46 3.83 -57.70 -37.79
CA THR O 46 2.54 -57.60 -38.45
C THR O 46 2.70 -57.63 -39.97
N VAL O 47 3.75 -56.96 -40.47
CA VAL O 47 4.01 -56.91 -41.90
C VAL O 47 4.92 -58.05 -42.34
N PHE O 48 5.78 -58.50 -41.44
CA PHE O 48 6.69 -59.60 -41.71
C PHE O 48 5.97 -60.92 -42.04
N PRO O 49 4.95 -61.27 -41.23
CA PRO O 49 4.22 -62.52 -41.47
C PRO O 49 3.46 -62.50 -42.80
N MET O 50 2.78 -61.38 -43.07
CA MET O 50 2.04 -61.26 -44.32
C MET O 50 2.99 -61.20 -45.52
N ALA O 51 4.17 -60.64 -45.32
CA ALA O 51 5.17 -60.57 -46.37
C ALA O 51 5.55 -61.96 -46.88
N ILE O 52 5.67 -62.90 -45.95
CA ILE O 52 5.98 -64.29 -46.30
C ILE O 52 4.83 -64.91 -47.09
N LEU O 53 3.59 -64.52 -46.76
CA LEU O 53 2.42 -65.02 -47.47
C LEU O 53 2.46 -64.62 -48.94
N GLY O 54 2.94 -63.41 -49.20
CA GLY O 54 3.07 -62.93 -50.57
C GLY O 54 4.14 -63.68 -51.33
N PHE O 55 5.09 -64.26 -50.59
CA PHE O 55 6.16 -65.04 -51.19
C PHE O 55 5.61 -66.28 -51.88
N ALA O 56 4.83 -67.08 -51.17
CA ALA O 56 4.24 -68.30 -51.72
C ALA O 56 3.30 -68.00 -52.88
N LEU O 57 2.72 -66.82 -52.90
CA LEU O 57 1.82 -66.42 -53.98
C LEU O 57 2.60 -66.12 -55.25
N SER O 58 3.75 -65.48 -55.08
CA SER O 58 4.60 -65.12 -56.21
C SER O 58 5.53 -66.27 -56.59
N GLU O 59 5.71 -67.20 -55.66
CA GLU O 59 6.53 -68.38 -55.90
C GLU O 59 5.81 -69.35 -56.83
N ALA O 60 4.50 -69.17 -56.97
CA ALA O 60 3.70 -70.03 -57.83
C ALA O 60 4.22 -70.01 -59.26
N THR O 61 4.38 -68.82 -59.82
CA THR O 61 4.89 -68.68 -61.18
C THR O 61 6.29 -69.27 -61.34
N GLY O 62 7.00 -69.41 -60.23
CA GLY O 62 8.35 -69.97 -60.24
C GLY O 62 8.35 -71.48 -60.04
N LEU O 63 7.17 -72.05 -59.83
CA LEU O 63 7.03 -73.49 -59.66
C LEU O 63 6.40 -74.12 -60.89
N PHE O 64 5.31 -73.53 -61.37
CA PHE O 64 4.63 -74.03 -62.56
C PHE O 64 5.57 -74.07 -63.76
N CYS O 65 6.18 -72.93 -64.07
CA CYS O 65 7.10 -72.84 -65.21
C CYS O 65 8.34 -73.71 -64.98
N LEU O 66 8.61 -74.01 -63.71
CA LEU O 66 9.74 -74.85 -63.35
C LEU O 66 9.43 -76.32 -63.62
N MET O 67 8.18 -76.71 -63.40
CA MET O 67 7.75 -78.09 -63.63
C MET O 67 7.64 -78.38 -65.12
N VAL O 68 7.33 -77.35 -65.91
CA VAL O 68 7.19 -77.52 -67.35
C VAL O 68 8.52 -77.93 -67.99
N SER O 69 9.62 -77.47 -67.43
CA SER O 69 10.94 -77.82 -67.96
C SER O 69 11.28 -79.28 -67.68
N PHE O 70 10.86 -79.80 -66.53
CA PHE O 70 11.09 -81.19 -66.18
C PHE O 70 10.20 -82.14 -66.98
N LEU O 71 9.04 -81.64 -67.41
CA LEU O 71 8.11 -82.42 -68.21
C LEU O 71 8.53 -82.45 -69.69
N LEU O 72 9.73 -81.94 -69.96
CA LEU O 72 10.25 -81.91 -71.32
C LEU O 72 11.67 -82.47 -71.36
N LEU O 73 12.25 -82.66 -70.18
CA LEU O 73 13.61 -83.19 -70.07
C LEU O 73 13.62 -84.53 -69.34
N PHE O 74 12.96 -84.58 -68.19
CA PHE O 74 12.91 -85.79 -67.40
C PHE O 74 11.48 -86.34 -67.30
N GLY O 75 10.61 -85.83 -68.17
CA GLY O 75 9.22 -86.25 -68.16
C GLY O 75 8.75 -86.70 -69.53
N VAL O 76 8.04 -85.82 -70.23
CA VAL O 76 7.51 -86.10 -71.55
C VAL O 76 6.47 -87.25 -71.54
N MET P 1 2.29 -89.90 -86.68
CA MET P 1 2.37 -88.54 -86.16
C MET P 1 3.71 -88.30 -85.46
N GLN P 2 4.45 -87.29 -85.94
CA GLN P 2 5.75 -86.96 -85.36
C GLN P 2 6.03 -85.46 -85.45
N LEU P 3 5.76 -84.90 -86.62
CA LEU P 3 6.00 -83.47 -86.85
C LEU P 3 5.01 -82.61 -86.04
N VAL P 4 3.77 -83.07 -85.95
CA VAL P 4 2.74 -82.37 -85.18
C VAL P 4 2.90 -82.59 -83.67
N LEU P 5 3.46 -83.73 -83.29
CA LEU P 5 3.70 -84.04 -81.89
C LEU P 5 4.78 -83.13 -81.32
N ALA P 6 5.81 -82.86 -82.12
CA ALA P 6 6.91 -82.01 -81.69
C ALA P 6 6.46 -80.59 -81.39
N ALA P 7 5.42 -80.14 -82.10
CA ALA P 7 4.88 -78.80 -81.90
C ALA P 7 4.12 -78.68 -80.59
N LYS P 8 3.80 -79.83 -80.00
CA LYS P 8 3.08 -79.86 -78.72
C LYS P 8 4.01 -79.45 -77.57
N TYR P 9 5.29 -79.77 -77.70
CA TYR P 9 6.26 -79.43 -76.67
C TYR P 9 6.77 -77.99 -76.84
N ILE P 10 6.92 -77.56 -78.09
CA ILE P 10 7.39 -76.21 -78.38
C ILE P 10 6.35 -75.17 -77.96
N GLY P 11 5.08 -75.48 -78.17
CA GLY P 11 3.99 -74.59 -77.79
C GLY P 11 3.73 -74.55 -76.30
N ALA P 12 4.15 -75.60 -75.60
CA ALA P 12 3.95 -75.70 -74.16
C ALA P 12 4.98 -74.88 -73.39
N GLY P 13 6.18 -74.77 -73.95
CA GLY P 13 7.25 -74.02 -73.32
C GLY P 13 7.09 -72.53 -73.52
N ILE P 14 6.26 -72.14 -74.49
CA ILE P 14 6.03 -70.72 -74.77
C ILE P 14 4.84 -70.20 -73.96
N SER P 15 3.89 -71.09 -73.66
CA SER P 15 2.71 -70.69 -72.90
C SER P 15 3.04 -70.40 -71.44
N THR P 16 4.26 -70.73 -71.04
CA THR P 16 4.73 -70.44 -69.69
C THR P 16 5.19 -68.99 -69.55
N ILE P 17 5.51 -68.37 -70.69
CA ILE P 17 5.92 -66.96 -70.70
C ILE P 17 4.77 -66.05 -70.30
N GLY P 18 3.54 -66.49 -70.55
CA GLY P 18 2.37 -65.72 -70.19
C GLY P 18 2.09 -65.70 -68.70
N LEU P 19 2.89 -66.43 -67.94
CA LEU P 19 2.71 -66.51 -66.49
C LEU P 19 3.48 -65.43 -65.75
N LEU P 20 4.16 -64.56 -66.50
CA LEU P 20 4.89 -63.45 -65.92
C LEU P 20 3.93 -62.43 -65.32
N GLY P 21 2.73 -62.37 -65.88
CA GLY P 21 1.73 -61.44 -65.41
C GLY P 21 1.29 -61.72 -63.99
N ALA P 22 1.45 -62.97 -63.56
CA ALA P 22 1.05 -63.38 -62.22
C ALA P 22 2.20 -63.21 -61.23
N GLY P 23 3.43 -63.30 -61.74
CA GLY P 23 4.60 -63.16 -60.89
C GLY P 23 4.83 -61.72 -60.51
N ILE P 24 4.88 -60.85 -61.51
CA ILE P 24 5.09 -59.42 -61.28
C ILE P 24 3.80 -58.73 -60.90
N GLY P 25 2.69 -59.18 -61.49
CA GLY P 25 1.39 -58.60 -61.20
C GLY P 25 1.01 -58.69 -59.74
N ILE P 26 0.88 -59.91 -59.24
CA ILE P 26 0.52 -60.15 -57.85
C ILE P 26 1.52 -59.49 -56.91
N ALA P 27 2.75 -59.35 -57.39
CA ALA P 27 3.81 -58.72 -56.61
C ALA P 27 3.45 -57.26 -56.28
N ILE P 28 3.07 -56.51 -57.30
CA ILE P 28 2.72 -55.11 -57.13
C ILE P 28 1.48 -54.94 -56.25
N VAL P 29 0.48 -55.78 -56.47
CA VAL P 29 -0.76 -55.72 -55.71
C VAL P 29 -0.51 -55.99 -54.22
N PHE P 30 0.35 -56.96 -53.95
CA PHE P 30 0.68 -57.31 -52.57
C PHE P 30 1.62 -56.28 -51.97
N ALA P 31 2.51 -55.73 -52.81
CA ALA P 31 3.48 -54.74 -52.35
C ALA P 31 2.80 -53.46 -51.87
N ALA P 32 1.67 -53.13 -52.47
CA ALA P 32 0.92 -51.93 -52.09
C ALA P 32 0.37 -52.06 -50.68
N LEU P 33 -0.05 -53.26 -50.31
CA LEU P 33 -0.54 -53.53 -48.97
C LEU P 33 0.56 -53.34 -47.93
N ILE P 34 1.79 -53.65 -48.33
CA ILE P 34 2.94 -53.48 -47.43
C ILE P 34 3.30 -52.01 -47.25
N ASN P 35 3.23 -51.27 -48.34
CA ASN P 35 3.49 -49.83 -48.33
C ASN P 35 2.36 -49.05 -47.68
N GLY P 36 1.15 -49.62 -47.68
CA GLY P 36 -0.01 -48.99 -47.08
C GLY P 36 -0.08 -49.14 -45.58
N VAL P 37 0.36 -50.28 -45.08
CA VAL P 37 0.34 -50.55 -43.64
C VAL P 37 1.56 -49.99 -42.94
N SER P 38 2.40 -49.28 -43.68
CA SER P 38 3.59 -48.66 -43.10
C SER P 38 3.38 -47.17 -42.82
N ARG P 39 2.44 -46.57 -43.54
CA ARG P 39 2.11 -45.16 -43.36
C ARG P 39 0.79 -44.98 -42.62
N ASN P 40 0.05 -46.08 -42.47
CA ASN P 40 -1.24 -46.05 -41.79
C ASN P 40 -1.65 -47.41 -41.24
N PRO P 41 -1.11 -47.77 -40.07
CA PRO P 41 -1.38 -49.06 -39.43
C PRO P 41 -2.85 -49.18 -39.01
N SER P 42 -3.53 -48.05 -38.90
CA SER P 42 -4.93 -48.04 -38.48
C SER P 42 -5.76 -48.93 -39.38
N ILE P 43 -5.89 -48.52 -40.64
CA ILE P 43 -6.67 -49.26 -41.61
C ILE P 43 -5.98 -50.58 -41.97
N LYS P 44 -6.46 -51.67 -41.38
CA LYS P 44 -5.89 -52.98 -41.66
C LYS P 44 -6.96 -53.95 -42.14
N ASP P 45 -8.02 -54.09 -41.35
CA ASP P 45 -9.13 -54.98 -41.68
C ASP P 45 -10.01 -54.39 -42.77
N THR P 46 -9.47 -53.42 -43.52
CA THR P 46 -10.20 -52.80 -44.62
C THR P 46 -9.45 -52.95 -45.93
N VAL P 47 -8.13 -52.84 -45.88
CA VAL P 47 -7.29 -52.97 -47.07
C VAL P 47 -6.84 -54.42 -47.28
N PHE P 48 -6.72 -55.16 -46.19
CA PHE P 48 -6.31 -56.57 -46.24
C PHE P 48 -7.31 -57.44 -47.01
N PRO P 49 -8.62 -57.28 -46.73
CA PRO P 49 -9.63 -58.09 -47.41
C PRO P 49 -9.68 -57.79 -48.91
N MET P 50 -9.65 -56.51 -49.27
CA MET P 50 -9.68 -56.13 -50.68
C MET P 50 -8.40 -56.54 -51.38
N ALA P 51 -7.29 -56.55 -50.66
CA ALA P 51 -6.00 -56.98 -51.21
C ALA P 51 -6.07 -58.41 -51.72
N ILE P 52 -6.75 -59.28 -50.97
CA ILE P 52 -6.94 -60.67 -51.36
C ILE P 52 -7.79 -60.75 -52.63
N LEU P 53 -8.77 -59.85 -52.75
CA LEU P 53 -9.62 -59.81 -53.93
C LEU P 53 -8.82 -59.54 -55.19
N GLY P 54 -7.81 -58.67 -55.07
CA GLY P 54 -6.94 -58.36 -56.19
C GLY P 54 -6.07 -59.54 -56.57
N PHE P 55 -5.84 -60.44 -55.60
CA PHE P 55 -5.06 -61.64 -55.85
C PHE P 55 -5.73 -62.56 -56.87
N ALA P 56 -6.99 -62.89 -56.64
CA ALA P 56 -7.75 -63.75 -57.54
C ALA P 56 -7.90 -63.13 -58.94
N LEU P 57 -7.87 -61.81 -59.00
CA LEU P 57 -7.98 -61.11 -60.28
C LEU P 57 -6.69 -61.24 -61.08
N SER P 58 -5.57 -61.16 -60.39
CA SER P 58 -4.27 -61.26 -61.03
C SER P 58 -3.84 -62.71 -61.18
N GLU P 59 -4.46 -63.58 -60.39
CA GLU P 59 -4.18 -65.02 -60.47
C GLU P 59 -4.79 -65.62 -61.73
N ALA P 60 -5.72 -64.89 -62.34
CA ALA P 60 -6.36 -65.34 -63.57
C ALA P 60 -5.33 -65.63 -64.66
N THR P 61 -4.47 -64.65 -64.93
CA THR P 61 -3.44 -64.80 -65.94
C THR P 61 -2.49 -65.96 -65.62
N GLY P 62 -2.43 -66.35 -64.35
CA GLY P 62 -1.57 -67.43 -63.91
C GLY P 62 -2.28 -68.79 -63.95
N LEU P 63 -3.55 -68.77 -64.31
CA LEU P 63 -4.34 -70.00 -64.42
C LEU P 63 -4.59 -70.35 -65.88
N PHE P 64 -5.03 -69.36 -66.66
CA PHE P 64 -5.29 -69.57 -68.07
C PHE P 64 -4.05 -70.06 -68.80
N CYS P 65 -2.95 -69.32 -68.68
CA CYS P 65 -1.70 -69.70 -69.34
C CYS P 65 -1.15 -71.00 -68.76
N LEU P 66 -1.59 -71.34 -67.56
CA LEU P 66 -1.18 -72.58 -66.90
C LEU P 66 -1.92 -73.77 -67.48
N MET P 67 -3.18 -73.56 -67.84
CA MET P 67 -4.01 -74.62 -68.42
C MET P 67 -3.60 -74.90 -69.85
N VAL P 68 -3.10 -73.88 -70.53
CA VAL P 68 -2.68 -74.03 -71.92
C VAL P 68 -1.52 -75.01 -72.05
N SER P 69 -0.66 -75.06 -71.03
CA SER P 69 0.48 -75.97 -71.05
C SER P 69 0.04 -77.42 -70.88
N PHE P 70 -1.00 -77.64 -70.08
CA PHE P 70 -1.54 -78.98 -69.87
C PHE P 70 -2.32 -79.47 -71.09
N LEU P 71 -2.87 -78.54 -71.85
CA LEU P 71 -3.61 -78.88 -73.06
C LEU P 71 -2.67 -79.14 -74.24
N LEU P 72 -1.38 -79.23 -73.94
CA LEU P 72 -0.37 -79.50 -74.97
C LEU P 72 0.56 -80.62 -74.53
N LEU P 73 0.46 -81.01 -73.26
CA LEU P 73 1.30 -82.07 -72.71
C LEU P 73 0.44 -83.24 -72.23
N PHE P 74 -0.59 -82.93 -71.46
CA PHE P 74 -1.48 -83.97 -70.93
C PHE P 74 -2.89 -83.82 -71.47
N GLY P 75 -3.03 -83.04 -72.54
CA GLY P 75 -4.32 -82.80 -73.14
C GLY P 75 -4.33 -83.06 -74.63
N VAL P 76 -4.24 -81.99 -75.41
CA VAL P 76 -4.23 -82.07 -76.87
C VAL P 76 -5.56 -82.64 -77.43
N MET Q 1 -3.37 -83.71 -93.42
CA MET Q 1 -2.96 -82.50 -92.70
C MET Q 1 -2.08 -82.84 -91.51
N GLN Q 2 -0.88 -82.27 -91.49
CA GLN Q 2 0.07 -82.51 -90.41
C GLN Q 2 0.94 -81.29 -90.15
N LEU Q 3 1.46 -80.70 -91.23
CA LEU Q 3 2.31 -79.52 -91.13
C LEU Q 3 1.53 -78.30 -90.65
N VAL Q 4 0.29 -78.16 -91.13
CA VAL Q 4 -0.57 -77.06 -90.73
C VAL Q 4 -1.18 -77.27 -89.34
N LEU Q 5 -1.33 -78.53 -88.95
CA LEU Q 5 -1.86 -78.87 -87.64
C LEU Q 5 -0.85 -78.50 -86.54
N ALA Q 6 0.43 -78.71 -86.83
CA ALA Q 6 1.49 -78.41 -85.87
C ALA Q 6 1.57 -76.92 -85.57
N ALA Q 7 1.20 -76.09 -86.54
CA ALA Q 7 1.23 -74.65 -86.38
C ALA Q 7 0.10 -74.16 -85.47
N LYS Q 8 -0.87 -75.03 -85.24
CA LYS Q 8 -1.99 -74.72 -84.37
C LYS Q 8 -1.57 -74.70 -82.90
N TYR Q 9 -0.60 -75.54 -82.56
CA TYR Q 9 -0.10 -75.61 -81.20
C TYR Q 9 0.96 -74.54 -80.92
N ILE Q 10 1.78 -74.27 -81.93
CA ILE Q 10 2.83 -73.26 -81.81
C ILE Q 10 2.23 -71.86 -81.67
N GLY Q 11 1.17 -71.61 -82.42
CA GLY Q 11 0.50 -70.32 -82.38
C GLY Q 11 -0.33 -70.12 -81.12
N ALA Q 12 -0.72 -71.22 -80.48
CA ALA Q 12 -1.53 -71.15 -79.26
C ALA Q 12 -0.68 -70.83 -78.04
N GLY Q 13 0.57 -71.27 -78.05
CA GLY Q 13 1.48 -71.03 -76.95
C GLY Q 13 2.05 -69.64 -76.96
N ILE Q 14 1.93 -68.97 -78.10
CA ILE Q 14 2.43 -67.60 -78.25
C ILE Q 14 1.34 -66.58 -77.90
N SER Q 15 0.09 -66.96 -78.14
CA SER Q 15 -1.03 -66.06 -77.85
C SER Q 15 -1.25 -65.89 -76.34
N THR Q 16 -0.56 -66.69 -75.55
CA THR Q 16 -0.63 -66.59 -74.10
C THR Q 16 0.27 -65.48 -73.58
N ILE Q 17 1.25 -65.09 -74.40
CA ILE Q 17 2.17 -64.01 -74.04
C ILE Q 17 1.44 -62.68 -73.97
N GLY Q 18 0.37 -62.55 -74.75
CA GLY Q 18 -0.42 -61.33 -74.78
C GLY Q 18 -1.27 -61.14 -73.54
N LEU Q 19 -1.24 -62.13 -72.64
CA LEU Q 19 -2.03 -62.06 -71.41
C LEU Q 19 -1.27 -61.39 -70.27
N LEU Q 20 -0.05 -60.93 -70.56
CA LEU Q 20 0.75 -60.22 -69.57
C LEU Q 20 0.12 -58.88 -69.24
N GLY Q 21 -0.59 -58.32 -70.22
CA GLY Q 21 -1.22 -57.02 -70.05
C GLY Q 21 -2.29 -57.03 -68.97
N ALA Q 22 -2.85 -58.22 -68.72
CA ALA Q 22 -3.90 -58.36 -67.72
C ALA Q 22 -3.31 -58.68 -66.35
N GLY Q 23 -2.14 -59.29 -66.34
CA GLY Q 23 -1.49 -59.64 -65.08
C GLY Q 23 -0.88 -58.43 -64.42
N ILE Q 24 -0.07 -57.70 -65.18
CA ILE Q 24 0.59 -56.51 -64.67
C ILE Q 24 -0.34 -55.30 -64.73
N GLY Q 25 -1.17 -55.25 -65.77
CA GLY Q 25 -2.11 -54.16 -65.94
C GLY Q 25 -3.08 -54.02 -64.78
N ILE Q 26 -3.89 -55.06 -64.57
CA ILE Q 26 -4.86 -55.05 -63.48
C ILE Q 26 -4.17 -54.86 -62.13
N ALA Q 27 -2.91 -55.28 -62.06
CA ALA Q 27 -2.13 -55.13 -60.84
C ALA Q 27 -1.97 -53.66 -60.47
N ILE Q 28 -1.54 -52.86 -61.43
CA ILE Q 28 -1.33 -51.43 -61.20
C ILE Q 28 -2.63 -50.71 -60.87
N VAL Q 29 -3.69 -51.05 -61.59
CA VAL Q 29 -5.00 -50.43 -61.37
C VAL Q 29 -5.53 -50.73 -59.97
N PHE Q 30 -5.34 -51.96 -59.52
CA PHE Q 30 -5.80 -52.37 -58.21
C PHE Q 30 -4.86 -51.83 -57.13
N ALA Q 31 -3.58 -51.75 -57.46
CA ALA Q 31 -2.57 -51.25 -56.51
C ALA Q 31 -2.80 -49.79 -56.15
N ALA Q 32 -3.33 -49.03 -57.09
CA ALA Q 32 -3.61 -47.61 -56.86
C ALA Q 32 -4.71 -47.43 -55.82
N LEU Q 33 -5.69 -48.33 -55.83
CA LEU Q 33 -6.76 -48.29 -54.84
C LEU Q 33 -6.22 -48.57 -53.44
N ILE Q 34 -5.19 -49.39 -53.36
CA ILE Q 34 -4.58 -49.71 -52.07
C ILE Q 34 -3.76 -48.53 -51.54
N ASN Q 35 -3.01 -47.88 -52.42
CA ASN Q 35 -2.18 -46.75 -52.03
C ASN Q 35 -3.01 -45.48 -51.86
N GLY Q 36 -4.26 -45.54 -52.31
CA GLY Q 36 -5.16 -44.40 -52.24
C GLY Q 36 -5.91 -44.32 -50.92
N VAL Q 37 -6.45 -45.44 -50.47
CA VAL Q 37 -7.18 -45.48 -49.22
C VAL Q 37 -6.25 -45.30 -48.02
N SER Q 38 -4.98 -45.64 -48.21
CA SER Q 38 -3.96 -45.49 -47.18
C SER Q 38 -3.58 -44.02 -47.01
N ARG Q 39 -3.96 -43.21 -47.99
CA ARG Q 39 -3.65 -41.79 -47.98
C ARG Q 39 -4.91 -40.98 -47.67
N ASN Q 40 -6.06 -41.56 -47.95
CA ASN Q 40 -7.34 -40.90 -47.69
C ASN Q 40 -8.50 -41.87 -47.57
N PRO Q 41 -8.67 -42.47 -46.37
CA PRO Q 41 -9.73 -43.46 -46.13
C PRO Q 41 -11.12 -42.82 -46.20
N SER Q 42 -11.18 -41.50 -46.21
CA SER Q 42 -12.45 -40.79 -46.27
C SER Q 42 -13.22 -41.16 -47.53
N ILE Q 43 -12.50 -41.21 -48.65
CA ILE Q 43 -13.11 -41.54 -49.93
C ILE Q 43 -12.94 -43.02 -50.24
N LYS Q 44 -14.00 -43.80 -50.02
CA LYS Q 44 -13.95 -45.23 -50.25
C LYS Q 44 -15.02 -45.65 -51.25
N ASP Q 45 -16.27 -45.29 -50.96
CA ASP Q 45 -17.38 -45.63 -51.83
C ASP Q 45 -17.41 -44.75 -53.09
N THR Q 46 -16.27 -44.14 -53.40
CA THR Q 46 -16.13 -43.32 -54.60
C THR Q 46 -15.03 -43.83 -55.52
N VAL Q 47 -13.94 -44.30 -54.92
CA VAL Q 47 -12.81 -44.82 -55.70
C VAL Q 47 -12.94 -46.32 -55.93
N PHE Q 48 -13.61 -47.01 -55.00
CA PHE Q 48 -13.83 -48.45 -55.11
C PHE Q 48 -14.66 -48.83 -56.33
N PRO Q 49 -15.78 -48.12 -56.56
CA PRO Q 49 -16.64 -48.44 -57.71
C PRO Q 49 -15.93 -48.20 -59.04
N MET Q 50 -15.24 -47.07 -59.17
CA MET Q 50 -14.52 -46.76 -60.39
C MET Q 50 -13.34 -47.72 -60.59
N ALA Q 51 -12.76 -48.18 -59.49
CA ALA Q 51 -11.66 -49.14 -59.55
C ALA Q 51 -12.08 -50.41 -60.26
N ILE Q 52 -13.30 -50.88 -59.97
CA ILE Q 52 -13.84 -52.06 -60.62
C ILE Q 52 -14.04 -51.82 -62.11
N LEU Q 53 -14.41 -50.59 -62.47
CA LEU Q 53 -14.61 -50.22 -63.87
C LEU Q 53 -13.30 -50.39 -64.65
N GLY Q 54 -12.19 -50.03 -64.02
CA GLY Q 54 -10.88 -50.17 -64.64
C GLY Q 54 -10.50 -51.63 -64.82
N PHE Q 55 -11.08 -52.49 -63.99
CA PHE Q 55 -10.83 -53.92 -64.09
C PHE Q 55 -11.32 -54.50 -65.42
N ALA Q 56 -12.58 -54.23 -65.76
CA ALA Q 56 -13.15 -54.72 -67.01
C ALA Q 56 -12.44 -54.16 -68.23
N LEU Q 57 -11.85 -52.98 -68.08
CA LEU Q 57 -11.12 -52.35 -69.18
C LEU Q 57 -9.79 -53.04 -69.41
N SER Q 58 -9.14 -53.43 -68.33
CA SER Q 58 -7.85 -54.10 -68.42
C SER Q 58 -8.04 -55.61 -68.60
N GLU Q 59 -9.22 -56.10 -68.27
CA GLU Q 59 -9.55 -57.51 -68.43
C GLU Q 59 -9.75 -57.84 -69.91
N ALA Q 60 -9.95 -56.81 -70.72
CA ALA Q 60 -10.14 -56.98 -72.16
C ALA Q 60 -8.97 -57.73 -72.78
N THR Q 61 -7.76 -57.22 -72.55
CA THR Q 61 -6.55 -57.85 -73.08
C THR Q 61 -6.39 -59.29 -72.59
N GLY Q 62 -7.03 -59.61 -71.47
CA GLY Q 62 -6.96 -60.94 -70.91
C GLY Q 62 -8.06 -61.86 -71.41
N LEU Q 63 -8.94 -61.31 -72.24
CA LEU Q 63 -10.04 -62.08 -72.83
C LEU Q 63 -9.76 -62.34 -74.31
N PHE Q 64 -9.39 -61.29 -75.04
CA PHE Q 64 -9.10 -61.42 -76.46
C PHE Q 64 -7.98 -62.43 -76.71
N CYS Q 65 -6.84 -62.23 -76.06
CA CYS Q 65 -5.70 -63.13 -76.21
C CYS Q 65 -6.04 -64.52 -75.67
N LEU Q 66 -7.03 -64.59 -74.80
CA LEU Q 66 -7.47 -65.86 -74.23
C LEU Q 66 -8.31 -66.64 -75.23
N MET Q 67 -9.11 -65.91 -76.01
CA MET Q 67 -9.96 -66.54 -77.03
C MET Q 67 -9.14 -67.02 -78.21
N VAL Q 68 -8.03 -66.34 -78.49
CA VAL Q 68 -7.16 -66.72 -79.59
C VAL Q 68 -6.57 -68.11 -79.41
N SER Q 69 -6.31 -68.48 -78.15
CA SER Q 69 -5.76 -69.79 -77.86
C SER Q 69 -6.78 -70.91 -78.09
N PHE Q 70 -8.05 -70.63 -77.81
CA PHE Q 70 -9.12 -71.60 -78.03
C PHE Q 70 -9.44 -71.74 -79.51
N LEU Q 71 -9.18 -70.69 -80.29
CA LEU Q 71 -9.41 -70.73 -81.73
C LEU Q 71 -8.26 -71.41 -82.46
N LEU Q 72 -7.37 -72.04 -81.70
CA LEU Q 72 -6.24 -72.75 -82.27
C LEU Q 72 -6.11 -74.15 -81.68
N LEU Q 73 -6.89 -74.40 -80.62
CA LEU Q 73 -6.88 -75.70 -79.95
C LEU Q 73 -8.24 -76.37 -80.04
N PHE Q 74 -9.28 -75.62 -79.70
CA PHE Q 74 -10.64 -76.15 -79.72
C PHE Q 74 -11.50 -75.44 -80.76
N GLY Q 75 -10.85 -74.71 -81.65
CA GLY Q 75 -11.55 -73.95 -82.67
C GLY Q 75 -11.03 -74.24 -84.06
N VAL Q 76 -10.19 -73.35 -84.58
CA VAL Q 76 -9.61 -73.48 -85.90
C VAL Q 76 -10.68 -73.44 -87.03
N MET R 1 -2.75 -75.74 -100.90
CA MET R 1 -2.23 -74.81 -99.91
C MET R 1 -2.13 -75.45 -98.53
N GLN R 2 -0.92 -75.44 -97.97
CA GLN R 2 -0.70 -76.04 -96.66
C GLN R 2 0.41 -75.29 -95.91
N LEU R 3 1.51 -75.02 -96.61
CA LEU R 3 2.65 -74.32 -96.01
C LEU R 3 2.29 -72.86 -95.68
N VAL R 4 1.53 -72.23 -96.58
CA VAL R 4 1.09 -70.84 -96.38
C VAL R 4 -0.05 -70.73 -95.37
N LEU R 5 -0.85 -71.80 -95.27
CA LEU R 5 -1.96 -71.83 -94.31
C LEU R 5 -1.43 -71.90 -92.89
N ALA R 6 -0.35 -72.65 -92.69
CA ALA R 6 0.25 -72.80 -91.36
C ALA R 6 0.79 -71.48 -90.83
N ALA R 7 1.22 -70.60 -91.73
CA ALA R 7 1.76 -69.30 -91.35
C ALA R 7 0.65 -68.36 -90.89
N LYS R 8 -0.60 -68.72 -91.18
CA LYS R 8 -1.74 -67.93 -90.77
C LYS R 8 -1.99 -68.05 -89.27
N TYR R 9 -1.67 -69.22 -88.72
CA TYR R 9 -1.85 -69.46 -87.29
C TYR R 9 -0.67 -68.94 -86.48
N ILE R 10 0.53 -69.07 -87.03
CA ILE R 10 1.74 -68.60 -86.36
C ILE R 10 1.76 -67.08 -86.27
N GLY R 11 1.29 -66.41 -87.32
CA GLY R 11 1.23 -64.96 -87.34
C GLY R 11 0.12 -64.39 -86.48
N ALA R 12 -0.90 -65.20 -86.20
CA ALA R 12 -2.04 -64.76 -85.41
C ALA R 12 -1.73 -64.79 -83.91
N GLY R 13 -0.87 -65.73 -83.52
CA GLY R 13 -0.48 -65.87 -82.12
C GLY R 13 0.55 -64.84 -81.70
N ILE R 14 1.20 -64.22 -82.69
CA ILE R 14 2.21 -63.20 -82.42
C ILE R 14 1.59 -61.81 -82.37
N SER R 15 0.50 -61.62 -83.12
CA SER R 15 -0.17 -60.32 -83.16
C SER R 15 -0.90 -60.03 -81.85
N THR R 16 -0.99 -61.03 -80.98
CA THR R 16 -1.60 -60.86 -79.67
C THR R 16 -0.63 -60.22 -78.68
N ILE R 17 0.66 -60.32 -78.99
CA ILE R 17 1.70 -59.72 -78.15
C ILE R 17 1.61 -58.20 -78.17
N GLY R 18 1.10 -57.66 -79.28
CA GLY R 18 0.96 -56.22 -79.42
C GLY R 18 -0.17 -55.64 -78.58
N LEU R 19 -0.91 -56.52 -77.90
CA LEU R 19 -2.03 -56.09 -77.07
C LEU R 19 -1.61 -55.77 -75.64
N LEU R 20 -0.31 -55.89 -75.37
CA LEU R 20 0.22 -55.56 -74.05
C LEU R 20 0.11 -54.06 -73.79
N GLY R 21 0.16 -53.28 -74.86
CA GLY R 21 0.09 -51.84 -74.76
C GLY R 21 -1.23 -51.36 -74.19
N ALA R 22 -2.27 -52.19 -74.35
CA ALA R 22 -3.60 -51.83 -73.87
C ALA R 22 -3.81 -52.33 -72.44
N GLY R 23 -3.11 -53.39 -72.07
CA GLY R 23 -3.22 -53.95 -70.74
C GLY R 23 -2.51 -53.08 -69.71
N ILE R 24 -1.24 -52.80 -69.99
CA ILE R 24 -0.44 -51.98 -69.08
C ILE R 24 -0.69 -50.50 -69.32
N GLY R 25 -0.93 -50.13 -70.57
CA GLY R 25 -1.19 -48.75 -70.92
C GLY R 25 -2.40 -48.17 -70.22
N ILE R 26 -3.57 -48.76 -70.49
CA ILE R 26 -4.81 -48.31 -69.87
C ILE R 26 -4.72 -48.39 -68.36
N ALA R 27 -3.89 -49.30 -67.87
CA ALA R 27 -3.68 -49.47 -66.44
C ALA R 27 -3.12 -48.20 -65.80
N ILE R 28 -2.05 -47.67 -66.40
CA ILE R 28 -1.40 -46.48 -65.90
C ILE R 28 -2.32 -45.25 -65.98
N VAL R 29 -3.03 -45.13 -67.10
CA VAL R 29 -3.94 -44.01 -67.31
C VAL R 29 -5.06 -44.00 -66.28
N PHE R 30 -5.58 -45.19 -65.99
CA PHE R 30 -6.67 -45.32 -65.02
C PHE R 30 -6.13 -45.20 -63.60
N ALA R 31 -4.91 -45.69 -63.39
CA ALA R 31 -4.28 -45.64 -62.07
C ALA R 31 -4.02 -44.21 -61.61
N ALA R 32 -3.77 -43.31 -62.56
CA ALA R 32 -3.53 -41.91 -62.25
C ALA R 32 -4.79 -41.25 -61.69
N LEU R 33 -5.95 -41.65 -62.20
CA LEU R 33 -7.22 -41.13 -61.71
C LEU R 33 -7.45 -41.56 -60.27
N ILE R 34 -6.97 -42.74 -59.92
CA ILE R 34 -7.12 -43.25 -58.56
C ILE R 34 -6.21 -42.52 -57.59
N ASN R 35 -4.97 -42.26 -58.01
CA ASN R 35 -4.01 -41.58 -57.15
C ASN R 35 -4.25 -40.07 -57.11
N GLY R 36 -4.98 -39.56 -58.09
CA GLY R 36 -5.28 -38.14 -58.16
C GLY R 36 -6.40 -37.70 -57.24
N VAL R 37 -7.43 -38.53 -57.12
CA VAL R 37 -8.55 -38.22 -56.24
C VAL R 37 -8.16 -38.40 -54.77
N SER R 38 -7.15 -39.21 -54.51
CA SER R 38 -6.68 -39.47 -53.15
C SER R 38 -5.88 -38.29 -52.60
N ARG R 39 -5.61 -37.32 -53.47
CA ARG R 39 -4.83 -36.15 -53.09
C ARG R 39 -5.70 -34.90 -53.15
N ASN R 40 -6.75 -34.94 -53.96
CA ASN R 40 -7.63 -33.79 -54.16
C ASN R 40 -8.98 -34.19 -54.73
N PRO R 41 -9.92 -34.60 -53.85
CA PRO R 41 -11.25 -35.04 -54.29
C PRO R 41 -12.08 -33.89 -54.84
N SER R 42 -11.60 -32.66 -54.69
CA SER R 42 -12.33 -31.48 -55.15
C SER R 42 -12.59 -31.55 -56.65
N ILE R 43 -11.60 -32.03 -57.39
CA ILE R 43 -11.70 -32.11 -58.85
C ILE R 43 -12.03 -33.53 -59.32
N LYS R 44 -13.32 -33.83 -59.41
CA LYS R 44 -13.76 -35.16 -59.83
C LYS R 44 -14.39 -35.11 -61.21
N ASP R 45 -15.38 -34.23 -61.38
CA ASP R 45 -16.08 -34.10 -62.65
C ASP R 45 -15.22 -33.33 -63.66
N THR R 46 -13.92 -33.28 -63.42
CA THR R 46 -13.00 -32.62 -64.33
C THR R 46 -11.92 -33.58 -64.83
N VAL R 47 -11.45 -34.45 -63.94
CA VAL R 47 -10.43 -35.43 -64.28
C VAL R 47 -11.03 -36.74 -64.79
N PHE R 48 -12.23 -37.05 -64.29
CA PHE R 48 -12.95 -38.26 -64.69
C PHE R 48 -13.29 -38.28 -66.18
N PRO R 49 -13.82 -37.17 -66.71
CA PRO R 49 -14.18 -37.13 -68.14
C PRO R 49 -12.96 -37.26 -69.04
N MET R 50 -11.89 -36.53 -68.73
CA MET R 50 -10.67 -36.60 -69.51
C MET R 50 -10.01 -37.97 -69.39
N ALA R 51 -10.17 -38.60 -68.23
CA ALA R 51 -9.62 -39.94 -68.00
C ALA R 51 -10.19 -40.94 -69.01
N ILE R 52 -11.49 -40.82 -69.28
CA ILE R 52 -12.14 -41.68 -70.26
C ILE R 52 -11.59 -41.43 -71.66
N LEU R 53 -11.26 -40.16 -71.95
CA LEU R 53 -10.70 -39.80 -73.24
C LEU R 53 -9.37 -40.51 -73.48
N GLY R 54 -8.58 -40.66 -72.42
CA GLY R 54 -7.31 -41.36 -72.50
C GLY R 54 -7.50 -42.85 -72.74
N PHE R 55 -8.67 -43.35 -72.35
CA PHE R 55 -9.00 -44.75 -72.55
C PHE R 55 -9.08 -45.11 -74.03
N ALA R 56 -9.87 -44.35 -74.78
CA ALA R 56 -10.02 -44.58 -76.21
C ALA R 56 -8.70 -44.41 -76.97
N LEU R 57 -7.81 -43.59 -76.44
CA LEU R 57 -6.51 -43.36 -77.06
C LEU R 57 -5.60 -44.56 -76.87
N SER R 58 -5.67 -45.16 -75.69
CA SER R 58 -4.85 -46.32 -75.38
C SER R 58 -5.53 -47.62 -75.83
N GLU R 59 -6.83 -47.54 -76.07
CA GLU R 59 -7.59 -48.69 -76.56
C GLU R 59 -7.29 -48.94 -78.03
N ALA R 60 -6.70 -47.93 -78.69
CA ALA R 60 -6.33 -48.06 -80.09
C ALA R 60 -5.42 -49.25 -80.33
N THR R 61 -4.32 -49.31 -79.58
CA THR R 61 -3.37 -50.40 -79.69
C THR R 61 -4.01 -51.76 -79.40
N GLY R 62 -5.12 -51.74 -78.68
CA GLY R 62 -5.84 -52.96 -78.34
C GLY R 62 -6.89 -53.33 -79.36
N LEU R 63 -7.06 -52.49 -80.36
CA LEU R 63 -8.01 -52.74 -81.44
C LEU R 63 -7.29 -53.13 -82.73
N PHE R 64 -6.27 -52.36 -83.09
CA PHE R 64 -5.49 -52.64 -84.29
C PHE R 64 -4.88 -54.04 -84.23
N CYS R 65 -4.13 -54.33 -83.18
CA CYS R 65 -3.50 -55.64 -83.01
C CYS R 65 -4.55 -56.73 -82.86
N LEU R 66 -5.75 -56.34 -82.45
CA LEU R 66 -6.85 -57.29 -82.30
C LEU R 66 -7.44 -57.66 -83.66
N MET R 67 -7.49 -56.69 -84.56
CA MET R 67 -8.02 -56.92 -85.90
C MET R 67 -7.05 -57.75 -86.75
N VAL R 68 -5.76 -57.61 -86.47
CA VAL R 68 -4.74 -58.35 -87.20
C VAL R 68 -4.89 -59.85 -87.00
N SER R 69 -5.34 -60.26 -85.82
CA SER R 69 -5.53 -61.68 -85.54
C SER R 69 -6.72 -62.25 -86.32
N PHE R 70 -7.76 -61.45 -86.50
CA PHE R 70 -8.93 -61.88 -87.26
C PHE R 70 -8.65 -61.92 -88.76
N LEU R 71 -7.70 -61.11 -89.20
CA LEU R 71 -7.31 -61.08 -90.61
C LEU R 71 -6.34 -62.21 -90.94
N LEU R 72 -6.18 -63.14 -89.99
CA LEU R 72 -5.29 -64.28 -90.20
C LEU R 72 -6.00 -65.57 -89.82
N LEU R 73 -7.17 -65.45 -89.20
CA LEU R 73 -7.95 -66.60 -88.78
C LEU R 73 -9.30 -66.63 -89.47
N PHE R 74 -10.00 -65.50 -89.44
CA PHE R 74 -11.32 -65.40 -90.07
C PHE R 74 -11.31 -64.41 -91.23
N GLY R 75 -10.10 -64.06 -91.69
CA GLY R 75 -9.96 -63.11 -92.77
C GLY R 75 -9.08 -63.64 -93.89
N VAL R 76 -7.83 -63.20 -93.90
CA VAL R 76 -6.86 -63.61 -94.91
C VAL R 76 -7.26 -63.15 -96.34
N MET S 1 4.09 -68.69 -106.46
CA MET S 1 4.47 -68.07 -105.21
C MET S 1 3.68 -68.65 -104.04
N GLN S 2 4.41 -69.17 -103.05
CA GLN S 2 3.78 -69.77 -101.87
C GLN S 2 4.65 -69.58 -100.63
N LEU S 3 5.95 -69.84 -100.77
CA LEU S 3 6.89 -69.70 -99.66
C LEU S 3 7.07 -68.23 -99.27
N VAL S 4 7.11 -67.36 -100.26
CA VAL S 4 7.25 -65.92 -100.03
C VAL S 4 5.94 -65.28 -99.55
N LEU S 5 4.82 -65.87 -99.96
CA LEU S 5 3.51 -65.38 -99.54
C LEU S 5 3.29 -65.63 -98.06
N ALA S 6 3.75 -66.78 -97.57
CA ALA S 6 3.60 -67.15 -96.18
C ALA S 6 4.35 -66.19 -95.25
N ALA S 7 5.44 -65.63 -95.75
CA ALA S 7 6.25 -64.69 -94.97
C ALA S 7 5.56 -63.34 -94.83
N LYS S 8 4.54 -63.11 -95.65
CA LYS S 8 3.77 -61.88 -95.60
C LYS S 8 2.88 -61.84 -94.36
N TYR S 9 2.41 -63.01 -93.94
CA TYR S 9 1.54 -63.09 -92.76
C TYR S 9 2.36 -63.14 -91.47
N ILE S 10 3.50 -63.81 -91.51
CA ILE S 10 4.38 -63.91 -90.36
C ILE S 10 4.98 -62.56 -90.00
N GLY S 11 5.34 -61.78 -91.01
CA GLY S 11 5.91 -60.46 -90.81
C GLY S 11 4.88 -59.43 -90.38
N ALA S 12 3.61 -59.70 -90.68
CA ALA S 12 2.54 -58.77 -90.33
C ALA S 12 2.13 -58.90 -88.88
N GLY S 13 2.26 -60.11 -88.33
CA GLY S 13 1.91 -60.35 -86.94
C GLY S 13 2.98 -59.90 -85.98
N ILE S 14 4.18 -59.66 -86.51
CA ILE S 14 5.30 -59.20 -85.69
C ILE S 14 5.36 -57.67 -85.66
N SER S 15 4.89 -57.04 -86.73
CA SER S 15 4.90 -55.58 -86.81
C SER S 15 3.88 -54.95 -85.86
N THR S 16 3.02 -55.79 -85.28
CA THR S 16 2.03 -55.31 -84.32
C THR S 16 2.66 -55.15 -82.94
N ILE S 17 3.78 -55.83 -82.72
CA ILE S 17 4.50 -55.74 -81.45
C ILE S 17 5.07 -54.34 -81.24
N GLY S 18 5.36 -53.65 -82.34
CA GLY S 18 5.90 -52.32 -82.29
C GLY S 18 4.87 -51.27 -81.87
N LEU S 19 3.63 -51.69 -81.71
CA LEU S 19 2.54 -50.79 -81.34
C LEU S 19 2.40 -50.65 -79.82
N LEU S 20 3.27 -51.33 -79.08
CA LEU S 20 3.27 -51.24 -77.62
C LEU S 20 3.69 -49.85 -77.18
N GLY S 21 4.52 -49.20 -78.00
CA GLY S 21 5.01 -47.87 -77.68
C GLY S 21 3.91 -46.85 -77.62
N ALA S 22 2.81 -47.12 -78.31
CA ALA S 22 1.68 -46.20 -78.34
C ALA S 22 0.68 -46.50 -77.22
N GLY S 23 0.65 -47.75 -76.79
CA GLY S 23 -0.25 -48.16 -75.73
C GLY S 23 0.24 -47.68 -74.38
N ILE S 24 1.49 -48.00 -74.07
CA ILE S 24 2.08 -47.62 -72.80
C ILE S 24 2.60 -46.17 -72.86
N GLY S 25 3.10 -45.78 -74.02
CA GLY S 25 3.62 -44.43 -74.20
C GLY S 25 2.58 -43.36 -73.95
N ILE S 26 1.53 -43.37 -74.76
CA ILE S 26 0.45 -42.39 -74.62
C ILE S 26 -0.17 -42.46 -73.23
N ALA S 27 -0.09 -43.64 -72.62
CA ALA S 27 -0.61 -43.82 -71.27
C ALA S 27 0.10 -42.94 -70.27
N ILE S 28 1.43 -42.96 -70.28
CA ILE S 28 2.23 -42.16 -69.36
C ILE S 28 2.03 -40.67 -69.60
N VAL S 29 2.00 -40.27 -70.87
CA VAL S 29 1.83 -38.86 -71.22
C VAL S 29 0.48 -38.34 -70.75
N PHE S 30 -0.55 -39.14 -70.88
CA PHE S 30 -1.89 -38.75 -70.48
C PHE S 30 -2.02 -38.85 -68.95
N ALA S 31 -1.34 -39.82 -68.37
CA ALA S 31 -1.39 -40.03 -66.91
C ALA S 31 -0.78 -38.85 -66.16
N ALA S 32 0.20 -38.19 -66.76
CA ALA S 32 0.84 -37.03 -66.15
C ALA S 32 -0.13 -35.87 -66.02
N LEU S 33 -1.00 -35.71 -67.01
CA LEU S 33 -2.01 -34.66 -66.99
C LEU S 33 -3.01 -34.91 -65.86
N ILE S 34 -3.26 -36.17 -65.56
CA ILE S 34 -4.18 -36.52 -64.48
C ILE S 34 -3.56 -36.25 -63.11
N ASN S 35 -2.29 -36.58 -62.94
CA ASN S 35 -1.63 -36.32 -61.65
C ASN S 35 -1.26 -34.85 -61.48
N GLY S 36 -1.36 -34.10 -62.57
CA GLY S 36 -0.97 -32.71 -62.57
C GLY S 36 -2.07 -31.79 -62.13
N VAL S 37 -3.21 -31.88 -62.81
CA VAL S 37 -4.36 -31.05 -62.50
C VAL S 37 -4.83 -31.28 -61.07
N SER S 38 -4.65 -32.50 -60.59
CA SER S 38 -5.06 -32.86 -59.23
C SER S 38 -4.24 -32.08 -58.20
N ARG S 39 -2.94 -32.05 -58.40
CA ARG S 39 -2.03 -31.37 -57.48
C ARG S 39 -2.10 -29.86 -57.67
N ASN S 40 -2.71 -29.42 -58.76
CA ASN S 40 -2.80 -28.00 -59.08
C ASN S 40 -3.85 -27.70 -60.15
N PRO S 41 -5.11 -27.58 -59.74
CA PRO S 41 -6.23 -27.32 -60.67
C PRO S 41 -6.13 -25.94 -61.31
N SER S 42 -5.26 -25.09 -60.78
CA SER S 42 -5.13 -23.72 -61.26
C SER S 42 -4.74 -23.69 -62.73
N ILE S 43 -3.75 -24.50 -63.08
CA ILE S 43 -3.26 -24.57 -64.45
C ILE S 43 -3.95 -25.70 -65.22
N LYS S 44 -4.86 -25.34 -66.10
CA LYS S 44 -5.59 -26.34 -66.87
C LYS S 44 -5.48 -26.05 -68.35
N ASP S 45 -5.85 -24.84 -68.76
CA ASP S 45 -5.78 -24.44 -70.15
C ASP S 45 -4.35 -24.16 -70.60
N THR S 46 -3.39 -24.70 -69.85
CA THR S 46 -1.98 -24.55 -70.20
C THR S 46 -1.30 -25.91 -70.38
N VAL S 47 -1.68 -26.86 -69.54
CA VAL S 47 -1.11 -28.21 -69.62
C VAL S 47 -1.93 -29.12 -70.52
N PHE S 48 -3.23 -28.84 -70.61
CA PHE S 48 -4.13 -29.61 -71.46
C PHE S 48 -3.77 -29.53 -72.95
N PRO S 49 -3.50 -28.31 -73.45
CA PRO S 49 -3.15 -28.15 -74.86
C PRO S 49 -1.84 -28.84 -75.22
N MET S 50 -0.83 -28.66 -74.38
CA MET S 50 0.47 -29.29 -74.62
C MET S 50 0.37 -30.81 -74.48
N ALA S 51 -0.52 -31.27 -73.61
CA ALA S 51 -0.74 -32.70 -73.41
C ALA S 51 -1.17 -33.37 -74.72
N ILE S 52 -2.04 -32.69 -75.45
CA ILE S 52 -2.50 -33.20 -76.75
C ILE S 52 -1.36 -33.25 -77.75
N LEU S 53 -0.43 -32.28 -77.66
CA LEU S 53 0.73 -32.25 -78.54
C LEU S 53 1.59 -33.48 -78.34
N GLY S 54 1.71 -33.93 -77.11
CA GLY S 54 2.47 -35.14 -76.79
C GLY S 54 1.80 -36.38 -77.34
N PHE S 55 0.49 -36.30 -77.53
CA PHE S 55 -0.27 -37.42 -78.09
C PHE S 55 0.16 -37.74 -79.52
N ALA S 56 0.17 -36.72 -80.37
CA ALA S 56 0.57 -36.90 -81.77
C ALA S 56 2.02 -37.36 -81.90
N LEU S 57 2.84 -37.01 -80.92
CA LEU S 57 4.24 -37.41 -80.92
C LEU S 57 4.39 -38.89 -80.60
N SER S 58 3.58 -39.37 -79.66
CA SER S 58 3.62 -40.75 -79.25
C SER S 58 2.74 -41.62 -80.16
N GLU S 59 1.82 -40.97 -80.87
CA GLU S 59 0.95 -41.67 -81.81
C GLU S 59 1.73 -42.06 -83.06
N ALA S 60 2.90 -41.45 -83.26
CA ALA S 60 3.74 -41.77 -84.40
C ALA S 60 4.08 -43.25 -84.45
N THR S 61 4.61 -43.77 -83.35
CA THR S 61 4.97 -45.18 -83.25
C THR S 61 3.77 -46.10 -83.49
N GLY S 62 2.57 -45.56 -83.27
CA GLY S 62 1.35 -46.33 -83.45
C GLY S 62 0.78 -46.22 -84.86
N LEU S 63 1.44 -45.40 -85.68
CA LEU S 63 1.04 -45.24 -87.07
C LEU S 63 2.01 -45.95 -88.01
N PHE S 64 3.31 -45.72 -87.80
CA PHE S 64 4.33 -46.36 -88.63
C PHE S 64 4.21 -47.88 -88.58
N CYS S 65 4.24 -48.45 -87.37
CA CYS S 65 4.12 -49.89 -87.20
C CYS S 65 2.76 -50.40 -87.66
N LEU S 66 1.79 -49.50 -87.71
CA LEU S 66 0.45 -49.85 -88.16
C LEU S 66 0.41 -49.95 -89.68
N MET S 67 1.17 -49.09 -90.36
CA MET S 67 1.23 -49.10 -91.82
C MET S 67 2.02 -50.29 -92.34
N VAL S 68 2.98 -50.74 -91.55
CA VAL S 68 3.81 -51.88 -91.93
C VAL S 68 2.98 -53.15 -92.07
N SER S 69 1.94 -53.28 -91.25
CA SER S 69 1.07 -54.45 -91.31
C SER S 69 0.22 -54.46 -92.59
N PHE S 70 -0.20 -53.28 -93.02
CA PHE S 70 -0.99 -53.15 -94.25
C PHE S 70 -0.13 -53.36 -95.50
N LEU S 71 1.16 -53.08 -95.39
CA LEU S 71 2.09 -53.27 -96.49
C LEU S 71 2.54 -54.73 -96.60
N LEU S 72 1.88 -55.59 -95.84
CA LEU S 72 2.20 -57.02 -95.86
C LEU S 72 0.93 -57.84 -96.02
N LEU S 73 -0.22 -57.18 -95.90
CA LEU S 73 -1.51 -57.86 -96.03
C LEU S 73 -2.30 -57.30 -97.21
N PHE S 74 -2.40 -55.97 -97.27
CA PHE S 74 -3.14 -55.31 -98.33
C PHE S 74 -2.23 -54.47 -99.21
N GLY S 75 -0.92 -54.71 -99.09
CA GLY S 75 0.05 -53.95 -99.84
C GLY S 75 1.03 -54.84 -100.60
N VAL S 76 2.22 -55.02 -100.03
CA VAL S 76 3.26 -55.85 -100.61
C VAL S 76 3.74 -55.30 -101.99
#